data_6TFK
#
_entry.id   6TFK
#
_cell.length_a   1.00
_cell.length_b   1.00
_cell.length_c   1.00
_cell.angle_alpha   90.00
_cell.angle_beta   90.00
_cell.angle_gamma   90.00
#
_symmetry.space_group_name_H-M   'P 1'
#
loop_
_entity.id
_entity.type
_entity.pdbx_description
1 polymer 'Vegetative insecticidal protein'
2 non-polymer 'MAGNESIUM ION'
#
_entity_poly.entity_id   1
_entity_poly.type   'polypeptide(L)'
_entity_poly.pdbx_seq_one_letter_code
;MNKNNTKLSTRALPSFIDYFNGIYGFATGIKDIMNMIFKTDTGGDLTLDEILKNQQLLNDISGKLDGVNGSLNDLIAQGN
LNTELSKEILKIANEQNQVLNDVNNKLDAINTMLRVYLPKLTSMLSDVMKQNYALSLQIEYLSKQLQEISDKLDIINVNV
LINSTLTEITPAYQRIKYVNEKFEELTFATETSSKVKKDGSPADILDELTELTELAKSVTKNDVDGFEFYLNTFHDVMVG
NNLFGRSALKTASELITKENVKTSGSEVGNVYNFLIVLTALQAKAFLTLTTCRKLLGLADIDYTSIMNEHLNKEKEEFRV
NILPTLSNTFSNPNYAKVKGSDEDAKMIVEAKPGHALIGFEISNDSITVLKVYEAKLKQNYQVDKDSLSEVIYGDMDKLL
CPDQSEQIYYTNNIVFPNEYVITKIDFTKKMKTLRYEVTANFYDSSTGEIDLNKKKVESSEAEYRTLSANDDGVYMPLGV
ISETFLTPINGFGLQADENSRLITLTCKSYLRELLLATDLSNKETKLIVPPSGFISNIVENGSIEEDNLEPWKANNKNAY
VDHTGGVNGTKALYVHKDGGISQFIGDKLKPKTEYVIQYTVKGKPSIHLKDENTGYIHYEDTNNNLEDYQTINKRFTTGT
DLKGVYLILKSQNGDEAWGDNFIILEISPSEKLLSPELINTNNWTSTGSTNISGNTLTLYQGGRGILKQNLQLDSFSTYR
VYFSVSGDANVRIRNSREVLFEKRYMSGAKDVSEMFTTKFEKDNFYIELSQGNNLYGGPIVHFYDVSIK
;
_entity_poly.pdbx_strand_id   A,B,C,D
#
loop_
_chem_comp.id
_chem_comp.type
_chem_comp.name
_chem_comp.formula
MG non-polymer 'MAGNESIUM ION' 'Mg 2'
#
# COMPACT_ATOMS: atom_id res chain seq x y z
N GLU A 95 -27.95 -71.45 40.12
CA GLU A 95 -28.09 -70.61 38.94
C GLU A 95 -27.98 -69.13 39.32
N GLN A 96 -28.58 -68.78 40.46
CA GLN A 96 -28.56 -67.39 40.90
C GLN A 96 -27.13 -66.91 41.15
N ASN A 97 -26.33 -67.73 41.83
CA ASN A 97 -24.97 -67.32 42.16
C ASN A 97 -24.13 -67.15 40.89
N GLN A 98 -24.30 -68.04 39.91
CA GLN A 98 -23.49 -67.94 38.70
C GLN A 98 -23.93 -66.76 37.84
N VAL A 99 -25.24 -66.49 37.75
CA VAL A 99 -25.67 -65.32 37.00
C VAL A 99 -25.19 -64.05 37.71
N LEU A 100 -25.13 -64.06 39.04
CA LEU A 100 -24.60 -62.91 39.75
C LEU A 100 -23.11 -62.73 39.49
N ASN A 101 -22.37 -63.84 39.42
CA ASN A 101 -20.96 -63.75 39.05
C ASN A 101 -20.79 -63.19 37.64
N ASP A 102 -21.68 -63.59 36.71
CA ASP A 102 -21.64 -63.04 35.37
C ASP A 102 -21.87 -61.53 35.39
N VAL A 103 -22.90 -61.09 36.13
CA VAL A 103 -23.14 -59.66 36.30
C VAL A 103 -21.87 -58.99 36.82
N ASN A 104 -21.28 -59.56 37.87
CA ASN A 104 -20.07 -59.00 38.47
C ASN A 104 -19.00 -58.78 37.41
N ASN A 105 -18.64 -59.83 36.69
CA ASN A 105 -17.51 -59.73 35.76
C ASN A 105 -17.83 -58.76 34.62
N LYS A 106 -19.01 -58.88 34.02
CA LYS A 106 -19.41 -57.96 32.95
C LYS A 106 -19.28 -56.52 33.41
N LEU A 107 -19.93 -56.18 34.53
CA LEU A 107 -19.99 -54.79 34.96
C LEU A 107 -18.62 -54.29 35.38
N ASP A 108 -17.83 -55.11 36.06
CA ASP A 108 -16.49 -54.68 36.46
C ASP A 108 -15.62 -54.41 35.23
N ALA A 109 -15.66 -55.30 34.24
CA ALA A 109 -14.88 -55.07 33.03
C ALA A 109 -15.29 -53.77 32.35
N ILE A 110 -16.58 -53.60 32.11
CA ILE A 110 -17.03 -52.41 31.38
C ILE A 110 -16.70 -51.15 32.18
N ASN A 111 -16.82 -51.22 33.50
CA ASN A 111 -16.58 -50.05 34.33
C ASN A 111 -15.11 -49.68 34.36
N THR A 112 -14.21 -50.67 34.38
CA THR A 112 -12.79 -50.33 34.28
C THR A 112 -12.46 -49.78 32.91
N MET A 113 -13.15 -50.25 31.86
CA MET A 113 -13.00 -49.62 30.55
C MET A 113 -13.38 -48.14 30.59
N LEU A 114 -14.52 -47.84 31.21
CA LEU A 114 -14.93 -46.44 31.32
C LEU A 114 -13.91 -45.62 32.13
N ARG A 115 -13.40 -46.21 33.21
CA ARG A 115 -12.36 -45.55 33.99
C ARG A 115 -11.17 -45.21 33.12
N VAL A 116 -10.71 -46.16 32.30
CA VAL A 116 -9.59 -45.90 31.41
C VAL A 116 -9.93 -44.80 30.42
N TYR A 117 -11.17 -44.79 29.93
CA TYR A 117 -11.52 -43.88 28.83
C TYR A 117 -11.60 -42.43 29.30
N LEU A 118 -12.32 -42.17 30.39
CA LEU A 118 -12.71 -40.79 30.71
C LEU A 118 -11.51 -39.86 30.87
N PRO A 119 -10.47 -40.18 31.64
CA PRO A 119 -9.33 -39.26 31.76
C PRO A 119 -8.73 -38.86 30.43
N LYS A 120 -8.75 -39.77 29.45
CA LYS A 120 -8.29 -39.42 28.11
C LYS A 120 -9.09 -38.27 27.54
N LEU A 121 -10.42 -38.34 27.68
CA LEU A 121 -11.28 -37.26 27.19
C LEU A 121 -10.99 -35.96 27.93
N THR A 122 -10.81 -36.03 29.24
CA THR A 122 -10.50 -34.82 30.00
C THR A 122 -9.22 -34.17 29.48
N SER A 123 -8.16 -34.96 29.33
CA SER A 123 -6.89 -34.41 28.86
C SER A 123 -7.03 -33.87 27.44
N MET A 124 -7.79 -34.56 26.59
CA MET A 124 -7.98 -34.09 25.22
C MET A 124 -8.68 -32.74 25.20
N LEU A 125 -9.71 -32.56 26.04
CA LEU A 125 -10.39 -31.28 26.09
C LEU A 125 -9.48 -30.17 26.61
N SER A 126 -8.67 -30.48 27.64
CA SER A 126 -7.73 -29.47 28.13
C SER A 126 -6.76 -29.06 27.04
N ASP A 127 -6.24 -30.02 26.29
CA ASP A 127 -5.31 -29.71 25.21
C ASP A 127 -6.00 -28.91 24.10
N VAL A 128 -7.27 -29.22 23.82
CA VAL A 128 -8.01 -28.47 22.82
C VAL A 128 -8.16 -27.02 23.25
N MET A 129 -8.46 -26.79 24.53
CA MET A 129 -8.59 -25.42 25.02
C MET A 129 -7.25 -24.69 24.94
N LYS A 130 -6.16 -25.37 25.29
CA LYS A 130 -4.84 -24.76 25.16
C LYS A 130 -4.55 -24.39 23.70
N GLN A 131 -4.93 -25.26 22.77
CA GLN A 131 -4.70 -24.97 21.35
C GLN A 131 -5.54 -23.80 20.87
N ASN A 132 -6.77 -23.69 21.38
CA ASN A 132 -7.60 -22.53 21.05
C ASN A 132 -6.96 -21.25 21.57
N TYR A 133 -6.38 -21.31 22.77
CA TYR A 133 -5.68 -20.13 23.28
C TYR A 133 -4.48 -19.78 22.42
N ALA A 134 -3.74 -20.79 21.95
CA ALA A 134 -2.64 -20.54 21.03
C ALA A 134 -3.13 -19.87 19.75
N LEU A 135 -4.26 -20.33 19.21
CA LEU A 135 -4.84 -19.69 18.03
C LEU A 135 -5.20 -18.24 18.32
N SER A 136 -5.76 -17.98 19.51
CA SER A 136 -6.08 -16.60 19.88
C SER A 136 -4.84 -15.73 19.88
N LEU A 137 -3.73 -16.25 20.42
CA LEU A 137 -2.48 -15.48 20.41
C LEU A 137 -2.00 -15.23 18.99
N GLN A 138 -2.08 -16.25 18.13
CA GLN A 138 -1.70 -16.06 16.73
C GLN A 138 -2.53 -14.98 16.08
N ILE A 139 -3.83 -14.95 16.36
CA ILE A 139 -4.69 -13.95 15.73
C ILE A 139 -4.39 -12.55 16.28
N GLU A 140 -4.03 -12.45 17.56
CA GLU A 140 -3.60 -11.16 18.09
C GLU A 140 -2.33 -10.68 17.40
N TYR A 141 -1.40 -11.60 17.13
CA TYR A 141 -0.21 -11.24 16.38
C TYR A 141 -0.56 -10.77 14.97
N LEU A 142 -1.52 -11.45 14.33
CA LEU A 142 -1.98 -11.01 13.02
C LEU A 142 -2.56 -9.60 13.08
N SER A 143 -3.33 -9.31 14.13
CA SER A 143 -3.92 -7.98 14.25
C SER A 143 -2.84 -6.92 14.44
N LYS A 144 -1.79 -7.24 15.21
CA LYS A 144 -0.68 -6.31 15.34
C LYS A 144 0.00 -6.07 13.99
N GLN A 145 0.22 -7.14 13.23
CA GLN A 145 0.80 -6.98 11.89
C GLN A 145 -0.07 -6.07 11.03
N LEU A 146 -1.39 -6.26 11.08
CA LEU A 146 -2.28 -5.44 10.28
C LEU A 146 -2.26 -3.98 10.72
N GLN A 147 -2.13 -3.73 12.03
CA GLN A 147 -2.01 -2.35 12.49
C GLN A 147 -0.72 -1.71 11.98
N GLU A 148 0.38 -2.44 12.02
CA GLU A 148 1.63 -1.92 11.46
C GLU A 148 1.46 -1.63 9.96
N ILE A 149 0.74 -2.50 9.25
CA ILE A 149 0.51 -2.29 7.84
C ILE A 149 -0.31 -1.03 7.60
N SER A 150 -1.32 -0.80 8.43
CA SER A 150 -2.13 0.41 8.27
C SER A 150 -1.31 1.66 8.54
N ASP A 151 -0.41 1.60 9.53
CA ASP A 151 0.49 2.72 9.76
C ASP A 151 1.38 2.98 8.55
N LYS A 152 1.95 1.92 7.98
CA LYS A 152 2.75 2.07 6.78
C LYS A 152 1.94 2.70 5.65
N LEU A 153 0.66 2.30 5.52
CA LEU A 153 -0.17 2.86 4.47
C LEU A 153 -0.43 4.35 4.70
N ASP A 154 -0.64 4.74 5.96
CA ASP A 154 -0.78 6.17 6.25
C ASP A 154 0.48 6.94 5.85
N ILE A 155 1.64 6.41 6.20
CA ILE A 155 2.89 7.08 5.84
C ILE A 155 3.03 7.18 4.32
N ILE A 156 2.68 6.10 3.60
CA ILE A 156 2.80 6.10 2.15
C ILE A 156 1.86 7.12 1.53
N ASN A 157 0.64 7.24 2.06
CA ASN A 157 -0.30 8.21 1.51
C ASN A 157 0.20 9.63 1.74
N VAL A 158 0.74 9.90 2.93
CA VAL A 158 1.31 11.22 3.19
C VAL A 158 2.44 11.51 2.22
N ASN A 159 3.28 10.51 1.95
CA ASN A 159 4.38 10.71 1.02
C ASN A 159 3.89 10.97 -0.40
N VAL A 160 2.80 10.32 -0.80
CA VAL A 160 2.24 10.56 -2.13
C VAL A 160 1.70 11.98 -2.24
N LEU A 161 1.01 12.44 -1.20
CA LEU A 161 0.53 13.83 -1.20
C LEU A 161 1.70 14.81 -1.24
N ILE A 162 2.78 14.49 -0.53
CA ILE A 162 3.97 15.34 -0.58
C ILE A 162 4.54 15.36 -1.99
N ASN A 163 4.54 14.20 -2.67
CA ASN A 163 4.99 14.17 -4.05
C ASN A 163 4.16 15.08 -4.93
N SER A 164 2.84 15.08 -4.73
CA SER A 164 1.99 15.96 -5.52
C SER A 164 2.36 17.43 -5.28
N THR A 165 2.43 17.84 -4.01
CA THR A 165 2.76 19.22 -3.72
C THR A 165 4.15 19.59 -4.23
N LEU A 166 5.09 18.65 -4.22
CA LEU A 166 6.41 18.91 -4.78
C LEU A 166 6.31 19.15 -6.27
N THR A 167 5.68 18.23 -7.00
CA THR A 167 5.45 18.43 -8.43
C THR A 167 4.88 19.81 -8.69
N GLU A 168 4.02 20.29 -7.80
CA GLU A 168 3.37 21.58 -8.05
C GLU A 168 4.28 22.76 -7.73
N ILE A 169 5.11 22.67 -6.68
CA ILE A 169 5.74 23.86 -6.10
C ILE A 169 7.25 23.90 -6.26
N THR A 170 7.91 22.80 -6.62
CA THR A 170 9.36 22.75 -6.51
C THR A 170 10.08 23.71 -7.46
N PRO A 171 9.59 23.96 -8.68
CA PRO A 171 10.34 24.88 -9.55
C PRO A 171 10.34 26.30 -9.04
N ALA A 172 9.17 26.82 -8.68
CA ALA A 172 9.10 28.16 -8.12
C ALA A 172 9.93 28.26 -6.84
N TYR A 173 9.84 27.24 -5.98
CA TYR A 173 10.62 27.25 -4.74
C TYR A 173 12.11 27.34 -5.03
N GLN A 174 12.60 26.49 -5.94
CA GLN A 174 14.03 26.47 -6.24
C GLN A 174 14.48 27.80 -6.83
N ARG A 175 13.69 28.36 -7.75
CA ARG A 175 14.10 29.61 -8.38
C ARG A 175 14.07 30.77 -7.40
N ILE A 176 13.05 30.83 -6.54
CA ILE A 176 12.99 31.86 -5.51
C ILE A 176 14.19 31.74 -4.58
N LYS A 177 14.50 30.52 -4.17
CA LYS A 177 15.64 30.30 -3.27
C LYS A 177 16.94 30.77 -3.92
N TYR A 178 17.13 30.42 -5.19
CA TYR A 178 18.36 30.82 -5.89
C TYR A 178 18.45 32.34 -6.00
N VAL A 179 17.37 32.99 -6.44
CA VAL A 179 17.40 34.44 -6.61
C VAL A 179 17.64 35.14 -5.28
N ASN A 180 17.02 34.63 -4.20
CA ASN A 180 17.24 35.22 -2.88
C ASN A 180 18.69 35.07 -2.45
N GLU A 181 19.24 33.86 -2.55
CA GLU A 181 20.61 33.63 -2.12
C GLU A 181 21.62 34.37 -2.96
N LYS A 182 21.27 34.74 -4.20
CA LYS A 182 22.19 35.43 -5.08
C LYS A 182 22.03 36.95 -5.04
N PHE A 183 21.12 37.46 -4.22
CA PHE A 183 20.94 38.89 -4.00
C PHE A 183 20.96 39.22 -2.52
N GLU A 184 21.83 38.56 -1.77
CA GLU A 184 21.86 38.76 -0.32
C GLU A 184 22.43 40.13 0.03
N GLU A 185 23.65 40.41 -0.43
CA GLU A 185 24.31 41.65 -0.05
C GLU A 185 23.47 42.87 -0.40
N LEU A 186 22.88 42.89 -1.60
CA LEU A 186 22.10 44.05 -2.02
C LEU A 186 20.87 44.23 -1.13
N THR A 187 20.13 43.15 -0.89
CA THR A 187 18.97 43.23 0.00
C THR A 187 19.36 43.23 1.47
N PHE A 188 20.59 42.83 1.80
CA PHE A 188 21.05 42.88 3.19
C PHE A 188 21.03 44.30 3.74
N ALA A 189 21.16 45.31 2.88
CA ALA A 189 21.14 46.69 3.31
C ALA A 189 19.72 47.12 3.68
N ASP A 204 36.74 43.50 -8.86
CA ASP A 204 35.67 42.56 -8.53
C ASP A 204 34.34 43.28 -8.35
N ILE A 205 34.40 44.54 -7.91
CA ILE A 205 33.18 45.32 -7.71
C ILE A 205 32.39 45.41 -9.01
N LEU A 206 33.03 45.92 -10.07
CA LEU A 206 32.34 46.06 -11.34
C LEU A 206 31.91 44.71 -11.89
N ASP A 207 32.72 43.67 -11.67
CA ASP A 207 32.37 42.35 -12.16
C ASP A 207 31.07 41.84 -11.52
N GLU A 208 31.03 41.83 -10.19
CA GLU A 208 29.82 41.37 -9.50
C GLU A 208 28.64 42.27 -9.82
N LEU A 209 28.88 43.57 -9.97
CA LEU A 209 27.77 44.48 -10.27
C LEU A 209 27.20 44.20 -11.65
N THR A 210 28.06 43.90 -12.63
CA THR A 210 27.58 43.56 -13.96
C THR A 210 26.85 42.23 -13.96
N GLU A 211 27.37 41.24 -13.23
CA GLU A 211 26.70 39.95 -13.16
C GLU A 211 25.32 40.08 -12.51
N LEU A 212 25.22 40.87 -11.46
CA LEU A 212 23.93 41.05 -10.80
C LEU A 212 23.02 41.99 -11.56
N THR A 213 23.57 42.87 -12.42
CA THR A 213 22.72 43.64 -13.32
C THR A 213 22.12 42.74 -14.39
N GLU A 214 22.92 41.82 -14.94
CA GLU A 214 22.38 40.84 -15.87
C GLU A 214 21.32 39.99 -15.20
N LEU A 215 21.59 39.52 -13.98
CA LEU A 215 20.59 38.76 -13.25
C LEU A 215 19.31 39.57 -13.07
N ALA A 216 19.43 40.79 -12.55
CA ALA A 216 18.27 41.66 -12.38
C ALA A 216 17.48 41.78 -13.68
N LYS A 217 18.17 42.00 -14.81
CA LYS A 217 17.48 42.03 -16.09
C LYS A 217 16.71 40.74 -16.33
N SER A 218 17.31 39.61 -15.95
CA SER A 218 16.63 38.33 -16.11
C SER A 218 15.48 38.14 -15.11
N VAL A 219 15.44 38.93 -14.06
CA VAL A 219 14.43 38.80 -13.02
C VAL A 219 13.23 39.69 -13.28
N THR A 220 13.46 40.93 -13.70
CA THR A 220 12.39 41.87 -13.98
C THR A 220 11.74 41.66 -15.34
N LYS A 221 12.25 40.73 -16.15
CA LYS A 221 11.72 40.50 -17.48
C LYS A 221 10.30 39.98 -17.37
N ASN A 222 9.35 40.65 -18.03
CA ASN A 222 7.95 40.25 -18.01
C ASN A 222 7.74 39.18 -19.08
N ASP A 223 7.74 37.91 -18.65
CA ASP A 223 7.54 36.79 -19.55
C ASP A 223 6.52 35.84 -18.92
N VAL A 224 6.15 34.81 -19.67
CA VAL A 224 5.27 33.77 -19.13
C VAL A 224 5.99 32.97 -18.05
N ASP A 225 7.32 32.90 -18.12
CA ASP A 225 8.14 32.21 -17.14
C ASP A 225 9.00 33.18 -16.34
N GLY A 226 8.43 34.34 -16.00
CA GLY A 226 9.16 35.32 -15.23
C GLY A 226 9.18 35.01 -13.75
N PHE A 227 9.96 35.79 -13.02
CA PHE A 227 10.04 35.60 -11.57
C PHE A 227 8.69 35.86 -10.91
N GLU A 228 7.95 36.85 -11.42
CA GLU A 228 6.62 37.12 -10.88
C GLU A 228 5.69 35.92 -11.09
N PHE A 229 5.83 35.25 -12.24
CA PHE A 229 5.05 34.03 -12.46
C PHE A 229 5.32 33.00 -11.38
N TYR A 230 6.60 32.80 -11.04
CA TYR A 230 6.94 31.80 -10.05
C TYR A 230 6.45 32.22 -8.66
N LEU A 231 6.49 33.51 -8.35
CA LEU A 231 5.96 33.97 -7.07
C LEU A 231 4.46 33.71 -6.99
N ASN A 232 3.73 34.05 -8.06
CA ASN A 232 2.29 33.84 -8.05
C ASN A 232 1.94 32.37 -7.95
N THR A 233 2.67 31.51 -8.65
CA THR A 233 2.40 30.08 -8.57
C THR A 233 2.76 29.53 -7.20
N PHE A 234 3.83 30.03 -6.59
CA PHE A 234 4.16 29.65 -5.22
C PHE A 234 3.00 29.98 -4.29
N HIS A 235 2.47 31.18 -4.39
CA HIS A 235 1.33 31.55 -3.56
C HIS A 235 0.13 30.66 -3.83
N ASP A 236 -0.17 30.41 -5.11
CA ASP A 236 -1.34 29.61 -5.44
C ASP A 236 -1.21 28.18 -4.91
N VAL A 237 -0.01 27.61 -4.93
CA VAL A 237 0.16 26.27 -4.41
C VAL A 237 0.16 26.28 -2.88
N MET A 238 0.58 27.40 -2.27
CA MET A 238 0.49 27.51 -0.82
C MET A 238 -0.94 27.57 -0.35
N VAL A 239 -1.78 28.35 -1.02
CA VAL A 239 -3.16 28.55 -0.58
C VAL A 239 -4.03 27.36 -0.97
N GLY A 240 -3.85 26.84 -2.18
CA GLY A 240 -4.65 25.72 -2.64
C GLY A 240 -5.40 26.01 -3.91
N ASN A 241 -4.96 27.02 -4.65
CA ASN A 241 -5.58 27.35 -5.94
C ASN A 241 -4.94 26.51 -7.05
N ASN A 242 -5.13 25.21 -6.94
CA ASN A 242 -4.54 24.23 -7.84
C ASN A 242 -5.64 23.61 -8.70
N LEU A 243 -5.23 22.67 -9.55
CA LEU A 243 -6.20 21.89 -10.32
C LEU A 243 -7.13 21.14 -9.38
N PHE A 244 -6.56 20.35 -8.47
CA PHE A 244 -7.29 19.71 -7.39
C PHE A 244 -7.03 20.50 -6.12
N GLY A 245 -8.10 20.84 -5.41
CA GLY A 245 -7.99 21.81 -4.33
C GLY A 245 -7.19 21.34 -3.13
N ARG A 246 -5.90 21.07 -3.35
CA ARG A 246 -4.98 20.75 -2.26
C ARG A 246 -4.02 21.92 -2.06
N SER A 247 -3.63 22.14 -0.80
CA SER A 247 -2.72 23.22 -0.44
C SER A 247 -1.44 22.62 0.12
N ALA A 248 -0.31 23.26 -0.22
CA ALA A 248 0.96 22.81 0.31
C ALA A 248 0.98 22.84 1.84
N LEU A 249 0.24 23.78 2.43
CA LEU A 249 0.21 23.88 3.88
C LEU A 249 -0.44 22.66 4.51
N LYS A 250 -1.52 22.16 3.92
CA LYS A 250 -2.20 21.00 4.47
C LYS A 250 -1.32 19.76 4.43
N THR A 251 -0.67 19.52 3.29
CA THR A 251 0.20 18.35 3.18
C THR A 251 1.42 18.49 4.09
N ALA A 252 1.94 19.72 4.23
CA ALA A 252 3.05 19.94 5.14
C ALA A 252 2.65 19.66 6.59
N SER A 253 1.44 20.10 6.97
CA SER A 253 0.96 19.80 8.31
C SER A 253 0.79 18.31 8.53
N GLU A 254 0.25 17.61 7.53
CA GLU A 254 0.12 16.16 7.63
C GLU A 254 1.49 15.51 7.83
N LEU A 255 2.46 15.87 6.99
CA LEU A 255 3.80 15.33 7.13
C LEU A 255 4.34 15.57 8.54
N ILE A 256 4.33 16.83 8.97
CA ILE A 256 4.88 17.17 10.29
C ILE A 256 4.18 16.36 11.38
N THR A 257 2.85 16.28 11.31
CA THR A 257 2.11 15.49 12.29
C THR A 257 2.56 14.04 12.29
N LYS A 258 2.96 13.51 11.13
CA LYS A 258 3.43 12.12 11.07
C LYS A 258 4.85 12.00 11.61
N GLU A 259 5.79 12.72 11.02
CA GLU A 259 7.20 12.60 11.39
C GLU A 259 7.55 13.54 12.55
N ASN A 260 6.78 13.46 13.63
CA ASN A 260 7.09 14.16 14.87
C ASN A 260 7.67 13.20 15.90
N VAL A 261 8.66 12.42 15.48
CA VAL A 261 9.28 11.41 16.33
C VAL A 261 10.17 12.13 17.34
N LYS A 262 11.30 12.65 16.88
CA LYS A 262 12.29 13.30 17.73
C LYS A 262 12.20 14.82 17.63
N THR A 263 11.01 15.37 17.48
CA THR A 263 10.82 16.81 17.39
C THR A 263 10.73 17.40 18.79
N SER A 264 11.28 18.61 18.94
CA SER A 264 11.37 19.22 20.26
C SER A 264 10.08 19.92 20.67
N GLY A 265 9.40 20.57 19.73
CA GLY A 265 8.25 21.38 20.02
C GLY A 265 6.95 20.63 19.80
N SER A 266 5.89 21.39 19.51
CA SER A 266 4.56 20.85 19.28
C SER A 266 4.25 20.82 17.78
N GLU A 267 3.04 20.39 17.45
CA GLU A 267 2.61 20.41 16.07
C GLU A 267 2.26 21.82 15.62
N VAL A 268 1.57 22.58 16.47
CA VAL A 268 1.30 23.98 16.15
C VAL A 268 2.60 24.71 15.86
N GLY A 269 3.58 24.56 16.74
CA GLY A 269 4.84 25.26 16.57
C GLY A 269 5.57 24.86 15.30
N ASN A 270 5.62 23.56 15.01
CA ASN A 270 6.34 23.09 13.84
C ASN A 270 5.68 23.54 12.55
N VAL A 271 4.35 23.42 12.46
CA VAL A 271 3.65 23.85 11.26
C VAL A 271 3.77 25.35 11.09
N TYR A 272 3.70 26.10 12.19
CA TYR A 272 3.84 27.55 12.08
C TYR A 272 5.26 27.94 11.71
N ASN A 273 6.25 27.16 12.11
CA ASN A 273 7.62 27.45 11.70
C ASN A 273 7.81 27.18 10.21
N PHE A 274 7.19 26.11 9.70
CA PHE A 274 7.15 25.89 8.26
C PHE A 274 6.54 27.10 7.55
N LEU A 275 5.37 27.54 8.02
CA LEU A 275 4.73 28.71 7.43
C LEU A 275 5.63 29.93 7.51
N ILE A 276 6.36 30.10 8.62
CA ILE A 276 7.22 31.25 8.78
C ILE A 276 8.33 31.23 7.74
N VAL A 277 9.00 30.08 7.58
CA VAL A 277 10.10 30.02 6.64
C VAL A 277 9.61 30.30 5.22
N LEU A 278 8.42 29.79 4.88
CA LEU A 278 7.92 30.02 3.52
C LEU A 278 7.49 31.47 3.31
N THR A 279 6.82 32.07 4.29
CA THR A 279 6.44 33.48 4.16
C THR A 279 7.66 34.38 4.11
N ALA A 280 8.70 34.05 4.88
CA ALA A 280 9.93 34.82 4.80
C ALA A 280 10.60 34.67 3.44
N LEU A 281 10.58 33.46 2.89
CA LEU A 281 11.06 33.26 1.52
C LEU A 281 10.34 34.19 0.55
N GLN A 282 9.01 34.21 0.62
CA GLN A 282 8.23 35.05 -0.30
C GLN A 282 8.52 36.53 -0.09
N ALA A 283 8.60 36.96 1.17
CA ALA A 283 8.84 38.38 1.45
C ALA A 283 10.21 38.80 0.93
N LYS A 284 11.23 37.98 1.18
CA LYS A 284 12.56 38.30 0.66
C LYS A 284 12.59 38.25 -0.86
N ALA A 285 11.76 37.39 -1.47
CA ALA A 285 11.67 37.36 -2.93
C ALA A 285 11.13 38.68 -3.47
N PHE A 286 10.05 39.18 -2.87
CA PHE A 286 9.53 40.48 -3.30
C PHE A 286 10.53 41.59 -3.04
N LEU A 287 11.26 41.50 -1.92
CA LEU A 287 12.27 42.51 -1.62
C LEU A 287 13.36 42.54 -2.68
N THR A 288 13.87 41.37 -3.05
CA THR A 288 14.91 41.32 -4.08
C THR A 288 14.36 41.74 -5.43
N LEU A 289 13.08 41.50 -5.69
CA LEU A 289 12.47 41.98 -6.93
C LEU A 289 12.47 43.50 -6.99
N THR A 290 12.05 44.14 -5.89
CA THR A 290 12.10 45.60 -5.84
C THR A 290 13.53 46.10 -5.95
N THR A 291 14.47 45.42 -5.29
CA THR A 291 15.86 45.82 -5.37
C THR A 291 16.39 45.74 -6.79
N CYS A 292 16.01 44.70 -7.52
CA CYS A 292 16.42 44.57 -8.92
C CYS A 292 15.82 45.68 -9.76
N ARG A 293 14.53 45.96 -9.58
CA ARG A 293 13.91 47.05 -10.32
C ARG A 293 14.63 48.37 -10.08
N LYS A 294 14.99 48.64 -8.82
CA LYS A 294 15.72 49.87 -8.51
C LYS A 294 17.10 49.86 -9.16
N LEU A 295 17.81 48.73 -9.07
CA LEU A 295 19.16 48.65 -9.60
C LEU A 295 19.17 48.87 -11.11
N LEU A 296 18.13 48.40 -11.82
CA LEU A 296 18.09 48.61 -13.26
C LEU A 296 17.67 50.03 -13.62
N GLY A 297 16.92 50.70 -12.75
CA GLY A 297 16.42 52.03 -13.02
C GLY A 297 15.00 52.09 -13.50
N LEU A 298 14.23 51.01 -13.37
CA LEU A 298 12.86 50.97 -13.84
C LEU A 298 11.94 51.67 -12.86
N ALA A 299 10.65 51.68 -13.17
CA ALA A 299 9.66 52.35 -12.35
C ALA A 299 9.23 51.44 -11.20
N ASP A 300 8.99 52.05 -10.05
CA ASP A 300 8.53 51.30 -8.88
C ASP A 300 7.13 50.77 -9.13
N ILE A 301 6.92 49.48 -8.83
CA ILE A 301 5.60 48.88 -8.92
C ILE A 301 4.97 48.65 -7.55
N ASP A 302 5.70 48.90 -6.46
CA ASP A 302 5.15 48.79 -5.11
C ASP A 302 4.53 47.41 -4.89
N TYR A 303 5.39 46.42 -4.71
CA TYR A 303 4.95 45.05 -4.47
C TYR A 303 4.52 44.80 -3.04
N THR A 304 4.40 45.84 -2.22
CA THR A 304 3.98 45.65 -0.83
C THR A 304 2.53 45.20 -0.76
N SER A 305 1.67 45.72 -1.63
CA SER A 305 0.26 45.31 -1.62
C SER A 305 0.12 43.83 -1.97
N ILE A 306 0.81 43.39 -3.03
CA ILE A 306 0.70 42.01 -3.45
C ILE A 306 1.32 41.09 -2.40
N MET A 307 2.47 41.47 -1.86
CA MET A 307 3.10 40.67 -0.81
C MET A 307 2.19 40.53 0.40
N ASN A 308 1.56 41.64 0.80
CA ASN A 308 0.66 41.58 1.95
C ASN A 308 -0.55 40.70 1.66
N GLU A 309 -1.13 40.83 0.47
CA GLU A 309 -2.25 39.96 0.10
C GLU A 309 -1.85 38.50 0.19
N HIS A 310 -0.71 38.14 -0.41
CA HIS A 310 -0.26 36.75 -0.40
C HIS A 310 -0.06 36.25 1.02
N LEU A 311 0.72 36.98 1.82
CA LEU A 311 1.03 36.52 3.17
C LEU A 311 -0.23 36.43 4.03
N ASN A 312 -1.15 37.40 3.88
CA ASN A 312 -2.35 37.38 4.68
C ASN A 312 -3.27 36.22 4.28
N LYS A 313 -3.38 35.95 2.98
CA LYS A 313 -4.21 34.81 2.56
C LYS A 313 -3.60 33.50 3.02
N GLU A 314 -2.27 33.40 3.02
CA GLU A 314 -1.63 32.17 3.49
C GLU A 314 -1.83 31.98 4.99
N LYS A 315 -1.66 33.05 5.77
CA LYS A 315 -1.90 32.95 7.20
C LYS A 315 -3.37 32.68 7.50
N GLU A 316 -4.28 33.18 6.66
CA GLU A 316 -5.69 32.86 6.84
C GLU A 316 -5.98 31.39 6.54
N GLU A 317 -5.39 30.87 5.46
CA GLU A 317 -5.47 29.44 5.19
C GLU A 317 -5.02 28.64 6.41
N PHE A 318 -3.86 29.01 6.97
CA PHE A 318 -3.34 28.30 8.13
C PHE A 318 -4.32 28.39 9.30
N ARG A 319 -4.81 29.60 9.59
CA ARG A 319 -5.66 29.80 10.75
C ARG A 319 -6.97 29.01 10.63
N VAL A 320 -7.54 28.97 9.44
CA VAL A 320 -8.87 28.40 9.28
C VAL A 320 -8.79 26.89 9.11
N ASN A 321 -7.96 26.41 8.17
CA ASN A 321 -7.99 25.02 7.76
C ASN A 321 -6.90 24.16 8.39
N ILE A 322 -5.88 24.75 9.01
CA ILE A 322 -4.73 24.01 9.52
C ILE A 322 -4.67 24.05 11.04
N LEU A 323 -4.69 25.24 11.63
CA LEU A 323 -4.44 25.35 13.07
C LEU A 323 -5.46 24.60 13.92
N PRO A 324 -6.76 24.62 13.61
CA PRO A 324 -7.73 23.98 14.52
C PRO A 324 -7.47 22.51 14.77
N THR A 325 -6.79 21.80 13.86
CA THR A 325 -6.59 20.36 13.97
C THR A 325 -5.19 19.98 14.42
N LEU A 326 -4.47 20.90 15.08
CA LEU A 326 -3.12 20.65 15.54
C LEU A 326 -3.08 20.60 17.06
N SER A 327 -2.23 19.72 17.58
CA SER A 327 -2.08 19.57 19.02
C SER A 327 -1.04 20.54 19.55
N ASN A 328 -1.25 20.99 20.79
CA ASN A 328 -0.36 21.96 21.43
C ASN A 328 0.47 21.34 22.54
N THR A 329 0.56 20.01 22.58
CA THR A 329 1.35 19.31 23.57
C THR A 329 2.71 18.96 22.99
N PHE A 330 3.77 19.22 23.76
CA PHE A 330 5.13 18.89 23.37
C PHE A 330 5.81 18.10 24.47
N SER A 331 6.55 17.07 24.06
CA SER A 331 7.26 16.19 24.98
C SER A 331 8.75 16.25 24.70
N ASN A 332 9.51 15.39 25.35
CA ASN A 332 10.95 15.32 25.14
C ASN A 332 11.24 14.46 23.91
N PRO A 333 12.20 14.87 23.06
CA PRO A 333 12.47 14.11 21.84
C PRO A 333 13.20 12.80 22.07
N ASN A 334 14.34 12.85 22.78
CA ASN A 334 15.24 11.71 22.88
C ASN A 334 15.19 11.10 24.27
N TYR A 335 15.87 9.96 24.42
CA TYR A 335 16.00 9.27 25.69
C TYR A 335 17.45 8.85 25.90
N ALA A 336 17.77 8.50 27.16
CA ALA A 336 19.12 8.06 27.49
C ALA A 336 19.06 7.04 28.62
N LYS A 337 19.88 6.00 28.51
CA LYS A 337 20.02 5.04 29.60
C LYS A 337 20.73 5.70 30.78
N VAL A 338 20.16 5.56 31.97
CA VAL A 338 20.70 6.20 33.17
C VAL A 338 20.27 5.42 34.41
N LYS A 339 21.03 5.61 35.49
CA LYS A 339 20.73 5.03 36.79
C LYS A 339 21.01 6.09 37.85
N GLY A 340 20.11 6.20 38.82
CA GLY A 340 20.21 7.23 39.84
C GLY A 340 19.97 6.67 41.22
N SER A 341 20.25 7.51 42.22
CA SER A 341 20.18 7.10 43.61
C SER A 341 18.78 7.28 44.15
N ASP A 342 18.27 6.24 44.82
CA ASP A 342 16.99 6.30 45.52
C ASP A 342 17.19 6.72 46.97
N GLU A 343 17.73 7.92 47.13
CA GLU A 343 18.15 8.45 48.43
C GLU A 343 17.18 9.52 48.92
N ASP A 344 15.88 9.32 48.69
CA ASP A 344 14.87 10.24 49.18
C ASP A 344 15.10 11.65 48.61
N ALA A 345 15.02 11.74 47.29
CA ALA A 345 15.31 12.98 46.59
C ALA A 345 14.10 13.90 46.56
N LYS A 346 14.36 15.17 46.23
CA LYS A 346 13.30 16.17 46.13
C LYS A 346 13.81 17.31 45.27
N MET A 347 12.88 17.91 44.52
CA MET A 347 13.20 19.02 43.64
C MET A 347 12.02 19.99 43.59
N ILE A 348 12.34 21.28 43.46
CA ILE A 348 11.34 22.33 43.37
C ILE A 348 11.78 23.27 42.26
N VAL A 349 11.29 23.03 41.04
CA VAL A 349 11.53 23.94 39.91
C VAL A 349 10.52 25.08 40.06
N GLU A 350 10.99 26.22 40.55
CA GLU A 350 10.11 27.35 40.86
C GLU A 350 10.59 28.58 40.10
N ALA A 351 9.63 29.39 39.66
CA ALA A 351 9.91 30.66 38.99
C ALA A 351 9.66 31.81 39.96
N LYS A 352 10.37 32.91 39.73
CA LYS A 352 10.23 34.11 40.52
C LYS A 352 8.76 34.51 40.61
N PRO A 353 8.34 35.23 41.65
CA PRO A 353 6.90 35.54 41.79
C PRO A 353 6.28 36.15 40.56
N GLY A 354 6.96 37.07 39.90
CA GLY A 354 6.42 37.70 38.71
C GLY A 354 6.92 37.08 37.42
N HIS A 355 7.24 35.78 37.46
CA HIS A 355 7.77 35.06 36.31
C HIS A 355 6.95 33.80 36.07
N ALA A 356 7.24 33.15 34.94
CA ALA A 356 6.57 31.91 34.55
C ALA A 356 7.60 30.96 33.97
N LEU A 357 7.20 29.70 33.82
CA LEU A 357 8.02 28.68 33.18
C LEU A 357 7.64 28.58 31.71
N ILE A 358 8.65 28.49 30.85
CA ILE A 358 8.42 28.58 29.40
C ILE A 358 9.09 27.42 28.66
N GLY A 359 10.12 26.82 29.26
CA GLY A 359 10.78 25.71 28.60
C GLY A 359 11.76 25.02 29.52
N PHE A 360 12.09 23.78 29.16
CA PHE A 360 13.08 22.97 29.86
C PHE A 360 14.04 22.38 28.85
N GLU A 361 15.22 21.99 29.35
CA GLU A 361 16.18 21.28 28.52
C GLU A 361 16.95 20.31 29.40
N ILE A 362 16.87 19.02 29.09
CA ILE A 362 17.54 17.98 29.88
C ILE A 362 18.68 17.44 29.04
N SER A 363 19.91 17.58 29.55
CA SER A 363 21.11 17.22 28.79
C SER A 363 21.98 16.29 29.62
N ASN A 364 22.52 15.27 28.98
CA ASN A 364 23.35 14.26 29.64
C ASN A 364 24.59 14.01 28.79
N ASP A 365 25.64 14.79 29.02
CA ASP A 365 26.94 14.54 28.41
C ASP A 365 27.75 13.57 29.27
N SER A 366 28.11 13.99 30.47
CA SER A 366 28.70 13.13 31.49
C SER A 366 27.87 13.09 32.76
N ILE A 367 27.29 14.22 33.16
CA ILE A 367 26.33 14.28 34.24
C ILE A 367 25.02 14.84 33.68
N THR A 368 23.91 14.39 34.24
CA THR A 368 22.61 14.86 33.80
C THR A 368 22.30 16.21 34.43
N VAL A 369 21.77 17.12 33.62
CA VAL A 369 21.48 18.47 34.07
C VAL A 369 20.17 18.95 33.44
N LEU A 370 19.33 19.55 34.27
CA LEU A 370 18.10 20.21 33.83
C LEU A 370 18.34 21.70 33.75
N LYS A 371 17.75 22.34 32.74
CA LYS A 371 17.99 23.73 32.41
C LYS A 371 16.63 24.36 32.12
N VAL A 372 16.10 25.10 33.09
CA VAL A 372 14.74 25.63 33.01
C VAL A 372 14.80 27.11 32.69
N TYR A 373 13.85 27.57 31.89
CA TYR A 373 13.77 28.98 31.50
C TYR A 373 12.66 29.68 32.26
N GLU A 374 12.81 31.00 32.41
CA GLU A 374 11.84 31.84 33.09
C GLU A 374 11.80 33.18 32.39
N ALA A 375 10.66 33.86 32.48
CA ALA A 375 10.50 35.15 31.84
C ALA A 375 9.16 35.75 32.27
N LYS A 376 9.02 37.04 32.01
CA LYS A 376 7.78 37.77 32.25
C LYS A 376 6.98 37.84 30.96
N LEU A 377 5.67 37.97 31.10
CA LEU A 377 4.77 38.01 29.97
C LEU A 377 4.30 39.44 29.70
N LYS A 378 3.89 39.68 28.46
CA LYS A 378 3.47 41.02 28.04
C LYS A 378 2.00 41.03 27.65
N GLN A 379 1.70 40.58 26.43
CA GLN A 379 0.35 40.63 25.89
C GLN A 379 0.05 39.34 25.16
N ASN A 380 -1.13 38.79 25.41
CA ASN A 380 -1.59 37.58 24.72
C ASN A 380 -0.55 36.46 24.83
N TYR A 381 -0.01 36.28 26.03
CA TYR A 381 0.92 35.21 26.35
C TYR A 381 2.30 35.40 25.71
N GLN A 382 2.59 36.60 25.22
CA GLN A 382 3.92 36.86 24.69
C GLN A 382 4.97 36.74 25.80
N VAL A 383 6.23 36.81 25.40
CA VAL A 383 7.35 36.69 26.33
C VAL A 383 8.19 37.94 26.25
N ASP A 384 8.72 38.35 27.40
CA ASP A 384 9.57 39.52 27.51
C ASP A 384 11.01 39.10 27.24
N LYS A 385 11.55 39.49 26.08
CA LYS A 385 12.91 39.12 25.73
C LYS A 385 13.94 39.77 26.64
N ASP A 386 13.61 40.89 27.26
CA ASP A 386 14.49 41.56 28.21
C ASP A 386 14.34 41.01 29.62
N SER A 387 13.76 39.82 29.77
CA SER A 387 13.56 39.22 31.08
C SER A 387 13.92 37.75 31.13
N LEU A 388 14.43 37.17 30.05
CA LEU A 388 14.80 35.76 30.07
C LEU A 388 15.78 35.48 31.19
N SER A 389 15.58 34.35 31.86
CA SER A 389 16.45 33.90 32.93
C SER A 389 16.54 32.38 32.87
N GLU A 390 17.67 31.84 33.32
CA GLU A 390 17.89 30.41 33.33
C GLU A 390 18.13 29.93 34.76
N VAL A 391 17.81 28.66 35.00
CA VAL A 391 18.13 28.00 36.26
C VAL A 391 18.61 26.59 35.93
N ILE A 392 19.59 26.11 36.69
CA ILE A 392 20.22 24.82 36.44
C ILE A 392 19.98 23.93 37.65
N TYR A 393 19.69 22.66 37.39
CA TYR A 393 19.47 21.66 38.44
C TYR A 393 20.28 20.42 38.11
N GLY A 394 20.86 19.80 39.13
CA GLY A 394 21.78 18.70 38.94
C GLY A 394 21.26 17.35 39.36
N ASP A 395 20.32 17.32 40.31
CA ASP A 395 19.77 16.08 40.83
C ASP A 395 18.60 15.56 40.01
N MET A 396 18.63 15.74 38.69
CA MET A 396 17.52 15.27 37.85
C MET A 396 17.62 13.79 37.55
N ASP A 397 18.84 13.23 37.53
CA ASP A 397 18.99 11.79 37.27
C ASP A 397 18.70 10.98 38.53
N LYS A 398 19.11 11.49 39.70
CA LYS A 398 18.85 10.79 40.95
C LYS A 398 17.35 10.67 41.23
N LEU A 399 16.52 11.43 40.52
CA LEU A 399 15.10 11.53 40.83
C LEU A 399 14.21 10.72 39.90
N LEU A 400 14.67 10.42 38.68
CA LEU A 400 13.86 9.69 37.71
C LEU A 400 14.42 8.30 37.40
N CYS A 401 15.13 7.69 38.32
CA CYS A 401 15.80 6.41 38.07
C CYS A 401 15.55 5.43 39.21
N PRO A 402 15.22 4.16 38.90
CA PRO A 402 15.09 3.16 39.95
C PRO A 402 16.44 2.60 40.40
N ASP A 403 17.32 2.35 39.43
CA ASP A 403 18.63 1.76 39.70
C ASP A 403 18.49 0.36 40.29
N GLN A 404 18.56 0.25 41.62
CA GLN A 404 18.63 -1.06 42.26
C GLN A 404 17.27 -1.63 42.61
N SER A 405 16.39 -0.84 43.24
CA SER A 405 15.16 -1.35 43.87
C SER A 405 13.93 -0.62 43.33
N GLU A 406 13.53 -0.98 42.11
CA GLU A 406 12.21 -0.61 41.59
C GLU A 406 12.01 0.90 41.58
N GLN A 407 10.80 1.33 41.18
CA GLN A 407 10.41 2.73 41.25
C GLN A 407 8.94 2.82 40.89
N ILE A 408 8.27 3.84 41.44
CA ILE A 408 6.86 4.07 41.20
C ILE A 408 6.67 5.50 40.73
N TYR A 409 5.79 5.69 39.74
CA TYR A 409 5.54 7.01 39.16
C TYR A 409 4.04 7.27 39.18
N TYR A 410 3.66 8.45 39.67
CA TYR A 410 2.27 8.85 39.75
C TYR A 410 1.97 9.70 38.52
N THR A 411 1.55 9.05 37.45
CA THR A 411 1.32 9.73 36.18
C THR A 411 -0.05 10.39 36.18
N ASN A 412 -0.09 11.64 35.72
CA ASN A 412 -1.34 12.39 35.62
C ASN A 412 -1.09 13.70 34.90
N ASN A 413 -1.89 14.00 33.88
CA ASN A 413 -1.69 15.20 33.06
C ASN A 413 -2.50 16.34 33.66
N ILE A 414 -1.84 17.17 34.47
CA ILE A 414 -2.47 18.38 34.99
C ILE A 414 -2.71 19.34 33.84
N VAL A 415 -3.91 19.92 33.80
CA VAL A 415 -4.28 20.88 32.77
C VAL A 415 -5.10 21.98 33.44
N PHE A 416 -4.59 23.21 33.40
CA PHE A 416 -5.28 24.34 33.98
C PHE A 416 -6.12 25.05 32.93
N PRO A 417 -7.15 25.78 33.35
CA PRO A 417 -7.92 26.57 32.40
C PRO A 417 -7.08 27.70 31.83
N ASN A 418 -7.63 28.34 30.79
CA ASN A 418 -6.91 29.44 30.17
C ASN A 418 -6.71 30.59 31.16
N GLU A 419 -5.78 31.47 30.81
CA GLU A 419 -5.34 32.61 31.62
C GLU A 419 -4.54 32.18 32.83
N TYR A 420 -4.27 30.89 33.01
CA TYR A 420 -3.41 30.38 34.07
C TYR A 420 -2.09 29.91 33.47
N VAL A 421 -1.00 30.14 34.20
CA VAL A 421 0.34 29.86 33.72
C VAL A 421 1.10 29.14 34.82
N ILE A 422 1.71 28.00 34.47
CA ILE A 422 2.48 27.25 35.45
C ILE A 422 3.64 28.10 35.96
N THR A 423 3.93 27.97 37.25
CA THR A 423 5.04 28.69 37.85
C THR A 423 5.86 27.85 38.82
N LYS A 424 5.42 26.64 39.18
CA LYS A 424 6.17 25.81 40.11
C LYS A 424 5.86 24.35 39.84
N ILE A 425 6.87 23.50 40.06
CA ILE A 425 6.73 22.06 39.90
C ILE A 425 7.56 21.40 41.01
N ASP A 426 6.89 20.67 41.90
CA ASP A 426 7.53 20.07 43.06
C ASP A 426 7.53 18.55 42.92
N PHE A 427 8.70 17.98 42.65
CA PHE A 427 8.88 16.54 42.66
C PHE A 427 9.30 16.10 44.06
N THR A 428 8.57 15.14 44.62
CA THR A 428 8.86 14.62 45.95
C THR A 428 9.01 13.11 45.84
N LYS A 429 10.25 12.64 46.00
CA LYS A 429 10.57 11.21 45.97
C LYS A 429 10.83 10.78 47.41
N LYS A 430 9.88 10.04 47.99
CA LYS A 430 9.94 9.66 49.39
C LYS A 430 10.38 8.22 49.58
N MET A 431 9.58 7.26 49.10
CA MET A 431 9.79 5.84 49.32
C MET A 431 9.77 5.09 48.01
N LYS A 432 10.53 5.58 47.03
CA LYS A 432 10.61 5.00 45.70
C LYS A 432 9.40 5.34 44.85
N THR A 433 8.64 6.36 45.25
CA THR A 433 7.48 6.83 44.51
C THR A 433 7.76 8.26 44.05
N LEU A 434 7.73 8.46 42.74
CA LEU A 434 7.90 9.79 42.17
C LEU A 434 6.53 10.46 42.08
N ARG A 435 6.39 11.62 42.71
CA ARG A 435 5.11 12.31 42.80
C ARG A 435 5.37 13.80 42.62
N TYR A 436 4.74 14.40 41.60
CA TYR A 436 4.95 15.79 41.28
C TYR A 436 3.68 16.60 41.53
N GLU A 437 3.85 17.80 42.07
CA GLU A 437 2.76 18.74 42.26
C GLU A 437 3.09 20.02 41.49
N VAL A 438 2.07 20.58 40.85
CA VAL A 438 2.24 21.74 39.97
C VAL A 438 1.36 22.87 40.50
N THR A 439 1.87 24.10 40.37
CA THR A 439 1.15 25.30 40.75
C THR A 439 1.09 26.24 39.55
N ALA A 440 -0.06 26.88 39.37
CA ALA A 440 -0.29 27.77 38.24
C ALA A 440 -0.88 29.08 38.75
N ASN A 441 -0.18 30.18 38.49
CA ASN A 441 -0.69 31.48 38.86
C ASN A 441 -1.62 32.02 37.79
N PHE A 442 -2.44 32.99 38.17
CA PHE A 442 -3.37 33.61 37.24
C PHE A 442 -2.66 34.69 36.43
N TYR A 443 -2.93 34.69 35.12
CA TYR A 443 -2.31 35.64 34.20
C TYR A 443 -3.40 36.33 33.39
N ASP A 444 -3.41 37.66 33.43
CA ASP A 444 -4.38 38.45 32.67
C ASP A 444 -3.91 38.57 31.23
N SER A 445 -4.74 38.10 30.29
CA SER A 445 -4.34 38.11 28.88
C SER A 445 -4.11 39.53 28.39
N SER A 446 -4.90 40.49 28.87
CA SER A 446 -4.79 41.86 28.38
C SER A 446 -3.47 42.50 28.82
N THR A 447 -3.14 42.40 30.12
CA THR A 447 -1.92 42.97 30.67
C THR A 447 -0.85 41.88 30.75
N GLY A 448 0.34 42.29 31.22
CA GLY A 448 1.46 41.37 31.31
C GLY A 448 1.84 41.01 32.73
N GLU A 449 0.90 41.14 33.67
CA GLU A 449 1.16 40.88 35.07
C GLU A 449 0.53 39.56 35.49
N ILE A 450 1.23 38.83 36.34
CA ILE A 450 0.78 37.54 36.86
C ILE A 450 0.43 37.74 38.33
N ASP A 451 -0.85 37.65 38.65
CA ASP A 451 -1.30 37.87 40.01
C ASP A 451 -1.00 36.64 40.87
N LEU A 452 -1.06 36.82 42.19
CA LEU A 452 -0.79 35.75 43.13
C LEU A 452 -2.09 35.01 43.50
N ASN A 453 -2.78 34.56 42.46
CA ASN A 453 -3.95 33.69 42.59
C ASN A 453 -3.55 32.34 42.01
N LYS A 454 -3.40 31.34 42.89
CA LYS A 454 -2.74 30.10 42.54
C LYS A 454 -3.74 28.95 42.51
N LYS A 455 -3.53 28.03 41.57
CA LYS A 455 -4.22 26.76 41.53
C LYS A 455 -3.19 25.64 41.60
N LYS A 456 -3.37 24.73 42.54
CA LYS A 456 -2.43 23.64 42.79
C LYS A 456 -3.07 22.32 42.40
N VAL A 457 -2.39 21.54 41.56
CA VAL A 457 -2.87 20.23 41.16
C VAL A 457 -1.74 19.23 41.33
N GLU A 458 -2.06 18.05 41.84
CA GLU A 458 -1.09 17.01 42.11
C GLU A 458 -1.33 15.84 41.16
N SER A 459 -0.47 14.82 41.28
CA SER A 459 -0.62 13.60 40.49
C SER A 459 -1.68 12.73 41.15
N SER A 460 -2.77 12.48 40.43
CA SER A 460 -3.86 11.68 40.99
C SER A 460 -3.36 10.30 41.39
N GLU A 461 -3.93 9.77 42.46
CA GLU A 461 -3.46 8.50 43.03
C GLU A 461 -3.84 7.32 42.14
N ALA A 462 -5.11 7.23 41.76
CA ALA A 462 -5.65 6.01 41.18
C ALA A 462 -4.90 5.54 39.94
N GLU A 463 -4.02 6.36 39.37
CA GLU A 463 -3.28 6.00 38.17
C GLU A 463 -1.78 6.17 38.43
N TYR A 464 -1.17 5.13 38.99
CA TYR A 464 0.29 5.05 39.12
C TYR A 464 0.81 3.85 38.36
N ARG A 465 2.05 3.95 37.89
CA ARG A 465 2.70 2.88 37.16
C ARG A 465 4.07 2.61 37.75
N THR A 466 4.42 1.33 37.86
CA THR A 466 5.64 0.90 38.54
C THR A 466 6.61 0.30 37.55
N LEU A 467 7.88 0.73 37.63
CA LEU A 467 8.97 0.11 36.91
C LEU A 467 9.70 -0.84 37.85
N SER A 468 9.71 -2.12 37.51
CA SER A 468 10.35 -3.13 38.35
C SER A 468 11.86 -2.95 38.35
N ALA A 469 12.51 -3.50 39.37
CA ALA A 469 13.95 -3.42 39.48
C ALA A 469 14.61 -4.17 38.33
N ASN A 470 15.59 -3.53 37.70
CA ASN A 470 16.34 -4.15 36.62
C ASN A 470 17.78 -3.64 36.66
N ASP A 471 18.71 -4.54 36.36
CA ASP A 471 20.12 -4.17 36.39
C ASP A 471 20.42 -3.03 35.41
N ASP A 472 19.82 -3.06 34.23
CA ASP A 472 20.02 -2.00 33.25
C ASP A 472 19.34 -0.71 33.71
N GLY A 473 19.88 0.41 33.26
CA GLY A 473 19.29 1.69 33.59
C GLY A 473 18.04 1.97 32.80
N VAL A 474 17.23 2.88 33.32
CA VAL A 474 15.97 3.26 32.68
C VAL A 474 16.25 4.33 31.64
N TYR A 475 15.27 4.58 30.76
CA TYR A 475 15.38 5.60 29.74
C TYR A 475 14.81 6.91 30.28
N MET A 476 15.67 7.86 30.52
CA MET A 476 15.35 9.18 31.02
C MET A 476 15.24 10.18 29.87
N PRO A 477 14.37 11.18 29.99
CA PRO A 477 14.21 12.16 28.91
C PRO A 477 15.54 12.82 28.53
N LEU A 478 15.57 13.34 27.31
CA LEU A 478 16.72 14.07 26.80
C LEU A 478 16.27 14.98 25.69
N GLY A 479 16.76 16.22 25.71
CA GLY A 479 16.46 17.17 24.65
C GLY A 479 15.82 18.45 25.17
N VAL A 480 15.23 19.20 24.25
CA VAL A 480 14.60 20.47 24.58
C VAL A 480 13.10 20.22 24.70
N ILE A 481 12.58 20.30 25.92
CA ILE A 481 11.15 20.17 26.17
C ILE A 481 10.60 21.60 26.17
N SER A 482 10.20 22.06 24.99
CA SER A 482 9.77 23.44 24.85
C SER A 482 9.16 23.63 23.46
N GLU A 483 8.09 24.43 23.40
CA GLU A 483 7.49 24.79 22.12
C GLU A 483 8.58 25.36 21.21
N THR A 484 8.39 25.27 19.90
CA THR A 484 9.36 25.82 18.96
C THR A 484 9.66 27.28 19.28
N PHE A 485 8.74 27.98 19.93
CA PHE A 485 8.95 29.35 20.39
C PHE A 485 8.55 29.42 21.86
N LEU A 486 9.46 29.92 22.69
CA LEU A 486 9.21 30.00 24.13
C LEU A 486 7.86 30.65 24.40
N THR A 487 6.99 29.93 25.10
CA THR A 487 5.69 30.42 25.50
C THR A 487 5.34 29.84 26.86
N PRO A 488 4.40 30.45 27.58
CA PRO A 488 3.98 29.88 28.87
C PRO A 488 3.43 28.47 28.70
N ILE A 489 3.45 27.73 29.80
CA ILE A 489 2.97 26.35 29.82
C ILE A 489 1.58 26.34 30.45
N ASN A 490 0.65 25.63 29.82
CA ASN A 490 -0.71 25.50 30.32
C ASN A 490 -0.96 24.18 31.03
N GLY A 491 -0.21 23.13 30.69
CA GLY A 491 -0.40 21.84 31.34
C GLY A 491 0.92 21.11 31.44
N PHE A 492 0.96 20.13 32.33
CA PHE A 492 2.17 19.38 32.59
C PHE A 492 1.83 17.96 33.00
N GLY A 493 2.61 16.99 32.51
CA GLY A 493 2.40 15.61 32.91
C GLY A 493 3.64 14.78 32.68
N LEU A 494 3.65 13.61 33.30
CA LEU A 494 4.72 12.65 33.17
C LEU A 494 4.13 11.27 32.91
N GLN A 495 4.70 10.55 31.96
CA GLN A 495 4.23 9.21 31.60
C GLN A 495 5.39 8.24 31.70
N ALA A 496 5.06 7.00 32.05
CA ALA A 496 6.04 5.93 32.19
C ALA A 496 5.52 4.69 31.50
N ASP A 497 6.43 3.94 30.87
CA ASP A 497 6.10 2.74 30.13
C ASP A 497 7.02 1.62 30.62
N GLU A 498 6.40 0.52 31.10
CA GLU A 498 7.18 -0.56 31.69
C GLU A 498 7.72 -1.51 30.62
N ASN A 499 6.91 -1.82 29.61
CA ASN A 499 7.35 -2.73 28.57
C ASN A 499 8.63 -2.24 27.91
N SER A 500 8.87 -0.93 27.90
CA SER A 500 10.07 -0.35 27.35
C SER A 500 10.88 0.45 28.37
N ARG A 501 10.35 0.69 29.57
CA ARG A 501 11.05 1.43 30.61
C ARG A 501 11.33 2.87 30.16
N LEU A 502 10.37 3.48 29.49
CA LEU A 502 10.50 4.84 29.01
C LEU A 502 9.85 5.81 29.98
N ILE A 503 10.42 7.01 30.07
CA ILE A 503 9.87 8.10 30.87
C ILE A 503 9.78 9.33 29.98
N THR A 504 8.62 9.98 29.97
CA THR A 504 8.40 11.10 29.07
C THR A 504 7.71 12.23 29.81
N LEU A 505 8.29 13.42 29.73
CA LEU A 505 7.64 14.65 30.18
C LEU A 505 6.86 15.24 29.02
N THR A 506 5.63 15.68 29.30
CA THR A 506 4.73 16.18 28.26
C THR A 506 4.03 17.42 28.79
N CYS A 507 4.35 18.58 28.23
CA CYS A 507 3.72 19.83 28.63
C CYS A 507 2.78 20.31 27.52
N LYS A 508 2.03 21.36 27.84
CA LYS A 508 1.00 21.90 26.96
C LYS A 508 1.07 23.41 27.02
N SER A 509 1.25 24.05 25.87
CA SER A 509 1.58 25.47 25.79
C SER A 509 0.38 26.29 25.33
N TYR A 510 0.62 27.59 25.15
CA TYR A 510 -0.39 28.56 24.75
C TYR A 510 -0.13 29.12 23.37
N LEU A 511 0.70 28.47 22.56
CA LEU A 511 1.11 29.04 21.29
C LEU A 511 -0.11 29.34 20.41
N ARG A 512 -1.12 28.46 20.42
CA ARG A 512 -2.31 28.71 19.62
C ARG A 512 -2.95 30.04 20.00
N GLU A 513 -3.00 30.36 21.29
CA GLU A 513 -3.63 31.60 21.72
C GLU A 513 -2.81 32.80 21.28
N LEU A 514 -1.49 32.74 21.49
CA LEU A 514 -0.61 33.82 21.04
C LEU A 514 -0.78 34.09 19.56
N LEU A 515 -0.81 33.02 18.75
CA LEU A 515 -0.95 33.20 17.31
C LEU A 515 -2.32 33.79 16.95
N LEU A 516 -3.38 33.16 17.43
CA LEU A 516 -4.73 33.65 17.13
C LEU A 516 -4.94 35.08 17.58
N ALA A 517 -4.21 35.54 18.59
CA ALA A 517 -4.41 36.90 19.09
C ALA A 517 -3.49 37.91 18.43
N THR A 518 -2.33 37.48 17.92
CA THR A 518 -1.35 38.42 17.40
C THR A 518 -1.11 38.22 15.90
N ASP A 519 -0.17 37.34 15.54
CA ASP A 519 0.31 37.30 14.16
C ASP A 519 -0.80 36.93 13.19
N LEU A 520 -1.67 35.99 13.57
CA LEU A 520 -2.77 35.61 12.70
C LEU A 520 -3.89 36.64 12.70
N SER A 521 -3.73 37.75 13.40
CA SER A 521 -4.64 38.89 13.32
C SER A 521 -3.97 40.09 12.64
N ASN A 522 -2.89 39.85 11.90
CA ASN A 522 -2.12 40.89 11.22
C ASN A 522 -1.45 41.85 12.20
N LYS A 523 -1.19 41.40 13.42
CA LYS A 523 -0.52 42.21 14.43
C LYS A 523 0.98 42.00 14.30
N GLU A 524 1.73 42.26 15.37
CA GLU A 524 3.16 42.07 15.41
C GLU A 524 3.52 41.03 16.47
N THR A 525 4.62 40.33 16.25
CA THR A 525 5.07 39.29 17.16
C THR A 525 6.59 39.21 17.13
N LYS A 526 7.16 38.91 18.30
CA LYS A 526 8.60 38.64 18.42
C LYS A 526 8.72 37.30 19.15
N LEU A 527 8.75 36.22 18.39
CA LEU A 527 8.82 34.88 18.94
C LEU A 527 10.28 34.51 19.22
N ILE A 528 10.55 34.09 20.45
CA ILE A 528 11.90 33.75 20.87
C ILE A 528 12.11 32.25 20.66
N VAL A 529 13.23 31.90 20.05
CA VAL A 529 13.57 30.49 19.81
C VAL A 529 14.35 29.98 21.01
N PRO A 530 14.16 28.73 21.44
CA PRO A 530 14.93 28.21 22.56
C PRO A 530 16.42 28.28 22.28
N PRO A 531 17.19 29.00 23.10
CA PRO A 531 18.64 29.12 22.84
C PRO A 531 19.35 27.79 23.07
N SER A 532 20.18 27.40 22.10
CA SER A 532 20.93 26.16 22.19
C SER A 532 22.13 26.25 23.12
N GLY A 533 22.34 27.40 23.78
CA GLY A 533 23.45 27.55 24.68
C GLY A 533 23.01 28.11 26.02
N PHE A 534 23.85 27.89 27.03
CA PHE A 534 23.55 28.36 28.38
C PHE A 534 23.67 29.88 28.44
N ILE A 535 22.56 30.55 28.75
CA ILE A 535 22.60 32.00 28.94
C ILE A 535 23.22 32.35 30.29
N SER A 536 22.95 31.54 31.31
CA SER A 536 23.47 31.80 32.65
C SER A 536 24.96 31.52 32.78
N ASN A 537 25.62 31.11 31.71
CA ASN A 537 27.07 30.88 31.77
C ASN A 537 27.78 32.12 32.29
N ILE A 538 28.62 31.93 33.32
CA ILE A 538 29.35 33.04 33.92
C ILE A 538 30.73 33.23 33.31
N VAL A 539 31.24 32.26 32.56
CA VAL A 539 32.53 32.38 31.89
C VAL A 539 32.27 33.09 30.56
N GLU A 540 32.53 34.39 30.53
CA GLU A 540 32.30 35.17 29.32
C GLU A 540 33.15 34.64 28.18
N ASN A 541 32.56 34.62 26.98
CA ASN A 541 33.25 34.14 25.78
C ASN A 541 33.83 32.75 26.01
N GLY A 542 33.08 31.91 26.72
CA GLY A 542 33.55 30.55 26.98
C GLY A 542 33.87 29.81 25.71
N SER A 543 32.99 29.90 24.71
CA SER A 543 33.24 29.27 23.42
C SER A 543 34.44 29.89 22.71
N ILE A 544 34.86 31.08 23.12
CA ILE A 544 36.03 31.74 22.55
C ILE A 544 35.82 31.87 21.04
N GLU A 545 34.72 32.50 20.65
CA GLU A 545 34.43 32.78 19.24
C GLU A 545 34.95 34.14 18.80
N GLU A 546 34.92 35.12 19.69
CA GLU A 546 35.48 36.43 19.40
C GLU A 546 37.00 36.34 19.47
N ASP A 547 37.67 36.66 18.36
CA ASP A 547 39.11 36.48 18.26
C ASP A 547 39.88 37.31 19.28
N ASN A 548 39.33 38.45 19.70
CA ASN A 548 40.00 39.32 20.66
C ASN A 548 39.65 38.87 22.07
N LEU A 549 40.65 38.36 22.79
CA LEU A 549 40.45 37.85 24.14
C LEU A 549 40.43 39.01 25.14
N GLU A 550 39.36 39.81 25.06
CA GLU A 550 39.20 40.90 26.01
C GLU A 550 38.88 40.33 27.39
N PRO A 551 38.01 39.30 27.50
CA PRO A 551 37.77 38.69 28.82
C PRO A 551 38.99 37.95 29.32
N TRP A 552 39.49 37.01 28.53
CA TRP A 552 40.68 36.25 28.88
C TRP A 552 41.92 37.13 28.72
N LYS A 553 43.08 36.53 28.97
CA LYS A 553 44.35 37.23 28.85
C LYS A 553 45.48 36.23 29.04
N ALA A 554 46.64 36.57 28.49
CA ALA A 554 47.84 35.74 28.58
C ALA A 554 48.89 36.46 29.40
N ASN A 555 49.47 35.76 30.38
CA ASN A 555 50.47 36.38 31.25
C ASN A 555 51.79 36.60 30.51
N ASN A 556 52.27 35.57 29.81
CA ASN A 556 53.54 35.62 29.13
C ASN A 556 53.33 35.53 27.62
N LYS A 557 54.36 35.92 26.87
CA LYS A 557 54.29 35.91 25.41
C LYS A 557 54.22 34.47 24.89
N ASN A 558 53.12 33.80 25.18
CA ASN A 558 52.84 32.46 24.67
C ASN A 558 51.39 32.16 24.99
N ALA A 559 50.96 30.94 24.68
CA ALA A 559 49.57 30.56 24.92
C ALA A 559 48.65 31.54 24.22
N TYR A 560 48.39 31.29 22.93
CA TYR A 560 47.66 32.21 22.08
C TYR A 560 46.41 31.52 21.53
N VAL A 561 45.71 32.22 20.64
CA VAL A 561 44.46 31.73 20.07
C VAL A 561 44.80 30.88 18.84
N ASP A 562 44.69 29.56 18.98
CA ASP A 562 44.91 28.64 17.88
C ASP A 562 43.59 28.51 17.12
N HIS A 563 43.49 29.16 15.96
CA HIS A 563 42.26 29.13 15.19
C HIS A 563 41.97 27.72 14.67
N THR A 564 43.01 27.00 14.26
CA THR A 564 42.80 25.63 13.78
C THR A 564 42.22 24.74 14.88
N GLY A 565 42.52 25.05 16.15
CA GLY A 565 41.99 24.27 17.25
C GLY A 565 40.59 24.71 17.66
N GLY A 566 39.98 23.92 18.52
CA GLY A 566 38.66 24.18 19.03
C GLY A 566 37.64 23.20 18.48
N VAL A 567 36.40 23.39 18.91
CA VAL A 567 35.30 22.53 18.48
C VAL A 567 35.02 22.78 17.00
N ASN A 568 35.79 22.14 16.14
CA ASN A 568 35.64 22.27 14.70
C ASN A 568 35.83 23.72 14.26
N GLY A 569 34.74 24.46 14.11
CA GLY A 569 34.82 25.83 13.61
C GLY A 569 34.78 26.87 14.70
N THR A 570 35.82 26.94 15.52
CA THR A 570 35.93 27.94 16.58
C THR A 570 37.39 28.34 16.71
N LYS A 571 37.70 29.11 17.76
CA LYS A 571 39.05 29.59 18.04
C LYS A 571 39.39 29.18 19.47
N ALA A 572 40.24 28.15 19.60
CA ALA A 572 40.55 27.60 20.90
C ALA A 572 41.66 28.39 21.60
N LEU A 573 41.70 28.24 22.92
CA LEU A 573 42.81 28.75 23.72
C LEU A 573 43.91 27.69 23.77
N TYR A 574 45.16 28.13 23.71
CA TYR A 574 46.29 27.23 23.60
C TYR A 574 47.34 27.59 24.65
N VAL A 575 48.15 26.60 25.01
CA VAL A 575 49.23 26.80 25.98
C VAL A 575 50.41 25.92 25.57
N HIS A 576 51.62 26.45 25.76
CA HIS A 576 52.85 25.78 25.31
C HIS A 576 53.84 25.63 26.47
N LYS A 577 54.47 26.70 26.91
CA LYS A 577 55.51 26.60 27.94
C LYS A 577 54.92 26.67 29.34
N ASP A 578 54.90 27.86 29.94
CA ASP A 578 54.44 28.02 31.31
C ASP A 578 53.47 29.20 31.49
N GLY A 579 53.10 29.88 30.40
CA GLY A 579 52.16 30.97 30.49
C GLY A 579 50.73 30.51 30.29
N GLY A 580 49.93 30.60 31.35
CA GLY A 580 48.56 30.12 31.32
C GLY A 580 47.58 31.26 31.08
N ILE A 581 46.55 30.97 30.30
CA ILE A 581 45.53 31.96 29.96
C ILE A 581 44.50 31.97 31.08
N SER A 582 44.23 33.15 31.62
CA SER A 582 43.39 33.30 32.79
C SER A 582 42.25 34.28 32.52
N GLN A 583 41.16 34.10 33.26
CA GLN A 583 40.01 34.99 33.19
C GLN A 583 39.45 35.23 34.57
N PHE A 584 39.20 36.50 34.90
CA PHE A 584 38.69 36.88 36.20
C PHE A 584 37.19 36.65 36.27
N ILE A 585 36.75 35.80 37.20
CA ILE A 585 35.34 35.51 37.38
C ILE A 585 35.06 35.31 38.86
N GLY A 586 35.76 36.07 39.71
CA GLY A 586 35.59 35.91 41.14
C GLY A 586 34.28 36.49 41.65
N ASP A 587 33.89 37.66 41.14
CA ASP A 587 32.69 38.33 41.63
C ASP A 587 31.45 37.48 41.39
N LYS A 588 31.17 37.17 40.12
CA LYS A 588 29.96 36.44 39.76
C LYS A 588 30.02 34.99 40.27
N LEU A 589 30.01 34.82 41.58
CA LEU A 589 29.98 33.50 42.20
C LEU A 589 29.28 33.63 43.55
N LYS A 590 29.25 32.54 44.30
CA LYS A 590 28.66 32.53 45.63
C LYS A 590 29.47 31.59 46.51
N PRO A 591 29.39 31.74 47.84
CA PRO A 591 30.13 30.84 48.72
C PRO A 591 29.37 29.56 49.07
N LYS A 592 30.04 28.42 48.96
CA LYS A 592 29.52 27.11 49.35
C LYS A 592 28.39 26.62 48.44
N THR A 593 28.00 27.39 47.42
CA THR A 593 26.99 26.93 46.48
C THR A 593 27.64 26.06 45.42
N GLU A 594 26.97 24.97 45.07
CA GLU A 594 27.55 24.02 44.13
C GLU A 594 27.60 24.61 42.73
N TYR A 595 28.61 24.19 41.97
CA TYR A 595 28.82 24.67 40.61
C TYR A 595 29.22 23.50 39.73
N VAL A 596 28.95 23.65 38.43
CA VAL A 596 29.27 22.64 37.43
C VAL A 596 30.22 23.27 36.42
N ILE A 597 31.36 22.60 36.19
CA ILE A 597 32.36 23.02 35.22
C ILE A 597 32.32 22.08 34.03
N GLN A 598 32.54 22.62 32.83
CA GLN A 598 32.56 21.83 31.61
C GLN A 598 33.49 22.48 30.61
N TYR A 599 34.18 21.66 29.83
CA TYR A 599 35.09 22.18 28.82
C TYR A 599 35.64 21.05 27.97
N THR A 600 35.87 21.32 26.68
CA THR A 600 36.51 20.37 25.79
C THR A 600 37.98 20.76 25.64
N VAL A 601 38.86 19.77 25.58
CA VAL A 601 40.29 20.05 25.49
C VAL A 601 40.97 18.94 24.70
N LYS A 602 42.14 19.28 24.13
CA LYS A 602 42.99 18.36 23.40
C LYS A 602 44.42 18.55 23.87
N GLY A 603 45.16 17.45 23.97
CA GLY A 603 46.52 17.48 24.45
C GLY A 603 46.63 17.12 25.93
N LYS A 604 47.61 17.70 26.61
CA LYS A 604 47.84 17.49 28.04
C LYS A 604 47.61 18.82 28.76
N PRO A 605 46.37 19.17 29.06
CA PRO A 605 46.08 20.47 29.67
C PRO A 605 46.18 20.47 31.19
N SER A 606 45.86 21.61 31.80
CA SER A 606 45.77 21.69 33.26
C SER A 606 44.89 22.89 33.59
N ILE A 607 43.68 22.62 34.11
CA ILE A 607 42.71 23.66 34.41
C ILE A 607 42.66 23.86 35.92
N HIS A 608 42.55 25.12 36.35
CA HIS A 608 42.52 25.43 37.78
C HIS A 608 41.66 26.66 38.01
N LEU A 609 40.69 26.54 38.92
CA LEU A 609 39.92 27.68 39.40
C LEU A 609 40.57 28.13 40.70
N LYS A 610 41.49 29.09 40.60
CA LYS A 610 42.39 29.42 41.70
C LYS A 610 42.12 30.83 42.21
N ASP A 611 42.34 31.02 43.50
CA ASP A 611 42.20 32.32 44.15
C ASP A 611 43.59 32.90 44.40
N GLU A 612 43.80 34.13 43.93
CA GLU A 612 45.08 34.79 44.15
C GLU A 612 45.39 34.89 45.64
N ASN A 613 44.40 35.31 46.43
CA ASN A 613 44.54 35.33 47.88
C ASN A 613 44.17 33.96 48.44
N THR A 614 44.99 33.47 49.37
CA THR A 614 44.79 32.15 49.96
C THR A 614 45.07 31.06 48.93
N GLY A 615 45.58 29.92 49.39
CA GLY A 615 45.94 28.85 48.49
C GLY A 615 44.82 27.88 48.21
N TYR A 616 43.57 28.32 48.40
CA TYR A 616 42.44 27.44 48.15
C TYR A 616 42.35 27.10 46.67
N ILE A 617 42.10 25.83 46.38
CA ILE A 617 42.02 25.32 45.01
C ILE A 617 40.64 24.69 44.88
N HIS A 618 39.68 25.44 44.35
CA HIS A 618 38.32 24.94 44.19
C HIS A 618 38.29 23.74 43.25
N TYR A 619 38.48 23.98 41.96
CA TYR A 619 38.52 22.93 40.96
C TYR A 619 39.92 22.84 40.37
N GLU A 620 40.42 21.62 40.25
CA GLU A 620 41.73 21.37 39.66
C GLU A 620 41.64 20.11 38.80
N ASP A 621 42.16 20.20 37.57
CA ASP A 621 42.16 19.07 36.65
C ASP A 621 43.54 19.01 36.00
N THR A 622 44.28 17.95 36.27
CA THR A 622 45.64 17.79 35.76
C THR A 622 45.82 16.36 35.24
N ASN A 623 46.93 16.15 34.53
CA ASN A 623 47.29 14.83 34.04
C ASN A 623 46.15 14.21 33.23
N ASN A 624 46.04 14.59 31.96
CA ASN A 624 45.03 14.02 31.06
C ASN A 624 45.64 13.98 29.66
N ASN A 625 46.21 12.83 29.30
CA ASN A 625 46.82 12.65 28.00
C ASN A 625 45.74 12.53 26.92
N LEU A 626 44.96 13.60 26.73
CA LEU A 626 43.87 13.61 25.76
C LEU A 626 44.45 13.89 24.38
N GLU A 627 44.89 12.81 23.71
CA GLU A 627 45.41 12.96 22.35
C GLU A 627 44.37 13.57 21.43
N ASP A 628 43.10 13.18 21.60
CA ASP A 628 41.99 13.72 20.85
C ASP A 628 41.13 14.59 21.76
N TYR A 629 40.22 15.35 21.14
CA TYR A 629 39.36 16.23 21.90
C TYR A 629 38.44 15.43 22.82
N GLN A 630 38.47 15.77 24.11
CA GLN A 630 37.63 15.14 25.11
C GLN A 630 36.90 16.22 25.91
N THR A 631 35.64 15.94 26.25
CA THR A 631 34.78 16.89 26.95
C THR A 631 34.67 16.46 28.40
N ILE A 632 35.26 17.24 29.31
CA ILE A 632 35.23 16.98 30.74
C ILE A 632 34.15 17.82 31.38
N ASN A 633 33.34 17.18 32.24
CA ASN A 633 32.34 17.86 33.04
C ASN A 633 32.45 17.37 34.47
N LYS A 634 32.54 18.30 35.41
CA LYS A 634 32.69 17.96 36.83
C LYS A 634 31.81 18.89 37.66
N ARG A 635 31.68 18.55 38.94
CA ARG A 635 30.96 19.35 39.91
C ARG A 635 31.91 19.71 41.05
N PHE A 636 31.62 20.81 41.73
CA PHE A 636 32.48 21.27 42.82
C PHE A 636 31.71 22.30 43.65
N THR A 637 32.37 22.82 44.68
CA THR A 637 31.83 23.88 45.54
C THR A 637 32.90 24.92 45.76
N THR A 638 32.49 26.05 46.35
CA THR A 638 33.39 27.19 46.57
C THR A 638 33.37 27.58 48.04
N GLY A 639 34.53 27.99 48.56
CA GLY A 639 34.64 28.40 49.94
C GLY A 639 35.86 29.22 50.24
N THR A 640 35.82 30.53 49.92
CA THR A 640 36.93 31.43 50.19
C THR A 640 36.54 32.87 49.96
N ASP A 641 37.53 33.76 49.79
CA ASP A 641 37.22 35.17 49.57
C ASP A 641 36.33 35.35 48.35
N LEU A 642 36.53 34.53 47.32
CA LEU A 642 35.65 34.49 46.17
C LEU A 642 35.90 35.66 45.23
N LYS A 643 35.96 36.88 45.77
CA LYS A 643 36.16 38.06 44.96
C LYS A 643 37.53 38.08 44.28
N GLY A 644 38.45 37.22 44.68
CA GLY A 644 39.76 37.15 44.06
C GLY A 644 40.01 35.82 43.38
N VAL A 645 38.95 35.15 42.95
CA VAL A 645 39.04 33.85 42.28
C VAL A 645 38.98 34.08 40.78
N TYR A 646 39.67 33.21 40.04
CA TYR A 646 39.69 33.32 38.60
C TYR A 646 40.12 31.98 38.00
N LEU A 647 39.72 31.77 36.75
CA LEU A 647 40.02 30.54 36.03
C LEU A 647 41.36 30.67 35.32
N ILE A 648 42.07 29.54 35.22
CA ILE A 648 43.40 29.49 34.64
C ILE A 648 43.53 28.20 33.84
N LEU A 649 44.16 28.30 32.67
CA LEU A 649 44.46 27.16 31.81
C LEU A 649 45.96 27.18 31.52
N LYS A 650 46.67 26.17 32.01
CA LYS A 650 48.09 25.99 31.76
C LYS A 650 48.31 24.64 31.09
N SER A 651 49.58 24.31 30.82
CA SER A 651 49.96 23.01 30.29
C SER A 651 50.66 22.22 31.38
N GLN A 652 50.31 20.94 31.48
CA GLN A 652 50.93 20.07 32.47
C GLN A 652 52.44 20.05 32.29
N ASN A 653 53.16 20.41 33.36
CA ASN A 653 54.62 20.49 33.31
C ASN A 653 55.07 21.46 32.22
N GLY A 654 55.38 20.94 31.03
CA GLY A 654 55.89 21.77 29.96
C GLY A 654 55.30 21.46 28.60
N ASP A 655 54.42 20.47 28.53
CA ASP A 655 53.83 20.07 27.26
C ASP A 655 52.95 21.20 26.74
N GLU A 656 52.21 20.93 25.66
CA GLU A 656 51.31 21.90 25.06
C GLU A 656 49.92 21.29 24.93
N ALA A 657 48.90 22.14 24.98
CA ALA A 657 47.52 21.67 24.90
C ALA A 657 46.60 22.85 24.66
N TRP A 658 45.43 22.58 24.08
CA TRP A 658 44.49 23.64 23.78
C TRP A 658 43.06 23.17 24.00
N GLY A 659 42.23 24.06 24.55
CA GLY A 659 40.85 23.76 24.85
C GLY A 659 39.91 24.85 24.41
N ASP A 660 38.64 24.64 24.72
CA ASP A 660 37.55 25.52 24.29
C ASP A 660 36.28 25.07 25.01
N ASN A 661 35.19 25.82 24.78
CA ASN A 661 33.87 25.49 25.29
C ASN A 661 33.86 25.49 26.82
N PHE A 662 34.41 26.56 27.40
CA PHE A 662 34.46 26.68 28.86
C PHE A 662 33.12 27.14 29.39
N ILE A 663 32.57 26.40 30.34
CA ILE A 663 31.24 26.65 30.89
C ILE A 663 31.30 26.45 32.40
N ILE A 664 30.75 27.41 33.15
CA ILE A 664 30.63 27.31 34.60
C ILE A 664 29.20 27.70 34.95
N LEU A 665 28.42 26.75 35.43
CA LEU A 665 27.01 26.93 35.71
C LEU A 665 26.76 26.87 37.21
N GLU A 666 25.85 27.71 37.69
CA GLU A 666 25.43 27.74 39.09
C GLU A 666 24.15 26.91 39.22
N ILE A 667 24.27 25.69 39.74
CA ILE A 667 23.12 24.82 39.90
C ILE A 667 22.38 25.18 41.18
N SER A 668 21.05 25.20 41.11
CA SER A 668 20.26 25.59 42.26
C SER A 668 20.40 24.55 43.37
N PRO A 669 20.49 24.98 44.63
CA PRO A 669 20.63 24.00 45.72
C PRO A 669 19.42 23.08 45.79
N SER A 670 19.68 21.82 46.12
CA SER A 670 18.62 20.83 46.29
C SER A 670 18.24 20.72 47.76
N GLU A 671 16.94 20.75 48.04
CA GLU A 671 16.44 20.69 49.40
C GLU A 671 16.27 19.23 49.82
N LYS A 672 16.64 18.93 51.06
CA LYS A 672 16.50 17.58 51.60
C LYS A 672 15.04 17.36 52.01
N LEU A 673 14.46 16.25 51.55
CA LEU A 673 13.08 15.93 51.85
C LEU A 673 12.95 15.56 53.32
N LEU A 674 12.21 16.37 54.07
CA LEU A 674 11.98 16.16 55.49
C LEU A 674 10.73 15.30 55.71
N SER A 675 10.84 14.33 56.61
CA SER A 675 9.74 13.43 56.94
C SER A 675 9.33 13.60 58.40
N PRO A 676 8.16 14.15 58.70
CA PRO A 676 7.75 14.30 60.10
C PRO A 676 7.57 12.96 60.80
N GLU A 677 7.83 12.96 62.11
CA GLU A 677 7.65 11.75 62.90
C GLU A 677 6.20 11.30 62.93
N LEU A 678 5.27 12.26 63.03
CA LEU A 678 3.84 12.02 62.87
C LEU A 678 3.20 11.40 64.11
N ILE A 679 3.79 10.34 64.65
CA ILE A 679 3.29 9.72 65.88
C ILE A 679 4.20 10.10 67.04
N ASN A 680 3.59 10.45 68.17
CA ASN A 680 4.27 10.60 69.44
C ASN A 680 3.58 9.75 70.50
N THR A 681 4.36 9.26 71.46
CA THR A 681 3.84 8.38 72.50
C THR A 681 2.70 9.02 73.28
N ASN A 682 2.57 10.35 73.22
CA ASN A 682 1.64 11.08 74.09
C ASN A 682 0.22 11.14 73.55
N ASN A 683 -0.09 10.46 72.45
CA ASN A 683 -1.39 10.60 71.78
C ASN A 683 -1.94 9.22 71.43
N TRP A 684 -1.94 8.33 72.42
CA TRP A 684 -2.39 6.94 72.24
C TRP A 684 -3.71 6.77 72.98
N THR A 685 -4.82 6.93 72.26
CA THR A 685 -6.14 6.74 72.84
C THR A 685 -6.38 5.26 73.02
N SER A 686 -6.27 4.77 74.26
CA SER A 686 -6.39 3.36 74.56
C SER A 686 -7.75 3.07 75.19
N THR A 687 -8.26 1.87 74.90
CA THR A 687 -9.50 1.39 75.49
C THR A 687 -9.30 -0.05 75.94
N GLY A 688 -10.02 -0.42 77.01
CA GLY A 688 -9.89 -1.76 77.55
C GLY A 688 -8.53 -1.98 78.21
N SER A 689 -8.30 -3.24 78.56
CA SER A 689 -7.06 -3.63 79.23
C SER A 689 -5.87 -3.50 78.30
N THR A 690 -5.21 -2.33 78.31
CA THR A 690 -4.05 -2.08 77.48
C THR A 690 -3.14 -1.10 78.20
N ASN A 691 -1.83 -1.27 78.04
CA ASN A 691 -0.86 -0.47 78.77
C ASN A 691 0.23 0.02 77.82
N ILE A 692 0.59 1.30 77.95
CA ILE A 692 1.67 1.90 77.18
C ILE A 692 2.77 2.27 78.16
N SER A 693 3.93 1.60 78.02
CA SER A 693 5.07 1.81 78.90
C SER A 693 6.21 2.39 78.07
N GLY A 694 6.46 3.69 78.25
CA GLY A 694 7.53 4.36 77.53
C GLY A 694 7.37 4.30 76.03
N ASN A 695 8.08 3.36 75.39
CA ASN A 695 8.03 3.19 73.93
C ASN A 695 7.50 1.82 73.54
N THR A 696 6.77 1.15 74.43
CA THR A 696 6.20 -0.16 74.18
C THR A 696 4.70 -0.12 74.42
N LEU A 697 3.95 -0.85 73.61
CA LEU A 697 2.51 -0.98 73.75
C LEU A 697 2.17 -2.43 74.03
N THR A 698 1.17 -2.66 74.89
CA THR A 698 0.81 -4.01 75.31
C THR A 698 -0.69 -4.14 75.36
N LEU A 699 -1.23 -5.08 74.59
CA LEU A 699 -2.64 -5.45 74.65
C LEU A 699 -2.78 -6.78 75.36
N TYR A 700 -3.60 -6.80 76.41
CA TYR A 700 -3.80 -8.00 77.21
C TYR A 700 -4.88 -8.86 76.59
N GLN A 701 -4.63 -10.17 76.51
CA GLN A 701 -5.62 -11.09 75.99
C GLN A 701 -6.76 -11.25 76.98
N GLY A 702 -7.97 -11.38 76.44
CA GLY A 702 -9.17 -11.50 77.25
C GLY A 702 -9.95 -10.21 77.43
N GLY A 703 -9.34 -9.07 77.13
CA GLY A 703 -10.01 -7.78 77.23
C GLY A 703 -10.31 -7.23 75.85
N ARG A 704 -11.46 -6.55 75.74
CA ARG A 704 -11.89 -5.95 74.48
C ARG A 704 -11.21 -4.62 74.18
N GLY A 705 -9.93 -4.48 74.54
CA GLY A 705 -9.24 -3.22 74.39
C GLY A 705 -8.53 -3.08 73.05
N ILE A 706 -8.31 -1.82 72.66
CA ILE A 706 -7.63 -1.49 71.41
C ILE A 706 -6.94 -0.15 71.57
N LEU A 707 -5.91 0.08 70.76
CA LEU A 707 -5.14 1.32 70.79
C LEU A 707 -5.42 2.09 69.50
N LYS A 708 -6.27 3.11 69.58
CA LYS A 708 -6.59 3.96 68.45
C LYS A 708 -5.85 5.28 68.60
N GLN A 709 -5.26 5.77 67.51
CA GLN A 709 -4.52 7.02 67.53
C GLN A 709 -4.84 7.82 66.27
N ASN A 710 -5.16 9.10 66.46
CA ASN A 710 -5.42 10.01 65.35
C ASN A 710 -4.12 10.47 64.72
N LEU A 711 -4.18 10.73 63.41
CA LEU A 711 -3.03 11.19 62.64
C LEU A 711 -3.44 12.35 61.74
N GLN A 712 -2.42 13.00 61.16
CA GLN A 712 -2.61 14.07 60.19
C GLN A 712 -1.77 13.74 58.98
N LEU A 713 -2.43 13.32 57.89
CA LEU A 713 -1.75 12.91 56.68
C LEU A 713 -2.06 13.89 55.55
N ASP A 714 -1.08 14.13 54.69
CA ASP A 714 -1.27 15.01 53.55
C ASP A 714 -2.28 14.38 52.57
N SER A 715 -2.46 15.04 51.43
CA SER A 715 -3.46 14.60 50.47
C SER A 715 -3.03 13.33 49.75
N PHE A 716 -2.16 13.45 48.75
CA PHE A 716 -1.77 12.32 47.91
C PHE A 716 -0.37 11.80 48.25
N SER A 717 0.09 12.04 49.47
CA SER A 717 1.43 11.64 49.84
C SER A 717 1.48 10.15 50.20
N THR A 718 2.69 9.63 50.34
CA THR A 718 2.93 8.26 50.73
C THR A 718 3.66 8.24 52.08
N TYR A 719 3.46 7.17 52.83
CA TYR A 719 4.09 7.03 54.14
C TYR A 719 4.51 5.58 54.35
N ARG A 720 5.44 5.39 55.28
CA ARG A 720 5.94 4.07 55.63
C ARG A 720 5.77 3.86 57.12
N VAL A 721 5.21 2.71 57.49
CA VAL A 721 4.93 2.37 58.88
C VAL A 721 5.88 1.25 59.29
N TYR A 722 6.57 1.45 60.40
CA TYR A 722 7.51 0.47 60.96
C TYR A 722 6.93 -0.12 62.24
N PHE A 723 6.99 -1.44 62.36
CA PHE A 723 6.53 -2.14 63.56
C PHE A 723 7.54 -3.20 63.95
N SER A 724 7.62 -3.46 65.26
CA SER A 724 8.31 -4.64 65.78
C SER A 724 7.34 -5.29 66.77
N VAL A 725 6.68 -6.36 66.37
CA VAL A 725 5.57 -6.91 67.13
C VAL A 725 5.93 -8.31 67.62
N SER A 726 5.41 -8.65 68.79
CA SER A 726 5.54 -9.99 69.35
C SER A 726 4.15 -10.47 69.73
N GLY A 727 3.80 -11.67 69.25
CA GLY A 727 2.49 -12.24 69.47
C GLY A 727 1.58 -12.08 68.27
N ASP A 728 0.31 -12.36 68.50
CA ASP A 728 -0.73 -12.23 67.48
C ASP A 728 -1.28 -10.81 67.53
N ALA A 729 -1.17 -10.09 66.42
CA ALA A 729 -1.53 -8.68 66.36
C ALA A 729 -2.24 -8.37 65.05
N ASN A 730 -3.09 -7.34 65.09
CA ASN A 730 -3.72 -6.80 63.90
C ASN A 730 -3.60 -5.29 63.94
N VAL A 731 -3.30 -4.69 62.79
CA VAL A 731 -3.07 -3.26 62.68
C VAL A 731 -3.81 -2.74 61.46
N ARG A 732 -4.55 -1.64 61.64
CA ARG A 732 -5.35 -1.05 60.57
C ARG A 732 -5.22 0.46 60.60
N ILE A 733 -4.61 1.03 59.56
CA ILE A 733 -4.56 2.46 59.35
C ILE A 733 -5.68 2.80 58.38
N ARG A 734 -6.71 3.50 58.86
CA ARG A 734 -7.89 3.72 58.03
C ARG A 734 -8.60 5.00 58.43
N ASN A 735 -9.55 5.38 57.60
CA ASN A 735 -10.49 6.47 57.84
C ASN A 735 -11.83 5.87 58.27
N SER A 736 -12.83 6.73 58.49
CA SER A 736 -14.15 6.23 58.84
C SER A 736 -14.78 5.46 57.68
N ARG A 737 -14.49 5.85 56.44
CA ARG A 737 -15.11 5.24 55.27
C ARG A 737 -14.09 4.69 54.27
N GLU A 738 -12.80 4.79 54.55
CA GLU A 738 -11.78 4.23 53.67
C GLU A 738 -10.65 3.67 54.52
N VAL A 739 -9.94 2.69 53.96
CA VAL A 739 -8.84 2.01 54.64
C VAL A 739 -7.60 2.13 53.78
N LEU A 740 -6.53 2.69 54.36
CA LEU A 740 -5.26 2.79 53.67
C LEU A 740 -4.42 1.53 53.81
N PHE A 741 -4.45 0.90 54.99
CA PHE A 741 -3.66 -0.29 55.23
C PHE A 741 -4.35 -1.11 56.31
N GLU A 742 -4.21 -2.43 56.23
CA GLU A 742 -4.80 -3.32 57.23
C GLU A 742 -4.15 -4.69 57.09
N LYS A 743 -3.75 -5.28 58.22
CA LYS A 743 -3.10 -6.57 58.16
C LYS A 743 -3.07 -7.19 59.54
N ARG A 744 -3.34 -8.50 59.60
CA ARG A 744 -3.18 -9.31 60.80
C ARG A 744 -1.97 -10.20 60.57
N TYR A 745 -0.83 -9.81 61.13
CA TYR A 745 0.40 -10.55 60.92
C TYR A 745 0.39 -11.92 61.58
N MET A 746 -0.59 -12.20 62.45
CA MET A 746 -0.78 -13.53 63.03
C MET A 746 0.44 -13.83 63.91
N SER A 747 0.96 -15.06 63.88
CA SER A 747 2.03 -15.45 64.79
C SER A 747 3.27 -14.59 64.57
N GLY A 748 3.78 -14.57 63.35
CA GLY A 748 5.05 -13.91 63.07
C GLY A 748 4.91 -12.45 62.69
N ALA A 749 5.48 -11.57 63.52
CA ALA A 749 5.47 -10.13 63.27
C ALA A 749 6.69 -9.48 63.91
N LYS A 750 7.85 -10.12 63.77
CA LYS A 750 9.06 -9.67 64.47
C LYS A 750 9.42 -8.24 64.10
N ASP A 751 9.45 -7.95 62.80
CA ASP A 751 9.73 -6.61 62.30
C ASP A 751 9.11 -6.49 60.92
N VAL A 752 8.50 -5.33 60.65
CA VAL A 752 7.78 -5.16 59.40
C VAL A 752 7.67 -3.68 59.04
N SER A 753 8.06 -3.33 57.81
CA SER A 753 7.89 -2.00 57.27
C SER A 753 6.93 -2.08 56.08
N GLU A 754 5.92 -1.22 56.07
CA GLU A 754 4.87 -1.28 55.07
C GLU A 754 4.56 0.11 54.53
N MET A 755 4.47 0.22 53.21
CA MET A 755 4.13 1.47 52.56
C MET A 755 2.62 1.59 52.39
N PHE A 756 2.09 2.79 52.60
CA PHE A 756 0.68 3.05 52.38
C PHE A 756 0.49 4.48 51.90
N THR A 757 -0.49 4.66 51.02
CA THR A 757 -0.81 5.96 50.43
C THR A 757 -2.03 6.56 51.12
N THR A 758 -2.35 7.80 50.73
CA THR A 758 -3.45 8.55 51.34
C THR A 758 -4.62 8.79 50.41
N LYS A 759 -4.38 8.95 49.10
CA LYS A 759 -5.46 9.22 48.15
C LYS A 759 -6.11 10.56 48.46
N PHE A 760 -7.23 10.86 47.82
CA PHE A 760 -7.93 12.14 47.99
C PHE A 760 -8.80 12.04 49.24
N GLU A 761 -8.14 12.17 50.40
CA GLU A 761 -8.84 12.09 51.68
C GLU A 761 -8.33 13.16 52.64
N LYS A 762 -7.27 12.85 53.39
CA LYS A 762 -6.66 13.81 54.30
C LYS A 762 -7.66 14.29 55.35
N ASP A 763 -8.21 13.35 56.10
CA ASP A 763 -9.19 13.68 57.12
C ASP A 763 -9.57 12.48 57.97
N ASN A 764 -9.48 12.63 59.30
CA ASN A 764 -9.94 11.63 60.26
C ASN A 764 -9.32 10.26 59.99
N PHE A 765 -8.00 10.26 59.83
CA PHE A 765 -7.24 9.02 59.67
C PHE A 765 -6.66 8.59 61.01
N TYR A 766 -6.79 7.31 61.31
CA TYR A 766 -6.35 6.78 62.59
C TYR A 766 -5.77 5.39 62.41
N ILE A 767 -4.85 5.05 63.32
CA ILE A 767 -4.25 3.73 63.39
C ILE A 767 -4.88 2.98 64.56
N GLU A 768 -5.28 1.73 64.31
CA GLU A 768 -5.84 0.86 65.33
C GLU A 768 -4.92 -0.34 65.49
N LEU A 769 -4.42 -0.53 66.70
CA LEU A 769 -3.71 -1.74 67.09
C LEU A 769 -4.68 -2.56 67.93
N SER A 770 -5.08 -3.73 67.41
CA SER A 770 -6.15 -4.50 68.04
C SER A 770 -5.94 -5.98 67.77
N GLN A 771 -6.62 -6.80 68.58
CA GLN A 771 -6.68 -8.24 68.38
C GLN A 771 -7.97 -8.73 69.02
N GLY A 772 -8.87 -9.27 68.20
CA GLY A 772 -10.18 -9.69 68.68
C GLY A 772 -10.31 -11.18 68.86
N ASN A 773 -10.48 -11.63 70.10
CA ASN A 773 -10.71 -13.03 70.39
C ASN A 773 -11.62 -13.13 71.61
N ASN A 774 -12.03 -14.36 71.92
CA ASN A 774 -12.98 -14.60 73.00
C ASN A 774 -12.29 -15.08 74.26
N LEU A 775 -12.13 -16.39 74.39
CA LEU A 775 -11.65 -17.01 75.63
C LEU A 775 -10.12 -17.02 75.73
N TYR A 776 -9.43 -16.07 75.10
CA TYR A 776 -7.98 -15.97 75.19
C TYR A 776 -7.66 -15.03 76.35
N GLY A 777 -7.27 -15.60 77.48
CA GLY A 777 -6.95 -14.81 78.66
C GLY A 777 -5.63 -15.23 79.26
N GLY A 778 -4.84 -14.24 79.67
CA GLY A 778 -3.55 -14.48 80.26
C GLY A 778 -2.42 -13.88 79.45
N PRO A 779 -2.16 -14.47 78.27
CA PRO A 779 -1.09 -13.95 77.41
C PRO A 779 -1.30 -12.49 77.02
N ILE A 780 -0.34 -11.92 76.30
CA ILE A 780 -0.39 -10.53 75.87
C ILE A 780 0.31 -10.41 74.52
N VAL A 781 0.09 -9.29 73.84
CA VAL A 781 0.74 -8.99 72.58
C VAL A 781 1.40 -7.62 72.70
N HIS A 782 2.61 -7.49 72.15
CA HIS A 782 3.41 -6.28 72.34
C HIS A 782 3.82 -5.66 71.01
N PHE A 783 3.80 -4.33 70.97
CA PHE A 783 4.25 -3.54 69.84
C PHE A 783 5.42 -2.66 70.28
N TYR A 784 6.40 -2.50 69.39
CA TYR A 784 7.56 -1.66 69.64
C TYR A 784 7.88 -0.84 68.41
N ASP A 785 8.36 0.39 68.63
CA ASP A 785 8.86 1.24 67.56
C ASP A 785 7.82 1.48 66.47
N VAL A 786 6.54 1.48 66.84
CA VAL A 786 5.50 1.84 65.89
C VAL A 786 5.72 3.28 65.44
N SER A 787 5.98 3.46 64.15
CA SER A 787 6.28 4.80 63.63
C SER A 787 5.77 4.89 62.20
N ILE A 788 5.28 6.09 61.85
CA ILE A 788 4.89 6.44 60.49
C ILE A 788 5.85 7.53 60.03
N LYS A 789 6.49 7.32 58.89
CA LYS A 789 7.48 8.26 58.40
C LYS A 789 7.27 8.58 56.92
N GLU B 95 -21.13 -66.95 50.73
CA GLU B 95 -20.26 -66.47 49.67
C GLU B 95 -21.02 -65.55 48.72
N GLN B 96 -22.28 -65.92 48.44
CA GLN B 96 -23.10 -65.13 47.53
C GLN B 96 -23.29 -63.71 48.06
N ASN B 97 -23.61 -63.58 49.35
CA ASN B 97 -23.86 -62.26 49.91
C ASN B 97 -22.61 -61.39 49.87
N GLN B 98 -21.44 -61.97 50.17
CA GLN B 98 -20.22 -61.17 50.19
C GLN B 98 -19.79 -60.79 48.79
N VAL B 99 -19.95 -61.69 47.81
CA VAL B 99 -19.60 -61.31 46.44
C VAL B 99 -20.58 -60.24 45.94
N LEU B 100 -21.83 -60.30 46.37
CA LEU B 100 -22.78 -59.24 46.00
C LEU B 100 -22.40 -57.92 46.64
N ASN B 101 -21.93 -57.95 47.89
CA ASN B 101 -21.44 -56.73 48.53
C ASN B 101 -20.25 -56.16 47.77
N ASP B 102 -19.35 -57.03 47.31
CA ASP B 102 -18.21 -56.58 46.52
C ASP B 102 -18.69 -55.92 45.23
N VAL B 103 -19.62 -56.56 44.53
CA VAL B 103 -20.22 -55.94 43.34
C VAL B 103 -20.76 -54.57 43.69
N ASN B 104 -21.53 -54.50 44.77
CA ASN B 104 -22.14 -53.23 45.19
C ASN B 104 -21.08 -52.15 45.33
N ASN B 105 -20.04 -52.41 46.13
CA ASN B 105 -19.08 -51.35 46.42
C ASN B 105 -18.29 -50.97 45.17
N LYS B 106 -17.83 -51.96 44.41
CA LYS B 106 -17.10 -51.66 43.17
C LYS B 106 -17.93 -50.77 42.26
N LEU B 107 -19.17 -51.19 41.96
CA LEU B 107 -19.98 -50.47 41.00
C LEU B 107 -20.35 -49.08 41.51
N ASP B 108 -20.68 -48.96 42.80
CA ASP B 108 -21.03 -47.65 43.35
C ASP B 108 -19.84 -46.71 43.27
N ALA B 109 -18.64 -47.18 43.63
CA ALA B 109 -17.45 -46.34 43.54
C ALA B 109 -17.23 -45.87 42.11
N ILE B 110 -17.21 -46.80 41.15
CA ILE B 110 -16.93 -46.42 39.78
C ILE B 110 -18.01 -45.47 39.25
N ASN B 111 -19.27 -45.70 39.65
CA ASN B 111 -20.35 -44.87 39.14
C ASN B 111 -20.30 -43.46 39.72
N THR B 112 -19.92 -43.32 40.99
CA THR B 112 -19.75 -41.97 41.51
C THR B 112 -18.55 -41.29 40.87
N MET B 113 -17.52 -42.04 40.51
CA MET B 113 -16.43 -41.45 39.73
C MET B 113 -16.93 -40.91 38.40
N LEU B 114 -17.76 -41.70 37.70
CA LEU B 114 -18.33 -41.23 36.44
C LEU B 114 -19.19 -39.99 36.64
N ARG B 115 -19.99 -39.99 37.70
CA ARG B 115 -20.79 -38.82 38.04
C ARG B 115 -19.92 -37.58 38.19
N VAL B 116 -18.80 -37.73 38.91
CA VAL B 116 -17.88 -36.61 39.09
C VAL B 116 -17.31 -36.17 37.75
N TYR B 117 -16.99 -37.14 36.88
CA TYR B 117 -16.26 -36.82 35.66
C TYR B 117 -17.13 -36.08 34.64
N LEU B 118 -18.32 -36.60 34.37
CA LEU B 118 -19.07 -36.12 33.20
C LEU B 118 -19.35 -34.62 33.20
N PRO B 119 -19.86 -34.03 34.28
CA PRO B 119 -20.10 -32.58 34.27
C PRO B 119 -18.86 -31.77 33.89
N LYS B 120 -17.68 -32.23 34.28
CA LYS B 120 -16.46 -31.56 33.87
C LYS B 120 -16.35 -31.52 32.36
N LEU B 121 -16.61 -32.65 31.70
CA LEU B 121 -16.55 -32.68 30.24
C LEU B 121 -17.59 -31.75 29.64
N THR B 122 -18.81 -31.73 30.19
CA THR B 122 -19.83 -30.83 29.66
C THR B 122 -19.37 -29.38 29.74
N SER B 123 -18.88 -28.96 30.91
CA SER B 123 -18.43 -27.58 31.07
C SER B 123 -17.25 -27.28 30.15
N MET B 124 -16.34 -28.25 29.98
CA MET B 124 -15.20 -28.04 29.09
C MET B 124 -15.65 -27.83 27.66
N LEU B 125 -16.62 -28.61 27.20
CA LEU B 125 -17.13 -28.42 25.84
C LEU B 125 -17.82 -27.07 25.68
N SER B 126 -18.60 -26.67 26.68
CA SER B 126 -19.26 -25.36 26.61
C SER B 126 -18.21 -24.25 26.51
N ASP B 127 -17.14 -24.34 27.31
CA ASP B 127 -16.10 -23.33 27.28
C ASP B 127 -15.37 -23.34 25.95
N VAL B 128 -15.17 -24.53 25.37
CA VAL B 128 -14.52 -24.63 24.07
C VAL B 128 -15.36 -23.95 23.00
N MET B 129 -16.67 -24.15 23.05
CA MET B 129 -17.54 -23.48 22.08
C MET B 129 -17.52 -21.97 22.26
N LYS B 130 -17.53 -21.50 23.51
CA LYS B 130 -17.41 -20.07 23.75
C LYS B 130 -16.10 -19.52 23.19
N GLN B 131 -15.01 -20.27 23.36
CA GLN B 131 -13.72 -19.81 22.85
C GLN B 131 -13.71 -19.79 21.33
N ASN B 132 -14.36 -20.77 20.69
CA ASN B 132 -14.48 -20.73 19.23
C ASN B 132 -15.27 -19.52 18.77
N TYR B 133 -16.31 -19.15 19.51
CA TYR B 133 -17.06 -17.95 19.17
C TYR B 133 -16.18 -16.71 19.32
N ALA B 134 -15.37 -16.66 20.37
CA ALA B 134 -14.43 -15.55 20.53
C ALA B 134 -13.47 -15.47 19.35
N LEU B 135 -12.96 -16.62 18.90
CA LEU B 135 -12.08 -16.63 17.72
C LEU B 135 -12.82 -16.12 16.49
N SER B 136 -14.09 -16.50 16.34
CA SER B 136 -14.88 -15.99 15.22
C SER B 136 -14.98 -14.47 15.26
N LEU B 137 -15.21 -13.91 16.45
CA LEU B 137 -15.27 -12.46 16.57
C LEU B 137 -13.93 -11.82 16.22
N GLN B 138 -12.84 -12.41 16.70
CA GLN B 138 -11.52 -11.90 16.35
C GLN B 138 -11.29 -11.89 14.85
N ILE B 139 -11.73 -12.95 14.17
CA ILE B 139 -11.53 -13.03 12.72
C ILE B 139 -12.41 -12.02 12.00
N GLU B 140 -13.62 -11.76 12.52
CA GLU B 140 -14.43 -10.69 11.93
C GLU B 140 -13.75 -9.34 12.08
N TYR B 141 -13.13 -9.09 13.24
CA TYR B 141 -12.38 -7.86 13.42
C TYR B 141 -11.21 -7.78 12.42
N LEU B 142 -10.52 -8.90 12.21
CA LEU B 142 -9.46 -8.92 11.21
C LEU B 142 -9.99 -8.59 9.82
N SER B 143 -11.17 -9.12 9.47
CA SER B 143 -11.73 -8.84 8.16
C SER B 143 -12.08 -7.36 8.03
N LYS B 144 -12.59 -6.75 9.10
CA LYS B 144 -12.85 -5.32 9.07
C LYS B 144 -11.56 -4.53 8.86
N GLN B 145 -10.49 -4.92 9.57
CA GLN B 145 -9.20 -4.28 9.38
C GLN B 145 -8.75 -4.38 7.93
N LEU B 146 -8.89 -5.56 7.34
CA LEU B 146 -8.48 -5.75 5.96
C LEU B 146 -9.31 -4.92 4.99
N GLN B 147 -10.61 -4.76 5.27
CA GLN B 147 -11.43 -3.91 4.42
C GLN B 147 -10.97 -2.46 4.51
N GLU B 148 -10.68 -1.98 5.72
CA GLU B 148 -10.14 -0.63 5.85
C GLU B 148 -8.83 -0.48 5.09
N ILE B 149 -7.99 -1.53 5.14
CA ILE B 149 -6.72 -1.48 4.41
C ILE B 149 -6.96 -1.40 2.92
N SER B 150 -7.93 -2.16 2.41
CA SER B 150 -8.23 -2.11 0.97
C SER B 150 -8.75 -0.74 0.57
N ASP B 151 -9.55 -0.11 1.42
CA ASP B 151 -10.00 1.26 1.15
C ASP B 151 -8.82 2.21 1.10
N LYS B 152 -7.90 2.10 2.07
CA LYS B 152 -6.71 2.93 2.04
C LYS B 152 -5.91 2.71 0.75
N LEU B 153 -5.83 1.46 0.29
CA LEU B 153 -5.08 1.18 -0.93
C LEU B 153 -5.76 1.82 -2.13
N ASP B 154 -7.09 1.79 -2.19
CA ASP B 154 -7.80 2.48 -3.26
C ASP B 154 -7.48 3.97 -3.26
N ILE B 155 -7.53 4.59 -2.08
CA ILE B 155 -7.22 6.02 -1.98
C ILE B 155 -5.80 6.29 -2.44
N ILE B 156 -4.85 5.44 -2.04
CA ILE B 156 -3.45 5.65 -2.41
C ILE B 156 -3.27 5.51 -3.91
N ASN B 157 -3.95 4.55 -4.54
CA ASN B 157 -3.82 4.39 -5.98
C ASN B 157 -4.38 5.61 -6.71
N VAL B 158 -5.53 6.12 -6.24
CA VAL B 158 -6.08 7.32 -6.85
C VAL B 158 -5.11 8.49 -6.71
N ASN B 159 -4.47 8.61 -5.55
CA ASN B 159 -3.51 9.69 -5.36
C ASN B 159 -2.30 9.54 -6.27
N VAL B 160 -1.85 8.30 -6.52
CA VAL B 160 -0.72 8.09 -7.42
C VAL B 160 -1.10 8.48 -8.84
N LEU B 161 -2.31 8.12 -9.28
CA LEU B 161 -2.75 8.52 -10.62
C LEU B 161 -2.86 10.04 -10.71
N ILE B 162 -3.32 10.68 -9.63
CA ILE B 162 -3.36 12.14 -9.61
C ILE B 162 -1.96 12.73 -9.72
N ASN B 163 -1.00 12.10 -9.05
CA ASN B 163 0.39 12.55 -9.18
C ASN B 163 0.87 12.47 -10.61
N SER B 164 0.52 11.39 -11.31
CA SER B 164 0.91 11.26 -12.71
C SER B 164 0.31 12.39 -13.55
N THR B 165 -1.01 12.59 -13.43
CA THR B 165 -1.64 13.65 -14.22
C THR B 165 -1.09 15.02 -13.87
N LEU B 166 -0.72 15.24 -12.60
CA LEU B 166 -0.10 16.50 -12.21
C LEU B 166 1.24 16.67 -12.90
N THR B 167 2.12 15.67 -12.77
CA THR B 167 3.39 15.70 -13.49
C THR B 167 3.18 16.07 -14.95
N GLU B 168 2.08 15.59 -15.55
CA GLU B 168 1.87 15.82 -16.97
C GLU B 168 1.34 17.22 -17.26
N ILE B 169 0.48 17.76 -16.40
CA ILE B 169 -0.34 18.91 -16.77
C ILE B 169 -0.02 20.18 -15.98
N THR B 170 0.72 20.10 -14.88
CA THR B 170 0.80 21.24 -13.98
C THR B 170 1.51 22.45 -14.58
N PRO B 171 2.54 22.29 -15.41
CA PRO B 171 3.21 23.49 -15.95
C PRO B 171 2.31 24.28 -16.88
N ALA B 172 1.68 23.61 -17.84
CA ALA B 172 0.75 24.28 -18.74
C ALA B 172 -0.39 24.91 -17.95
N TYR B 173 -0.93 24.19 -16.96
CA TYR B 173 -2.02 24.74 -16.16
C TYR B 173 -1.59 26.02 -15.46
N GLN B 174 -0.43 26.00 -14.81
CA GLN B 174 0.03 27.17 -14.07
C GLN B 174 0.27 28.35 -15.00
N ARG B 175 0.89 28.10 -16.16
CA ARG B 175 1.18 29.20 -17.08
C ARG B 175 -0.09 29.77 -17.68
N ILE B 176 -1.05 28.92 -18.05
CA ILE B 176 -2.33 29.39 -18.56
C ILE B 176 -3.03 30.23 -17.51
N LYS B 177 -3.05 29.74 -16.27
CA LYS B 177 -3.70 30.48 -15.18
C LYS B 177 -3.06 31.85 -14.99
N TYR B 178 -1.74 31.90 -15.00
CA TYR B 178 -1.04 33.17 -14.81
C TYR B 178 -1.35 34.14 -15.95
N VAL B 179 -1.24 33.68 -17.20
CA VAL B 179 -1.49 34.56 -18.33
C VAL B 179 -2.93 35.05 -18.32
N ASN B 180 -3.88 34.19 -17.96
CA ASN B 180 -5.27 34.61 -17.89
C ASN B 180 -5.47 35.66 -16.82
N GLU B 181 -4.97 35.40 -15.60
CA GLU B 181 -5.16 36.35 -14.52
C GLU B 181 -4.44 37.67 -14.77
N LYS B 182 -3.43 37.69 -15.63
CA LYS B 182 -2.66 38.90 -15.90
C LYS B 182 -3.16 39.66 -17.12
N PHE B 183 -4.18 39.14 -17.81
CA PHE B 183 -4.82 39.82 -18.94
C PHE B 183 -6.32 39.90 -18.73
N GLU B 184 -6.75 40.16 -17.50
CA GLU B 184 -8.18 40.19 -17.21
C GLU B 184 -8.84 41.43 -17.81
N GLU B 185 -8.34 42.62 -17.47
CA GLU B 185 -8.98 43.85 -17.92
C GLU B 185 -9.09 43.90 -19.44
N LEU B 186 -8.02 43.52 -20.15
CA LEU B 186 -8.05 43.58 -21.61
C LEU B 186 -9.09 42.63 -22.18
N THR B 187 -9.09 41.38 -21.72
CA THR B 187 -10.09 40.41 -22.18
C THR B 187 -11.44 40.62 -21.52
N PHE B 188 -11.49 41.37 -20.41
CA PHE B 188 -12.77 41.66 -19.78
C PHE B 188 -13.71 42.43 -20.71
N ALA B 189 -13.16 43.19 -21.65
CA ALA B 189 -13.97 43.94 -22.59
C ALA B 189 -14.62 43.00 -23.61
N ASP B 204 0.26 55.72 -14.92
CA ASP B 204 0.14 54.30 -14.72
C ASP B 204 -0.40 53.61 -15.97
N ILE B 205 -1.12 54.36 -16.81
CA ILE B 205 -1.70 53.79 -18.03
C ILE B 205 -0.59 53.29 -18.94
N LEU B 206 0.33 54.17 -19.31
CA LEU B 206 1.45 53.76 -20.17
C LEU B 206 2.29 52.69 -19.51
N ASP B 207 2.47 52.77 -18.19
CA ASP B 207 3.26 51.78 -17.48
C ASP B 207 2.65 50.39 -17.64
N GLU B 208 1.37 50.24 -17.29
CA GLU B 208 0.73 48.94 -17.41
C GLU B 208 0.65 48.50 -18.86
N LEU B 209 0.47 49.45 -19.78
CA LEU B 209 0.36 49.08 -21.19
C LEU B 209 1.68 48.51 -21.70
N THR B 210 2.81 49.11 -21.31
CA THR B 210 4.10 48.56 -21.71
C THR B 210 4.38 47.23 -21.01
N GLU B 211 4.04 47.13 -19.73
CA GLU B 211 4.27 45.89 -19.00
C GLU B 211 3.45 44.74 -19.58
N LEU B 212 2.28 45.04 -20.13
CA LEU B 212 1.47 44.01 -20.78
C LEU B 212 1.84 43.81 -22.25
N THR B 213 2.43 44.81 -22.90
CA THR B 213 2.92 44.61 -24.25
C THR B 213 4.14 43.68 -24.26
N GLU B 214 5.01 43.82 -23.26
CA GLU B 214 6.11 42.87 -23.11
C GLU B 214 5.57 41.45 -22.92
N LEU B 215 4.55 41.30 -22.08
CA LEU B 215 3.93 39.99 -21.90
C LEU B 215 3.38 39.48 -23.23
N ALA B 216 2.56 40.29 -23.90
CA ALA B 216 2.00 39.90 -25.19
C ALA B 216 3.11 39.41 -26.13
N LYS B 217 4.22 40.13 -26.18
CA LYS B 217 5.35 39.67 -27.00
C LYS B 217 5.83 38.30 -26.54
N SER B 218 5.86 38.08 -25.23
CA SER B 218 6.30 36.80 -24.70
C SER B 218 5.29 35.68 -24.92
N VAL B 219 4.04 36.02 -25.23
CA VAL B 219 2.97 35.05 -25.38
C VAL B 219 2.80 34.63 -26.84
N THR B 220 2.89 35.58 -27.76
CA THR B 220 2.77 35.28 -29.18
C THR B 220 4.07 34.77 -29.79
N LYS B 221 5.15 34.69 -29.00
CA LYS B 221 6.42 34.22 -29.53
C LYS B 221 6.32 32.75 -29.89
N ASN B 222 6.64 32.42 -31.14
CA ASN B 222 6.58 31.04 -31.63
C ASN B 222 7.87 30.34 -31.24
N ASP B 223 7.82 29.56 -30.15
CA ASP B 223 8.96 28.81 -29.67
C ASP B 223 8.51 27.39 -29.33
N VAL B 224 9.48 26.55 -28.98
CA VAL B 224 9.17 25.21 -28.54
C VAL B 224 8.46 25.24 -27.18
N ASP B 225 8.70 26.29 -26.40
CA ASP B 225 8.07 26.48 -25.10
C ASP B 225 7.12 27.67 -25.11
N GLY B 226 6.40 27.86 -26.21
CA GLY B 226 5.48 28.97 -26.31
C GLY B 226 4.16 28.70 -25.62
N PHE B 227 3.33 29.74 -25.55
CA PHE B 227 2.02 29.60 -24.93
C PHE B 227 1.16 28.61 -25.70
N GLU B 228 1.27 28.60 -27.02
CA GLU B 228 0.52 27.64 -27.82
C GLU B 228 0.95 26.22 -27.51
N PHE B 229 2.25 26.01 -27.25
CA PHE B 229 2.71 24.70 -26.85
C PHE B 229 2.01 24.24 -25.57
N TYR B 230 1.90 25.15 -24.60
CA TYR B 230 1.28 24.78 -23.34
C TYR B 230 -0.21 24.53 -23.51
N LEU B 231 -0.88 25.29 -24.39
CA LEU B 231 -2.28 25.02 -24.66
C LEU B 231 -2.48 23.65 -25.30
N ASN B 232 -1.64 23.32 -26.28
CA ASN B 232 -1.75 22.04 -26.95
C ASN B 232 -1.48 20.88 -26.00
N THR B 233 -0.47 21.04 -25.12
CA THR B 233 -0.17 19.98 -24.17
C THR B 233 -1.28 19.85 -23.13
N PHE B 234 -1.87 20.98 -22.72
CA PHE B 234 -3.03 20.92 -21.83
C PHE B 234 -4.14 20.11 -22.46
N HIS B 235 -4.46 20.38 -23.72
CA HIS B 235 -5.49 19.60 -24.41
C HIS B 235 -5.11 18.13 -24.48
N ASP B 236 -3.87 17.84 -24.84
CA ASP B 236 -3.46 16.44 -25.00
C ASP B 236 -3.54 15.68 -23.68
N VAL B 237 -3.22 16.34 -22.57
CA VAL B 237 -3.32 15.66 -21.28
C VAL B 237 -4.76 15.56 -20.83
N MET B 238 -5.62 16.49 -21.27
CA MET B 238 -7.04 16.39 -20.96
C MET B 238 -7.68 15.21 -21.69
N VAL B 239 -7.34 15.04 -22.97
CA VAL B 239 -7.99 14.00 -23.77
C VAL B 239 -7.39 12.63 -23.47
N GLY B 240 -6.06 12.57 -23.33
CA GLY B 240 -5.39 11.32 -23.06
C GLY B 240 -4.38 10.95 -24.11
N ASN B 241 -3.88 11.95 -24.84
CA ASN B 241 -2.84 11.73 -25.85
C ASN B 241 -1.45 11.83 -25.19
N ASN B 242 -1.23 10.94 -24.23
CA ASN B 242 -0.02 10.91 -23.44
C ASN B 242 0.84 9.71 -23.84
N LEU B 243 1.98 9.57 -23.17
CA LEU B 243 2.81 8.39 -23.36
C LEU B 243 2.02 7.13 -23.04
N PHE B 244 1.48 7.06 -21.84
CA PHE B 244 0.54 6.02 -21.43
C PHE B 244 -0.86 6.59 -21.50
N GLY B 245 -1.77 5.88 -22.17
CA GLY B 245 -3.06 6.45 -22.51
C GLY B 245 -3.97 6.74 -21.33
N ARG B 246 -3.55 7.64 -20.46
CA ARG B 246 -4.37 8.14 -19.36
C ARG B 246 -4.80 9.57 -19.65
N SER B 247 -6.00 9.91 -19.22
CA SER B 247 -6.55 11.25 -19.41
C SER B 247 -6.75 11.91 -18.06
N ALA B 248 -6.49 13.22 -18.00
CA ALA B 248 -6.71 13.95 -16.76
C ALA B 248 -8.16 13.87 -16.33
N LEU B 249 -9.08 13.78 -17.29
CA LEU B 249 -10.51 13.71 -16.94
C LEU B 249 -10.83 12.43 -16.18
N LYS B 250 -10.24 11.29 -16.60
CA LYS B 250 -10.53 10.03 -15.94
C LYS B 250 -10.02 10.04 -14.50
N THR B 251 -8.80 10.51 -14.29
CA THR B 251 -8.25 10.55 -12.93
C THR B 251 -9.01 11.56 -12.07
N ALA B 252 -9.43 12.68 -12.66
CA ALA B 252 -10.23 13.64 -11.92
C ALA B 252 -11.57 13.04 -11.51
N SER B 253 -12.20 12.29 -12.41
CA SER B 253 -13.46 11.63 -12.07
C SER B 253 -13.24 10.62 -10.95
N GLU B 254 -12.16 9.84 -11.02
CA GLU B 254 -11.86 8.90 -9.95
C GLU B 254 -11.70 9.62 -8.62
N LEU B 255 -10.89 10.67 -8.60
CA LEU B 255 -10.71 11.45 -7.37
C LEU B 255 -12.06 11.92 -6.83
N ILE B 256 -12.84 12.61 -7.67
CA ILE B 256 -14.11 13.15 -7.21
C ILE B 256 -15.00 12.03 -6.67
N THR B 257 -15.08 10.91 -7.38
CA THR B 257 -15.87 9.78 -6.90
C THR B 257 -15.39 9.30 -5.54
N LYS B 258 -14.09 9.40 -5.26
CA LYS B 258 -13.58 8.99 -3.96
C LYS B 258 -13.89 10.03 -2.89
N GLU B 259 -13.42 11.26 -3.07
CA GLU B 259 -13.58 12.31 -2.07
C GLU B 259 -14.90 13.05 -2.24
N ASN B 260 -16.00 12.30 -2.29
CA ASN B 260 -17.35 12.87 -2.27
C ASN B 260 -17.97 12.70 -0.90
N VAL B 261 -17.23 13.09 0.14
CA VAL B 261 -17.68 12.96 1.52
C VAL B 261 -18.74 14.02 1.79
N LYS B 262 -18.31 15.27 1.88
CA LYS B 262 -19.20 16.39 2.21
C LYS B 262 -19.55 17.21 0.97
N THR B 263 -19.71 16.56 -0.18
CA THR B 263 -20.05 17.25 -1.42
C THR B 263 -21.56 17.42 -1.51
N SER B 264 -21.98 18.57 -2.03
CA SER B 264 -23.40 18.90 -2.05
C SER B 264 -24.14 18.21 -3.20
N GLY B 265 -23.52 18.12 -4.36
CA GLY B 265 -24.16 17.61 -5.55
C GLY B 265 -23.89 16.15 -5.79
N SER B 266 -23.95 15.75 -7.05
CA SER B 266 -23.74 14.38 -7.46
C SER B 266 -22.35 14.20 -8.05
N GLU B 267 -22.08 13.01 -8.57
CA GLU B 267 -20.81 12.76 -9.24
C GLU B 267 -20.82 13.33 -10.65
N VAL B 268 -21.93 13.15 -11.37
CA VAL B 268 -22.06 13.77 -12.69
C VAL B 268 -21.84 15.26 -12.60
N GLY B 269 -22.52 15.91 -11.65
CA GLY B 269 -22.40 17.35 -11.53
C GLY B 269 -21.00 17.80 -11.18
N ASN B 270 -20.35 17.11 -10.25
CA ASN B 270 -19.00 17.50 -9.82
C ASN B 270 -17.99 17.32 -10.95
N VAL B 271 -18.03 16.18 -11.63
CA VAL B 271 -17.09 15.95 -12.72
C VAL B 271 -17.35 16.93 -13.86
N TYR B 272 -18.62 17.23 -14.13
CA TYR B 272 -18.91 18.19 -15.19
C TYR B 272 -18.51 19.59 -14.79
N ASN B 273 -18.54 19.92 -13.50
CA ASN B 273 -18.07 21.23 -13.06
C ASN B 273 -16.55 21.34 -13.20
N PHE B 274 -15.84 20.25 -12.89
CA PHE B 274 -14.41 20.19 -13.19
C PHE B 274 -14.15 20.44 -14.66
N LEU B 275 -14.86 19.71 -15.53
CA LEU B 275 -14.72 19.90 -16.97
C LEU B 275 -15.03 21.35 -17.37
N ILE B 276 -16.04 21.95 -16.74
CA ILE B 276 -16.42 23.31 -17.08
C ILE B 276 -15.29 24.28 -16.75
N VAL B 277 -14.74 24.17 -15.54
CA VAL B 277 -13.69 25.09 -15.14
C VAL B 277 -12.49 24.96 -16.07
N LEU B 278 -12.15 23.72 -16.46
CA LEU B 278 -10.99 23.55 -17.32
C LEU B 278 -11.26 24.06 -18.73
N THR B 279 -12.45 23.80 -19.28
CA THR B 279 -12.76 24.30 -20.61
C THR B 279 -12.83 25.82 -20.62
N ALA B 280 -13.34 26.42 -19.54
CA ALA B 280 -13.35 27.88 -19.44
C ALA B 280 -11.93 28.42 -19.37
N LEU B 281 -11.05 27.74 -18.62
CA LEU B 281 -9.65 28.12 -18.61
C LEU B 281 -9.07 28.14 -20.01
N GLN B 282 -9.30 27.06 -20.78
CA GLN B 282 -8.76 26.99 -22.14
C GLN B 282 -9.35 28.07 -23.04
N ALA B 283 -10.66 28.29 -22.96
CA ALA B 283 -11.31 29.29 -23.80
C ALA B 283 -10.76 30.68 -23.50
N LYS B 284 -10.64 31.02 -22.22
CA LYS B 284 -10.08 32.31 -21.86
C LYS B 284 -8.62 32.41 -22.27
N ALA B 285 -7.90 31.30 -22.27
CA ALA B 285 -6.51 31.32 -22.73
C ALA B 285 -6.43 31.68 -24.21
N PHE B 286 -7.27 31.05 -25.03
CA PHE B 286 -7.30 31.39 -26.45
C PHE B 286 -7.76 32.84 -26.65
N LEU B 287 -8.70 33.30 -25.83
CA LEU B 287 -9.17 34.68 -25.94
C LEU B 287 -8.04 35.66 -25.66
N THR B 288 -7.29 35.43 -24.58
CA THR B 288 -6.17 36.32 -24.27
C THR B 288 -5.06 36.21 -25.30
N LEU B 289 -4.90 35.04 -25.93
CA LEU B 289 -3.93 34.91 -27.01
C LEU B 289 -4.31 35.80 -28.19
N THR B 290 -5.59 35.75 -28.60
CA THR B 290 -6.04 36.63 -29.67
C THR B 290 -5.92 38.09 -29.27
N THR B 291 -6.24 38.41 -28.02
CA THR B 291 -6.11 39.79 -27.55
C THR B 291 -4.66 40.27 -27.62
N CYS B 292 -3.71 39.40 -27.26
CA CYS B 292 -2.31 39.77 -27.35
C CYS B 292 -1.90 39.98 -28.79
N ARG B 293 -2.31 39.08 -29.70
CA ARG B 293 -1.99 39.26 -31.10
C ARG B 293 -2.51 40.60 -31.62
N LYS B 294 -3.74 40.95 -31.24
CA LYS B 294 -4.31 42.23 -31.67
C LYS B 294 -3.53 43.40 -31.07
N LEU B 295 -3.21 43.32 -29.77
CA LEU B 295 -2.51 44.41 -29.11
C LEU B 295 -1.14 44.65 -29.73
N LEU B 296 -0.46 43.60 -30.16
CA LEU B 296 0.85 43.78 -30.79
C LEU B 296 0.73 44.29 -32.22
N GLY B 297 -0.38 44.00 -32.89
CA GLY B 297 -0.56 44.38 -34.27
C GLY B 297 -0.28 43.30 -35.28
N LEU B 298 -0.20 42.04 -34.85
CA LEU B 298 0.12 40.94 -35.75
C LEU B 298 -1.13 40.52 -36.51
N ALA B 299 -0.98 39.49 -37.35
CA ALA B 299 -2.07 39.01 -38.17
C ALA B 299 -2.96 38.06 -37.38
N ASP B 300 -4.25 38.10 -37.68
CA ASP B 300 -5.20 37.22 -37.01
C ASP B 300 -4.98 35.78 -37.46
N ILE B 301 -4.93 34.85 -36.50
CA ILE B 301 -4.83 33.44 -36.80
C ILE B 301 -6.15 32.70 -36.57
N ASP B 302 -7.16 33.37 -36.04
CA ASP B 302 -8.49 32.77 -35.85
C ASP B 302 -8.39 31.46 -35.07
N TYR B 303 -8.16 31.59 -33.76
CA TYR B 303 -8.05 30.43 -32.88
C TYR B 303 -9.40 29.83 -32.51
N THR B 304 -10.48 30.26 -33.15
CA THR B 304 -11.79 29.70 -32.81
C THR B 304 -11.92 28.26 -33.29
N SER B 305 -11.33 27.93 -34.44
CA SER B 305 -11.38 26.55 -34.93
C SER B 305 -10.65 25.61 -33.99
N ILE B 306 -9.44 25.98 -33.58
CA ILE B 306 -8.64 25.13 -32.70
C ILE B 306 -9.31 25.02 -31.34
N MET B 307 -9.80 26.14 -30.81
CA MET B 307 -10.49 26.11 -29.52
C MET B 307 -11.72 25.20 -29.57
N ASN B 308 -12.49 25.30 -30.65
CA ASN B 308 -13.67 24.45 -30.78
C ASN B 308 -13.28 22.99 -30.87
N GLU B 309 -12.25 22.67 -31.67
CA GLU B 309 -11.79 21.29 -31.75
C GLU B 309 -11.41 20.76 -30.38
N HIS B 310 -10.61 21.52 -29.64
CA HIS B 310 -10.16 21.09 -28.32
C HIS B 310 -11.35 20.85 -27.39
N LEU B 311 -12.23 21.85 -27.27
CA LEU B 311 -13.34 21.73 -26.33
C LEU B 311 -14.28 20.61 -26.73
N ASN B 312 -14.53 20.43 -28.03
CA ASN B 312 -15.42 19.37 -28.47
C ASN B 312 -14.82 18.00 -28.22
N LYS B 313 -13.52 17.84 -28.47
CA LYS B 313 -12.90 16.54 -28.20
C LYS B 313 -12.88 16.24 -26.71
N GLU B 314 -12.70 17.27 -25.87
CA GLU B 314 -12.71 17.04 -24.43
C GLU B 314 -14.11 16.65 -23.95
N LYS B 315 -15.14 17.36 -24.44
CA LYS B 315 -16.50 17.00 -24.07
C LYS B 315 -16.88 15.62 -24.60
N GLU B 316 -16.33 15.24 -25.76
CA GLU B 316 -16.58 13.89 -26.27
C GLU B 316 -15.91 12.84 -25.40
N GLU B 317 -14.66 13.09 -25.00
CA GLU B 317 -14.01 12.21 -24.03
C GLU B 317 -14.88 12.03 -22.79
N PHE B 318 -15.37 13.15 -22.24
CA PHE B 318 -16.22 13.07 -21.06
C PHE B 318 -17.48 12.25 -21.33
N ARG B 319 -18.16 12.52 -22.44
CA ARG B 319 -19.42 11.86 -22.73
C ARG B 319 -19.23 10.35 -22.91
N VAL B 320 -18.16 9.96 -23.57
CA VAL B 320 -17.99 8.55 -23.94
C VAL B 320 -17.39 7.76 -22.79
N ASN B 321 -16.27 8.22 -22.24
CA ASN B 321 -15.48 7.42 -21.31
C ASN B 321 -15.71 7.76 -19.85
N ILE B 322 -16.35 8.89 -19.53
CA ILE B 322 -16.48 9.37 -18.16
C ILE B 322 -17.93 9.32 -17.69
N LEU B 323 -18.83 9.95 -18.43
CA LEU B 323 -20.20 10.11 -17.95
C LEU B 323 -20.92 8.79 -17.70
N PRO B 324 -20.79 7.76 -18.55
CA PRO B 324 -21.58 6.54 -18.33
C PRO B 324 -21.37 5.88 -16.98
N THR B 325 -20.23 6.09 -16.33
CA THR B 325 -19.89 5.41 -15.09
C THR B 325 -20.05 6.30 -13.86
N LEU B 326 -20.85 7.36 -13.95
CA LEU B 326 -21.05 8.29 -12.86
C LEU B 326 -22.48 8.18 -12.33
N SER B 327 -22.63 8.31 -11.02
CA SER B 327 -23.93 8.25 -10.38
C SER B 327 -24.60 9.62 -10.37
N ASN B 328 -25.92 9.62 -10.46
CA ASN B 328 -26.71 10.85 -10.51
C ASN B 328 -27.48 11.09 -9.22
N THR B 329 -27.13 10.39 -8.14
CA THR B 329 -27.77 10.55 -6.85
C THR B 329 -26.96 11.50 -5.99
N PHE B 330 -27.64 12.45 -5.35
CA PHE B 330 -27.01 13.40 -4.44
C PHE B 330 -27.75 13.41 -3.11
N SER B 331 -26.98 13.44 -2.03
CA SER B 331 -27.52 13.44 -0.68
C SER B 331 -27.07 14.72 0.04
N ASN B 332 -27.37 14.78 1.34
CA ASN B 332 -26.96 15.92 2.14
C ASN B 332 -25.52 15.76 2.60
N PRO B 333 -24.72 16.83 2.58
CA PRO B 333 -23.31 16.69 2.95
C PRO B 333 -23.07 16.51 4.44
N ASN B 334 -23.61 17.41 5.27
CA ASN B 334 -23.28 17.47 6.68
C ASN B 334 -24.44 16.98 7.54
N TYR B 335 -24.17 16.86 8.84
CA TYR B 335 -25.16 16.45 9.82
C TYR B 335 -25.07 17.37 11.03
N ALA B 336 -26.12 17.35 11.85
CA ALA B 336 -26.16 18.16 13.07
C ALA B 336 -26.94 17.45 14.16
N LYS B 337 -26.43 17.53 15.39
CA LYS B 337 -27.17 17.02 16.54
C LYS B 337 -28.38 17.91 16.81
N VAL B 338 -29.56 17.30 16.95
CA VAL B 338 -30.78 18.06 17.16
C VAL B 338 -31.81 17.15 17.80
N LYS B 339 -32.80 17.75 18.46
CA LYS B 339 -33.90 17.03 19.08
C LYS B 339 -35.20 17.73 18.71
N GLY B 340 -36.20 16.95 18.31
CA GLY B 340 -37.46 17.51 17.86
C GLY B 340 -38.63 16.89 18.61
N SER B 341 -39.76 17.60 18.55
CA SER B 341 -40.95 17.19 19.27
C SER B 341 -41.72 16.14 18.50
N ASP B 342 -42.21 15.13 19.23
CA ASP B 342 -43.06 14.09 18.64
C ASP B 342 -44.52 14.42 18.91
N GLU B 343 -44.97 15.50 18.27
CA GLU B 343 -46.29 16.07 18.49
C GLU B 343 -47.18 15.90 17.27
N ASP B 344 -47.09 14.75 16.61
CA ASP B 344 -47.95 14.44 15.47
C ASP B 344 -47.77 15.49 14.36
N ALA B 345 -46.54 15.56 13.85
CA ALA B 345 -46.17 16.56 12.86
C ALA B 345 -46.54 16.11 11.46
N LYS B 346 -46.58 17.07 10.55
CA LYS B 346 -46.90 16.81 9.14
C LYS B 346 -46.36 17.95 8.30
N MET B 347 -45.92 17.61 7.09
CA MET B 347 -45.35 18.58 6.17
C MET B 347 -45.73 18.21 4.74
N ILE B 348 -45.94 19.22 3.92
CA ILE B 348 -46.25 19.01 2.50
C ILE B 348 -45.43 19.98 1.66
N VAL B 349 -44.26 19.52 1.22
CA VAL B 349 -43.41 20.31 0.33
C VAL B 349 -43.99 20.15 -1.07
N GLU B 350 -44.74 21.15 -1.53
CA GLU B 350 -45.45 21.08 -2.80
C GLU B 350 -45.03 22.23 -3.69
N ALA B 351 -44.97 21.96 -5.00
CA ALA B 351 -44.67 22.96 -6.00
C ALA B 351 -45.94 23.37 -6.73
N LYS B 352 -45.95 24.60 -7.23
CA LYS B 352 -47.08 25.13 -8.00
C LYS B 352 -47.43 24.15 -9.12
N PRO B 353 -48.68 24.14 -9.60
CA PRO B 353 -49.08 23.14 -10.60
C PRO B 353 -48.13 23.07 -11.80
N GLY B 354 -47.71 24.21 -12.33
CA GLY B 354 -46.81 24.21 -13.46
C GLY B 354 -45.36 24.36 -13.08
N HIS B 355 -45.00 23.86 -11.90
CA HIS B 355 -43.63 23.96 -11.39
C HIS B 355 -43.14 22.58 -10.96
N ALA B 356 -41.85 22.52 -10.64
CA ALA B 356 -41.21 21.30 -10.19
C ALA B 356 -40.26 21.62 -9.04
N LEU B 357 -39.79 20.58 -8.37
CA LEU B 357 -38.79 20.70 -7.32
C LEU B 357 -37.41 20.44 -7.90
N ILE B 358 -36.45 21.26 -7.51
CA ILE B 358 -35.13 21.23 -8.14
C ILE B 358 -34.02 21.17 -7.09
N GLY B 359 -34.28 21.62 -5.87
CA GLY B 359 -33.27 21.57 -4.84
C GLY B 359 -33.83 21.89 -3.48
N PHE B 360 -33.08 21.46 -2.46
CA PHE B 360 -33.41 21.73 -1.06
C PHE B 360 -32.16 22.25 -0.36
N GLU B 361 -32.38 22.94 0.76
CA GLU B 361 -31.27 23.37 1.60
C GLU B 361 -31.74 23.37 3.05
N ILE B 362 -31.10 22.58 3.89
CA ILE B 362 -31.46 22.47 5.30
C ILE B 362 -30.37 23.14 6.11
N SER B 363 -30.73 24.20 6.85
CA SER B 363 -29.77 25.00 7.59
C SER B 363 -30.19 25.13 9.04
N ASN B 364 -29.22 25.03 9.94
CA ASN B 364 -29.46 25.07 11.38
C ASN B 364 -28.42 26.00 12.02
N ASP B 365 -28.75 27.28 12.10
CA ASP B 365 -27.94 28.23 12.87
C ASP B 365 -28.40 28.27 14.32
N SER B 366 -29.62 28.72 14.55
CA SER B 366 -30.29 28.64 15.84
C SER B 366 -31.58 27.84 15.78
N ILE B 367 -32.35 28.01 14.71
CA ILE B 367 -33.51 27.19 14.44
C ILE B 367 -33.29 26.48 13.11
N THR B 368 -33.83 25.27 12.99
CA THR B 368 -33.69 24.51 11.76
C THR B 368 -34.70 24.99 10.74
N VAL B 369 -34.26 25.16 9.49
CA VAL B 369 -35.10 25.68 8.43
C VAL B 369 -34.80 24.92 7.14
N LEU B 370 -35.86 24.53 6.44
CA LEU B 370 -35.78 23.94 5.12
C LEU B 370 -36.10 25.01 4.08
N LYS B 371 -35.39 24.96 2.96
CA LYS B 371 -35.46 25.99 1.93
C LYS B 371 -35.52 25.26 0.59
N VAL B 372 -36.72 25.20 0.00
CA VAL B 372 -36.97 24.41 -1.20
C VAL B 372 -37.08 25.35 -2.39
N TYR B 373 -36.57 24.89 -3.54
CA TYR B 373 -36.60 25.67 -4.77
C TYR B 373 -37.66 25.12 -5.71
N GLU B 374 -38.16 26.00 -6.58
CA GLU B 374 -39.15 25.64 -7.57
C GLU B 374 -38.88 26.44 -8.84
N ALA B 375 -39.29 25.89 -9.98
CA ALA B 375 -39.08 26.56 -11.25
C ALA B 375 -39.81 25.80 -12.33
N LYS B 376 -39.96 26.45 -13.49
CA LYS B 376 -40.54 25.85 -14.67
C LYS B 376 -39.42 25.33 -15.57
N LEU B 377 -39.75 24.33 -16.38
CA LEU B 377 -38.79 23.70 -17.27
C LEU B 377 -39.00 24.15 -18.70
N LYS B 378 -37.94 24.06 -19.50
CA LYS B 378 -37.97 24.52 -20.88
C LYS B 378 -37.76 23.36 -21.85
N GLN B 379 -36.52 22.95 -22.05
CA GLN B 379 -36.19 21.91 -23.01
C GLN B 379 -35.16 20.97 -22.41
N ASN B 380 -35.38 19.67 -22.60
CA ASN B 380 -34.43 18.66 -22.14
C ASN B 380 -34.10 18.83 -20.67
N TYR B 381 -35.13 19.10 -19.86
CA TYR B 381 -35.02 19.21 -18.41
C TYR B 381 -34.30 20.48 -17.97
N GLN B 382 -34.14 21.45 -18.86
CA GLN B 382 -33.55 22.72 -18.47
C GLN B 382 -34.44 23.42 -17.45
N VAL B 383 -33.93 24.51 -16.89
CA VAL B 383 -34.65 25.27 -15.87
C VAL B 383 -34.84 26.69 -16.38
N ASP B 384 -35.98 27.28 -16.03
CA ASP B 384 -36.31 28.65 -16.41
C ASP B 384 -35.76 29.59 -15.35
N LYS B 385 -34.72 30.33 -15.70
CA LYS B 385 -34.11 31.25 -14.74
C LYS B 385 -35.04 32.40 -14.38
N ASP B 386 -35.99 32.74 -15.24
CA ASP B 386 -36.98 33.77 -14.96
C ASP B 386 -38.19 33.22 -14.21
N SER B 387 -38.05 32.05 -13.58
CA SER B 387 -39.16 31.46 -12.83
C SER B 387 -38.74 30.90 -11.49
N LEU B 388 -37.48 31.05 -11.08
CA LEU B 388 -37.05 30.53 -9.79
C LEU B 388 -37.92 31.09 -8.67
N SER B 389 -38.26 30.22 -7.73
CA SER B 389 -39.06 30.59 -6.56
C SER B 389 -38.55 29.79 -5.37
N GLU B 390 -38.70 30.37 -4.18
CA GLU B 390 -38.27 29.71 -2.96
C GLU B 390 -39.45 29.53 -2.02
N VAL B 391 -39.36 28.52 -1.16
CA VAL B 391 -40.33 28.30 -0.09
C VAL B 391 -39.55 27.90 1.15
N ILE B 392 -40.00 28.38 2.31
CA ILE B 392 -39.33 28.16 3.57
C ILE B 392 -40.25 27.37 4.49
N TYR B 393 -39.68 26.39 5.20
CA TYR B 393 -40.42 25.57 6.15
C TYR B 393 -39.65 25.52 7.46
N GLY B 394 -40.38 25.57 8.57
CA GLY B 394 -39.77 25.69 9.88
C GLY B 394 -39.85 24.46 10.74
N ASP B 395 -40.86 23.62 10.50
CA ASP B 395 -41.05 22.41 11.32
C ASP B 395 -40.28 21.22 10.79
N MET B 396 -39.05 21.43 10.29
CA MET B 396 -38.28 20.32 9.76
C MET B 396 -37.54 19.56 10.85
N ASP B 397 -37.20 20.22 11.96
CA ASP B 397 -36.54 19.53 13.05
C ASP B 397 -37.53 18.73 13.89
N LYS B 398 -38.73 19.27 14.09
CA LYS B 398 -39.76 18.57 14.85
C LYS B 398 -40.19 17.28 14.17
N LEU B 399 -39.88 17.13 12.87
CA LEU B 399 -40.39 16.03 12.08
C LEU B 399 -39.40 14.90 11.88
N LEU B 400 -38.10 15.18 11.92
CA LEU B 400 -37.07 14.16 11.74
C LEU B 400 -36.36 13.81 13.03
N CYS B 401 -36.85 14.26 14.18
CA CYS B 401 -36.12 14.12 15.43
C CYS B 401 -37.05 13.80 16.59
N PRO B 402 -36.81 12.69 17.31
CA PRO B 402 -37.62 12.43 18.52
C PRO B 402 -37.03 13.09 19.75
N ASP B 403 -37.90 13.67 20.59
CA ASP B 403 -37.43 14.33 21.80
C ASP B 403 -37.12 13.31 22.90
N GLN B 404 -38.00 12.32 23.08
CA GLN B 404 -37.88 11.44 24.24
C GLN B 404 -38.09 9.97 23.91
N SER B 405 -39.05 9.65 23.02
CA SER B 405 -39.55 8.28 22.87
C SER B 405 -39.39 7.79 21.43
N GLU B 406 -38.18 7.37 21.07
CA GLU B 406 -37.95 6.56 19.88
C GLU B 406 -38.39 7.25 18.60
N GLN B 407 -38.14 6.62 17.46
CA GLN B 407 -38.62 7.15 16.18
C GLN B 407 -38.47 6.12 15.07
N ILE B 408 -39.55 5.82 14.36
CA ILE B 408 -39.54 4.85 13.27
C ILE B 408 -39.51 5.59 11.95
N TYR B 409 -38.74 5.08 11.00
CA TYR B 409 -38.59 5.68 9.68
C TYR B 409 -38.89 4.63 8.62
N TYR B 410 -39.69 4.99 7.63
CA TYR B 410 -40.06 4.10 6.54
C TYR B 410 -39.17 4.44 5.34
N THR B 411 -38.01 3.80 5.28
CA THR B 411 -37.03 4.09 4.25
C THR B 411 -37.38 3.35 2.96
N ASN B 412 -37.27 4.06 1.84
CA ASN B 412 -37.55 3.49 0.52
C ASN B 412 -37.23 4.51 -0.55
N ASN B 413 -36.44 4.10 -1.54
CA ASN B 413 -35.98 5.02 -2.59
C ASN B 413 -36.97 4.98 -3.74
N ILE B 414 -37.91 5.94 -3.75
CA ILE B 414 -38.82 6.09 -4.88
C ILE B 414 -38.03 6.53 -6.10
N VAL B 415 -38.29 5.88 -7.24
CA VAL B 415 -37.63 6.21 -8.50
C VAL B 415 -38.69 6.15 -9.60
N PHE B 416 -38.93 7.27 -10.25
CA PHE B 416 -39.90 7.34 -11.33
C PHE B 416 -39.20 7.12 -12.68
N PRO B 417 -39.93 6.68 -13.70
CA PRO B 417 -39.34 6.58 -15.03
C PRO B 417 -39.02 7.96 -15.59
N ASN B 418 -38.28 7.97 -16.70
CA ASN B 418 -37.92 9.23 -17.32
C ASN B 418 -39.17 9.98 -17.79
N GLU B 419 -38.99 11.28 -18.03
CA GLU B 419 -40.02 12.22 -18.40
C GLU B 419 -40.96 12.55 -17.25
N TYR B 420 -40.72 12.01 -16.06
CA TYR B 420 -41.48 12.34 -14.86
C TYR B 420 -40.63 13.17 -13.92
N VAL B 421 -41.25 14.14 -13.27
CA VAL B 421 -40.55 15.11 -12.43
C VAL B 421 -41.30 15.24 -11.13
N ILE B 422 -40.58 15.08 -10.01
CA ILE B 422 -41.20 15.21 -8.70
C ILE B 422 -41.79 16.60 -8.55
N THR B 423 -42.95 16.67 -7.88
CA THR B 423 -43.59 17.95 -7.62
C THR B 423 -44.18 18.06 -6.22
N LYS B 424 -44.22 16.98 -5.43
CA LYS B 424 -44.78 17.03 -4.09
C LYS B 424 -44.14 15.95 -3.23
N ILE B 425 -43.98 16.27 -1.95
CA ILE B 425 -43.44 15.34 -0.96
C ILE B 425 -44.20 15.56 0.33
N ASP B 426 -44.92 14.53 0.79
CA ASP B 426 -45.79 14.63 1.96
C ASP B 426 -45.22 13.76 3.07
N PHE B 427 -44.66 14.40 4.10
CA PHE B 427 -44.24 13.71 5.31
C PHE B 427 -45.39 13.69 6.30
N THR B 428 -45.73 12.50 6.78
CA THR B 428 -46.81 12.32 7.75
C THR B 428 -46.26 11.59 8.96
N LYS B 429 -46.12 12.31 10.08
CA LYS B 429 -45.64 11.75 11.34
C LYS B 429 -46.85 11.61 12.26
N LYS B 430 -47.32 10.37 12.43
CA LYS B 430 -48.54 10.10 13.18
C LYS B 430 -48.26 9.61 14.60
N MET B 431 -47.63 8.45 14.73
CA MET B 431 -47.41 7.79 16.01
C MET B 431 -45.95 7.41 16.17
N LYS B 432 -45.06 8.38 15.94
CA LYS B 432 -43.62 8.21 16.03
C LYS B 432 -43.05 7.48 14.82
N THR B 433 -43.81 7.42 13.73
CA THR B 433 -43.37 6.80 12.49
C THR B 433 -43.31 7.87 11.42
N LEU B 434 -42.13 8.07 10.85
CA LEU B 434 -41.95 9.02 9.77
C LEU B 434 -42.22 8.30 8.44
N ARG B 435 -43.15 8.82 7.66
CA ARG B 435 -43.58 8.18 6.43
C ARG B 435 -43.82 9.26 5.38
N TYR B 436 -43.11 9.17 4.27
CA TYR B 436 -43.17 10.17 3.21
C TYR B 436 -43.79 9.58 1.95
N GLU B 437 -44.62 10.38 1.29
CA GLU B 437 -45.20 10.03 0.00
C GLU B 437 -44.80 11.08 -1.02
N VAL B 438 -44.48 10.63 -2.23
CA VAL B 438 -43.96 11.50 -3.29
C VAL B 438 -44.88 11.41 -4.48
N THR B 439 -45.05 12.54 -5.17
CA THR B 439 -45.84 12.63 -6.39
C THR B 439 -44.98 13.20 -7.50
N ALA B 440 -45.14 12.66 -8.71
CA ALA B 440 -44.34 13.07 -9.85
C ALA B 440 -45.27 13.31 -11.03
N ASN B 441 -45.23 14.53 -11.56
CA ASN B 441 -46.02 14.86 -12.73
C ASN B 441 -45.26 14.49 -14.00
N PHE B 442 -46.00 14.34 -15.09
CA PHE B 442 -45.41 14.00 -16.39
C PHE B 442 -44.84 15.26 -17.04
N TYR B 443 -43.63 15.15 -17.57
CA TYR B 443 -42.95 16.26 -18.22
C TYR B 443 -42.53 15.83 -19.62
N ASP B 444 -42.91 16.61 -20.62
CA ASP B 444 -42.57 16.34 -22.00
C ASP B 444 -41.20 16.93 -22.29
N SER B 445 -40.23 16.05 -22.62
CA SER B 445 -38.87 16.51 -22.84
C SER B 445 -38.80 17.54 -23.95
N SER B 446 -39.57 17.36 -25.02
CA SER B 446 -39.50 18.26 -26.16
C SER B 446 -39.94 19.66 -25.78
N THR B 447 -41.10 19.78 -25.12
CA THR B 447 -41.63 21.06 -24.70
C THR B 447 -41.26 21.33 -23.25
N GLY B 448 -41.72 22.48 -22.74
CA GLY B 448 -41.41 22.87 -21.38
C GLY B 448 -42.61 22.88 -20.45
N GLU B 449 -43.64 22.11 -20.79
CA GLU B 449 -44.87 22.07 -20.02
C GLU B 449 -44.97 20.76 -19.24
N ILE B 450 -45.47 20.85 -18.02
CA ILE B 450 -45.66 19.69 -17.15
C ILE B 450 -47.15 19.43 -17.05
N ASP B 451 -47.59 18.30 -17.62
CA ASP B 451 -49.01 17.96 -17.62
C ASP B 451 -49.43 17.45 -16.25
N LEU B 452 -50.74 17.41 -16.04
CA LEU B 452 -51.30 16.95 -14.77
C LEU B 452 -51.61 15.44 -14.84
N ASN B 453 -50.58 14.68 -15.20
CA ASN B 453 -50.59 13.22 -15.16
C ASN B 453 -49.62 12.80 -14.07
N LYS B 454 -50.15 12.28 -12.97
CA LYS B 454 -49.39 12.12 -11.74
C LYS B 454 -49.15 10.65 -11.44
N LYS B 455 -47.98 10.35 -10.91
CA LYS B 455 -47.65 9.04 -10.35
C LYS B 455 -47.26 9.23 -8.88
N LYS B 456 -47.92 8.50 -8.00
CA LYS B 456 -47.73 8.62 -6.57
C LYS B 456 -47.06 7.35 -6.04
N VAL B 457 -45.97 7.51 -5.30
CA VAL B 457 -45.26 6.39 -4.70
C VAL B 457 -45.00 6.72 -3.24
N GLU B 458 -45.19 5.74 -2.37
CA GLU B 458 -45.03 5.91 -0.93
C GLU B 458 -43.81 5.11 -0.46
N SER B 459 -43.54 5.22 0.83
CA SER B 459 -42.46 4.45 1.45
C SER B 459 -42.96 3.03 1.71
N SER B 460 -42.33 2.06 1.06
CA SER B 460 -42.76 0.67 1.21
C SER B 460 -42.68 0.26 2.67
N GLU B 461 -43.63 -0.59 3.09
CA GLU B 461 -43.73 -0.98 4.49
C GLU B 461 -42.60 -1.90 4.90
N ALA B 462 -42.36 -2.96 4.12
CA ALA B 462 -41.51 -4.06 4.56
C ALA B 462 -40.12 -3.64 5.00
N GLU B 463 -39.70 -2.41 4.71
CA GLU B 463 -38.37 -1.93 5.05
C GLU B 463 -38.49 -0.65 5.86
N TYR B 464 -38.62 -0.78 7.18
CA TYR B 464 -38.55 0.33 8.10
C TYR B 464 -37.42 0.11 9.11
N ARG B 465 -36.87 1.21 9.61
CA ARG B 465 -35.78 1.17 10.57
C ARG B 465 -36.11 2.10 11.74
N THR B 466 -35.81 1.64 12.95
CA THR B 466 -36.19 2.33 14.17
C THR B 466 -34.95 2.83 14.91
N LEU B 467 -35.00 4.09 15.34
CA LEU B 467 -33.99 4.65 16.23
C LEU B 467 -34.54 4.63 17.64
N SER B 468 -33.86 3.92 18.54
CA SER B 468 -34.30 3.81 19.92
C SER B 468 -34.14 5.15 20.63
N ALA B 469 -34.93 5.34 21.69
CA ALA B 469 -34.87 6.57 22.46
C ALA B 469 -33.48 6.74 23.07
N ASN B 470 -32.93 7.94 22.95
CA ASN B 470 -31.63 8.25 23.52
C ASN B 470 -31.62 9.70 23.98
N ASP B 471 -30.94 9.95 25.10
CA ASP B 471 -30.90 11.30 25.65
C ASP B 471 -30.28 12.28 24.66
N ASP B 472 -29.22 11.87 23.97
CA ASP B 472 -28.60 12.73 22.98
C ASP B 472 -29.49 12.85 21.75
N GLY B 473 -29.36 13.98 21.06
CA GLY B 473 -30.17 14.20 19.87
C GLY B 473 -29.70 13.38 18.68
N VAL B 474 -30.61 13.23 17.72
CA VAL B 474 -30.31 12.50 16.49
C VAL B 474 -29.50 13.41 15.56
N TYR B 475 -28.90 12.80 14.54
CA TYR B 475 -28.16 13.55 13.52
C TYR B 475 -29.10 13.83 12.35
N MET B 476 -29.43 15.08 12.17
CA MET B 476 -30.31 15.56 11.12
C MET B 476 -29.50 16.11 9.95
N PRO B 477 -30.02 15.99 8.73
CA PRO B 477 -29.27 16.50 7.57
C PRO B 477 -28.94 17.98 7.70
N LEU B 478 -27.92 18.39 6.93
CA LEU B 478 -27.51 19.78 6.89
C LEU B 478 -26.75 20.03 5.60
N GLY B 479 -27.08 21.12 4.92
CA GLY B 479 -26.38 21.54 3.72
C GLY B 479 -27.33 21.68 2.56
N VAL B 480 -26.75 21.73 1.37
CA VAL B 480 -27.49 21.92 0.13
C VAL B 480 -27.70 20.55 -0.50
N ILE B 481 -28.95 20.08 -0.48
CA ILE B 481 -29.32 18.82 -1.13
C ILE B 481 -29.78 19.21 -2.54
N SER B 482 -28.85 19.25 -3.47
CA SER B 482 -29.15 19.70 -4.82
C SER B 482 -27.97 19.41 -5.72
N GLU B 483 -28.27 19.01 -6.96
CA GLU B 483 -27.23 18.83 -7.97
C GLU B 483 -26.40 20.10 -8.07
N THR B 484 -25.14 19.98 -8.50
CA THR B 484 -24.30 21.16 -8.64
C THR B 484 -24.98 22.24 -9.49
N PHE B 485 -25.91 21.84 -10.35
CA PHE B 485 -26.72 22.78 -11.13
C PHE B 485 -28.18 22.39 -10.98
N LEU B 486 -29.01 23.35 -10.59
CA LEU B 486 -30.43 23.08 -10.36
C LEU B 486 -31.03 22.34 -11.55
N THR B 487 -31.60 21.18 -11.27
CA THR B 487 -32.26 20.36 -12.28
C THR B 487 -33.43 19.65 -11.62
N PRO B 488 -34.40 19.19 -12.41
CA PRO B 488 -35.51 18.42 -11.83
C PRO B 488 -35.02 17.17 -11.12
N ILE B 489 -35.84 16.68 -10.20
CA ILE B 489 -35.54 15.49 -9.42
C ILE B 489 -36.30 14.31 -10.01
N ASN B 490 -35.60 13.19 -10.20
CA ASN B 490 -36.20 11.98 -10.73
C ASN B 490 -36.52 10.96 -9.65
N GLY B 491 -35.83 10.98 -8.52
CA GLY B 491 -36.09 10.05 -7.45
C GLY B 491 -35.82 10.69 -6.11
N PHE B 492 -36.39 10.08 -5.07
CA PHE B 492 -36.26 10.62 -3.71
C PHE B 492 -36.29 9.48 -2.71
N GLY B 493 -35.47 9.59 -1.67
CA GLY B 493 -35.46 8.60 -0.62
C GLY B 493 -34.86 9.14 0.65
N LEU B 494 -35.13 8.42 1.74
CA LEU B 494 -34.59 8.75 3.05
C LEU B 494 -34.03 7.48 3.68
N GLN B 495 -32.85 7.60 4.28
CA GLN B 495 -32.18 6.47 4.92
C GLN B 495 -31.86 6.84 6.36
N ALA B 496 -31.87 5.82 7.22
CA ALA B 496 -31.58 5.99 8.64
C ALA B 496 -30.62 4.90 9.08
N ASP B 497 -29.71 5.26 9.98
CA ASP B 497 -28.70 4.35 10.50
C ASP B 497 -28.74 4.41 12.01
N GLU B 498 -28.95 3.25 12.65
CA GLU B 498 -29.11 3.20 14.10
C GLU B 498 -27.76 3.17 14.81
N ASN B 499 -26.80 2.41 14.27
CA ASN B 499 -25.48 2.33 14.91
C ASN B 499 -24.85 3.70 15.07
N SER B 500 -25.20 4.65 14.20
CA SER B 500 -24.71 6.02 14.27
C SER B 500 -25.81 7.05 14.43
N ARG B 501 -27.08 6.65 14.31
CA ARG B 501 -28.21 7.58 14.47
C ARG B 501 -28.18 8.66 13.40
N LEU B 502 -27.80 8.28 12.18
CA LEU B 502 -27.73 9.22 11.08
C LEU B 502 -28.99 9.18 10.24
N ILE B 503 -29.36 10.34 9.68
CA ILE B 503 -30.49 10.45 8.77
C ILE B 503 -30.00 11.16 7.52
N THR B 504 -30.32 10.60 6.35
CA THR B 504 -29.82 11.12 5.09
C THR B 504 -30.92 11.17 4.05
N LEU B 505 -31.12 12.35 3.46
CA LEU B 505 -31.97 12.49 2.29
C LEU B 505 -31.13 12.28 1.03
N THR B 506 -31.66 11.52 0.09
CA THR B 506 -30.92 11.16 -1.12
C THR B 506 -31.88 11.26 -2.31
N CYS B 507 -31.64 12.23 -3.18
CA CYS B 507 -32.44 12.42 -4.38
C CYS B 507 -31.64 12.01 -5.61
N LYS B 508 -32.34 11.98 -6.74
CA LYS B 508 -31.77 11.53 -8.01
C LYS B 508 -32.27 12.45 -9.10
N SER B 509 -31.33 13.05 -9.85
CA SER B 509 -31.62 14.15 -10.76
C SER B 509 -31.56 13.68 -12.21
N TYR B 510 -31.73 14.65 -13.11
CA TYR B 510 -31.76 14.41 -14.55
C TYR B 510 -30.57 15.05 -15.26
N LEU B 511 -29.51 15.41 -14.52
CA LEU B 511 -28.41 16.16 -15.12
C LEU B 511 -27.81 15.40 -16.30
N ARG B 512 -27.70 14.08 -16.20
CA ARG B 512 -27.15 13.31 -17.31
C ARG B 512 -27.95 13.54 -18.58
N GLU B 513 -29.28 13.58 -18.46
CA GLU B 513 -30.12 13.76 -19.64
C GLU B 513 -29.94 15.15 -20.23
N LEU B 514 -29.97 16.17 -19.36
CA LEU B 514 -29.76 17.54 -19.82
C LEU B 514 -28.44 17.67 -20.57
N LEU B 515 -27.37 17.09 -20.02
CA LEU B 515 -26.07 17.17 -20.67
C LEU B 515 -26.06 16.43 -22.00
N LEU B 516 -26.46 15.16 -22.00
CA LEU B 516 -26.47 14.37 -23.22
C LEU B 516 -27.33 14.99 -24.30
N ALA B 517 -28.34 15.79 -23.93
CA ALA B 517 -29.22 16.37 -24.93
C ALA B 517 -28.78 17.76 -25.37
N THR B 518 -28.04 18.49 -24.54
CA THR B 518 -27.69 19.87 -24.85
C THR B 518 -26.19 20.06 -25.01
N ASP B 519 -25.48 20.33 -23.92
CA ASP B 519 -24.10 20.79 -24.03
C ASP B 519 -23.21 19.76 -24.67
N LEU B 520 -23.40 18.48 -24.34
CA LEU B 520 -22.59 17.42 -24.94
C LEU B 520 -23.02 17.11 -26.37
N SER B 521 -23.99 17.83 -26.91
CA SER B 521 -24.36 17.76 -28.32
C SER B 521 -23.96 19.03 -29.06
N ASN B 522 -23.07 19.83 -28.48
CA ASN B 522 -22.62 21.10 -29.05
C ASN B 522 -23.73 22.14 -29.09
N LYS B 523 -24.75 21.99 -28.25
CA LYS B 523 -25.86 22.93 -28.18
C LYS B 523 -25.49 24.05 -27.20
N GLU B 524 -26.50 24.72 -26.64
CA GLU B 524 -26.30 25.78 -25.67
C GLU B 524 -26.97 25.39 -24.34
N THR B 525 -26.42 25.89 -23.25
CA THR B 525 -26.93 25.60 -21.92
C THR B 525 -26.70 26.79 -21.00
N LYS B 526 -27.66 27.00 -20.09
CA LYS B 526 -27.54 27.99 -19.03
C LYS B 526 -27.84 27.27 -17.72
N LEU B 527 -26.79 26.72 -17.11
CA LEU B 527 -26.93 25.95 -15.87
C LEU B 527 -26.91 26.92 -14.69
N ILE B 528 -27.92 26.80 -13.83
CA ILE B 528 -28.08 27.67 -12.67
C ILE B 528 -27.44 26.99 -11.48
N VAL B 529 -26.59 27.73 -10.76
CA VAL B 529 -25.92 27.22 -9.57
C VAL B 529 -26.83 27.47 -8.37
N PRO B 530 -26.90 26.57 -7.39
CA PRO B 530 -27.73 26.82 -6.21
C PRO B 530 -27.30 28.11 -5.51
N PRO B 531 -28.19 29.09 -5.37
CA PRO B 531 -27.81 30.34 -4.72
C PRO B 531 -27.57 30.13 -3.22
N SER B 532 -26.45 30.64 -2.74
CA SER B 532 -26.09 30.51 -1.32
C SER B 532 -26.85 31.48 -0.43
N GLY B 533 -27.76 32.27 -0.98
CA GLY B 533 -28.54 33.21 -0.19
C GLY B 533 -30.02 33.09 -0.48
N PHE B 534 -30.82 33.53 0.49
CA PHE B 534 -32.26 33.47 0.36
C PHE B 534 -32.72 34.44 -0.72
N ILE B 535 -33.43 33.92 -1.74
CA ILE B 535 -33.98 34.79 -2.78
C ILE B 535 -35.22 35.52 -2.27
N SER B 536 -36.07 34.83 -1.53
CA SER B 536 -37.35 35.37 -1.08
C SER B 536 -37.21 36.32 0.11
N ASN B 537 -35.99 36.69 0.49
CA ASN B 537 -35.81 37.64 1.58
C ASN B 537 -36.48 38.97 1.22
N ILE B 538 -37.43 39.39 2.06
CA ILE B 538 -38.18 40.61 1.79
C ILE B 538 -37.46 41.87 2.24
N VAL B 539 -36.38 41.73 3.00
CA VAL B 539 -35.59 42.87 3.45
C VAL B 539 -34.58 43.17 2.35
N GLU B 540 -34.90 44.13 1.49
CA GLU B 540 -34.00 44.47 0.39
C GLU B 540 -32.66 44.95 0.93
N ASN B 541 -31.58 44.55 0.24
CA ASN B 541 -30.23 44.93 0.64
C ASN B 541 -29.97 44.58 2.10
N GLY B 542 -30.52 43.44 2.55
CA GLY B 542 -30.31 43.02 3.92
C GLY B 542 -28.84 42.93 4.29
N SER B 543 -28.04 42.33 3.41
CA SER B 543 -26.61 42.26 3.65
C SER B 543 -25.96 43.63 3.63
N ILE B 544 -26.64 44.64 3.09
CA ILE B 544 -26.13 46.01 3.06
C ILE B 544 -24.76 46.01 2.40
N GLU B 545 -24.70 45.55 1.15
CA GLU B 545 -23.47 45.58 0.37
C GLU B 545 -23.37 46.81 -0.50
N GLU B 546 -24.51 47.29 -1.02
CA GLU B 546 -24.54 48.53 -1.78
C GLU B 546 -24.38 49.71 -0.83
N ASP B 547 -23.32 50.50 -1.03
CA ASP B 547 -23.02 51.58 -0.09
C ASP B 547 -24.14 52.62 0.00
N ASN B 548 -24.93 52.79 -1.06
CA ASN B 548 -26.02 53.77 -1.06
C ASN B 548 -27.26 53.12 -0.47
N LEU B 549 -27.71 53.61 0.68
CA LEU B 549 -28.87 53.06 1.38
C LEU B 549 -30.15 53.64 0.79
N GLU B 550 -30.43 53.25 -0.45
CA GLU B 550 -31.67 53.66 -1.10
C GLU B 550 -32.85 52.97 -0.43
N PRO B 551 -32.76 51.67 -0.10
CA PRO B 551 -33.86 51.02 0.62
C PRO B 551 -33.98 51.54 2.04
N TRP B 552 -32.89 51.46 2.80
CA TRP B 552 -32.86 51.95 4.16
C TRP B 552 -32.82 53.49 4.16
N LYS B 553 -32.75 54.07 5.36
CA LYS B 553 -32.70 55.50 5.51
C LYS B 553 -32.46 55.84 6.98
N ALA B 554 -31.88 57.01 7.22
CA ALA B 554 -31.59 57.49 8.56
C ALA B 554 -32.45 58.72 8.84
N ASN B 555 -33.11 58.72 10.00
CA ASN B 555 -33.99 59.82 10.36
C ASN B 555 -33.19 61.07 10.72
N ASN B 556 -32.18 60.92 11.57
CA ASN B 556 -31.38 62.04 12.06
C ASN B 556 -29.95 61.92 11.54
N LYS B 557 -29.22 63.04 11.61
CA LYS B 557 -27.84 63.07 11.14
C LYS B 557 -26.95 62.22 12.04
N ASN B 558 -27.16 60.92 12.01
CA ASN B 558 -26.33 59.96 12.73
C ASN B 558 -26.73 58.58 12.22
N ALA B 559 -26.14 57.54 12.83
CA ALA B 559 -26.42 56.18 12.41
C ALA B 559 -26.15 56.04 10.91
N TYR B 560 -24.89 55.78 10.56
CA TYR B 560 -24.42 55.79 9.18
C TYR B 560 -23.87 54.41 8.83
N VAL B 561 -23.31 54.30 7.63
CA VAL B 561 -22.76 53.05 7.13
C VAL B 561 -21.32 52.93 7.60
N ASP B 562 -21.09 52.05 8.57
CA ASP B 562 -19.74 51.77 9.07
C ASP B 562 -19.14 50.68 8.20
N HIS B 563 -18.25 51.07 7.29
CA HIS B 563 -17.65 50.10 6.37
C HIS B 563 -16.80 49.09 7.13
N THR B 564 -16.07 49.54 8.15
CA THR B 564 -15.25 48.62 8.94
C THR B 564 -16.10 47.56 9.62
N GLY B 565 -17.36 47.88 9.93
CA GLY B 565 -18.25 46.93 10.54
C GLY B 565 -18.93 46.01 9.53
N GLY B 566 -19.60 45.00 10.05
CA GLY B 566 -20.31 44.04 9.25
C GLY B 566 -19.63 42.67 9.27
N VAL B 567 -20.24 41.74 8.54
CA VAL B 567 -19.72 40.38 8.44
C VAL B 567 -18.43 40.42 7.64
N ASN B 568 -17.32 40.74 8.32
CA ASN B 568 -16.01 40.79 7.70
C ASN B 568 -15.99 41.83 6.57
N GLY B 569 -16.19 41.38 5.33
CA GLY B 569 -16.10 42.28 4.19
C GLY B 569 -17.45 42.76 3.70
N THR B 570 -18.12 43.59 4.50
CA THR B 570 -19.39 44.18 4.11
C THR B 570 -19.46 45.59 4.69
N LYS B 571 -20.64 46.20 4.58
CA LYS B 571 -20.88 47.56 5.07
C LYS B 571 -22.08 47.50 6.02
N ALA B 572 -21.81 47.55 7.32
CA ALA B 572 -22.85 47.40 8.31
C ALA B 572 -23.60 48.71 8.55
N LEU B 573 -24.81 48.58 9.08
CA LEU B 573 -25.58 49.73 9.57
C LEU B 573 -25.19 49.99 11.01
N TYR B 574 -25.10 51.27 11.37
CA TYR B 574 -24.60 51.69 12.68
C TYR B 574 -25.59 52.67 13.31
N VAL B 575 -25.56 52.73 14.64
CA VAL B 575 -26.40 53.65 15.40
C VAL B 575 -25.62 54.13 16.61
N HIS B 576 -25.80 55.41 16.95
CA HIS B 576 -25.05 56.05 18.03
C HIS B 576 -25.98 56.69 19.06
N LYS B 577 -26.63 57.80 18.73
CA LYS B 577 -27.45 58.52 19.71
C LYS B 577 -28.88 57.96 19.75
N ASP B 578 -29.79 58.59 19.00
CA ASP B 578 -31.19 58.22 19.01
C ASP B 578 -31.79 58.09 17.62
N GLY B 579 -31.00 58.28 16.57
CA GLY B 579 -31.50 58.13 15.22
C GLY B 579 -31.36 56.71 14.71
N GLY B 580 -32.49 56.05 14.49
CA GLY B 580 -32.51 54.65 14.07
C GLY B 580 -32.70 54.54 12.57
N ILE B 581 -32.01 53.57 11.98
CA ILE B 581 -32.11 53.34 10.55
C ILE B 581 -33.30 52.43 10.29
N SER B 582 -34.18 52.86 9.38
CA SER B 582 -35.45 52.18 9.15
C SER B 582 -35.61 51.84 7.68
N GLN B 583 -36.38 50.79 7.42
CA GLN B 583 -36.68 50.36 6.06
C GLN B 583 -38.15 49.95 5.98
N PHE B 584 -38.84 50.45 4.95
CA PHE B 584 -40.25 50.17 4.77
C PHE B 584 -40.42 48.81 4.10
N ILE B 585 -41.14 47.91 4.77
CA ILE B 585 -41.41 46.58 4.25
C ILE B 585 -42.80 46.14 4.70
N GLY B 586 -43.73 47.08 4.78
CA GLY B 586 -45.07 46.75 5.23
C GLY B 586 -45.87 45.98 4.19
N ASP B 587 -45.78 46.39 2.93
CA ASP B 587 -46.58 45.78 1.87
C ASP B 587 -46.25 44.30 1.74
N LYS B 588 -45.00 43.98 1.44
CA LYS B 588 -44.58 42.60 1.21
C LYS B 588 -44.65 41.78 2.48
N LEU B 589 -45.86 41.57 2.99
CA LEU B 589 -46.08 40.75 4.18
C LEU B 589 -47.48 40.15 4.09
N LYS B 590 -47.88 39.43 5.13
CA LYS B 590 -49.22 38.85 5.20
C LYS B 590 -49.68 38.90 6.65
N PRO B 591 -50.98 38.84 6.90
CA PRO B 591 -51.48 38.87 8.27
C PRO B 591 -51.55 37.49 8.92
N LYS B 592 -51.02 37.37 10.14
CA LYS B 592 -51.08 36.17 10.96
C LYS B 592 -50.22 35.02 10.42
N THR B 593 -49.52 35.23 9.30
CA THR B 593 -48.62 34.21 8.80
C THR B 593 -47.28 34.30 9.53
N GLU B 594 -46.72 33.15 9.89
CA GLU B 594 -45.49 33.13 10.66
C GLU B 594 -44.32 33.60 9.81
N TYR B 595 -43.35 34.24 10.48
CA TYR B 595 -42.17 34.79 9.83
C TYR B 595 -40.95 34.50 10.69
N VAL B 596 -39.79 34.46 10.03
CA VAL B 596 -38.51 34.21 10.68
C VAL B 596 -37.61 35.41 10.44
N ILE B 597 -37.06 35.96 11.52
CA ILE B 597 -36.14 37.09 11.46
C ILE B 597 -34.75 36.60 11.81
N GLN B 598 -33.74 37.17 11.15
CA GLN B 598 -32.36 36.81 11.39
C GLN B 598 -31.48 38.02 11.13
N TYR B 599 -30.41 38.17 11.92
CA TYR B 599 -29.49 39.28 11.73
C TYR B 599 -28.30 39.13 12.66
N THR B 600 -27.13 39.57 12.19
CA THR B 600 -25.93 39.61 13.01
C THR B 600 -25.72 41.04 13.50
N VAL B 601 -25.27 41.18 14.74
CA VAL B 601 -25.09 42.51 15.31
C VAL B 601 -23.94 42.48 16.31
N LYS B 602 -23.36 43.66 16.54
CA LYS B 602 -22.30 43.88 17.51
C LYS B 602 -22.62 45.13 18.32
N GLY B 603 -22.32 45.08 19.61
CA GLY B 603 -22.63 46.17 20.51
C GLY B 603 -23.89 45.95 21.30
N LYS B 604 -24.61 47.03 21.62
CA LYS B 604 -25.87 46.99 22.34
C LYS B 604 -26.96 47.53 21.42
N PRO B 605 -27.50 46.68 20.53
CA PRO B 605 -28.48 47.16 19.55
C PRO B 605 -29.92 47.13 20.07
N SER B 606 -30.87 47.49 19.20
CA SER B 606 -32.29 47.35 19.52
C SER B 606 -33.06 47.31 18.21
N ILE B 607 -33.62 46.16 17.88
CA ILE B 607 -34.32 45.94 16.62
C ILE B 607 -35.82 45.90 16.89
N HIS B 608 -36.60 46.52 16.00
CA HIS B 608 -38.04 46.56 16.18
C HIS B 608 -38.73 46.56 14.82
N LEU B 609 -39.67 45.64 14.63
CA LEU B 609 -40.54 45.65 13.45
C LEU B 609 -41.83 46.35 13.87
N LYS B 610 -41.89 47.66 13.64
CA LYS B 610 -42.92 48.49 14.24
C LYS B 610 -43.84 49.05 13.15
N ASP B 611 -45.10 49.25 13.52
CA ASP B 611 -46.10 49.85 12.65
C ASP B 611 -46.34 51.29 13.06
N GLU B 612 -46.21 52.21 12.10
CA GLU B 612 -46.45 53.62 12.40
C GLU B 612 -47.86 53.83 12.94
N ASN B 613 -48.85 53.23 12.29
CA ASN B 613 -50.22 53.24 12.79
C ASN B 613 -50.40 52.12 13.80
N THR B 614 -51.04 52.43 14.93
CA THR B 614 -51.26 51.46 15.99
C THR B 614 -49.95 51.12 16.68
N GLY B 615 -49.99 50.87 17.98
CA GLY B 615 -48.79 50.59 18.75
C GLY B 615 -48.40 49.13 18.77
N TYR B 616 -48.84 48.37 17.77
CA TYR B 616 -48.48 46.96 17.71
C TYR B 616 -46.99 46.79 17.48
N ILE B 617 -46.38 45.87 18.22
CA ILE B 617 -44.95 45.59 18.14
C ILE B 617 -44.80 44.11 17.81
N HIS B 618 -44.64 43.81 16.53
CA HIS B 618 -44.51 42.42 16.09
C HIS B 618 -43.29 41.77 16.71
N TYR B 619 -42.10 42.16 16.25
CA TYR B 619 -40.85 41.64 16.77
C TYR B 619 -40.09 42.78 17.46
N GLU B 620 -39.57 42.49 18.65
CA GLU B 620 -38.78 43.45 19.40
C GLU B 620 -37.62 42.72 20.06
N ASP B 621 -36.41 43.26 19.91
CA ASP B 621 -35.22 42.68 20.51
C ASP B 621 -34.41 43.81 21.13
N THR B 622 -34.27 43.79 22.45
CA THR B 622 -33.58 44.83 23.20
C THR B 622 -32.65 44.20 24.22
N ASN B 623 -31.79 45.03 24.80
CA ASN B 623 -30.88 44.60 25.86
C ASN B 623 -30.07 43.37 25.43
N ASN B 624 -28.99 43.59 24.71
CA ASN B 624 -28.10 42.50 24.29
C ASN B 624 -26.68 43.06 24.24
N ASN B 625 -25.95 42.88 25.34
CA ASN B 625 -24.57 43.36 25.43
C ASN B 625 -23.65 42.49 24.58
N LEU B 626 -23.85 42.50 23.27
CA LEU B 626 -23.07 41.69 22.34
C LEU B 626 -21.76 42.41 22.06
N GLU B 627 -20.77 42.20 22.92
CA GLU B 627 -19.46 42.81 22.70
C GLU B 627 -18.88 42.37 21.37
N ASP B 628 -19.08 41.11 20.99
CA ASP B 628 -18.66 40.57 19.71
C ASP B 628 -19.87 40.31 18.84
N TYR B 629 -19.62 40.06 17.56
CA TYR B 629 -20.70 39.81 16.61
C TYR B 629 -21.45 38.54 16.99
N GLN B 630 -22.77 38.67 17.12
CA GLN B 630 -23.65 37.54 17.44
C GLN B 630 -24.80 37.52 16.44
N THR B 631 -25.20 36.32 16.04
CA THR B 631 -26.24 36.11 15.04
C THR B 631 -27.51 35.66 15.75
N ILE B 632 -28.53 36.53 15.75
CA ILE B 632 -29.81 36.24 16.37
C ILE B 632 -30.79 35.79 15.31
N ASN B 633 -31.52 34.72 15.60
CA ASN B 633 -32.60 34.23 14.74
C ASN B 633 -33.81 33.94 15.62
N LYS B 634 -34.97 34.48 15.24
CA LYS B 634 -36.19 34.32 16.01
C LYS B 634 -37.35 34.08 15.06
N ARG B 635 -38.50 33.69 15.63
CA ARG B 635 -39.73 33.51 14.91
C ARG B 635 -40.81 34.41 15.51
N PHE B 636 -41.80 34.76 14.70
CA PHE B 636 -42.87 35.64 15.18
C PHE B 636 -44.04 35.54 14.20
N THR B 637 -45.09 36.32 14.49
CA THR B 637 -46.26 36.42 13.63
C THR B 637 -46.65 37.88 13.51
N THR B 638 -47.55 38.17 12.57
CA THR B 638 -47.98 39.54 12.28
C THR B 638 -49.48 39.65 12.39
N GLY B 639 -49.96 40.78 12.90
CA GLY B 639 -51.38 41.01 13.05
C GLY B 639 -51.76 42.48 13.22
N THR B 640 -51.83 43.21 12.12
CA THR B 640 -52.21 44.61 12.15
C THR B 640 -52.45 45.15 10.74
N ASP B 641 -52.43 46.48 10.59
CA ASP B 641 -52.65 47.07 9.27
C ASP B 641 -51.65 46.54 8.25
N LEU B 642 -50.41 46.29 8.68
CA LEU B 642 -49.41 45.64 7.86
C LEU B 642 -48.83 46.59 6.82
N LYS B 643 -49.69 47.28 6.08
CA LYS B 643 -49.23 48.20 5.05
C LYS B 643 -48.43 49.36 5.61
N GLY B 644 -48.47 49.59 6.93
CA GLY B 644 -47.70 50.67 7.54
C GLY B 644 -46.64 50.16 8.50
N VAL B 645 -46.17 48.94 8.27
CA VAL B 645 -45.15 48.31 9.10
C VAL B 645 -43.79 48.51 8.46
N TYR B 646 -42.76 48.62 9.29
CA TYR B 646 -41.41 48.78 8.78
C TYR B 646 -40.41 48.40 9.87
N LEU B 647 -39.20 48.04 9.42
CA LEU B 647 -38.14 47.62 10.32
C LEU B 647 -37.33 48.83 10.77
N ILE B 648 -36.84 48.76 12.01
CA ILE B 648 -36.11 49.86 12.63
C ILE B 648 -34.96 49.28 13.46
N LEU B 649 -33.80 49.92 13.38
CA LEU B 649 -32.63 49.57 14.17
C LEU B 649 -32.17 50.82 14.91
N LYS B 650 -32.26 50.78 16.24
CA LYS B 650 -31.80 51.84 17.11
C LYS B 650 -30.76 51.28 18.07
N SER B 651 -30.26 52.14 18.95
CA SER B 651 -29.34 51.74 20.01
C SER B 651 -30.06 51.79 21.35
N GLN B 652 -29.83 50.75 22.16
CA GLN B 652 -30.46 50.67 23.48
C GLN B 652 -30.09 51.91 24.30
N ASN B 653 -31.11 52.64 24.73
CA ASN B 653 -30.91 53.87 25.49
C ASN B 653 -30.10 54.88 24.68
N GLY B 654 -28.79 54.92 24.90
CA GLY B 654 -27.94 55.89 24.23
C GLY B 654 -26.64 55.32 23.72
N ASP B 655 -26.38 54.04 23.97
CA ASP B 655 -25.14 53.42 23.55
C ASP B 655 -25.07 53.38 22.02
N GLU B 656 -24.06 52.71 21.49
CA GLU B 656 -23.87 52.57 20.05
C GLU B 656 -23.75 51.09 19.68
N ALA B 657 -24.16 50.76 18.47
CA ALA B 657 -24.12 49.38 18.02
C ALA B 657 -24.34 49.33 16.51
N TRP B 658 -23.84 48.27 15.88
CA TRP B 658 -23.97 48.14 14.43
C TRP B 658 -24.21 46.68 14.05
N GLY B 659 -25.08 46.49 13.06
CA GLY B 659 -25.46 45.15 12.61
C GLY B 659 -25.48 45.06 11.09
N ASP B 660 -25.87 43.88 10.64
CA ASP B 660 -25.85 43.54 9.21
C ASP B 660 -26.56 42.19 9.05
N ASN B 661 -26.68 41.76 7.79
CA ASN B 661 -27.23 40.45 7.45
C ASN B 661 -28.68 40.33 7.91
N PHE B 662 -29.48 41.35 7.59
CA PHE B 662 -30.88 41.36 7.95
C PHE B 662 -31.68 40.50 6.99
N ILE B 663 -32.46 39.57 7.53
CA ILE B 663 -33.21 38.60 6.74
C ILE B 663 -34.57 38.41 7.39
N ILE B 664 -35.62 38.47 6.57
CA ILE B 664 -36.99 38.20 7.02
C ILE B 664 -37.60 37.24 6.01
N LEU B 665 -37.89 36.03 6.46
CA LEU B 665 -38.39 34.96 5.59
C LEU B 665 -39.83 34.61 5.96
N GLU B 666 -40.63 34.33 4.93
CA GLU B 666 -42.02 33.91 5.10
C GLU B 666 -42.07 32.39 5.03
N ILE B 667 -42.21 31.74 6.18
CA ILE B 667 -42.25 30.29 6.24
C ILE B 667 -43.66 29.81 5.93
N SER B 668 -43.75 28.75 5.13
CA SER B 668 -45.05 28.25 4.73
C SER B 668 -45.80 27.68 5.93
N PRO B 669 -47.11 27.92 6.04
CA PRO B 669 -47.86 27.38 7.18
C PRO B 669 -47.80 25.86 7.22
N SER B 670 -47.71 25.32 8.43
CA SER B 670 -47.70 23.87 8.64
C SER B 670 -49.12 23.40 8.94
N GLU B 671 -49.54 22.34 8.26
CA GLU B 671 -50.88 21.79 8.43
C GLU B 671 -50.88 20.78 9.58
N LYS B 672 -51.93 20.83 10.39
CA LYS B 672 -52.08 19.90 11.50
C LYS B 672 -52.59 18.56 10.98
N LEU B 673 -51.91 17.48 11.37
CA LEU B 673 -52.27 16.14 10.92
C LEU B 673 -53.60 15.72 11.54
N LEU B 674 -54.62 15.55 10.71
CA LEU B 674 -55.94 15.14 11.17
C LEU B 674 -56.04 13.62 11.17
N SER B 675 -56.62 13.06 12.23
CA SER B 675 -56.79 11.62 12.36
C SER B 675 -58.27 11.27 12.32
N PRO B 676 -58.73 10.42 11.41
CA PRO B 676 -60.15 10.05 11.41
C PRO B 676 -60.53 9.17 12.59
N GLU B 677 -61.77 9.32 13.04
CA GLU B 677 -62.25 8.53 14.17
C GLU B 677 -62.32 7.04 13.80
N LEU B 678 -62.75 6.75 12.57
CA LEU B 678 -62.64 5.41 11.97
C LEU B 678 -63.68 4.43 12.50
N ILE B 679 -63.91 4.38 13.80
CA ILE B 679 -64.97 3.55 14.38
C ILE B 679 -66.09 4.45 14.89
N ASN B 680 -67.32 4.08 14.59
CA ASN B 680 -68.51 4.65 15.22
C ASN B 680 -69.36 3.52 15.81
N THR B 681 -70.03 3.83 16.92
CA THR B 681 -70.84 2.83 17.61
C THR B 681 -71.90 2.22 16.71
N ASN B 682 -72.23 2.86 15.60
CA ASN B 682 -73.36 2.47 14.78
C ASN B 682 -73.05 1.38 13.76
N ASN B 683 -71.83 0.83 13.76
CA ASN B 683 -71.39 -0.10 12.72
C ASN B 683 -70.74 -1.32 13.36
N TRP B 684 -71.42 -1.92 14.33
CA TRP B 684 -70.93 -3.07 15.08
C TRP B 684 -71.74 -4.29 14.68
N THR B 685 -71.23 -5.04 13.71
CA THR B 685 -71.90 -6.27 13.27
C THR B 685 -71.68 -7.34 14.34
N SER B 686 -72.71 -7.61 15.12
CA SER B 686 -72.61 -8.55 16.23
C SER B 686 -73.28 -9.87 15.87
N THR B 687 -72.72 -10.96 16.40
CA THR B 687 -73.29 -12.28 16.24
C THR B 687 -73.31 -12.97 17.59
N GLY B 688 -74.29 -13.84 17.79
CA GLY B 688 -74.43 -14.54 19.05
C GLY B 688 -74.81 -13.62 20.19
N SER B 689 -74.76 -14.18 21.39
CA SER B 689 -75.13 -13.45 22.60
C SER B 689 -74.13 -12.35 22.90
N THR B 690 -74.39 -11.14 22.39
CA THR B 690 -73.53 -9.98 22.60
C THR B 690 -74.39 -8.73 22.57
N ASN B 691 -74.04 -7.76 23.42
CA ASN B 691 -74.84 -6.55 23.58
C ASN B 691 -73.95 -5.32 23.54
N ILE B 692 -74.40 -4.30 22.80
CA ILE B 692 -73.71 -3.01 22.72
C ILE B 692 -74.61 -1.98 23.37
N SER B 693 -74.15 -1.41 24.49
CA SER B 693 -74.90 -0.43 25.26
C SER B 693 -74.14 0.89 25.20
N GLY B 694 -74.65 1.83 24.41
CA GLY B 694 -74.03 3.14 24.28
C GLY B 694 -72.61 3.07 23.79
N ASN B 695 -71.64 3.17 24.71
CA ASN B 695 -70.23 3.13 24.37
C ASN B 695 -69.52 1.94 25.00
N THR B 696 -70.27 0.90 25.36
CA THR B 696 -69.72 -0.31 25.97
C THR B 696 -70.14 -1.52 25.16
N LEU B 697 -69.24 -2.50 25.04
CA LEU B 697 -69.52 -3.76 24.37
C LEU B 697 -69.41 -4.89 25.38
N THR B 698 -70.28 -5.90 25.24
CA THR B 698 -70.34 -7.00 26.20
C THR B 698 -70.53 -8.30 25.45
N LEU B 699 -69.59 -9.23 25.63
CA LEU B 699 -69.71 -10.59 25.12
C LEU B 699 -70.03 -11.52 26.28
N TYR B 700 -71.12 -12.28 26.14
CA TYR B 700 -71.57 -13.19 27.19
C TYR B 700 -70.86 -14.53 27.04
N GLN B 701 -70.39 -15.07 28.16
CA GLN B 701 -69.74 -16.37 28.14
C GLN B 701 -70.78 -17.46 27.89
N GLY B 702 -70.37 -18.50 27.16
CA GLY B 702 -71.23 -19.60 26.81
C GLY B 702 -71.88 -19.49 25.45
N GLY B 703 -71.85 -18.31 24.83
CA GLY B 703 -72.38 -18.11 23.50
C GLY B 703 -71.27 -17.94 22.47
N ARG B 704 -71.49 -18.47 21.28
CA ARG B 704 -70.52 -18.39 20.19
C ARG B 704 -70.55 -17.05 19.47
N GLY B 705 -70.78 -15.95 20.21
CA GLY B 705 -70.90 -14.65 19.58
C GLY B 705 -69.59 -13.90 19.48
N ILE B 706 -69.54 -12.97 18.53
CA ILE B 706 -68.37 -12.14 18.28
C ILE B 706 -68.83 -10.81 17.71
N LEU B 707 -68.00 -9.78 17.87
CA LEU B 707 -68.28 -8.44 17.36
C LEU B 707 -67.30 -8.15 16.23
N LYS B 708 -67.78 -8.24 14.99
CA LYS B 708 -66.98 -7.92 13.82
C LYS B 708 -67.42 -6.56 13.28
N GLN B 709 -66.45 -5.73 12.93
CA GLN B 709 -66.73 -4.40 12.39
C GLN B 709 -65.81 -4.11 11.22
N ASN B 710 -66.39 -3.65 10.11
CA ASN B 710 -65.62 -3.27 8.94
C ASN B 710 -64.99 -1.90 9.13
N LEU B 711 -63.83 -1.71 8.50
CA LEU B 711 -63.10 -0.46 8.58
C LEU B 711 -62.62 -0.05 7.19
N GLN B 712 -62.14 1.19 7.09
CA GLN B 712 -61.55 1.72 5.87
C GLN B 712 -60.19 2.30 6.24
N LEU B 713 -59.12 1.61 5.86
CA LEU B 713 -57.76 2.01 6.19
C LEU B 713 -57.01 2.39 4.92
N ASP B 714 -56.16 3.40 5.03
CA ASP B 714 -55.34 3.83 3.91
C ASP B 714 -54.36 2.72 3.52
N SER B 715 -53.47 3.03 2.57
CA SER B 715 -52.56 2.02 2.05
C SER B 715 -51.47 1.68 3.06
N PHE B 716 -50.43 2.51 3.17
CA PHE B 716 -49.28 2.23 4.00
C PHE B 716 -49.29 3.03 5.30
N SER B 717 -50.46 3.47 5.74
CA SER B 717 -50.54 4.31 6.93
C SER B 717 -50.45 3.46 8.18
N THR B 718 -50.29 4.14 9.32
CA THR B 718 -50.25 3.50 10.63
C THR B 718 -51.43 3.98 11.46
N TYR B 719 -51.86 3.15 12.40
CA TYR B 719 -52.99 3.49 13.25
C TYR B 719 -52.72 2.98 14.67
N ARG B 720 -53.41 3.58 15.63
CA ARG B 720 -53.31 3.20 17.03
C ARG B 720 -54.70 2.84 17.55
N VAL B 721 -54.78 1.70 18.23
CA VAL B 721 -56.03 1.16 18.76
C VAL B 721 -56.00 1.27 20.27
N TYR B 722 -57.03 1.88 20.84
CA TYR B 722 -57.16 2.05 22.28
C TYR B 722 -58.29 1.16 22.79
N PHE B 723 -58.02 0.43 23.88
CA PHE B 723 -59.01 -0.44 24.50
C PHE B 723 -58.97 -0.25 26.00
N SER B 724 -60.13 -0.44 26.64
CA SER B 724 -60.21 -0.60 28.09
C SER B 724 -61.09 -1.83 28.33
N VAL B 725 -60.46 -2.97 28.64
CA VAL B 725 -61.17 -4.23 28.67
C VAL B 725 -61.18 -4.79 30.08
N SER B 726 -62.26 -5.49 30.41
CA SER B 726 -62.40 -6.20 31.66
C SER B 726 -62.80 -7.64 31.36
N GLY B 727 -62.04 -8.58 31.93
CA GLY B 727 -62.25 -10.00 31.69
C GLY B 727 -61.26 -10.55 30.68
N ASP B 728 -61.56 -11.77 30.24
CA ASP B 728 -60.74 -12.47 29.25
C ASP B 728 -61.27 -12.10 27.86
N ALA B 729 -60.39 -11.52 27.05
CA ALA B 729 -60.80 -11.01 25.73
C ALA B 729 -59.72 -11.31 24.70
N ASN B 730 -60.15 -11.39 23.44
CA ASN B 730 -59.25 -11.50 22.30
C ASN B 730 -59.70 -10.53 21.23
N VAL B 731 -58.73 -9.85 20.60
CA VAL B 731 -59.02 -8.84 19.61
C VAL B 731 -58.09 -9.06 18.41
N ARG B 732 -58.66 -9.04 17.21
CA ARG B 732 -57.90 -9.28 15.99
C ARG B 732 -58.35 -8.30 14.91
N ILE B 733 -57.45 -7.41 14.51
CA ILE B 733 -57.66 -6.51 13.38
C ILE B 733 -56.97 -7.16 12.19
N ARG B 734 -57.75 -7.62 11.21
CA ARG B 734 -57.16 -8.38 10.11
C ARG B 734 -58.00 -8.25 8.86
N ASN B 735 -57.43 -8.75 7.76
CA ASN B 735 -58.09 -8.90 6.47
C ASN B 735 -58.48 -10.36 6.30
N SER B 736 -59.06 -10.70 5.15
CA SER B 736 -59.40 -12.09 4.87
C SER B 736 -58.16 -12.97 4.76
N ARG B 737 -57.06 -12.42 4.24
CA ARG B 737 -55.85 -13.18 4.00
C ARG B 737 -54.62 -12.62 4.70
N GLU B 738 -54.75 -11.52 5.44
CA GLU B 738 -53.64 -10.95 6.18
C GLU B 738 -54.14 -10.42 7.52
N VAL B 739 -53.24 -10.36 8.49
CA VAL B 739 -53.56 -9.91 9.84
C VAL B 739 -52.63 -8.76 10.20
N LEU B 740 -53.22 -7.62 10.56
CA LEU B 740 -52.45 -6.47 11.00
C LEU B 740 -52.11 -6.54 12.48
N PHE B 741 -53.05 -7.00 13.30
CA PHE B 741 -52.85 -7.07 14.74
C PHE B 741 -53.71 -8.17 15.31
N GLU B 742 -53.23 -8.81 16.36
CA GLU B 742 -54.00 -9.87 17.02
C GLU B 742 -53.41 -10.15 18.40
N LYS B 743 -54.27 -10.25 19.41
CA LYS B 743 -53.77 -10.47 20.76
C LYS B 743 -54.92 -10.90 21.66
N ARG B 744 -54.62 -11.87 22.54
CA ARG B 744 -55.52 -12.29 23.61
C ARG B 744 -54.91 -11.82 24.91
N TYR B 745 -55.40 -10.69 25.43
CA TYR B 745 -54.84 -10.11 26.64
C TYR B 745 -55.09 -10.96 27.87
N MET B 746 -55.95 -11.97 27.78
CA MET B 746 -56.14 -12.94 28.87
C MET B 746 -56.75 -12.19 30.07
N SER B 747 -56.29 -12.46 31.29
CA SER B 747 -56.91 -11.89 32.47
C SER B 747 -56.82 -10.37 32.47
N GLY B 748 -55.60 -9.84 32.37
CA GLY B 748 -55.39 -8.42 32.51
C GLY B 748 -55.45 -7.66 31.20
N ALA B 749 -56.42 -6.75 31.09
CA ALA B 749 -56.60 -5.91 29.91
C ALA B 749 -57.23 -4.59 30.30
N LYS B 750 -56.79 -4.00 31.41
CA LYS B 750 -57.43 -2.82 31.96
C LYS B 750 -57.44 -1.67 30.97
N ASP B 751 -56.28 -1.38 30.38
CA ASP B 751 -56.16 -0.35 29.36
C ASP B 751 -54.96 -0.68 28.50
N VAL B 752 -55.11 -0.49 27.19
CA VAL B 752 -54.05 -0.89 26.26
C VAL B 752 -54.15 -0.11 24.95
N SER B 753 -53.03 0.50 24.54
CA SER B 753 -52.92 1.17 23.26
C SER B 753 -51.88 0.45 22.43
N GLU B 754 -52.24 0.10 21.20
CA GLU B 754 -51.39 -0.72 20.34
C GLU B 754 -51.31 -0.14 18.94
N MET B 755 -50.10 -0.07 18.40
CA MET B 755 -49.88 0.42 17.05
C MET B 755 -49.94 -0.73 16.05
N PHE B 756 -50.55 -0.47 14.89
CA PHE B 756 -50.58 -1.46 13.83
C PHE B 756 -50.57 -0.76 12.48
N THR B 757 -49.91 -1.39 11.51
CA THR B 757 -49.75 -0.86 10.16
C THR B 757 -50.73 -1.55 9.21
N THR B 758 -50.74 -1.07 7.97
CA THR B 758 -51.67 -1.56 6.95
C THR B 758 -50.99 -2.30 5.81
N LYS B 759 -49.78 -1.92 5.43
CA LYS B 759 -49.08 -2.56 4.33
C LYS B 759 -49.83 -2.34 3.02
N PHE B 760 -49.42 -3.04 1.96
CA PHE B 760 -50.03 -2.87 0.64
C PHE B 760 -51.31 -3.70 0.58
N GLU B 761 -52.35 -3.18 1.22
CA GLU B 761 -53.63 -3.88 1.28
C GLU B 761 -54.79 -2.91 1.04
N LYS B 762 -55.30 -2.29 2.10
CA LYS B 762 -56.35 -1.29 2.00
C LYS B 762 -57.61 -1.89 1.37
N ASP B 763 -58.12 -2.95 2.00
CA ASP B 763 -59.31 -3.63 1.49
C ASP B 763 -59.82 -4.69 2.44
N ASN B 764 -61.12 -4.63 2.77
CA ASN B 764 -61.80 -5.66 3.56
C ASN B 764 -61.08 -5.92 4.88
N PHE B 765 -60.77 -4.85 5.60
CA PHE B 765 -60.17 -4.94 6.92
C PHE B 765 -61.25 -4.81 7.98
N TYR B 766 -61.18 -5.66 9.00
CA TYR B 766 -62.19 -5.69 10.03
C TYR B 766 -61.56 -6.02 11.37
N ILE B 767 -62.21 -5.53 12.43
CA ILE B 767 -61.83 -5.82 13.81
C ILE B 767 -62.79 -6.85 14.37
N GLU B 768 -62.25 -7.88 15.01
CA GLU B 768 -63.03 -8.91 15.67
C GLU B 768 -62.73 -8.87 17.16
N LEU B 769 -63.77 -8.65 17.96
CA LEU B 769 -63.72 -8.81 19.41
C LEU B 769 -64.40 -10.13 19.73
N SER B 770 -63.63 -11.09 20.24
CA SER B 770 -64.13 -12.45 20.41
C SER B 770 -63.43 -13.11 21.58
N GLN B 771 -64.05 -14.20 22.06
CA GLN B 771 -63.46 -15.06 23.07
C GLN B 771 -64.08 -16.44 22.90
N GLY B 772 -63.27 -17.42 22.54
CA GLY B 772 -63.75 -18.76 22.24
C GLY B 772 -63.48 -19.72 23.37
N ASN B 773 -64.56 -20.21 23.98
CA ASN B 773 -64.46 -21.22 25.02
C ASN B 773 -65.70 -22.12 24.94
N ASN B 774 -65.69 -23.18 25.75
CA ASN B 774 -66.75 -24.17 25.72
C ASN B 774 -67.74 -23.97 26.87
N LEU B 775 -67.49 -24.62 28.00
CA LEU B 775 -68.43 -24.66 29.11
C LEU B 775 -68.33 -23.44 30.02
N TYR B 776 -67.91 -22.29 29.50
CA TYR B 776 -67.86 -21.06 30.28
C TYR B 776 -69.20 -20.33 30.09
N GLY B 777 -70.06 -20.43 31.08
CA GLY B 777 -71.37 -19.80 31.02
C GLY B 777 -71.67 -19.01 32.27
N GLY B 778 -72.25 -17.83 32.09
CA GLY B 778 -72.60 -16.96 33.19
C GLY B 778 -71.85 -15.64 33.14
N PRO B 779 -70.53 -15.69 33.38
CA PRO B 779 -69.74 -14.45 33.34
C PRO B 779 -69.82 -13.76 31.99
N ILE B 780 -69.17 -12.60 31.88
CA ILE B 780 -69.16 -11.80 30.66
C ILE B 780 -67.83 -11.06 30.56
N VAL B 781 -67.54 -10.54 29.38
CA VAL B 781 -66.34 -9.74 29.15
C VAL B 781 -66.75 -8.43 28.50
N HIS B 782 -66.13 -7.33 28.92
CA HIS B 782 -66.57 -6.00 28.52
C HIS B 782 -65.43 -5.22 27.88
N PHE B 783 -65.77 -4.47 26.83
CA PHE B 783 -64.86 -3.56 26.15
C PHE B 783 -65.39 -2.13 26.27
N TYR B 784 -64.48 -1.18 26.45
CA TYR B 784 -64.82 0.23 26.55
C TYR B 784 -63.83 1.05 25.74
N ASP B 785 -64.34 2.14 25.14
CA ASP B 785 -63.51 3.12 24.45
C ASP B 785 -62.67 2.49 23.34
N VAL B 786 -63.16 1.40 22.75
CA VAL B 786 -62.50 0.82 21.60
C VAL B 786 -62.46 1.85 20.48
N SER B 787 -61.25 2.25 20.09
CA SER B 787 -61.08 3.29 19.08
C SER B 787 -59.81 3.05 18.29
N ILE B 788 -59.85 3.35 17.00
CA ILE B 788 -58.69 3.37 16.12
C ILE B 788 -58.46 4.82 15.75
N LYS B 789 -57.23 5.29 15.88
CA LYS B 789 -56.92 6.68 15.58
C LYS B 789 -55.63 6.81 14.77
N GLU C 95 -31.76 -59.57 54.30
CA GLU C 95 -30.77 -58.52 54.12
C GLU C 95 -30.21 -58.54 52.69
N GLN C 96 -29.99 -59.75 52.18
CA GLN C 96 -29.43 -59.89 50.84
C GLN C 96 -30.34 -59.27 49.80
N ASN C 97 -31.65 -59.57 49.88
CA ASN C 97 -32.58 -59.06 48.88
C ASN C 97 -32.65 -57.53 48.92
N GLN C 98 -32.63 -56.95 50.12
CA GLN C 98 -32.74 -55.49 50.22
C GLN C 98 -31.46 -54.80 49.76
N VAL C 99 -30.29 -55.37 50.08
CA VAL C 99 -29.06 -54.77 49.58
C VAL C 99 -28.99 -54.90 48.07
N LEU C 100 -29.53 -55.99 47.51
CA LEU C 100 -29.57 -56.13 46.06
C LEU C 100 -30.52 -55.11 45.44
N ASN C 101 -31.65 -54.85 46.09
CA ASN C 101 -32.55 -53.79 45.62
C ASN C 101 -31.85 -52.44 45.65
N ASP C 102 -31.07 -52.18 46.70
CA ASP C 102 -30.31 -50.93 46.77
C ASP C 102 -29.33 -50.83 45.61
N VAL C 103 -28.58 -51.91 45.34
CA VAL C 103 -27.69 -51.94 44.19
C VAL C 103 -28.47 -51.62 42.92
N ASN C 104 -29.61 -52.29 42.74
CA ASN C 104 -30.45 -52.09 41.57
C ASN C 104 -30.76 -50.62 41.37
N ASN C 105 -31.33 -49.98 42.40
CA ASN C 105 -31.80 -48.60 42.23
C ASN C 105 -30.63 -47.65 42.01
N LYS C 106 -29.57 -47.79 42.82
CA LYS C 106 -28.40 -46.94 42.64
C LYS C 106 -27.87 -47.02 41.22
N LEU C 107 -27.63 -48.24 40.73
CA LEU C 107 -26.99 -48.41 39.44
C LEU C 107 -27.92 -47.96 38.31
N ASP C 108 -29.22 -48.26 38.41
CA ASP C 108 -30.14 -47.83 37.37
C ASP C 108 -30.21 -46.31 37.30
N ALA C 109 -30.27 -45.64 38.45
CA ALA C 109 -30.30 -44.18 38.46
C ALA C 109 -29.04 -43.61 37.81
N ILE C 110 -27.87 -44.07 38.26
CA ILE C 110 -26.63 -43.51 37.72
C ILE C 110 -26.54 -43.81 36.22
N ASN C 111 -27.00 -44.98 35.79
CA ASN C 111 -26.86 -45.36 34.40
C ASN C 111 -27.81 -44.55 33.50
N THR C 112 -29.02 -44.25 33.98
CA THR C 112 -29.88 -43.37 33.21
C THR C 112 -29.32 -41.96 33.17
N MET C 113 -28.63 -41.54 34.23
CA MET C 113 -27.95 -40.25 34.17
C MET C 113 -26.89 -40.25 33.08
N LEU C 114 -26.09 -41.32 33.01
CA LEU C 114 -25.08 -41.41 31.95
C LEU C 114 -25.73 -41.41 30.57
N ARG C 115 -26.83 -42.14 30.42
CA ARG C 115 -27.58 -42.14 29.17
C ARG C 115 -27.97 -40.72 28.78
N VAL C 116 -28.49 -39.95 29.74
CA VAL C 116 -28.87 -38.58 29.45
C VAL C 116 -27.66 -37.75 29.06
N TYR C 117 -26.52 -37.99 29.71
CA TYR C 117 -25.35 -37.13 29.52
C TYR C 117 -24.71 -37.33 28.16
N LEU C 118 -24.43 -38.58 27.79
CA LEU C 118 -23.53 -38.82 26.65
C LEU C 118 -24.01 -38.17 25.35
N PRO C 119 -25.27 -38.33 24.93
CA PRO C 119 -25.69 -37.69 23.66
C PRO C 119 -25.42 -36.19 23.64
N LYS C 120 -25.53 -35.52 24.79
CA LYS C 120 -25.20 -34.11 24.85
C LYS C 120 -23.75 -33.87 24.43
N LEU C 121 -22.83 -34.70 24.95
CA LEU C 121 -21.43 -34.56 24.57
C LEU C 121 -21.22 -34.82 23.08
N THR C 122 -21.90 -35.84 22.55
CA THR C 122 -21.77 -36.12 21.12
C THR C 122 -22.20 -34.91 20.29
N SER C 123 -23.38 -34.35 20.59
CA SER C 123 -23.86 -33.21 19.85
C SER C 123 -22.95 -32.00 20.02
N MET C 124 -22.41 -31.81 21.23
CA MET C 124 -21.50 -30.70 21.45
C MET C 124 -20.24 -30.83 20.59
N LEU C 125 -19.69 -32.04 20.51
CA LEU C 125 -18.51 -32.24 19.68
C LEU C 125 -18.83 -32.02 18.20
N SER C 126 -19.98 -32.50 17.73
CA SER C 126 -20.35 -32.26 16.35
C SER C 126 -20.46 -30.75 16.07
N ASP C 127 -21.07 -30.01 16.98
CA ASP C 127 -21.20 -28.57 16.79
C ASP C 127 -19.84 -27.88 16.83
N VAL C 128 -18.93 -28.36 17.68
CA VAL C 128 -17.60 -27.80 17.73
C VAL C 128 -16.88 -28.01 16.41
N MET C 129 -17.01 -29.20 15.82
CA MET C 129 -16.38 -29.45 14.54
C MET C 129 -16.98 -28.56 13.45
N LYS C 130 -18.30 -28.40 13.46
CA LYS C 130 -18.93 -27.49 12.51
C LYS C 130 -18.40 -26.07 12.66
N GLN C 131 -18.21 -25.62 13.90
CA GLN C 131 -17.70 -24.27 14.15
C GLN C 131 -16.26 -24.13 13.68
N ASN C 132 -15.46 -25.19 13.85
CA ASN C 132 -14.09 -25.16 13.33
C ASN C 132 -14.10 -25.06 11.82
N TYR C 133 -15.03 -25.76 11.16
CA TYR C 133 -15.14 -25.64 9.71
C TYR C 133 -15.52 -24.22 9.30
N ALA C 134 -16.45 -23.61 10.05
CA ALA C 134 -16.81 -22.22 9.78
C ALA C 134 -15.59 -21.30 9.92
N LEU C 135 -14.78 -21.52 10.95
CA LEU C 135 -13.55 -20.74 11.11
C LEU C 135 -12.62 -20.94 9.94
N SER C 136 -12.51 -22.18 9.44
CA SER C 136 -11.68 -22.44 8.27
C SER C 136 -12.17 -21.65 7.07
N LEU C 137 -13.48 -21.60 6.86
CA LEU C 137 -14.02 -20.83 5.76
C LEU C 137 -13.71 -19.34 5.93
N GLN C 138 -13.85 -18.83 7.16
CA GLN C 138 -13.52 -17.42 7.41
C GLN C 138 -12.06 -17.14 7.08
N ILE C 139 -11.17 -18.06 7.44
CA ILE C 139 -9.74 -17.83 7.18
C ILE C 139 -9.46 -17.92 5.68
N GLU C 140 -10.16 -18.78 4.96
CA GLU C 140 -10.00 -18.78 3.50
C GLU C 140 -10.46 -17.46 2.90
N TYR C 141 -11.55 -16.89 3.42
CA TYR C 141 -11.98 -15.57 2.96
C TYR C 141 -10.93 -14.52 3.25
N LEU C 142 -10.31 -14.59 4.44
CA LEU C 142 -9.23 -13.67 4.77
C LEU C 142 -8.08 -13.81 3.80
N SER C 143 -7.73 -15.05 3.42
CA SER C 143 -6.64 -15.25 2.48
C SER C 143 -6.97 -14.66 1.13
N LYS C 144 -8.23 -14.80 0.69
CA LYS C 144 -8.63 -14.17 -0.57
C LYS C 144 -8.52 -12.65 -0.49
N GLN C 145 -8.95 -12.07 0.63
CA GLN C 145 -8.79 -10.62 0.82
C GLN C 145 -7.33 -10.21 0.72
N LEU C 146 -6.44 -10.98 1.36
CA LEU C 146 -5.02 -10.65 1.33
C LEU C 146 -4.45 -10.78 -0.08
N GLN C 147 -4.91 -11.76 -0.85
CA GLN C 147 -4.45 -11.87 -2.22
C GLN C 147 -4.89 -10.67 -3.05
N GLU C 148 -6.14 -10.24 -2.88
CA GLU C 148 -6.59 -9.03 -3.56
C GLU C 148 -5.75 -7.82 -3.14
N ILE C 149 -5.39 -7.76 -1.86
CA ILE C 149 -4.57 -6.64 -1.39
C ILE C 149 -3.19 -6.68 -2.03
N SER C 150 -2.61 -7.87 -2.17
CA SER C 150 -1.29 -7.98 -2.80
C SER C 150 -1.37 -7.57 -4.27
N ASP C 151 -2.46 -7.93 -4.96
CA ASP C 151 -2.64 -7.48 -6.33
C ASP C 151 -2.73 -5.96 -6.40
N LYS C 152 -3.50 -5.35 -5.50
CA LYS C 152 -3.57 -3.90 -5.46
C LYS C 152 -2.20 -3.29 -5.22
N LEU C 153 -1.39 -3.91 -4.36
CA LEU C 153 -0.06 -3.38 -4.09
C LEU C 153 0.83 -3.47 -5.33
N ASP C 154 0.72 -4.56 -6.08
CA ASP C 154 1.47 -4.66 -7.34
C ASP C 154 1.07 -3.54 -8.30
N ILE C 155 -0.23 -3.31 -8.44
CA ILE C 155 -0.69 -2.24 -9.32
C ILE C 155 -0.16 -0.89 -8.85
N ILE C 156 -0.19 -0.64 -7.54
CA ILE C 156 0.27 0.64 -7.01
C ILE C 156 1.76 0.82 -7.26
N ASN C 157 2.55 -0.25 -7.10
CA ASN C 157 3.97 -0.13 -7.35
C ASN C 157 4.26 0.16 -8.81
N VAL C 158 3.53 -0.50 -9.71
CA VAL C 158 3.70 -0.21 -11.13
C VAL C 158 3.35 1.24 -11.43
N ASN C 159 2.28 1.75 -10.80
CA ASN C 159 1.91 3.15 -11.03
C ASN C 159 2.96 4.11 -10.49
N VAL C 160 3.60 3.78 -9.37
CA VAL C 160 4.65 4.63 -8.83
C VAL C 160 5.85 4.66 -9.77
N LEU C 161 6.23 3.50 -10.31
CA LEU C 161 7.32 3.48 -11.28
C LEU C 161 6.97 4.27 -12.53
N ILE C 162 5.71 4.19 -12.96
CA ILE C 162 5.27 5.00 -14.09
C ILE C 162 5.38 6.48 -13.77
N ASN C 163 5.03 6.86 -12.54
CA ASN C 163 5.19 8.25 -12.13
C ASN C 163 6.63 8.70 -12.22
N SER C 164 7.56 7.84 -11.81
CA SER C 164 8.97 8.19 -11.91
C SER C 164 9.38 8.40 -13.36
N THR C 165 9.05 7.45 -14.23
CA THR C 165 9.42 7.60 -15.65
C THR C 165 8.76 8.82 -16.27
N LEU C 166 7.53 9.16 -15.84
CA LEU C 166 6.88 10.36 -16.34
C LEU C 166 7.65 11.60 -15.90
N THR C 167 7.91 11.72 -14.60
CA THR C 167 8.74 12.82 -14.12
C THR C 167 10.00 12.98 -14.95
N GLU C 168 10.57 11.85 -15.39
CA GLU C 168 11.83 11.92 -16.12
C GLU C 168 11.63 12.32 -17.58
N ILE C 169 10.57 11.86 -18.23
CA ILE C 169 10.49 11.90 -19.69
C ILE C 169 9.42 12.83 -20.24
N THR C 170 8.48 13.31 -19.41
CA THR C 170 7.30 13.97 -19.97
C THR C 170 7.62 15.29 -20.67
N PRO C 171 8.58 16.10 -20.20
CA PRO C 171 8.83 17.37 -20.90
C PRO C 171 9.38 17.17 -22.30
N ALA C 172 10.41 16.34 -22.44
CA ALA C 172 10.95 16.03 -23.76
C ALA C 172 9.89 15.42 -24.65
N TYR C 173 9.10 14.50 -24.11
CA TYR C 173 8.05 13.86 -24.91
C TYR C 173 7.07 14.91 -25.43
N GLN C 174 6.58 15.78 -24.56
CA GLN C 174 5.60 16.78 -24.97
C GLN C 174 6.19 17.73 -26.00
N ARG C 175 7.43 18.17 -25.81
CA ARG C 175 8.02 19.11 -26.76
C ARG C 175 8.28 18.45 -28.11
N ILE C 176 8.76 17.21 -28.10
CA ILE C 176 8.96 16.50 -29.36
C ILE C 176 7.63 16.33 -30.08
N LYS C 177 6.59 15.93 -29.35
CA LYS C 177 5.27 15.76 -29.96
C LYS C 177 4.78 17.05 -30.58
N TYR C 178 4.91 18.17 -29.86
CA TYR C 178 4.45 19.45 -30.37
C TYR C 178 5.22 19.84 -31.64
N VAL C 179 6.54 19.75 -31.60
CA VAL C 179 7.35 20.14 -32.75
C VAL C 179 7.03 19.26 -33.95
N ASN C 180 6.83 17.96 -33.72
CA ASN C 180 6.49 17.07 -34.82
C ASN C 180 5.14 17.44 -35.42
N GLU C 181 4.12 17.61 -34.58
CA GLU C 181 2.80 17.93 -35.08
C GLU C 181 2.75 19.30 -35.76
N LYS C 182 3.68 20.20 -35.43
CA LYS C 182 3.68 21.54 -36.00
C LYS C 182 4.57 21.66 -37.23
N PHE C 183 5.23 20.57 -37.65
CA PHE C 183 6.04 20.53 -38.85
C PHE C 183 5.64 19.35 -39.72
N GLU C 184 4.35 19.04 -39.78
CA GLU C 184 3.89 17.88 -40.54
C GLU C 184 4.04 18.12 -42.03
N GLU C 185 3.45 19.19 -42.55
CA GLU C 185 3.45 19.42 -43.99
C GLU C 185 4.87 19.45 -44.54
N LEU C 186 5.78 20.16 -43.87
CA LEU C 186 7.13 20.28 -44.38
C LEU C 186 7.84 18.93 -44.41
N THR C 187 7.76 18.18 -43.31
CA THR C 187 8.36 16.84 -43.28
C THR C 187 7.52 15.81 -44.03
N PHE C 188 6.24 16.12 -44.29
CA PHE C 188 5.41 15.20 -45.05
C PHE C 188 5.95 14.96 -46.46
N ALA C 189 6.71 15.91 -47.01
CA ALA C 189 7.30 15.75 -48.33
C ALA C 189 8.45 14.76 -48.28
N ASP C 204 -1.70 33.56 -46.92
CA ASP C 204 -1.48 32.63 -45.83
C ASP C 204 -0.16 31.89 -45.99
N ILE C 205 0.33 31.80 -47.22
CA ILE C 205 1.59 31.10 -47.48
C ILE C 205 2.73 31.76 -46.72
N LEU C 206 2.93 33.05 -46.98
CA LEU C 206 4.00 33.78 -46.29
C LEU C 206 3.78 33.79 -44.78
N ASP C 207 2.51 33.90 -44.36
CA ASP C 207 2.22 33.91 -42.92
C ASP C 207 2.70 32.62 -42.26
N GLU C 208 2.25 31.47 -42.77
CA GLU C 208 2.66 30.21 -42.19
C GLU C 208 4.16 29.99 -42.33
N LEU C 209 4.75 30.45 -43.44
CA LEU C 209 6.17 30.25 -43.63
C LEU C 209 6.98 31.04 -42.60
N THR C 210 6.56 32.26 -42.28
CA THR C 210 7.25 33.03 -41.26
C THR C 210 7.00 32.44 -39.86
N GLU C 211 5.76 32.01 -39.60
CA GLU C 211 5.46 31.43 -38.29
C GLU C 211 6.24 30.14 -38.07
N LEU C 212 6.55 29.42 -39.13
CA LEU C 212 7.36 28.21 -39.02
C LEU C 212 8.85 28.50 -39.09
N THR C 213 9.26 29.61 -39.71
CA THR C 213 10.67 29.99 -39.68
C THR C 213 11.07 30.43 -38.28
N GLU C 214 10.19 31.16 -37.58
CA GLU C 214 10.45 31.48 -36.18
C GLU C 214 10.61 30.21 -35.36
N LEU C 215 9.73 29.23 -35.57
CA LEU C 215 9.86 27.96 -34.88
C LEU C 215 11.20 27.30 -35.19
N ALA C 216 11.50 27.14 -36.49
CA ALA C 216 12.79 26.58 -36.89
C ALA C 216 13.94 27.24 -36.17
N LYS C 217 13.93 28.57 -36.10
CA LYS C 217 14.96 29.28 -35.34
C LYS C 217 14.97 28.84 -33.89
N SER C 218 13.79 28.66 -33.30
CA SER C 218 13.71 28.24 -31.91
C SER C 218 14.11 26.78 -31.70
N VAL C 219 14.17 26.00 -32.78
CA VAL C 219 14.46 24.57 -32.69
C VAL C 219 15.95 24.29 -32.92
N THR C 220 16.56 24.98 -33.87
CA THR C 220 17.98 24.82 -34.14
C THR C 220 18.86 25.62 -33.18
N LYS C 221 18.27 26.39 -32.28
CA LYS C 221 19.05 27.19 -31.34
C LYS C 221 19.80 26.28 -30.38
N ASN C 222 21.11 26.44 -30.32
CA ASN C 222 21.96 25.63 -29.45
C ASN C 222 21.94 26.24 -28.05
N ASP C 223 21.13 25.66 -27.17
CA ASP C 223 21.02 26.12 -25.80
C ASP C 223 21.05 24.90 -24.87
N VAL C 224 21.09 25.19 -23.56
CA VAL C 224 21.01 24.11 -22.59
C VAL C 224 19.63 23.47 -22.61
N ASP C 225 18.61 24.21 -23.04
CA ASP C 225 17.24 23.72 -23.15
C ASP C 225 16.80 23.65 -24.61
N GLY C 226 17.70 23.24 -25.50
CA GLY C 226 17.37 23.15 -26.90
C GLY C 226 16.64 21.87 -27.24
N PHE C 227 16.18 21.80 -28.49
CA PHE C 227 15.47 20.60 -28.94
C PHE C 227 16.38 19.38 -28.92
N GLU C 228 17.66 19.58 -29.25
CA GLU C 228 18.61 18.47 -29.19
C GLU C 228 18.76 17.97 -27.77
N PHE C 229 18.73 18.87 -26.79
CA PHE C 229 18.78 18.46 -25.39
C PHE C 229 17.61 17.54 -25.06
N TYR C 230 16.40 17.90 -25.52
CA TYR C 230 15.24 17.08 -25.22
C TYR C 230 15.30 15.74 -25.93
N LEU C 231 15.84 15.72 -27.15
CA LEU C 231 16.01 14.44 -27.85
C LEU C 231 16.99 13.53 -27.09
N ASN C 232 18.12 14.10 -26.67
CA ASN C 232 19.12 13.29 -25.96
C ASN C 232 18.56 12.79 -24.63
N THR C 233 17.82 13.62 -23.91
CA THR C 233 17.24 13.18 -22.65
C THR C 233 16.15 12.13 -22.87
N PHE C 234 15.38 12.28 -23.94
CA PHE C 234 14.41 11.24 -24.29
C PHE C 234 15.11 9.91 -24.49
N HIS C 235 16.19 9.91 -25.26
CA HIS C 235 16.94 8.67 -25.46
C HIS C 235 17.48 8.13 -24.14
N ASP C 236 18.05 9.00 -23.31
CA ASP C 236 18.65 8.53 -22.06
C ASP C 236 17.60 7.94 -21.13
N VAL C 237 16.40 8.50 -21.11
CA VAL C 237 15.36 7.93 -20.26
C VAL C 237 14.79 6.66 -20.88
N MET C 238 14.84 6.54 -22.21
CA MET C 238 14.41 5.30 -22.86
C MET C 238 15.37 4.16 -22.54
N VAL C 239 16.67 4.42 -22.61
CA VAL C 239 17.65 3.35 -22.42
C VAL C 239 17.83 3.03 -20.94
N GLY C 240 17.87 4.06 -20.10
CA GLY C 240 18.04 3.85 -18.67
C GLY C 240 19.27 4.55 -18.13
N ASN C 241 19.74 5.58 -18.83
CA ASN C 241 20.87 6.37 -18.36
C ASN C 241 20.39 7.51 -17.46
N ASN C 242 19.79 7.10 -16.34
CA ASN C 242 19.19 8.02 -15.39
C ASN C 242 20.00 8.05 -14.11
N LEU C 243 19.54 8.84 -13.14
CA LEU C 243 20.16 8.84 -11.82
C LEU C 243 20.11 7.45 -11.21
N PHE C 244 18.92 6.88 -11.11
CA PHE C 244 18.73 5.49 -10.73
C PHE C 244 18.46 4.69 -12.00
N GLY C 245 19.17 3.59 -12.17
CA GLY C 245 19.20 2.90 -13.45
C GLY C 245 17.88 2.25 -13.83
N ARG C 246 16.84 3.05 -14.02
CA ARG C 246 15.57 2.57 -14.53
C ARG C 246 15.38 3.08 -15.96
N SER C 247 14.73 2.27 -16.78
CA SER C 247 14.47 2.61 -18.17
C SER C 247 12.97 2.73 -18.38
N ALA C 248 12.57 3.69 -19.22
CA ALA C 248 11.16 3.85 -19.54
C ALA C 248 10.59 2.59 -20.18
N LEU C 249 11.41 1.85 -20.93
CA LEU C 249 10.94 0.64 -21.58
C LEU C 249 10.55 -0.42 -20.56
N LYS C 250 11.34 -0.57 -19.48
CA LYS C 250 11.03 -1.57 -18.48
C LYS C 250 9.72 -1.27 -17.77
N THR C 251 9.53 -0.01 -17.35
CA THR C 251 8.30 0.35 -16.68
C THR C 251 7.10 0.26 -17.62
N ALA C 252 7.30 0.60 -18.89
CA ALA C 252 6.22 0.47 -19.86
C ALA C 252 5.84 -1.00 -20.04
N SER C 253 6.83 -1.88 -20.09
CA SER C 253 6.55 -3.31 -20.21
C SER C 253 5.80 -3.81 -18.98
N GLU C 254 6.22 -3.37 -17.79
CA GLU C 254 5.51 -3.75 -16.58
C GLU C 254 4.05 -3.30 -16.63
N LEU C 255 3.83 -2.04 -16.97
CA LEU C 255 2.46 -1.53 -17.09
C LEU C 255 1.65 -2.37 -18.06
N ILE C 256 2.17 -2.58 -19.27
CA ILE C 256 1.42 -3.33 -20.27
C ILE C 256 1.12 -4.74 -19.77
N THR C 257 2.11 -5.40 -19.17
CA THR C 257 1.89 -6.73 -18.61
C THR C 257 0.77 -6.71 -17.57
N LYS C 258 0.64 -5.61 -16.82
CA LYS C 258 -0.42 -5.53 -15.83
C LYS C 258 -1.77 -5.25 -16.48
N GLU C 259 -1.89 -4.14 -17.20
CA GLU C 259 -3.18 -3.75 -17.79
C GLU C 259 -3.38 -4.38 -19.16
N ASN C 260 -3.25 -5.70 -19.22
CA ASN C 260 -3.58 -6.46 -20.43
C ASN C 260 -4.92 -7.17 -20.26
N VAL C 261 -5.92 -6.42 -19.81
CA VAL C 261 -7.25 -6.96 -19.56
C VAL C 261 -7.93 -7.23 -20.89
N LYS C 262 -8.34 -6.16 -21.57
CA LYS C 262 -9.07 -6.26 -22.84
C LYS C 262 -8.16 -5.98 -24.03
N THR C 263 -6.91 -6.39 -23.96
CA THR C 263 -5.97 -6.20 -25.06
C THR C 263 -6.11 -7.31 -26.09
N SER C 264 -5.99 -6.95 -27.36
CA SER C 264 -6.23 -7.91 -28.43
C SER C 264 -5.03 -8.82 -28.68
N GLY C 265 -3.82 -8.29 -28.58
CA GLY C 265 -2.62 -9.02 -28.93
C GLY C 265 -1.94 -9.63 -27.73
N SER C 266 -0.63 -9.82 -27.84
CA SER C 266 0.18 -10.42 -26.80
C SER C 266 0.96 -9.34 -26.05
N GLU C 267 1.80 -9.77 -25.12
CA GLU C 267 2.67 -8.83 -24.42
C GLU C 267 3.84 -8.41 -25.29
N VAL C 268 4.45 -9.36 -26.00
CA VAL C 268 5.51 -9.02 -26.94
C VAL C 268 5.01 -7.97 -27.93
N GLY C 269 3.84 -8.22 -28.53
CA GLY C 269 3.32 -7.31 -29.52
C GLY C 269 3.03 -5.93 -28.96
N ASN C 270 2.43 -5.87 -27.78
CA ASN C 270 2.08 -4.57 -27.19
C ASN C 270 3.31 -3.78 -26.81
N VAL C 271 4.29 -4.43 -26.16
CA VAL C 271 5.50 -3.71 -25.78
C VAL C 271 6.27 -3.27 -27.02
N TYR C 272 6.30 -4.11 -28.05
CA TYR C 272 6.99 -3.72 -29.27
C TYR C 272 6.25 -2.60 -29.99
N ASN C 273 4.93 -2.53 -29.87
CA ASN C 273 4.20 -1.42 -30.47
C ASN C 273 4.47 -0.12 -29.73
N PHE C 274 4.58 -0.20 -28.40
CA PHE C 274 5.05 0.95 -27.63
C PHE C 274 6.42 1.42 -28.11
N LEU C 275 7.36 0.48 -28.23
CA LEU C 275 8.69 0.82 -28.72
C LEU C 275 8.62 1.42 -30.12
N ILE C 276 7.73 0.91 -30.98
CA ILE C 276 7.61 1.42 -32.33
C ILE C 276 7.15 2.86 -32.31
N VAL C 277 6.10 3.16 -31.55
CA VAL C 277 5.58 4.52 -31.54
C VAL C 277 6.65 5.48 -31.03
N LEU C 278 7.42 5.07 -30.01
CA LEU C 278 8.43 5.98 -29.48
C LEU C 278 9.60 6.16 -30.45
N THR C 279 10.05 5.08 -31.09
CA THR C 279 11.13 5.20 -32.06
C THR C 279 10.70 6.03 -33.26
N ALA C 280 9.43 5.89 -33.68
CA ALA C 280 8.93 6.72 -34.76
C ALA C 280 8.86 8.20 -34.35
N LEU C 281 8.45 8.45 -33.11
CA LEU C 281 8.50 9.82 -32.58
C LEU C 281 9.90 10.39 -32.70
N GLN C 282 10.90 9.63 -32.25
CA GLN C 282 12.28 10.13 -32.29
C GLN C 282 12.76 10.34 -33.72
N ALA C 283 12.46 9.40 -34.61
CA ALA C 283 12.90 9.52 -35.99
C ALA C 283 12.28 10.74 -36.65
N LYS C 284 10.97 10.95 -36.45
CA LYS C 284 10.33 12.13 -37.01
C LYS C 284 10.87 13.41 -36.37
N ALA C 285 11.28 13.34 -35.11
CA ALA C 285 11.88 14.51 -34.47
C ALA C 285 13.18 14.88 -35.14
N PHE C 286 14.05 13.90 -35.39
CA PHE C 286 15.30 14.18 -36.10
C PHE C 286 15.02 14.67 -37.52
N LEU C 287 13.99 14.10 -38.16
CA LEU C 287 13.65 14.53 -39.52
C LEU C 287 13.24 16.00 -39.54
N THR C 288 12.36 16.40 -38.61
CA THR C 288 11.95 17.79 -38.56
C THR C 288 13.10 18.70 -38.15
N LEU C 289 14.04 18.21 -37.36
CA LEU C 289 15.22 19.00 -37.03
C LEU C 289 16.04 19.29 -38.28
N THR C 290 16.29 18.25 -39.09
CA THR C 290 17.01 18.47 -40.34
C THR C 290 16.24 19.38 -41.27
N THR C 291 14.91 19.22 -41.33
CA THR C 291 14.09 20.08 -42.16
C THR C 291 14.19 21.54 -41.73
N CYS C 292 14.19 21.79 -40.42
CA CYS C 292 14.34 23.15 -39.93
C CYS C 292 15.71 23.71 -40.28
N ARG C 293 16.77 22.92 -40.09
CA ARG C 293 18.10 23.39 -40.46
C ARG C 293 18.16 23.78 -41.93
N LYS C 294 17.56 22.95 -42.79
CA LYS C 294 17.54 23.28 -44.22
C LYS C 294 16.73 24.53 -44.49
N LEU C 295 15.56 24.65 -43.86
CA LEU C 295 14.69 25.80 -44.10
C LEU C 295 15.37 27.10 -43.68
N LEU C 296 16.18 27.08 -42.62
CA LEU C 296 16.87 28.29 -42.20
C LEU C 296 18.08 28.59 -43.08
N GLY C 297 18.67 27.58 -43.69
CA GLY C 297 19.85 27.75 -44.51
C GLY C 297 21.16 27.41 -43.82
N LEU C 298 21.11 26.73 -42.68
CA LEU C 298 22.31 26.41 -41.93
C LEU C 298 23.01 25.21 -42.56
N ALA C 299 24.12 24.79 -41.93
CA ALA C 299 24.91 23.69 -42.43
C ALA C 299 24.33 22.36 -41.98
N ASP C 300 24.44 21.36 -42.84
CA ASP C 300 23.94 20.03 -42.50
C ASP C 300 24.80 19.41 -41.42
N ILE C 301 24.15 18.85 -40.39
CA ILE C 301 24.86 18.12 -39.34
C ILE C 301 24.69 16.61 -39.47
N ASP C 302 23.87 16.14 -40.41
CA ASP C 302 23.70 14.70 -40.64
C ASP C 302 23.35 13.96 -39.36
N TYR C 303 22.09 14.14 -38.94
CA TYR C 303 21.59 13.49 -37.73
C TYR C 303 21.25 12.03 -37.94
N THR C 304 21.63 11.43 -39.06
CA THR C 304 21.32 10.02 -39.29
C THR C 304 22.16 9.12 -38.39
N SER C 305 23.42 9.49 -38.16
CA SER C 305 24.27 8.68 -37.29
C SER C 305 23.73 8.67 -35.86
N ILE C 306 23.38 9.84 -35.33
CA ILE C 306 22.88 9.92 -33.96
C ILE C 306 21.54 9.21 -33.84
N MET C 307 20.65 9.43 -34.83
CA MET C 307 19.36 8.75 -34.81
C MET C 307 19.53 7.24 -34.83
N ASN C 308 20.43 6.75 -35.68
CA ASN C 308 20.65 5.31 -35.75
C ASN C 308 21.21 4.79 -34.43
N GLU C 309 22.18 5.49 -33.84
CA GLU C 309 22.71 5.07 -32.54
C GLU C 309 21.59 4.98 -31.51
N HIS C 310 20.77 6.02 -31.41
CA HIS C 310 19.69 6.02 -30.43
C HIS C 310 18.73 4.86 -30.65
N LEU C 311 18.23 4.72 -31.87
CA LEU C 311 17.24 3.68 -32.14
C LEU C 311 17.83 2.29 -31.93
N ASN C 312 19.09 2.08 -32.34
CA ASN C 312 19.70 0.77 -32.18
C ASN C 312 19.93 0.44 -30.72
N LYS C 313 20.37 1.42 -29.92
CA LYS C 313 20.55 1.16 -28.49
C LYS C 313 19.22 0.91 -27.80
N GLU C 314 18.15 1.58 -28.23
CA GLU C 314 16.84 1.33 -27.63
C GLU C 314 16.34 -0.06 -27.99
N LYS C 315 16.47 -0.45 -29.26
CA LYS C 315 16.07 -1.79 -29.66
C LYS C 315 16.92 -2.86 -28.99
N GLU C 316 18.20 -2.57 -28.72
CA GLU C 316 19.04 -3.50 -27.99
C GLU C 316 18.60 -3.63 -26.55
N GLU C 317 18.28 -2.51 -25.89
CA GLU C 317 17.70 -2.55 -24.56
C GLU C 317 16.47 -3.45 -24.55
N PHE C 318 15.56 -3.25 -25.51
CA PHE C 318 14.36 -4.06 -25.59
C PHE C 318 14.70 -5.54 -25.77
N ARG C 319 15.60 -5.85 -26.70
CA ARG C 319 15.91 -7.25 -27.00
C ARG C 319 16.54 -7.95 -25.80
N VAL C 320 17.41 -7.26 -25.08
CA VAL C 320 18.18 -7.91 -24.03
C VAL C 320 17.39 -7.97 -22.73
N ASN C 321 16.86 -6.83 -22.27
CA ASN C 321 16.31 -6.73 -20.93
C ASN C 321 14.79 -6.82 -20.88
N ILE C 322 14.10 -6.69 -22.01
CA ILE C 322 12.64 -6.63 -22.04
C ILE C 322 12.03 -7.87 -22.69
N LEU C 323 12.44 -8.18 -23.91
CA LEU C 323 11.77 -9.24 -24.67
C LEU C 323 11.84 -10.61 -23.99
N PRO C 324 12.95 -11.04 -23.39
CA PRO C 324 13.00 -12.40 -22.84
C PRO C 324 11.92 -12.71 -21.81
N THR C 325 11.38 -11.71 -21.13
CA THR C 325 10.43 -11.93 -20.04
C THR C 325 8.99 -11.63 -20.44
N LEU C 326 8.68 -11.65 -21.74
CA LEU C 326 7.35 -11.35 -22.24
C LEU C 326 6.72 -12.61 -22.80
N SER C 327 5.41 -12.76 -22.60
CA SER C 327 4.67 -13.90 -23.10
C SER C 327 4.19 -13.64 -24.52
N ASN C 328 4.11 -14.70 -25.31
CA ASN C 328 3.72 -14.63 -26.72
C ASN C 328 2.32 -15.22 -26.95
N THR C 329 1.54 -15.40 -25.89
CA THR C 329 0.19 -15.94 -26.00
C THR C 329 -0.81 -14.79 -26.00
N PHE C 330 -1.76 -14.84 -26.92
CA PHE C 330 -2.81 -13.84 -27.01
C PHE C 330 -4.17 -14.53 -27.04
N SER C 331 -5.12 -13.96 -26.30
CA SER C 331 -6.47 -14.50 -26.20
C SER C 331 -7.47 -13.47 -26.71
N ASN C 332 -8.75 -13.76 -26.53
CA ASN C 332 -9.79 -12.83 -26.93
C ASN C 332 -10.01 -11.77 -25.84
N PRO C 333 -10.20 -10.51 -26.22
CA PRO C 333 -10.34 -9.47 -25.19
C PRO C 333 -11.68 -9.49 -24.47
N ASN C 334 -12.79 -9.46 -25.23
CA ASN C 334 -14.11 -9.26 -24.67
C ASN C 334 -14.93 -10.55 -24.71
N TYR C 335 -16.09 -10.49 -24.05
CA TYR C 335 -17.02 -11.60 -24.03
C TYR C 335 -18.43 -11.09 -24.31
N ALA C 336 -19.33 -12.01 -24.66
CA ALA C 336 -20.71 -11.66 -24.94
C ALA C 336 -21.66 -12.78 -24.55
N LYS C 337 -22.78 -12.42 -23.93
CA LYS C 337 -23.80 -13.41 -23.61
C LYS C 337 -24.44 -13.92 -24.89
N VAL C 338 -24.55 -15.25 -25.02
CA VAL C 338 -25.08 -15.86 -26.22
C VAL C 338 -25.61 -17.24 -25.91
N LYS C 339 -26.49 -17.73 -26.79
CA LYS C 339 -27.08 -19.06 -26.71
C LYS C 339 -27.15 -19.61 -28.13
N GLY C 340 -26.80 -20.90 -28.29
CA GLY C 340 -26.77 -21.51 -29.59
C GLY C 340 -27.49 -22.84 -29.59
N SER C 341 -27.56 -23.45 -30.78
CA SER C 341 -28.21 -24.73 -30.96
C SER C 341 -27.21 -25.86 -30.76
N ASP C 342 -27.64 -26.87 -30.01
CA ASP C 342 -26.86 -28.10 -29.85
C ASP C 342 -27.33 -29.16 -30.85
N GLU C 343 -27.18 -28.82 -32.12
CA GLU C 343 -27.70 -29.59 -33.23
C GLU C 343 -26.61 -30.36 -33.96
N ASP C 344 -25.63 -30.87 -33.21
CA ASP C 344 -24.55 -31.67 -33.79
C ASP C 344 -23.78 -30.85 -34.83
N ALA C 345 -23.15 -29.79 -34.34
CA ALA C 345 -22.45 -28.85 -35.20
C ALA C 345 -21.03 -29.31 -35.49
N LYS C 346 -20.43 -28.70 -36.52
CA LYS C 346 -19.07 -29.01 -36.92
C LYS C 346 -18.51 -27.84 -37.73
N MET C 347 -17.21 -27.61 -37.57
CA MET C 347 -16.54 -26.51 -38.27
C MET C 347 -15.12 -26.94 -38.60
N ILE C 348 -14.64 -26.47 -39.74
CA ILE C 348 -13.28 -26.75 -40.21
C ILE C 348 -12.70 -25.44 -40.72
N VAL C 349 -11.99 -24.71 -39.85
CA VAL C 349 -11.27 -23.51 -40.25
C VAL C 349 -9.96 -23.98 -40.88
N GLU C 350 -9.90 -23.97 -42.21
CA GLU C 350 -8.76 -24.50 -42.94
C GLU C 350 -8.18 -23.43 -43.85
N ALA C 351 -6.86 -23.43 -43.99
CA ALA C 351 -6.16 -22.53 -44.90
C ALA C 351 -5.72 -23.29 -46.14
N LYS C 352 -5.59 -22.55 -47.24
CA LYS C 352 -5.15 -23.10 -48.51
C LYS C 352 -3.85 -23.88 -48.30
N PRO C 353 -3.54 -24.86 -49.15
CA PRO C 353 -2.34 -25.69 -48.91
C PRO C 353 -1.07 -24.88 -48.68
N GLY C 354 -0.86 -23.82 -49.46
CA GLY C 354 0.34 -23.01 -49.30
C GLY C 354 0.09 -21.76 -48.46
N HIS C 355 -0.85 -21.84 -47.52
CA HIS C 355 -1.20 -20.71 -46.67
C HIS C 355 -1.17 -21.14 -45.20
N ALA C 356 -1.30 -20.16 -44.32
CA ALA C 356 -1.29 -20.38 -42.88
C ALA C 356 -2.36 -19.50 -42.25
N LEU C 357 -2.65 -19.79 -40.98
CA LEU C 357 -3.57 -18.97 -40.19
C LEU C 357 -2.78 -17.97 -39.38
N ILE C 358 -3.27 -16.73 -39.33
CA ILE C 358 -2.50 -15.63 -38.75
C ILE C 358 -3.35 -14.84 -37.75
N GLY C 359 -4.66 -14.89 -37.88
CA GLY C 359 -5.51 -14.16 -36.95
C GLY C 359 -6.96 -14.54 -37.10
N PHE C 360 -7.72 -14.26 -36.04
CA PHE C 360 -9.16 -14.46 -36.02
C PHE C 360 -9.83 -13.21 -35.49
N GLU C 361 -11.12 -13.06 -35.81
CA GLU C 361 -11.91 -11.97 -35.26
C GLU C 361 -13.34 -12.47 -35.09
N ILE C 362 -13.84 -12.47 -33.86
CA ILE C 362 -15.19 -12.93 -33.56
C ILE C 362 -16.03 -11.70 -33.21
N SER C 363 -17.07 -11.45 -34.00
CA SER C 363 -17.88 -10.25 -33.85
C SER C 363 -19.35 -10.63 -33.75
N ASN C 364 -20.06 -9.96 -32.83
CA ASN C 364 -21.47 -10.25 -32.57
C ASN C 364 -22.22 -8.91 -32.50
N ASP C 365 -22.69 -8.43 -33.65
CA ASP C 365 -23.59 -7.29 -33.70
C ASP C 365 -25.04 -7.73 -33.52
N SER C 366 -25.55 -8.48 -34.47
CA SER C 366 -26.84 -9.16 -34.37
C SER C 366 -26.71 -10.67 -34.53
N ILE C 367 -25.84 -11.12 -35.42
CA ILE C 367 -25.48 -12.52 -35.55
C ILE C 367 -23.99 -12.66 -35.31
N THR C 368 -23.57 -13.78 -34.73
CA THR C 368 -22.17 -14.02 -34.45
C THR C 368 -21.45 -14.49 -35.71
N VAL C 369 -20.27 -13.94 -35.96
CA VAL C 369 -19.51 -14.26 -37.15
C VAL C 369 -18.03 -14.35 -36.80
N LEU C 370 -17.39 -15.39 -37.31
CA LEU C 370 -15.94 -15.56 -37.21
C LEU C 370 -15.30 -15.13 -38.52
N LYS C 371 -14.14 -14.50 -38.41
CA LYS C 371 -13.46 -13.87 -39.55
C LYS C 371 -11.99 -14.26 -39.44
N VAL C 372 -11.56 -15.22 -40.25
CA VAL C 372 -10.22 -15.79 -40.14
C VAL C 372 -9.37 -15.26 -41.27
N TYR C 373 -8.09 -15.02 -40.99
CA TYR C 373 -7.14 -14.51 -41.96
C TYR C 373 -6.22 -15.62 -42.45
N GLU C 374 -5.70 -15.44 -43.66
CA GLU C 374 -4.77 -16.39 -44.26
C GLU C 374 -3.76 -15.61 -45.08
N ALA C 375 -2.58 -16.18 -45.25
CA ALA C 375 -1.53 -15.52 -46.02
C ALA C 375 -0.37 -16.48 -46.18
N LYS C 376 0.53 -16.14 -47.11
CA LYS C 376 1.75 -16.88 -47.34
C LYS C 376 2.90 -16.21 -46.57
N LEU C 377 3.90 -17.00 -46.22
CA LEU C 377 5.03 -16.51 -45.45
C LEU C 377 6.25 -16.33 -46.35
N LYS C 378 7.16 -15.47 -45.91
CA LYS C 378 8.35 -15.15 -46.69
C LYS C 378 9.62 -15.59 -45.97
N GLN C 379 10.09 -14.78 -45.03
CA GLN C 379 11.35 -15.03 -44.34
C GLN C 379 11.18 -14.77 -42.85
N ASN C 380 11.68 -15.70 -42.05
CA ASN C 380 11.64 -15.56 -40.59
C ASN C 380 10.23 -15.28 -40.09
N TYR C 381 9.26 -16.02 -40.63
CA TYR C 381 7.86 -15.97 -40.22
C TYR C 381 7.17 -14.69 -40.65
N GLN C 382 7.75 -13.93 -41.57
CA GLN C 382 7.09 -12.74 -42.08
C GLN C 382 5.81 -13.15 -42.81
N VAL C 383 5.03 -12.14 -43.19
CA VAL C 383 3.77 -12.34 -43.87
C VAL C 383 3.82 -11.64 -45.23
N ASP C 384 3.18 -12.26 -46.22
CA ASP C 384 3.12 -11.71 -47.57
C ASP C 384 1.90 -10.79 -47.64
N LYS C 385 2.15 -9.47 -47.72
CA LYS C 385 1.06 -8.52 -47.80
C LYS C 385 0.27 -8.64 -49.09
N ASP C 386 0.88 -9.15 -50.15
CA ASP C 386 0.21 -9.38 -51.42
C ASP C 386 -0.50 -10.73 -51.48
N SER C 387 -0.75 -11.35 -50.32
CA SER C 387 -1.41 -12.64 -50.27
C SER C 387 -2.48 -12.73 -49.19
N LEU C 388 -2.78 -11.65 -48.48
CA LEU C 388 -3.80 -11.69 -47.45
C LEU C 388 -5.12 -12.15 -48.03
N SER C 389 -5.83 -12.98 -47.27
CA SER C 389 -7.14 -13.49 -47.66
C SER C 389 -7.98 -13.63 -46.40
N GLU C 390 -9.29 -13.50 -46.56
CA GLU C 390 -10.23 -13.63 -45.45
C GLU C 390 -11.20 -14.76 -45.72
N VAL C 391 -11.71 -15.34 -44.63
CA VAL C 391 -12.77 -16.33 -44.69
C VAL C 391 -13.76 -16.03 -43.57
N ILE C 392 -15.05 -16.22 -43.86
CA ILE C 392 -16.11 -15.89 -42.92
C ILE C 392 -16.86 -17.17 -42.57
N TYR C 393 -17.20 -17.31 -41.28
CA TYR C 393 -17.94 -18.46 -40.79
C TYR C 393 -19.09 -17.97 -39.92
N GLY C 394 -20.24 -18.61 -40.04
CA GLY C 394 -21.45 -18.13 -39.40
C GLY C 394 -21.93 -18.97 -38.24
N ASP C 395 -21.59 -20.26 -38.24
CA ASP C 395 -22.03 -21.18 -37.19
C ASP C 395 -21.11 -21.20 -35.99
N MET C 396 -20.53 -20.05 -35.63
CA MET C 396 -19.61 -20.01 -34.48
C MET C 396 -20.37 -19.94 -33.16
N ASP C 397 -21.58 -19.38 -33.15
CA ASP C 397 -22.36 -19.31 -31.92
C ASP C 397 -23.05 -20.63 -31.64
N LYS C 398 -23.52 -21.31 -32.68
CA LYS C 398 -24.17 -22.61 -32.50
C LYS C 398 -23.21 -23.65 -31.93
N LEU C 399 -21.90 -23.38 -31.96
CA LEU C 399 -20.88 -24.36 -31.63
C LEU C 399 -20.29 -24.20 -30.24
N LEU C 400 -20.31 -22.98 -29.68
CA LEU C 400 -19.70 -22.70 -28.39
C LEU C 400 -20.73 -22.37 -27.31
N CYS C 401 -21.95 -22.88 -27.44
CA CYS C 401 -23.03 -22.53 -26.53
C CYS C 401 -23.78 -23.76 -26.02
N PRO C 402 -24.02 -23.89 -24.70
CA PRO C 402 -24.90 -24.97 -24.23
C PRO C 402 -26.38 -24.71 -24.48
N ASP C 403 -26.86 -23.51 -24.15
CA ASP C 403 -28.27 -23.13 -24.29
C ASP C 403 -29.10 -23.95 -23.30
N GLN C 404 -29.90 -24.92 -23.74
CA GLN C 404 -30.84 -25.59 -22.83
C GLN C 404 -30.19 -26.69 -22.00
N SER C 405 -29.31 -27.50 -22.60
CA SER C 405 -28.89 -28.78 -22.03
C SER C 405 -27.38 -28.91 -21.95
N GLU C 406 -26.76 -28.17 -21.04
CA GLU C 406 -25.37 -28.42 -20.65
C GLU C 406 -24.41 -28.31 -21.83
N GLN C 407 -23.12 -28.45 -21.57
CA GLN C 407 -22.12 -28.57 -22.62
C GLN C 407 -20.81 -29.04 -21.99
N ILE C 408 -19.99 -29.73 -22.79
CA ILE C 408 -18.70 -30.25 -22.33
C ILE C 408 -17.62 -29.73 -23.27
N TYR C 409 -16.50 -29.30 -22.70
CA TYR C 409 -15.39 -28.75 -23.46
C TYR C 409 -14.12 -29.52 -23.13
N TYR C 410 -13.40 -29.92 -24.17
CA TYR C 410 -12.14 -30.64 -24.02
C TYR C 410 -11.01 -29.63 -24.15
N THR C 411 -10.61 -29.06 -23.02
CA THR C 411 -9.59 -28.03 -23.00
C THR C 411 -8.20 -28.65 -23.04
N ASN C 412 -7.33 -28.06 -23.86
CA ASN C 412 -5.95 -28.51 -23.98
C ASN C 412 -5.17 -27.56 -24.89
N ASN C 413 -4.02 -27.08 -24.43
CA ASN C 413 -3.23 -26.11 -25.19
C ASN C 413 -2.24 -26.87 -26.07
N ILE C 414 -2.61 -27.05 -27.34
CA ILE C 414 -1.69 -27.64 -28.30
C ILE C 414 -0.57 -26.65 -28.57
N VAL C 415 0.67 -27.15 -28.58
CA VAL C 415 1.85 -26.34 -28.84
C VAL C 415 2.79 -27.14 -29.71
N PHE C 416 3.07 -26.65 -30.90
CA PHE C 416 3.97 -27.32 -31.82
C PHE C 416 5.38 -26.78 -31.67
N PRO C 417 6.39 -27.55 -32.06
CA PRO C 417 7.76 -27.03 -32.05
C PRO C 417 7.93 -25.93 -33.08
N ASN C 418 9.07 -25.25 -33.01
CA ASN C 418 9.35 -24.17 -33.95
C ASN C 418 9.42 -24.72 -35.37
N GLU C 419 9.30 -23.80 -36.33
CA GLU C 419 9.26 -24.08 -37.76
C GLU C 419 7.96 -24.74 -38.19
N TYR C 420 7.01 -24.95 -37.29
CA TYR C 420 5.69 -25.46 -37.61
C TYR C 420 4.66 -24.35 -37.47
N VAL C 421 3.69 -24.34 -38.37
CA VAL C 421 2.70 -23.28 -38.47
C VAL C 421 1.33 -23.91 -38.59
N ILE C 422 0.39 -23.49 -37.73
CA ILE C 422 -0.96 -24.01 -37.78
C ILE C 422 -1.58 -23.70 -39.13
N THR C 423 -2.36 -24.64 -39.65
CA THR C 423 -3.05 -24.45 -40.92
C THR C 423 -4.49 -24.97 -40.92
N LYS C 424 -4.92 -25.68 -39.89
CA LYS C 424 -6.28 -26.20 -39.84
C LYS C 424 -6.72 -26.36 -38.39
N ILE C 425 -8.00 -26.14 -38.15
CA ILE C 425 -8.61 -26.31 -36.84
C ILE C 425 -10.00 -26.90 -37.05
N ASP C 426 -10.22 -28.12 -36.54
CA ASP C 426 -11.46 -28.85 -36.75
C ASP C 426 -12.21 -28.98 -35.43
N PHE C 427 -13.29 -28.21 -35.28
CA PHE C 427 -14.20 -28.36 -34.15
C PHE C 427 -15.27 -29.38 -34.50
N THR C 428 -15.43 -30.38 -33.65
CA THR C 428 -16.44 -31.43 -33.84
C THR C 428 -17.31 -31.50 -32.60
N LYS C 429 -18.55 -31.04 -32.74
CA LYS C 429 -19.53 -31.06 -31.65
C LYS C 429 -20.52 -32.19 -31.96
N LYS C 430 -20.38 -33.31 -31.24
CA LYS C 430 -21.16 -34.51 -31.51
C LYS C 430 -22.35 -34.66 -30.55
N MET C 431 -22.07 -34.85 -29.26
CA MET C 431 -23.08 -35.16 -28.27
C MET C 431 -22.96 -34.21 -27.08
N LYS C 432 -22.92 -32.90 -27.37
CA LYS C 432 -22.78 -31.84 -26.39
C LYS C 432 -21.34 -31.73 -25.88
N THR C 433 -20.38 -32.30 -26.59
CA THR C 433 -18.97 -32.21 -26.25
C THR C 433 -18.25 -31.46 -27.35
N LEU C 434 -17.63 -30.34 -26.99
CA LEU C 434 -16.85 -29.57 -27.94
C LEU C 434 -15.42 -30.10 -27.94
N ARG C 435 -14.94 -30.51 -29.12
CA ARG C 435 -13.64 -31.13 -29.24
C ARG C 435 -12.99 -30.62 -30.51
N TYR C 436 -11.82 -30.00 -30.38
CA TYR C 436 -11.12 -29.39 -31.49
C TYR C 436 -9.83 -30.13 -31.78
N GLU C 437 -9.53 -30.28 -33.07
CA GLU C 437 -8.29 -30.89 -33.54
C GLU C 437 -7.54 -29.89 -34.40
N VAL C 438 -6.23 -29.77 -34.18
CA VAL C 438 -5.40 -28.78 -34.83
C VAL C 438 -4.36 -29.51 -35.68
N THR C 439 -4.04 -28.93 -36.83
CA THR C 439 -3.01 -29.43 -37.73
C THR C 439 -2.01 -28.33 -38.02
N ALA C 440 -0.72 -28.68 -38.04
CA ALA C 440 0.35 -27.73 -38.25
C ALA C 440 1.28 -28.26 -39.32
N ASN C 441 1.43 -27.50 -40.40
CA ASN C 441 2.37 -27.88 -41.45
C ASN C 441 3.77 -27.39 -41.11
N PHE C 442 4.76 -27.98 -41.76
CA PHE C 442 6.15 -27.60 -41.55
C PHE C 442 6.47 -26.38 -42.40
N TYR C 443 7.13 -25.39 -41.78
CA TYR C 443 7.51 -24.15 -42.44
C TYR C 443 9.01 -23.97 -42.32
N ASP C 444 9.69 -23.81 -43.45
CA ASP C 444 11.13 -23.59 -43.46
C ASP C 444 11.41 -22.11 -43.19
N SER C 445 12.10 -21.83 -42.08
CA SER C 445 12.34 -20.44 -41.71
C SER C 445 13.11 -19.70 -42.79
N SER C 446 14.07 -20.36 -43.44
CA SER C 446 14.90 -19.70 -44.43
C SER C 446 14.07 -19.28 -45.64
N THR C 447 13.28 -20.20 -46.20
CA THR C 447 12.44 -19.90 -47.35
C THR C 447 11.03 -19.54 -46.90
N GLY C 448 10.16 -19.26 -47.86
CA GLY C 448 8.79 -18.87 -47.56
C GLY C 448 7.76 -19.91 -47.95
N GLU C 449 8.18 -21.17 -48.07
CA GLU C 449 7.30 -22.25 -48.50
C GLU C 449 6.94 -23.14 -47.31
N ILE C 450 5.70 -23.60 -47.32
CA ILE C 450 5.18 -24.49 -46.28
C ILE C 450 4.97 -25.86 -46.92
N ASP C 451 5.80 -26.83 -46.51
CA ASP C 451 5.72 -28.17 -47.06
C ASP C 451 4.51 -28.91 -46.48
N LEU C 452 4.16 -30.02 -47.13
CA LEU C 452 3.03 -30.84 -46.70
C LEU C 452 3.50 -31.94 -45.74
N ASN C 453 4.19 -31.49 -44.69
CA ASN C 453 4.58 -32.35 -43.57
C ASN C 453 3.79 -31.88 -42.37
N LYS C 454 2.81 -32.67 -41.95
CA LYS C 454 1.78 -32.24 -41.02
C LYS C 454 1.96 -32.93 -39.67
N LYS C 455 1.71 -32.18 -38.61
CA LYS C 455 1.59 -32.72 -37.26
C LYS C 455 0.18 -32.42 -36.75
N LYS C 456 -0.53 -33.45 -36.33
CA LYS C 456 -1.91 -33.34 -35.88
C LYS C 456 -1.96 -33.56 -34.38
N VAL C 457 -2.57 -32.62 -33.66
CA VAL C 457 -2.81 -32.75 -32.24
C VAL C 457 -4.29 -32.56 -31.98
N GLU C 458 -4.76 -33.06 -30.84
CA GLU C 458 -6.15 -32.99 -30.47
C GLU C 458 -6.26 -32.48 -29.03
N SER C 459 -7.49 -32.38 -28.55
CA SER C 459 -7.73 -32.02 -27.16
C SER C 459 -7.64 -33.27 -26.29
N SER C 460 -6.66 -33.29 -25.38
CA SER C 460 -6.47 -34.46 -24.53
C SER C 460 -7.74 -34.74 -23.73
N GLU C 461 -7.98 -36.03 -23.48
CA GLU C 461 -9.23 -36.45 -22.83
C GLU C 461 -9.23 -36.10 -21.35
N ALA C 462 -8.16 -36.47 -20.64
CA ALA C 462 -8.17 -36.45 -19.18
C ALA C 462 -8.52 -35.09 -18.59
N GLU C 463 -8.54 -34.03 -19.38
CA GLU C 463 -8.81 -32.68 -18.89
C GLU C 463 -9.97 -32.09 -19.70
N TYR C 464 -11.19 -32.40 -19.30
CA TYR C 464 -12.38 -31.76 -19.84
C TYR C 464 -13.12 -31.04 -18.72
N ARG C 465 -13.84 -29.98 -19.08
CA ARG C 465 -14.61 -29.18 -18.15
C ARG C 465 -16.03 -29.01 -18.68
N THR C 466 -17.01 -29.13 -17.78
CA THR C 466 -18.41 -29.13 -18.16
C THR C 466 -19.10 -27.87 -17.65
N LEU C 467 -19.89 -27.25 -18.50
CA LEU C 467 -20.76 -26.14 -18.12
C LEU C 467 -22.18 -26.70 -17.96
N SER C 468 -22.71 -26.57 -16.75
CA SER C 468 -24.04 -27.08 -16.46
C SER C 468 -25.10 -26.25 -17.17
N ALA C 469 -26.26 -26.87 -17.40
CA ALA C 469 -27.35 -26.17 -18.06
C ALA C 469 -27.82 -24.99 -17.23
N ASN C 470 -28.00 -23.84 -17.88
CA ASN C 470 -28.48 -22.66 -17.21
C ASN C 470 -29.31 -21.85 -18.20
N ASP C 471 -30.38 -21.22 -17.69
CA ASP C 471 -31.28 -20.47 -18.55
C ASP C 471 -30.54 -19.32 -19.26
N ASP C 472 -29.62 -18.67 -18.55
CA ASP C 472 -28.86 -17.58 -19.14
C ASP C 472 -27.85 -18.12 -20.14
N GLY C 473 -27.49 -17.28 -21.11
CA GLY C 473 -26.49 -17.67 -22.08
C GLY C 473 -25.10 -17.61 -21.53
N VAL C 474 -24.19 -18.31 -22.22
CA VAL C 474 -22.80 -18.35 -21.81
C VAL C 474 -22.06 -17.18 -22.42
N TYR C 475 -20.89 -16.85 -21.87
CA TYR C 475 -20.05 -15.77 -22.38
C TYR C 475 -19.12 -16.36 -23.45
N MET C 476 -19.35 -15.96 -24.69
CA MET C 476 -18.60 -16.37 -25.85
C MET C 476 -17.54 -15.32 -26.19
N PRO C 477 -16.41 -15.72 -26.76
CA PRO C 477 -15.37 -14.75 -27.09
C PRO C 477 -15.86 -13.63 -27.99
N LEU C 478 -15.14 -12.52 -27.96
CA LEU C 478 -15.46 -11.37 -28.80
C LEU C 478 -14.22 -10.50 -28.94
N GLY C 479 -13.93 -10.09 -30.17
CA GLY C 479 -12.83 -9.18 -30.44
C GLY C 479 -11.88 -9.80 -31.44
N VAL C 480 -10.67 -9.22 -31.49
CA VAL C 480 -9.64 -9.63 -32.43
C VAL C 480 -8.68 -10.56 -31.69
N ILE C 481 -8.71 -11.84 -32.03
CA ILE C 481 -7.79 -12.83 -31.48
C ILE C 481 -6.62 -12.88 -32.46
N SER C 482 -5.63 -12.03 -32.22
CA SER C 482 -4.51 -11.92 -33.16
C SER C 482 -3.43 -11.06 -32.53
N GLU C 483 -2.17 -11.44 -32.77
CA GLU C 483 -1.03 -10.63 -32.34
C GLU C 483 -1.21 -9.22 -32.87
N THR C 484 -0.61 -8.23 -32.19
CA THR C 484 -0.72 -6.86 -32.66
C THR C 484 -0.30 -6.72 -34.11
N PHE C 485 0.52 -7.64 -34.60
CA PHE C 485 0.90 -7.70 -36.01
C PHE C 485 0.69 -9.12 -36.50
N LEU C 486 -0.05 -9.27 -37.60
CA LEU C 486 -0.36 -10.59 -38.13
C LEU C 486 0.91 -11.42 -38.27
N THR C 487 0.91 -12.58 -37.62
CA THR C 487 2.02 -13.52 -37.68
C THR C 487 1.47 -14.93 -37.59
N PRO C 488 2.23 -15.92 -38.05
CA PRO C 488 1.77 -17.30 -37.93
C PRO C 488 1.50 -17.69 -36.48
N ILE C 489 0.68 -18.71 -36.30
CA ILE C 489 0.31 -19.20 -34.97
C ILE C 489 1.12 -20.46 -34.69
N ASN C 490 1.70 -20.52 -33.49
CA ASN C 490 2.48 -21.68 -33.08
C ASN C 490 1.71 -22.61 -32.15
N GLY C 491 0.72 -22.11 -31.43
CA GLY C 491 -0.07 -22.95 -30.56
C GLY C 491 -1.50 -22.46 -30.48
N PHE C 492 -2.38 -23.34 -30.03
CA PHE C 492 -3.81 -23.02 -29.97
C PHE C 492 -4.44 -23.78 -28.80
N GLY C 493 -5.36 -23.12 -28.10
CA GLY C 493 -6.07 -23.77 -27.03
C GLY C 493 -7.37 -23.07 -26.71
N LEU C 494 -8.23 -23.77 -25.99
CA LEU C 494 -9.51 -23.24 -25.53
C LEU C 494 -9.68 -23.57 -24.06
N GLN C 495 -10.13 -22.58 -23.29
CA GLN C 495 -10.35 -22.74 -21.87
C GLN C 495 -11.78 -22.37 -21.53
N ALA C 496 -12.32 -23.03 -20.50
CA ALA C 496 -13.67 -22.81 -20.04
C ALA C 496 -13.67 -22.68 -18.52
N ASP C 497 -14.52 -21.80 -18.02
CA ASP C 497 -14.63 -21.55 -16.58
C ASP C 497 -16.10 -21.66 -16.19
N GLU C 498 -16.39 -22.55 -15.23
CA GLU C 498 -17.78 -22.81 -14.85
C GLU C 498 -18.28 -21.78 -13.84
N ASN C 499 -17.44 -21.39 -12.88
CA ASN C 499 -17.88 -20.43 -11.87
C ASN C 499 -18.34 -19.13 -12.51
N SER C 500 -17.83 -18.80 -13.70
CA SER C 500 -18.24 -17.62 -14.43
C SER C 500 -18.81 -17.93 -15.81
N ARG C 501 -18.73 -19.17 -16.28
CA ARG C 501 -19.27 -19.56 -17.57
C ARG C 501 -18.55 -18.83 -18.71
N LEU C 502 -17.25 -18.66 -18.56
CA LEU C 502 -16.45 -17.97 -19.56
C LEU C 502 -15.80 -18.97 -20.51
N ILE C 503 -15.64 -18.56 -21.76
CA ILE C 503 -14.95 -19.34 -22.78
C ILE C 503 -13.90 -18.44 -23.42
N THR C 504 -12.67 -18.94 -23.53
CA THR C 504 -11.56 -18.14 -24.01
C THR C 504 -10.73 -18.93 -25.00
N LEU C 505 -10.51 -18.37 -26.18
CA LEU C 505 -9.54 -18.89 -27.13
C LEU C 505 -8.19 -18.24 -26.86
N THR C 506 -7.13 -19.05 -26.88
CA THR C 506 -5.79 -18.58 -26.54
C THR C 506 -4.81 -19.19 -27.52
N CYS C 507 -4.23 -18.37 -28.39
CA CYS C 507 -3.24 -18.82 -29.36
C CYS C 507 -1.86 -18.32 -28.96
N LYS C 508 -0.85 -18.83 -29.67
CA LYS C 508 0.55 -18.54 -29.38
C LYS C 508 1.27 -18.33 -30.71
N SER C 509 1.91 -17.17 -30.85
CA SER C 509 2.42 -16.69 -32.12
C SER C 509 3.95 -16.82 -32.17
N TYR C 510 4.51 -16.34 -33.28
CA TYR C 510 5.94 -16.38 -33.54
C TYR C 510 6.57 -14.99 -33.58
N LEU C 511 5.89 -13.98 -33.01
CA LEU C 511 6.38 -12.61 -33.12
C LEU C 511 7.79 -12.47 -32.56
N ARG C 512 8.09 -13.15 -31.46
CA ARG C 512 9.43 -13.07 -30.88
C ARG C 512 10.47 -13.50 -31.91
N GLU C 513 10.19 -14.56 -32.66
CA GLU C 513 11.16 -15.06 -33.63
C GLU C 513 11.34 -14.07 -34.77
N LEU C 514 10.23 -13.57 -35.31
CA LEU C 514 10.30 -12.56 -36.37
C LEU C 514 11.14 -11.37 -35.95
N LEU C 515 10.90 -10.88 -34.72
CA LEU C 515 11.65 -9.72 -34.24
C LEU C 515 13.13 -10.05 -34.07
N LEU C 516 13.43 -11.10 -33.31
CA LEU C 516 14.82 -11.47 -33.08
C LEU C 516 15.58 -11.74 -34.36
N ALA C 517 14.87 -12.12 -35.44
CA ALA C 517 15.54 -12.43 -36.70
C ALA C 517 15.63 -11.23 -37.62
N THR C 518 14.71 -10.28 -37.52
CA THR C 518 14.67 -9.17 -38.47
C THR C 518 14.95 -7.82 -37.81
N ASP C 519 13.91 -7.17 -37.29
CA ASP C 519 14.04 -5.77 -36.88
C ASP C 519 15.07 -5.62 -35.77
N LEU C 520 15.07 -6.52 -34.80
CA LEU C 520 16.05 -6.45 -33.71
C LEU C 520 17.44 -6.88 -34.15
N SER C 521 17.64 -7.20 -35.42
CA SER C 521 18.95 -7.42 -36.00
C SER C 521 19.34 -6.32 -36.97
N ASN C 522 18.68 -5.16 -36.88
CA ASN C 522 18.90 -4.02 -37.76
C ASN C 522 18.51 -4.32 -39.20
N LYS C 523 17.66 -5.32 -39.43
CA LYS C 523 17.20 -5.67 -40.75
C LYS C 523 15.98 -4.79 -41.10
N GLU C 524 15.14 -5.26 -42.02
CA GLU C 524 13.94 -4.56 -42.42
C GLU C 524 12.72 -5.42 -42.13
N THR C 525 11.60 -4.76 -41.84
CA THR C 525 10.36 -5.45 -41.52
C THR C 525 9.18 -4.64 -42.03
N LYS C 526 8.13 -5.36 -42.45
CA LYS C 526 6.85 -4.76 -42.82
C LYS C 526 5.78 -5.52 -42.05
N LEU C 527 5.47 -5.03 -40.86
CA LEU C 527 4.49 -5.67 -39.99
C LEU C 527 3.10 -5.19 -40.36
N ILE C 528 2.19 -6.15 -40.59
CA ILE C 528 0.82 -5.85 -41.00
C ILE C 528 -0.05 -5.80 -39.75
N VAL C 529 -0.85 -4.76 -39.63
CA VAL C 529 -1.76 -4.60 -38.49
C VAL C 529 -3.08 -5.27 -38.84
N PRO C 530 -3.76 -5.91 -37.90
CA PRO C 530 -5.05 -6.54 -38.22
C PRO C 530 -6.03 -5.51 -38.75
N PRO C 531 -6.55 -5.69 -39.97
CA PRO C 531 -7.48 -4.71 -40.52
C PRO C 531 -8.81 -4.74 -39.78
N SER C 532 -9.28 -3.57 -39.38
CA SER C 532 -10.54 -3.44 -38.65
C SER C 532 -11.76 -3.57 -39.54
N GLY C 533 -11.59 -3.81 -40.84
CA GLY C 533 -12.71 -3.94 -41.74
C GLY C 533 -12.58 -5.20 -42.59
N PHE C 534 -13.73 -5.62 -43.12
CA PHE C 534 -13.77 -6.83 -43.93
C PHE C 534 -13.11 -6.58 -45.28
N ILE C 535 -12.04 -7.30 -45.58
CA ILE C 535 -11.39 -7.18 -46.88
C ILE C 535 -12.20 -7.91 -47.95
N SER C 536 -12.77 -9.07 -47.61
CA SER C 536 -13.52 -9.87 -48.57
C SER C 536 -14.87 -9.27 -48.92
N ASN C 537 -15.23 -8.13 -48.35
CA ASN C 537 -16.52 -7.51 -48.67
C ASN C 537 -16.61 -7.27 -50.17
N ILE C 538 -17.67 -7.82 -50.79
CA ILE C 538 -17.85 -7.72 -52.23
C ILE C 538 -18.56 -6.44 -52.65
N VAL C 539 -19.16 -5.70 -51.71
CA VAL C 539 -19.82 -4.44 -52.01
C VAL C 539 -18.74 -3.36 -51.99
N GLU C 540 -18.24 -3.00 -53.17
CA GLU C 540 -17.20 -1.99 -53.25
C GLU C 540 -17.69 -0.67 -52.68
N ASN C 541 -16.79 0.02 -51.98
CA ASN C 541 -17.12 1.31 -51.38
C ASN C 541 -18.38 1.23 -50.52
N GLY C 542 -18.52 0.09 -49.82
CA GLY C 542 -19.69 -0.07 -48.96
C GLY C 542 -19.84 1.05 -47.95
N SER C 543 -18.73 1.42 -47.30
CA SER C 543 -18.77 2.53 -46.35
C SER C 543 -19.06 3.85 -47.05
N ILE C 544 -18.92 3.92 -48.37
CA ILE C 544 -19.23 5.12 -49.14
C ILE C 544 -18.42 6.28 -48.56
N GLU C 545 -17.10 6.13 -48.52
CA GLU C 545 -16.20 7.18 -48.08
C GLU C 545 -15.71 8.04 -49.24
N GLU C 546 -15.51 7.43 -50.41
CA GLU C 546 -15.14 8.18 -51.60
C GLU C 546 -16.37 8.92 -52.13
N ASP C 547 -16.29 10.25 -52.21
CA ASP C 547 -17.45 11.05 -52.56
C ASP C 547 -17.97 10.73 -53.96
N ASN C 548 -17.11 10.27 -54.87
CA ASN C 548 -17.51 9.97 -56.24
C ASN C 548 -18.04 8.53 -56.29
N LEU C 549 -19.34 8.38 -56.53
CA LEU C 549 -19.99 7.07 -56.56
C LEU C 549 -19.74 6.41 -57.92
N GLU C 550 -18.48 6.04 -58.14
CA GLU C 550 -18.15 5.32 -59.36
C GLU C 550 -18.74 3.91 -59.32
N PRO C 551 -18.65 3.21 -58.19
CA PRO C 551 -19.29 1.89 -58.10
C PRO C 551 -20.81 1.99 -58.13
N TRP C 552 -21.37 2.78 -57.22
CA TRP C 552 -22.81 2.98 -57.17
C TRP C 552 -23.24 3.90 -58.32
N LYS C 553 -24.53 4.21 -58.35
CA LYS C 553 -25.09 5.09 -59.38
C LYS C 553 -26.54 5.36 -59.04
N ALA C 554 -27.04 6.50 -59.53
CA ALA C 554 -28.41 6.92 -59.33
C ALA C 554 -29.14 6.91 -60.67
N ASN C 555 -30.33 6.30 -60.68
CA ASN C 555 -31.09 6.20 -61.93
C ASN C 555 -31.69 7.55 -62.31
N ASN C 556 -32.34 8.22 -61.37
CA ASN C 556 -33.03 9.48 -61.60
C ASN C 556 -32.33 10.60 -60.86
N LYS C 557 -32.61 11.84 -61.28
CA LYS C 557 -32.01 13.02 -60.66
C LYS C 557 -32.52 13.19 -59.24
N ASN C 558 -32.14 12.26 -58.37
CA ASN C 558 -32.44 12.33 -56.94
C ASN C 558 -31.62 11.24 -56.27
N ALA C 559 -31.82 11.08 -54.96
CA ALA C 559 -31.06 10.10 -54.21
C ALA C 559 -29.57 10.35 -54.40
N TYR C 560 -29.01 11.24 -53.59
CA TYR C 560 -27.64 11.71 -53.76
C TYR C 560 -26.84 11.40 -52.48
N VAL C 561 -25.60 11.89 -52.45
CA VAL C 561 -24.69 11.62 -51.33
C VAL C 561 -24.93 12.70 -50.28
N ASP C 562 -25.59 12.33 -49.19
CA ASP C 562 -25.81 13.23 -48.06
C ASP C 562 -24.59 13.14 -47.15
N HIS C 563 -23.74 14.17 -47.20
CA HIS C 563 -22.52 14.16 -46.41
C HIS C 563 -22.84 14.20 -44.92
N THR C 564 -23.85 14.98 -44.53
CA THR C 564 -24.22 15.05 -43.12
C THR C 564 -24.67 13.70 -42.60
N GLY C 565 -25.21 12.84 -43.46
CA GLY C 565 -25.63 11.52 -43.05
C GLY C 565 -24.50 10.51 -43.04
N GLY C 566 -24.78 9.34 -42.50
CA GLY C 566 -23.82 8.26 -42.41
C GLY C 566 -23.36 8.03 -40.98
N VAL C 567 -22.48 7.05 -40.84
CA VAL C 567 -21.94 6.69 -39.54
C VAL C 567 -21.03 7.82 -39.07
N ASN C 568 -21.64 8.85 -38.48
CA ASN C 568 -20.89 9.99 -37.96
C ASN C 568 -20.11 10.69 -39.07
N GLY C 569 -18.83 10.35 -39.22
CA GLY C 569 -17.99 11.02 -40.20
C GLY C 569 -17.82 10.25 -41.49
N THR C 570 -18.90 10.13 -42.26
CA THR C 570 -18.86 9.46 -43.55
C THR C 570 -19.81 10.18 -44.50
N LYS C 571 -20.05 9.58 -45.66
CA LYS C 571 -20.93 10.13 -46.69
C LYS C 571 -21.95 9.06 -47.04
N ALA C 572 -23.19 9.24 -46.56
CA ALA C 572 -24.22 8.22 -46.73
C ALA C 572 -24.90 8.34 -48.09
N LEU C 573 -25.52 7.25 -48.51
CA LEU C 573 -26.41 7.25 -49.66
C LEU C 573 -27.82 7.61 -49.21
N TYR C 574 -28.51 8.39 -50.03
CA TYR C 574 -29.80 8.96 -49.67
C TYR C 574 -30.81 8.68 -50.77
N VAL C 575 -32.09 8.65 -50.40
CA VAL C 575 -33.18 8.44 -51.36
C VAL C 575 -34.37 9.28 -50.91
N HIS C 576 -35.08 9.84 -51.88
CA HIS C 576 -36.20 10.75 -51.62
C HIS C 576 -37.47 10.28 -52.32
N LYS C 577 -37.57 10.42 -53.64
CA LYS C 577 -38.80 10.11 -54.35
C LYS C 577 -38.85 8.63 -54.73
N ASP C 578 -38.43 8.30 -55.96
CA ASP C 578 -38.52 6.94 -56.47
C ASP C 578 -37.23 6.47 -57.13
N GLY C 579 -36.18 7.29 -57.13
CA GLY C 579 -34.93 6.89 -57.73
C GLY C 579 -34.01 6.22 -56.72
N GLY C 580 -33.76 4.94 -56.92
CA GLY C 580 -32.96 4.15 -56.00
C GLY C 580 -31.52 4.02 -56.49
N ILE C 581 -30.59 4.08 -55.54
CA ILE C 581 -29.17 3.97 -55.85
C ILE C 581 -28.81 2.49 -55.91
N SER C 582 -28.19 2.08 -57.02
CA SER C 582 -27.93 0.68 -57.29
C SER C 582 -26.45 0.46 -57.57
N GLN C 583 -25.99 -0.77 -57.29
CA GLN C 583 -24.62 -1.16 -57.56
C GLN C 583 -24.60 -2.58 -58.10
N PHE C 584 -23.86 -2.79 -59.19
CA PHE C 584 -23.78 -4.09 -59.84
C PHE C 584 -22.78 -4.96 -59.10
N ILE C 585 -23.24 -6.11 -58.60
CA ILE C 585 -22.39 -7.06 -57.90
C ILE C 585 -22.86 -8.48 -58.21
N GLY C 586 -23.32 -8.68 -59.44
CA GLY C 586 -23.81 -10.00 -59.81
C GLY C 586 -22.71 -11.02 -60.01
N ASP C 587 -21.61 -10.61 -60.64
CA ASP C 587 -20.54 -11.56 -60.95
C ASP C 587 -19.95 -12.14 -59.67
N LYS C 588 -19.40 -11.28 -58.80
CA LYS C 588 -18.74 -11.74 -57.59
C LYS C 588 -19.73 -12.35 -56.60
N LEU C 589 -20.31 -13.49 -56.98
CA LEU C 589 -21.22 -14.23 -56.12
C LEU C 589 -21.13 -15.70 -56.49
N LYS C 590 -21.97 -16.52 -55.85
CA LYS C 590 -22.04 -17.94 -56.14
C LYS C 590 -23.49 -18.39 -56.00
N PRO C 591 -23.85 -19.51 -56.62
CA PRO C 591 -25.24 -20.00 -56.50
C PRO C 591 -25.45 -20.89 -55.29
N LYS C 592 -26.52 -20.62 -54.53
CA LYS C 592 -26.96 -21.41 -53.39
C LYS C 592 -26.01 -21.33 -52.20
N THR C 593 -24.92 -20.57 -52.29
CA THR C 593 -24.03 -20.39 -51.16
C THR C 593 -24.59 -19.29 -50.25
N GLU C 594 -24.52 -19.53 -48.95
CA GLU C 594 -25.09 -18.59 -48.00
C GLU C 594 -24.29 -17.30 -47.96
N TYR C 595 -24.98 -16.19 -47.69
CA TYR C 595 -24.38 -14.87 -47.64
C TYR C 595 -24.95 -14.11 -46.46
N VAL C 596 -24.17 -13.15 -45.97
CA VAL C 596 -24.56 -12.28 -44.85
C VAL C 596 -24.57 -10.85 -45.34
N ILE C 597 -25.69 -10.16 -45.11
CA ILE C 597 -25.86 -8.76 -45.47
C ILE C 597 -25.87 -7.93 -44.20
N GLN C 598 -25.30 -6.73 -44.27
CA GLN C 598 -25.25 -5.84 -43.13
C GLN C 598 -25.24 -4.40 -43.63
N TYR C 599 -25.91 -3.51 -42.89
CA TYR C 599 -25.93 -2.10 -43.27
C TYR C 599 -26.63 -1.28 -42.19
N THR C 600 -26.17 -0.05 -42.00
CA THR C 600 -26.81 0.89 -41.09
C THR C 600 -27.66 1.85 -41.91
N VAL C 601 -28.83 2.20 -41.39
CA VAL C 601 -29.74 3.08 -42.12
C VAL C 601 -30.53 3.94 -41.15
N LYS C 602 -31.02 5.07 -41.65
CA LYS C 602 -31.87 5.99 -40.91
C LYS C 602 -33.04 6.39 -41.80
N GLY C 603 -34.22 6.52 -41.19
CA GLY C 603 -35.42 6.84 -41.93
C GLY C 603 -36.25 5.62 -42.25
N LYS C 604 -36.96 5.65 -43.38
CA LYS C 604 -37.79 4.54 -43.85
C LYS C 604 -37.19 4.03 -45.16
N PRO C 605 -36.18 3.18 -45.10
CA PRO C 605 -35.51 2.72 -46.32
C PRO C 605 -36.16 1.50 -46.96
N SER C 606 -35.55 1.00 -48.03
CA SER C 606 -36.01 -0.25 -48.65
C SER C 606 -34.83 -0.81 -49.45
N ILE C 607 -34.27 -1.92 -48.98
CA ILE C 607 -33.09 -2.53 -49.60
C ILE C 607 -33.52 -3.79 -50.34
N HIS C 608 -32.95 -4.00 -51.52
CA HIS C 608 -33.31 -5.16 -52.33
C HIS C 608 -32.10 -5.63 -53.14
N LEU C 609 -31.77 -6.91 -53.02
CA LEU C 609 -30.76 -7.54 -53.88
C LEU C 609 -31.52 -8.21 -55.01
N LYS C 610 -31.68 -7.49 -56.12
CA LYS C 610 -32.61 -7.90 -57.17
C LYS C 610 -31.85 -8.24 -58.45
N ASP C 611 -32.42 -9.17 -59.20
CA ASP C 611 -31.88 -9.58 -60.49
C ASP C 611 -32.72 -8.97 -61.61
N GLU C 612 -32.07 -8.27 -62.53
CA GLU C 612 -32.78 -7.67 -63.66
C GLU C 612 -33.53 -8.74 -64.45
N ASN C 613 -32.85 -9.85 -64.76
CA ASN C 613 -33.49 -10.99 -65.39
C ASN C 613 -34.15 -11.86 -64.33
N THR C 614 -35.38 -12.28 -64.59
CA THR C 614 -36.15 -13.09 -63.65
C THR C 614 -36.55 -12.25 -62.45
N GLY C 615 -37.72 -12.53 -61.86
CA GLY C 615 -38.21 -11.77 -60.75
C GLY C 615 -37.76 -12.29 -59.39
N TYR C 616 -36.66 -13.02 -59.36
CA TYR C 616 -36.15 -13.55 -58.11
C TYR C 616 -35.71 -12.42 -57.20
N ILE C 617 -36.06 -12.50 -55.92
CA ILE C 617 -35.74 -11.50 -54.92
C ILE C 617 -34.97 -12.21 -53.81
N HIS C 618 -33.64 -12.14 -53.86
CA HIS C 618 -32.81 -12.81 -52.88
C HIS C 618 -33.06 -12.24 -51.48
N TYR C 619 -32.61 -11.00 -51.25
CA TYR C 619 -32.80 -10.31 -49.98
C TYR C 619 -33.69 -9.10 -50.21
N GLU C 620 -34.67 -8.92 -49.33
CA GLU C 620 -35.56 -7.77 -49.38
C GLU C 620 -35.84 -7.30 -47.97
N ASP C 621 -35.70 -6.00 -47.73
CA ASP C 621 -35.95 -5.39 -46.43
C ASP C 621 -36.77 -4.13 -46.65
N THR C 622 -38.00 -4.13 -46.15
CA THR C 622 -38.92 -3.02 -46.32
C THR C 622 -39.61 -2.71 -45.00
N ASN C 623 -40.30 -1.57 -44.96
CA ASN C 623 -41.07 -1.17 -43.79
C ASN C 623 -40.23 -1.19 -42.53
N ASN C 624 -39.44 -0.13 -42.31
CA ASN C 624 -38.64 0.00 -41.09
C ASN C 624 -38.57 1.48 -40.73
N ASN C 625 -39.47 1.90 -39.83
CA ASN C 625 -39.52 3.28 -39.40
C ASN C 625 -38.36 3.59 -38.47
N LEU C 626 -37.13 3.52 -38.99
CA LEU C 626 -35.93 3.75 -38.21
C LEU C 626 -35.70 5.26 -38.11
N GLU C 627 -36.35 5.88 -37.12
CA GLU C 627 -36.14 7.30 -36.89
C GLU C 627 -34.68 7.63 -36.64
N ASP C 628 -34.00 6.75 -35.91
CA ASP C 628 -32.57 6.88 -35.64
C ASP C 628 -31.81 5.80 -36.40
N TYR C 629 -30.49 5.95 -36.45
CA TYR C 629 -29.66 5.00 -37.16
C TYR C 629 -29.73 3.62 -36.52
N GLN C 630 -30.06 2.61 -37.32
CA GLN C 630 -30.14 1.23 -36.87
C GLN C 630 -29.34 0.35 -37.81
N THR C 631 -28.65 -0.63 -37.23
CA THR C 631 -27.76 -1.52 -37.98
C THR C 631 -28.47 -2.87 -38.15
N ILE C 632 -28.84 -3.19 -39.39
CA ILE C 632 -29.51 -4.44 -39.71
C ILE C 632 -28.49 -5.43 -40.26
N ASN C 633 -28.55 -6.67 -39.78
CA ASN C 633 -27.72 -7.76 -40.28
C ASN C 633 -28.62 -8.98 -40.47
N LYS C 634 -28.56 -9.57 -41.66
CA LYS C 634 -29.39 -10.72 -41.99
C LYS C 634 -28.55 -11.74 -42.77
N ARG C 635 -29.12 -12.93 -42.93
CA ARG C 635 -28.52 -13.99 -43.73
C ARG C 635 -29.49 -14.39 -44.83
N PHE C 636 -28.96 -14.93 -45.92
CA PHE C 636 -29.78 -15.33 -47.05
C PHE C 636 -28.98 -16.27 -47.95
N THR C 637 -29.60 -16.69 -49.04
CA THR C 637 -28.97 -17.53 -50.05
C THR C 637 -29.33 -16.99 -51.43
N THR C 638 -28.64 -17.51 -52.46
CA THR C 638 -28.81 -17.05 -53.82
C THR C 638 -29.14 -18.23 -54.73
N GLY C 639 -30.01 -17.97 -55.71
CA GLY C 639 -30.40 -19.01 -56.65
C GLY C 639 -31.02 -18.49 -57.93
N THR C 640 -30.18 -18.05 -58.87
CA THR C 640 -30.66 -17.55 -60.15
C THR C 640 -29.50 -17.33 -61.12
N ASP C 641 -29.73 -16.54 -62.18
CA ASP C 641 -28.67 -16.29 -63.15
C ASP C 641 -27.43 -15.71 -62.48
N LEU C 642 -27.63 -14.88 -61.46
CA LEU C 642 -26.53 -14.38 -60.63
C LEU C 642 -25.75 -13.28 -61.34
N LYS C 643 -25.36 -13.53 -62.59
CA LYS C 643 -24.58 -12.54 -63.34
C LYS C 643 -25.35 -11.25 -63.61
N GLY C 644 -26.66 -11.24 -63.39
CA GLY C 644 -27.45 -10.05 -63.58
C GLY C 644 -28.09 -9.54 -62.30
N VAL C 645 -27.47 -9.85 -61.17
CA VAL C 645 -27.95 -9.44 -59.86
C VAL C 645 -27.23 -8.19 -59.43
N TYR C 646 -27.91 -7.34 -58.67
CA TYR C 646 -27.32 -6.11 -58.19
C TYR C 646 -28.13 -5.59 -57.01
N LEU C 647 -27.46 -4.79 -56.18
CA LEU C 647 -28.04 -4.22 -54.97
C LEU C 647 -28.73 -2.91 -55.31
N ILE C 648 -29.82 -2.63 -54.59
CA ILE C 648 -30.64 -1.44 -54.83
C ILE C 648 -31.11 -0.91 -53.49
N LEU C 649 -31.08 0.42 -53.34
CA LEU C 649 -31.59 1.11 -52.16
C LEU C 649 -32.60 2.15 -52.63
N LYS C 650 -33.86 1.97 -52.25
CA LYS C 650 -34.94 2.90 -52.53
C LYS C 650 -35.56 3.36 -51.22
N SER C 651 -36.59 4.19 -51.32
CA SER C 651 -37.36 4.64 -50.17
C SER C 651 -38.74 3.98 -50.20
N GLN C 652 -39.18 3.52 -49.04
CA GLN C 652 -40.48 2.86 -48.94
C GLN C 652 -41.58 3.81 -49.43
N ASN C 653 -42.34 3.37 -50.42
CA ASN C 653 -43.39 4.19 -51.00
C ASN C 653 -42.81 5.48 -51.56
N GLY C 654 -42.86 6.57 -50.79
CA GLY C 654 -42.40 7.86 -51.26
C GLY C 654 -41.58 8.63 -50.24
N ASP C 655 -41.42 8.08 -49.04
CA ASP C 655 -40.69 8.76 -47.98
C ASP C 655 -39.23 8.91 -48.38
N GLU C 656 -38.39 9.37 -47.44
CA GLU C 656 -36.97 9.55 -47.68
C GLU C 656 -36.18 8.82 -46.59
N ALA C 657 -34.97 8.38 -46.94
CA ALA C 657 -34.15 7.66 -45.99
C ALA C 657 -32.74 7.55 -46.54
N TRP C 658 -31.77 7.38 -45.64
CA TRP C 658 -30.38 7.30 -46.05
C TRP C 658 -29.63 6.28 -45.20
N GLY C 659 -28.74 5.53 -45.85
CA GLY C 659 -27.98 4.49 -45.19
C GLY C 659 -26.51 4.53 -45.58
N ASP C 660 -25.77 3.57 -45.04
CA ASP C 660 -24.32 3.49 -45.20
C ASP C 660 -23.86 2.15 -44.62
N ASN C 661 -22.55 1.90 -44.75
CA ASN C 661 -21.92 0.72 -44.17
C ASN C 661 -22.49 -0.56 -44.77
N PHE C 662 -22.58 -0.60 -46.10
CA PHE C 662 -23.11 -1.76 -46.80
C PHE C 662 -22.04 -2.84 -46.89
N ILE C 663 -22.38 -4.05 -46.45
CA ILE C 663 -21.45 -5.16 -46.37
C ILE C 663 -22.17 -6.42 -46.81
N ILE C 664 -21.54 -7.19 -47.71
CA ILE C 664 -22.04 -8.49 -48.14
C ILE C 664 -20.89 -9.46 -48.07
N LEU C 665 -20.99 -10.44 -47.17
CA LEU C 665 -19.92 -11.39 -46.90
C LEU C 665 -20.36 -12.79 -47.34
N GLU C 666 -19.40 -13.54 -47.88
CA GLU C 666 -19.60 -14.92 -48.31
C GLU C 666 -19.11 -15.84 -47.19
N ILE C 667 -20.05 -16.38 -46.42
CA ILE C 667 -19.69 -17.26 -45.31
C ILE C 667 -19.43 -18.66 -45.85
N SER C 668 -18.38 -19.30 -45.34
CA SER C 668 -18.01 -20.62 -45.81
C SER C 668 -19.09 -21.64 -45.44
N PRO C 669 -19.41 -22.57 -46.34
CA PRO C 669 -20.43 -23.57 -46.00
C PRO C 669 -20.03 -24.41 -44.79
N SER C 670 -21.01 -24.75 -43.97
CA SER C 670 -20.80 -25.59 -42.80
C SER C 670 -21.13 -27.04 -43.17
N GLU C 671 -20.24 -27.96 -42.80
CA GLU C 671 -20.42 -29.37 -43.10
C GLU C 671 -21.21 -30.04 -41.97
N LYS C 672 -22.13 -30.92 -42.36
CA LYS C 672 -22.93 -31.65 -41.39
C LYS C 672 -22.11 -32.80 -40.82
N LEU C 673 -22.02 -32.88 -39.50
CA LEU C 673 -21.24 -33.92 -38.83
C LEU C 673 -21.92 -35.27 -39.05
N LEU C 674 -21.21 -36.17 -39.73
CA LEU C 674 -21.72 -37.50 -40.01
C LEU C 674 -21.31 -38.47 -38.91
N SER C 675 -22.25 -39.34 -38.51
CA SER C 675 -22.01 -40.33 -37.46
C SER C 675 -22.15 -41.74 -38.04
N PRO C 676 -21.08 -42.51 -38.17
CA PRO C 676 -21.22 -43.88 -38.71
C PRO C 676 -22.05 -44.77 -37.79
N GLU C 677 -22.75 -45.73 -38.41
CA GLU C 677 -23.55 -46.67 -37.64
C GLU C 677 -22.68 -47.54 -36.74
N LEU C 678 -21.50 -47.94 -37.23
CA LEU C 678 -20.48 -48.60 -36.44
C LEU C 678 -20.80 -50.08 -36.18
N ILE C 679 -22.00 -50.40 -35.69
CA ILE C 679 -22.42 -51.78 -35.48
C ILE C 679 -23.37 -52.20 -36.57
N ASN C 680 -23.17 -53.41 -37.10
CA ASN C 680 -24.11 -54.09 -37.98
C ASN C 680 -24.43 -55.46 -37.41
N THR C 681 -25.66 -55.93 -37.68
CA THR C 681 -26.11 -57.21 -37.15
C THR C 681 -25.22 -58.37 -37.57
N ASN C 682 -24.40 -58.18 -38.61
CA ASN C 682 -23.65 -59.27 -39.21
C ASN C 682 -22.32 -59.57 -38.52
N ASN C 683 -22.03 -58.92 -37.40
CA ASN C 683 -20.72 -59.03 -36.76
C ASN C 683 -20.88 -59.26 -35.26
N TRP C 684 -21.74 -60.20 -34.90
CA TRP C 684 -22.06 -60.53 -33.51
C TRP C 684 -21.42 -61.86 -33.17
N THR C 685 -20.23 -61.82 -32.56
CA THR C 685 -19.55 -63.04 -32.14
C THR C 685 -20.21 -63.54 -30.87
N SER C 686 -21.02 -64.60 -31.00
CA SER C 686 -21.78 -65.13 -29.89
C SER C 686 -21.14 -66.40 -29.37
N THR C 687 -21.28 -66.63 -28.07
CA THR C 687 -20.82 -67.84 -27.42
C THR C 687 -21.90 -68.34 -26.48
N GLY C 688 -21.96 -69.66 -26.31
CA GLY C 688 -22.96 -70.26 -25.45
C GLY C 688 -24.36 -70.12 -26.05
N SER C 689 -25.34 -70.50 -25.22
CA SER C 689 -26.73 -70.47 -25.64
C SER C 689 -27.22 -69.04 -25.83
N THR C 690 -27.11 -68.52 -27.05
CA THR C 690 -27.53 -67.17 -27.37
C THR C 690 -27.98 -67.13 -28.83
N ASN C 691 -29.01 -66.35 -29.11
CA ASN C 691 -29.61 -66.31 -30.44
C ASN C 691 -29.82 -64.87 -30.90
N ILE C 692 -29.46 -64.59 -32.15
CA ILE C 692 -29.68 -63.29 -32.76
C ILE C 692 -30.71 -63.46 -33.87
N SER C 693 -31.87 -62.84 -33.71
CA SER C 693 -32.97 -62.94 -34.67
C SER C 693 -33.21 -61.55 -35.26
N GLY C 694 -32.77 -61.35 -36.50
CA GLY C 694 -32.97 -60.08 -37.18
C GLY C 694 -32.30 -58.93 -36.45
N ASN C 695 -33.09 -58.17 -35.69
CA ASN C 695 -32.60 -57.01 -34.96
C ASN C 695 -32.77 -57.18 -33.45
N THR C 696 -32.89 -58.42 -32.98
CA THR C 696 -33.05 -58.71 -31.56
C THR C 696 -31.99 -59.71 -31.13
N LEU C 697 -31.49 -59.53 -29.90
CA LEU C 697 -30.52 -60.44 -29.31
C LEU C 697 -31.14 -61.07 -28.08
N THR C 698 -30.83 -62.34 -27.84
CA THR C 698 -31.43 -63.09 -26.75
C THR C 698 -30.36 -63.96 -26.09
N LEU C 699 -30.16 -63.74 -24.79
CA LEU C 699 -29.30 -64.59 -23.97
C LEU C 699 -30.17 -65.47 -23.09
N TYR C 700 -29.96 -66.78 -23.17
CA TYR C 700 -30.75 -67.75 -22.42
C TYR C 700 -30.13 -67.93 -21.03
N GLN C 701 -30.98 -67.94 -20.01
CA GLN C 701 -30.51 -68.17 -18.65
C GLN C 701 -30.10 -69.62 -18.48
N GLY C 702 -29.04 -69.83 -17.70
CA GLY C 702 -28.50 -71.16 -17.46
C GLY C 702 -27.33 -71.53 -18.32
N GLY C 703 -27.05 -70.77 -19.38
CA GLY C 703 -25.90 -71.01 -20.24
C GLY C 703 -24.85 -69.93 -20.06
N ARG C 704 -23.58 -70.34 -20.15
CA ARG C 704 -22.46 -69.42 -19.99
C ARG C 704 -22.17 -68.62 -21.25
N GLY C 705 -23.20 -68.19 -21.97
CA GLY C 705 -23.01 -67.50 -23.22
C GLY C 705 -22.95 -65.99 -23.08
N ILE C 706 -22.32 -65.34 -24.07
CA ILE C 706 -22.18 -63.90 -24.10
C ILE C 706 -22.07 -63.47 -25.56
N LEU C 707 -22.43 -62.21 -25.82
CA LEU C 707 -22.36 -61.64 -27.17
C LEU C 707 -21.26 -60.59 -27.17
N LYS C 708 -20.11 -60.95 -27.75
CA LYS C 708 -18.99 -60.04 -27.89
C LYS C 708 -18.92 -59.56 -29.34
N GLN C 709 -18.66 -58.28 -29.53
CA GLN C 709 -18.57 -57.69 -30.86
C GLN C 709 -17.43 -56.69 -30.93
N ASN C 710 -16.60 -56.81 -31.96
CA ASN C 710 -15.50 -55.89 -32.17
C ASN C 710 -16.01 -54.59 -32.80
N LEU C 711 -15.33 -53.49 -32.49
CA LEU C 711 -15.66 -52.18 -33.01
C LEU C 711 -14.40 -51.46 -33.46
N GLN C 712 -14.60 -50.35 -34.16
CA GLN C 712 -13.52 -49.47 -34.59
C GLN C 712 -13.86 -48.05 -34.16
N LEU C 713 -13.17 -47.56 -33.13
CA LEU C 713 -13.44 -46.24 -32.57
C LEU C 713 -12.25 -45.32 -32.82
N ASP C 714 -12.55 -44.05 -33.06
CA ASP C 714 -11.50 -43.06 -33.27
C ASP C 714 -10.70 -42.87 -31.97
N SER C 715 -9.77 -41.92 -32.00
CA SER C 715 -8.88 -41.71 -30.87
C SER C 715 -9.62 -41.07 -29.70
N PHE C 716 -9.81 -39.75 -29.73
CA PHE C 716 -10.39 -39.01 -28.62
C PHE C 716 -11.84 -38.65 -28.85
N SER C 717 -12.55 -39.41 -29.68
CA SER C 717 -13.92 -39.07 -30.02
C SER C 717 -14.86 -39.57 -28.92
N THR C 718 -16.12 -39.13 -29.01
CA THR C 718 -17.17 -39.55 -28.10
C THR C 718 -18.24 -40.29 -28.88
N TYR C 719 -18.96 -41.19 -28.21
CA TYR C 719 -20.01 -41.96 -28.85
C TYR C 719 -21.17 -42.14 -27.87
N ARG C 720 -22.33 -42.45 -28.43
CA ARG C 720 -23.55 -42.68 -27.66
C ARG C 720 -24.10 -44.05 -28.01
N VAL C 721 -24.41 -44.85 -26.99
CA VAL C 721 -24.90 -46.21 -27.15
C VAL C 721 -26.37 -46.23 -26.74
N TYR C 722 -27.22 -46.76 -27.61
CA TYR C 722 -28.65 -46.88 -27.37
C TYR C 722 -29.01 -48.34 -27.16
N PHE C 723 -29.79 -48.62 -26.12
CA PHE C 723 -30.27 -49.97 -25.84
C PHE C 723 -31.74 -49.93 -25.49
N SER C 724 -32.45 -51.02 -25.81
CA SER C 724 -33.79 -51.28 -25.29
C SER C 724 -33.77 -52.72 -24.78
N VAL C 725 -33.68 -52.88 -23.47
CA VAL C 725 -33.42 -54.19 -22.89
C VAL C 725 -34.61 -54.63 -22.05
N SER C 726 -34.85 -55.94 -22.03
CA SER C 726 -35.85 -56.55 -21.18
C SER C 726 -35.21 -57.68 -20.39
N GLY C 727 -35.38 -57.64 -19.08
CA GLY C 727 -34.78 -58.60 -18.18
C GLY C 727 -33.54 -58.06 -17.50
N ASP C 728 -32.81 -58.98 -16.87
CA ASP C 728 -31.57 -58.64 -16.19
C ASP C 728 -30.43 -58.77 -17.19
N ALA C 729 -29.70 -57.66 -17.39
CA ALA C 729 -28.66 -57.61 -18.40
C ALA C 729 -27.46 -56.84 -17.88
N ASN C 730 -26.29 -57.14 -18.45
CA ASN C 730 -25.07 -56.40 -18.18
C ASN C 730 -24.38 -56.13 -19.51
N VAL C 731 -23.86 -54.91 -19.67
CA VAL C 731 -23.24 -54.48 -20.91
C VAL C 731 -21.94 -53.78 -20.58
N ARG C 732 -20.86 -54.14 -21.29
CA ARG C 732 -19.54 -53.57 -21.06
C ARG C 732 -18.86 -53.28 -22.38
N ILE C 733 -18.60 -52.01 -22.66
CA ILE C 733 -17.82 -51.59 -23.81
C ILE C 733 -16.41 -51.32 -23.29
N ARG C 734 -15.45 -52.15 -23.67
CA ARG C 734 -14.12 -52.05 -23.08
C ARG C 734 -13.06 -52.56 -24.06
N ASN C 735 -11.81 -52.31 -23.68
CA ASN C 735 -10.63 -52.83 -24.33
C ASN C 735 -10.09 -54.00 -23.50
N SER C 736 -8.96 -54.57 -23.92
CA SER C 736 -8.34 -55.64 -23.14
C SER C 736 -7.83 -55.12 -21.80
N ARG C 737 -7.40 -53.87 -21.73
CA ARG C 737 -6.80 -53.31 -20.53
C ARG C 737 -7.49 -52.03 -20.06
N GLU C 738 -8.52 -51.56 -20.75
CA GLU C 738 -9.25 -50.37 -20.33
C GLU C 738 -10.73 -50.56 -20.62
N VAL C 739 -11.57 -49.90 -19.83
CA VAL C 739 -13.01 -50.00 -19.93
C VAL C 739 -13.58 -48.60 -20.17
N LEU C 740 -14.29 -48.44 -21.28
CA LEU C 740 -14.92 -47.15 -21.58
C LEU C 740 -16.28 -47.03 -20.89
N PHE C 741 -17.03 -48.13 -20.82
CA PHE C 741 -18.36 -48.10 -20.22
C PHE C 741 -18.69 -49.50 -19.70
N GLU C 742 -19.44 -49.54 -18.60
CA GLU C 742 -19.87 -50.83 -18.05
C GLU C 742 -21.03 -50.61 -17.09
N LYS C 743 -22.06 -51.43 -17.19
CA LYS C 743 -23.22 -51.25 -16.33
C LYS C 743 -24.10 -52.49 -16.37
N ARG C 744 -24.61 -52.87 -15.20
CA ARG C 744 -25.61 -53.92 -15.05
C ARG C 744 -26.92 -53.22 -14.67
N TYR C 745 -27.79 -53.02 -15.65
CA TYR C 745 -29.04 -52.32 -15.42
C TYR C 745 -30.00 -53.09 -14.53
N MET C 746 -29.73 -54.36 -14.26
CA MET C 746 -30.51 -55.16 -13.31
C MET C 746 -31.93 -55.30 -13.87
N SER C 747 -32.96 -55.17 -13.03
CA SER C 747 -34.32 -55.43 -13.47
C SER C 747 -34.73 -54.46 -14.58
N GLY C 748 -34.63 -53.16 -14.31
CA GLY C 748 -35.14 -52.16 -15.24
C GLY C 748 -34.13 -51.70 -16.26
N ALA C 749 -34.41 -51.96 -17.53
CA ALA C 749 -33.56 -51.55 -18.63
C ALA C 749 -34.39 -51.33 -19.89
N LYS C 750 -35.56 -50.70 -19.74
CA LYS C 750 -36.50 -50.59 -20.84
C LYS C 750 -35.88 -49.86 -22.03
N ASP C 751 -35.26 -48.70 -21.77
CA ASP C 751 -34.58 -47.93 -22.81
C ASP C 751 -33.52 -47.08 -22.13
N VAL C 752 -32.34 -47.01 -22.76
CA VAL C 752 -31.22 -46.32 -22.14
C VAL C 752 -30.22 -45.85 -23.18
N SER C 753 -29.87 -44.57 -23.14
CA SER C 753 -28.82 -43.99 -23.98
C SER C 753 -27.69 -43.50 -23.08
N GLU C 754 -26.47 -43.92 -23.40
CA GLU C 754 -25.31 -43.63 -22.55
C GLU C 754 -24.14 -43.14 -23.39
N MET C 755 -23.51 -42.06 -22.92
CA MET C 755 -22.34 -41.51 -23.59
C MET C 755 -21.07 -42.15 -23.06
N PHE C 756 -20.12 -42.41 -23.95
CA PHE C 756 -18.82 -42.93 -23.54
C PHE C 756 -17.74 -42.40 -24.48
N THR C 757 -16.57 -42.16 -23.91
CA THR C 757 -15.42 -41.63 -24.65
C THR C 757 -14.44 -42.75 -24.96
N THR C 758 -13.40 -42.40 -25.72
CA THR C 758 -12.40 -43.37 -26.16
C THR C 758 -11.03 -43.16 -25.56
N LYS C 759 -10.63 -41.93 -25.26
CA LYS C 759 -9.32 -41.65 -24.71
C LYS C 759 -8.23 -42.03 -25.71
N PHE C 760 -6.97 -42.07 -25.26
CA PHE C 760 -5.85 -42.38 -26.14
C PHE C 760 -5.70 -43.90 -26.24
N GLU C 761 -6.58 -44.51 -27.03
CA GLU C 761 -6.58 -45.95 -27.22
C GLU C 761 -6.77 -46.32 -28.68
N LYS C 762 -8.03 -46.44 -29.12
CA LYS C 762 -8.34 -46.72 -30.52
C LYS C 762 -7.72 -48.04 -30.97
N ASP C 763 -8.08 -49.11 -30.26
CA ASP C 763 -7.55 -50.44 -30.58
C ASP C 763 -8.23 -51.53 -29.76
N ASN C 764 -8.72 -52.57 -30.45
CA ASN C 764 -9.26 -53.77 -29.80
C ASN C 764 -10.34 -53.42 -28.79
N PHE C 765 -11.30 -52.61 -29.22
CA PHE C 765 -12.46 -52.26 -28.41
C PHE C 765 -13.63 -53.14 -28.80
N TYR C 766 -14.34 -53.65 -27.78
CA TYR C 766 -15.44 -54.56 -28.04
C TYR C 766 -16.55 -54.33 -27.01
N ILE C 767 -17.76 -54.66 -27.44
CA ILE C 767 -18.95 -54.61 -26.59
C ILE C 767 -19.31 -56.03 -26.18
N GLU C 768 -19.56 -56.24 -24.90
CA GLU C 768 -19.98 -57.52 -24.35
C GLU C 768 -21.37 -57.34 -23.76
N LEU C 769 -22.32 -58.12 -24.28
CA LEU C 769 -23.65 -58.27 -23.67
C LEU C 769 -23.65 -59.61 -22.95
N SER C 770 -23.77 -59.57 -21.63
CA SER C 770 -23.60 -60.77 -20.82
C SER C 770 -24.43 -60.67 -19.56
N GLN C 771 -24.64 -61.84 -18.94
CA GLN C 771 -25.29 -61.93 -17.63
C GLN C 771 -24.80 -63.22 -16.98
N GLY C 772 -24.08 -63.10 -15.87
CA GLY C 772 -23.50 -64.25 -15.22
C GLY C 772 -24.24 -64.71 -13.99
N ASN C 773 -24.82 -65.90 -14.04
CA ASN C 773 -25.50 -66.49 -12.90
C ASN C 773 -25.33 -67.99 -12.95
N ASN C 774 -25.79 -68.67 -11.89
CA ASN C 774 -25.60 -70.10 -11.76
C ASN C 774 -26.87 -70.88 -12.12
N LEU C 775 -27.73 -71.11 -11.14
CA LEU C 775 -28.89 -71.98 -11.30
C LEU C 775 -30.09 -71.26 -11.89
N TYR C 776 -29.88 -70.20 -12.67
CA TYR C 776 -30.96 -69.50 -13.35
C TYR C 776 -31.16 -70.15 -14.71
N GLY C 777 -32.19 -70.97 -14.82
CA GLY C 777 -32.48 -71.67 -16.07
C GLY C 777 -33.94 -71.52 -16.46
N GLY C 778 -34.16 -71.31 -17.76
CA GLY C 778 -35.50 -71.16 -18.28
C GLY C 778 -35.73 -69.78 -18.89
N PRO C 779 -35.78 -68.76 -18.02
CA PRO C 779 -36.00 -67.39 -18.53
C PRO C 779 -34.93 -66.96 -19.52
N ILE C 780 -35.07 -65.76 -20.07
CA ILE C 780 -34.14 -65.21 -21.06
C ILE C 780 -34.10 -63.69 -20.89
N VAL C 781 -33.08 -63.07 -21.47
CA VAL C 781 -32.93 -61.61 -21.47
C VAL C 781 -32.75 -61.16 -22.92
N HIS C 782 -33.39 -60.05 -23.26
CA HIS C 782 -33.44 -59.60 -24.64
C HIS C 782 -32.92 -58.18 -24.80
N PHE C 783 -32.19 -57.96 -25.89
CA PHE C 783 -31.68 -56.64 -26.29
C PHE C 783 -32.27 -56.26 -27.64
N TYR C 784 -32.59 -54.98 -27.79
CA TYR C 784 -33.12 -54.45 -29.03
C TYR C 784 -32.47 -53.11 -29.35
N ASP C 785 -32.27 -52.86 -30.64
CA ASP C 785 -31.80 -51.57 -31.14
C ASP C 785 -30.47 -51.16 -30.51
N VAL C 786 -29.64 -52.16 -30.17
CA VAL C 786 -28.30 -51.85 -29.68
C VAL C 786 -27.54 -51.15 -30.79
N SER C 787 -27.15 -49.90 -30.55
CA SER C 787 -26.48 -49.10 -31.57
C SER C 787 -25.49 -48.15 -30.91
N ILE C 788 -24.36 -47.93 -31.57
CA ILE C 788 -23.35 -46.95 -31.19
C ILE C 788 -23.32 -45.90 -32.28
N LYS C 789 -23.49 -44.64 -31.90
CA LYS C 789 -23.57 -43.56 -32.88
C LYS C 789 -22.68 -42.39 -32.48
N GLU D 95 -38.37 -64.16 43.71
CA GLU D 95 -38.39 -62.73 43.44
C GLU D 95 -36.96 -62.18 43.35
N GLN D 96 -36.10 -62.65 44.24
CA GLN D 96 -34.72 -62.19 44.26
C GLN D 96 -34.02 -62.51 42.95
N ASN D 97 -34.18 -63.73 42.45
CA ASN D 97 -33.50 -64.13 41.23
C ASN D 97 -33.98 -63.31 40.03
N GLN D 98 -35.29 -63.04 39.96
CA GLN D 98 -35.81 -62.30 38.82
C GLN D 98 -35.41 -60.82 38.89
N VAL D 99 -35.42 -60.22 40.08
CA VAL D 99 -34.96 -58.84 40.18
C VAL D 99 -33.47 -58.76 39.85
N LEU D 100 -32.70 -59.80 40.20
CA LEU D 100 -31.29 -59.81 39.84
C LEU D 100 -31.11 -59.95 38.33
N ASN D 101 -31.95 -60.76 37.68
CA ASN D 101 -31.91 -60.84 36.22
C ASN D 101 -32.25 -59.48 35.59
N ASP D 102 -33.21 -58.77 36.18
CA ASP D 102 -33.54 -57.44 35.69
C ASP D 102 -32.35 -56.50 35.80
N VAL D 103 -31.70 -56.50 36.98
CA VAL D 103 -30.47 -55.73 37.15
C VAL D 103 -29.47 -56.09 36.07
N ASN D 104 -29.25 -57.39 35.88
CA ASN D 104 -28.29 -57.86 34.88
C ASN D 104 -28.58 -57.25 33.51
N ASN D 105 -29.81 -57.41 33.03
CA ASN D 105 -30.11 -56.97 31.66
C ASN D 105 -30.03 -55.47 31.54
N LYS D 106 -30.63 -54.73 32.49
CA LYS D 106 -30.56 -53.27 32.46
C LYS D 106 -29.11 -52.80 32.39
N LEU D 107 -28.28 -53.27 33.32
CA LEU D 107 -26.93 -52.76 33.42
C LEU D 107 -26.09 -53.17 32.21
N ASP D 108 -26.25 -54.41 31.74
CA ASP D 108 -25.50 -54.83 30.57
C ASP D 108 -25.87 -54.01 29.34
N ALA D 109 -27.17 -53.77 29.14
CA ALA D 109 -27.59 -52.95 28.01
C ALA D 109 -26.98 -51.55 28.09
N ILE D 110 -27.15 -50.88 29.23
CA ILE D 110 -26.65 -49.51 29.35
C ILE D 110 -25.13 -49.49 29.19
N ASN D 111 -24.44 -50.51 29.70
CA ASN D 111 -22.99 -50.52 29.65
C ASN D 111 -22.49 -50.76 28.24
N THR D 112 -23.16 -51.61 27.47
CA THR D 112 -22.77 -51.75 26.07
C THR D 112 -23.07 -50.48 25.29
N MET D 113 -24.12 -49.75 25.66
CA MET D 113 -24.35 -48.44 25.05
C MET D 113 -23.18 -47.51 25.33
N LEU D 114 -22.71 -47.47 26.58
CA LEU D 114 -21.57 -46.62 26.92
C LEU D 114 -20.33 -47.05 26.14
N ARG D 115 -20.10 -48.36 26.03
CA ARG D 115 -19.00 -48.88 25.23
C ARG D 115 -19.07 -48.36 23.80
N VAL D 116 -20.26 -48.41 23.20
CA VAL D 116 -20.42 -47.91 21.84
C VAL D 116 -20.13 -46.40 21.79
N TYR D 117 -20.56 -45.67 22.81
CA TYR D 117 -20.49 -44.21 22.75
C TYR D 117 -19.06 -43.70 22.87
N LEU D 118 -18.32 -44.17 23.87
CA LEU D 118 -17.06 -43.49 24.24
C LEU D 118 -16.06 -43.41 23.08
N PRO D 119 -15.76 -44.49 22.36
CA PRO D 119 -14.80 -44.38 21.24
C PRO D 119 -15.17 -43.30 20.25
N LYS D 120 -16.46 -43.08 20.01
CA LYS D 120 -16.89 -42.00 19.14
C LYS D 120 -16.38 -40.66 19.66
N LEU D 121 -16.53 -40.42 20.97
CA LEU D 121 -16.06 -39.18 21.55
C LEU D 121 -14.54 -39.05 21.42
N THR D 122 -13.82 -40.15 21.66
CA THR D 122 -12.36 -40.10 21.51
C THR D 122 -11.96 -39.70 20.10
N SER D 123 -12.56 -40.35 19.10
CA SER D 123 -12.23 -40.04 17.71
C SER D 123 -12.62 -38.61 17.35
N MET D 124 -13.76 -38.15 17.87
CA MET D 124 -14.19 -36.78 17.61
C MET D 124 -13.19 -35.78 18.17
N LEU D 125 -12.69 -36.02 19.39
CA LEU D 125 -11.71 -35.10 19.96
C LEU D 125 -10.40 -35.13 19.17
N SER D 126 -9.97 -36.31 18.75
CA SER D 126 -8.76 -36.38 17.93
C SER D 126 -8.93 -35.58 16.64
N ASP D 127 -10.08 -35.72 15.98
CA ASP D 127 -10.33 -34.98 14.76
C ASP D 127 -10.40 -33.47 15.02
N VAL D 128 -10.96 -33.08 16.15
CA VAL D 128 -11.02 -31.66 16.51
C VAL D 128 -9.62 -31.10 16.68
N MET D 129 -8.74 -31.86 17.33
CA MET D 129 -7.36 -31.40 17.50
C MET D 129 -6.64 -31.30 16.16
N LYS D 130 -6.86 -32.27 15.27
CA LYS D 130 -6.29 -32.20 13.94
C LYS D 130 -6.77 -30.96 13.20
N GLN D 131 -8.06 -30.64 13.35
CA GLN D 131 -8.61 -29.47 12.67
C GLN D 131 -8.03 -28.17 13.25
N ASN D 132 -7.82 -28.13 14.57
CA ASN D 132 -7.16 -26.98 15.16
C ASN D 132 -5.74 -26.81 14.63
N TYR D 133 -5.03 -27.93 14.44
CA TYR D 133 -3.70 -27.84 13.84
C TYR D 133 -3.77 -27.31 12.42
N ALA D 134 -4.77 -27.76 11.66
CA ALA D 134 -4.96 -27.23 10.30
C ALA D 134 -5.20 -25.72 10.33
N LEU D 135 -6.02 -25.25 11.28
CA LEU D 135 -6.24 -23.82 11.43
C LEU D 135 -4.95 -23.09 11.76
N SER D 136 -4.13 -23.68 12.62
CA SER D 136 -2.83 -23.08 12.94
C SER D 136 -1.98 -22.93 11.70
N LEU D 137 -1.95 -23.96 10.86
CA LEU D 137 -1.18 -23.86 9.61
C LEU D 137 -1.74 -22.77 8.71
N GLN D 138 -3.06 -22.68 8.60
CA GLN D 138 -3.67 -21.61 7.80
C GLN D 138 -3.26 -20.25 8.32
N ILE D 139 -3.24 -20.07 9.64
CA ILE D 139 -2.88 -18.77 10.20
C ILE D 139 -1.41 -18.47 9.97
N GLU D 140 -0.54 -19.49 10.01
CA GLU D 140 0.86 -19.26 9.66
C GLU D 140 1.00 -18.82 8.21
N TYR D 141 0.21 -19.42 7.31
CA TYR D 141 0.23 -18.96 5.93
C TYR D 141 -0.23 -17.52 5.81
N LEU D 142 -1.27 -17.16 6.58
CA LEU D 142 -1.72 -15.77 6.59
C LEU D 142 -0.62 -14.84 7.06
N SER D 143 0.13 -15.25 8.09
CA SER D 143 1.22 -14.41 8.59
C SER D 143 2.31 -14.24 7.54
N LYS D 144 2.60 -15.30 6.80
CA LYS D 144 3.58 -15.19 5.71
C LYS D 144 3.08 -14.21 4.63
N GLN D 145 1.80 -14.31 4.28
CA GLN D 145 1.23 -13.36 3.33
C GLN D 145 1.38 -11.92 3.82
N LEU D 146 1.09 -11.70 5.10
CA LEU D 146 1.19 -10.35 5.65
C LEU D 146 2.64 -9.86 5.66
N GLN D 147 3.60 -10.74 5.91
CA GLN D 147 4.99 -10.33 5.84
C GLN D 147 5.38 -9.93 4.42
N GLU D 148 4.94 -10.71 3.43
CA GLU D 148 5.18 -10.33 2.04
C GLU D 148 4.55 -8.97 1.73
N ILE D 149 3.35 -8.73 2.27
CA ILE D 149 2.68 -7.45 2.04
C ILE D 149 3.47 -6.32 2.66
N SER D 150 4.01 -6.52 3.86
CA SER D 150 4.82 -5.49 4.49
C SER D 150 6.08 -5.20 3.70
N ASP D 151 6.71 -6.24 3.14
CA ASP D 151 7.87 -6.02 2.29
C ASP D 151 7.48 -5.21 1.05
N LYS D 152 6.36 -5.55 0.42
CA LYS D 152 5.89 -4.77 -0.72
C LYS D 152 5.66 -3.31 -0.33
N LEU D 153 5.11 -3.09 0.87
CA LEU D 153 4.86 -1.71 1.31
C LEU D 153 6.17 -0.96 1.51
N ASP D 154 7.18 -1.62 2.05
CA ASP D 154 8.49 -0.98 2.17
C ASP D 154 9.04 -0.59 0.81
N ILE D 155 8.95 -1.49 -0.16
CA ILE D 155 9.44 -1.19 -1.50
C ILE D 155 8.66 -0.01 -2.09
N ILE D 156 7.34 0.02 -1.90
CA ILE D 156 6.52 1.09 -2.45
C ILE D 156 6.88 2.43 -1.81
N ASN D 157 7.13 2.43 -0.51
CA ASN D 157 7.50 3.68 0.15
C ASN D 157 8.84 4.19 -0.36
N VAL D 158 9.81 3.28 -0.54
CA VAL D 158 11.10 3.69 -1.09
C VAL D 158 10.92 4.26 -2.49
N ASN D 159 10.05 3.65 -3.30
CA ASN D 159 9.82 4.17 -4.64
C ASN D 159 9.15 5.54 -4.61
N VAL D 160 8.26 5.78 -3.65
CA VAL D 160 7.63 7.10 -3.54
C VAL D 160 8.66 8.16 -3.17
N LEU D 161 9.54 7.84 -2.22
CA LEU D 161 10.61 8.77 -1.88
C LEU D 161 11.53 9.04 -3.06
N ILE D 162 11.81 8.00 -3.86
CA ILE D 162 12.61 8.19 -5.06
C ILE D 162 11.88 9.11 -6.03
N ASN D 163 10.56 8.96 -6.14
CA ASN D 163 9.79 9.86 -7.00
C ASN D 163 9.92 11.31 -6.54
N SER D 164 9.89 11.54 -5.22
CA SER D 164 10.05 12.89 -4.71
C SER D 164 11.42 13.45 -5.10
N THR D 165 12.48 12.69 -4.81
CA THR D 165 13.83 13.18 -5.14
C THR D 165 13.99 13.39 -6.64
N LEU D 166 13.34 12.57 -7.46
CA LEU D 166 13.39 12.77 -8.90
C LEU D 166 12.72 14.08 -9.28
N THR D 167 11.47 14.27 -8.83
CA THR D 167 10.80 15.54 -9.06
C THR D 167 11.71 16.71 -8.70
N GLU D 168 12.50 16.56 -7.65
CA GLU D 168 13.32 17.68 -7.20
C GLU D 168 14.59 17.86 -8.05
N ILE D 169 15.20 16.77 -8.52
CA ILE D 169 16.57 16.84 -9.02
C ILE D 169 16.69 16.54 -10.52
N THR D 170 15.66 16.00 -11.17
CA THR D 170 15.86 15.47 -12.51
C THR D 170 16.18 16.55 -13.55
N PRO D 171 15.63 17.76 -13.48
CA PRO D 171 15.96 18.75 -14.52
C PRO D 171 17.41 19.18 -14.47
N ALA D 172 17.91 19.54 -13.29
CA ALA D 172 19.31 19.90 -13.14
C ALA D 172 20.21 18.75 -13.55
N TYR D 173 19.86 17.53 -13.14
CA TYR D 173 20.67 16.37 -13.50
C TYR D 173 20.76 16.21 -15.01
N GLN D 174 19.61 16.26 -15.70
CA GLN D 174 19.60 16.09 -17.14
C GLN D 174 20.39 17.17 -17.84
N ARG D 175 20.23 18.43 -17.42
CA ARG D 175 20.93 19.52 -18.08
C ARG D 175 22.44 19.45 -17.83
N ILE D 176 22.85 19.12 -16.61
CA ILE D 176 24.26 18.95 -16.33
C ILE D 176 24.84 17.83 -17.18
N LYS D 177 24.13 16.71 -17.26
CA LYS D 177 24.60 15.58 -18.05
C LYS D 177 24.76 15.97 -19.51
N TYR D 178 23.78 16.68 -20.06
CA TYR D 178 23.85 17.10 -21.46
C TYR D 178 25.03 18.03 -21.70
N VAL D 179 25.18 19.06 -20.86
CA VAL D 179 26.26 20.01 -21.04
C VAL D 179 27.62 19.33 -20.92
N ASN D 180 27.74 18.39 -19.97
CA ASN D 180 28.99 17.67 -19.82
C ASN D 180 29.30 16.84 -21.06
N GLU D 181 28.32 16.05 -21.51
CA GLU D 181 28.55 15.19 -22.67
C GLU D 181 28.79 15.98 -23.94
N LYS D 182 28.35 17.25 -24.00
CA LYS D 182 28.51 18.06 -25.20
C LYS D 182 29.75 18.95 -25.15
N PHE D 183 30.53 18.89 -24.06
CA PHE D 183 31.79 19.61 -23.93
C PHE D 183 32.91 18.66 -23.52
N GLU D 184 32.90 17.45 -24.07
CA GLU D 184 33.89 16.46 -23.67
C GLU D 184 35.27 16.81 -24.22
N GLU D 185 35.39 16.98 -25.53
CA GLU D 185 36.69 17.23 -26.14
C GLU D 185 37.38 18.45 -25.53
N LEU D 186 36.63 19.53 -25.33
CA LEU D 186 37.25 20.75 -24.81
C LEU D 186 37.74 20.53 -23.38
N THR D 187 36.92 19.93 -22.53
CA THR D 187 37.34 19.64 -21.16
C THR D 187 38.24 18.41 -21.08
N PHE D 188 38.26 17.58 -22.12
CA PHE D 188 39.14 16.42 -22.14
C PHE D 188 40.61 16.82 -22.05
N ALA D 189 40.95 18.03 -22.51
CA ALA D 189 42.32 18.51 -22.46
C ALA D 189 42.70 18.87 -21.03
N ASP D 204 34.69 21.47 -40.72
CA ASP D 204 33.97 20.98 -39.54
C ASP D 204 34.50 21.65 -38.27
N ILE D 205 35.78 22.04 -38.29
CA ILE D 205 36.37 22.68 -37.12
C ILE D 205 35.60 23.95 -36.78
N LEU D 206 35.50 24.86 -37.74
CA LEU D 206 34.79 26.12 -37.49
C LEU D 206 33.33 25.87 -37.15
N ASP D 207 32.71 24.86 -37.78
CA ASP D 207 31.31 24.58 -37.49
C ASP D 207 31.12 24.17 -36.03
N GLU D 208 31.85 23.15 -35.59
CA GLU D 208 31.73 22.71 -34.21
C GLU D 208 32.13 23.81 -33.24
N LEU D 209 33.14 24.61 -33.60
CA LEU D 209 33.56 25.68 -32.71
C LEU D 209 32.47 26.74 -32.56
N THR D 210 31.77 27.05 -33.65
CA THR D 210 30.68 28.01 -33.58
C THR D 210 29.51 27.43 -32.79
N GLU D 211 29.19 26.15 -32.99
CA GLU D 211 28.09 25.55 -32.24
C GLU D 211 28.41 25.53 -30.75
N LEU D 212 29.65 25.20 -30.38
CA LEU D 212 30.01 25.18 -28.98
C LEU D 212 30.22 26.58 -28.41
N THR D 213 30.51 27.58 -29.24
CA THR D 213 30.51 28.96 -28.77
C THR D 213 29.10 29.42 -28.46
N GLU D 214 28.14 29.08 -29.32
CA GLU D 214 26.75 29.36 -29.02
C GLU D 214 26.31 28.67 -27.75
N LEU D 215 26.66 27.39 -27.60
CA LEU D 215 26.34 26.68 -26.37
C LEU D 215 26.95 27.38 -25.16
N ALA D 216 28.25 27.66 -25.21
CA ALA D 216 28.91 28.37 -24.12
C ALA D 216 28.17 29.66 -23.77
N LYS D 217 27.79 30.44 -24.78
CA LYS D 217 26.99 31.64 -24.52
C LYS D 217 25.73 31.28 -23.76
N SER D 218 25.09 30.16 -24.13
CA SER D 218 23.87 29.74 -23.44
C SER D 218 24.15 29.20 -22.04
N VAL D 219 25.41 28.88 -21.73
CA VAL D 219 25.77 28.29 -20.45
C VAL D 219 26.21 29.35 -19.45
N THR D 220 27.00 30.33 -19.90
CA THR D 220 27.48 31.40 -19.03
C THR D 220 26.45 32.51 -18.83
N LYS D 221 25.29 32.42 -19.46
CA LYS D 221 24.28 33.46 -19.34
C LYS D 221 23.74 33.48 -17.91
N ASN D 222 23.79 34.64 -17.27
CA ASN D 222 23.29 34.80 -15.91
C ASN D 222 21.79 35.04 -15.97
N ASP D 223 21.01 33.99 -15.74
CA ASP D 223 19.56 34.06 -15.74
C ASP D 223 19.03 33.32 -14.51
N VAL D 224 17.71 33.41 -14.30
CA VAL D 224 17.09 32.66 -13.23
C VAL D 224 17.14 31.17 -13.53
N ASP D 225 17.21 30.81 -14.81
CA ASP D 225 17.30 29.41 -15.24
C ASP D 225 18.65 29.12 -15.88
N GLY D 226 19.72 29.69 -15.33
CA GLY D 226 21.04 29.46 -15.87
C GLY D 226 21.64 28.16 -15.40
N PHE D 227 22.79 27.83 -15.99
CA PHE D 227 23.47 26.59 -15.62
C PHE D 227 23.91 26.62 -14.16
N GLU D 228 24.32 27.79 -13.67
CA GLU D 228 24.69 27.91 -12.27
C GLU D 228 23.49 27.65 -11.36
N PHE D 229 22.30 28.08 -11.78
CA PHE D 229 21.09 27.78 -11.03
C PHE D 229 20.90 26.28 -10.88
N TYR D 230 21.10 25.55 -11.97
CA TYR D 230 20.91 24.10 -11.92
C TYR D 230 21.98 23.43 -11.09
N LEU D 231 23.21 23.93 -11.13
CA LEU D 231 24.25 23.38 -10.26
C LEU D 231 23.91 23.60 -8.79
N ASN D 232 23.49 24.81 -8.44
CA ASN D 232 23.15 25.10 -7.05
C ASN D 232 21.97 24.27 -6.59
N THR D 233 20.96 24.09 -7.44
CA THR D 233 19.81 23.28 -7.04
C THR D 233 20.19 21.81 -6.93
N PHE D 234 21.08 21.33 -7.81
CA PHE D 234 21.59 19.97 -7.68
C PHE D 234 22.24 19.78 -6.32
N HIS D 235 23.11 20.72 -5.93
CA HIS D 235 23.75 20.62 -4.62
C HIS D 235 22.71 20.65 -3.50
N ASP D 236 21.74 21.56 -3.58
CA ASP D 236 20.76 21.68 -2.52
C ASP D 236 19.92 20.42 -2.37
N VAL D 237 19.60 19.77 -3.48
CA VAL D 237 18.83 18.53 -3.39
C VAL D 237 19.71 17.38 -2.93
N MET D 238 21.02 17.45 -3.22
CA MET D 238 21.94 16.42 -2.71
C MET D 238 22.09 16.51 -1.20
N VAL D 239 22.22 17.73 -0.67
CA VAL D 239 22.46 17.90 0.76
C VAL D 239 21.18 17.75 1.55
N GLY D 240 20.07 18.31 1.06
CA GLY D 240 18.81 18.23 1.74
C GLY D 240 18.24 19.60 2.08
N ASN D 241 18.67 20.62 1.34
CA ASN D 241 18.14 21.97 1.52
C ASN D 241 16.89 22.16 0.65
N ASN D 242 15.88 21.36 0.95
CA ASN D 242 14.64 21.33 0.19
C ASN D 242 13.52 21.92 1.02
N LEU D 243 12.31 21.92 0.45
CA LEU D 243 11.13 22.34 1.19
C LEU D 243 10.94 21.45 2.42
N PHE D 244 10.85 20.15 2.19
CA PHE D 244 10.87 19.16 3.26
C PHE D 244 12.26 18.56 3.33
N GLY D 245 12.84 18.53 4.53
CA GLY D 245 14.25 18.24 4.68
C GLY D 245 14.65 16.83 4.32
N ARG D 246 14.47 16.46 3.06
CA ARG D 246 14.95 15.18 2.54
C ARG D 246 16.14 15.43 1.61
N SER D 247 17.07 14.49 1.61
CA SER D 247 18.26 14.57 0.79
C SER D 247 18.26 13.44 -0.23
N ALA D 248 18.72 13.74 -1.45
CA ALA D 248 18.81 12.69 -2.47
C ALA D 248 19.71 11.56 -2.02
N LEU D 249 20.72 11.86 -1.21
CA LEU D 249 21.64 10.81 -0.75
C LEU D 249 20.92 9.81 0.14
N LYS D 250 20.04 10.28 1.03
CA LYS D 250 19.34 9.37 1.93
C LYS D 250 18.42 8.45 1.16
N THR D 251 17.64 8.99 0.21
CA THR D 251 16.75 8.14 -0.57
C THR D 251 17.53 7.19 -1.45
N ALA D 252 18.66 7.64 -1.99
CA ALA D 252 19.50 6.76 -2.80
C ALA D 252 20.04 5.61 -1.96
N SER D 253 20.46 5.91 -0.72
CA SER D 253 20.94 4.86 0.16
C SER D 253 19.83 3.88 0.50
N GLU D 254 18.63 4.39 0.76
CA GLU D 254 17.50 3.49 1.00
C GLU D 254 17.25 2.58 -0.19
N LEU D 255 17.19 3.15 -1.39
CA LEU D 255 16.98 2.35 -2.58
C LEU D 255 18.05 1.27 -2.71
N ILE D 256 19.32 1.66 -2.62
CA ILE D 256 20.40 0.69 -2.77
C ILE D 256 20.30 -0.41 -1.72
N THR D 257 20.03 -0.03 -0.48
CA THR D 257 19.85 -1.03 0.58
C THR D 257 18.73 -2.00 0.24
N LYS D 258 17.68 -1.52 -0.45
CA LYS D 258 16.59 -2.42 -0.81
C LYS D 258 16.96 -3.31 -1.98
N GLU D 259 17.32 -2.72 -3.11
CA GLU D 259 17.57 -3.49 -4.34
C GLU D 259 19.01 -3.99 -4.42
N ASN D 260 19.53 -4.48 -3.30
CA ASN D 260 20.84 -5.14 -3.28
C ASN D 260 20.69 -6.65 -3.43
N VAL D 261 19.97 -7.06 -4.47
CA VAL D 261 19.73 -8.48 -4.73
C VAL D 261 20.99 -9.09 -5.32
N LYS D 262 21.27 -8.77 -6.59
CA LYS D 262 22.41 -9.33 -7.31
C LYS D 262 23.57 -8.36 -7.37
N THR D 263 23.81 -7.61 -6.29
CA THR D 263 24.90 -6.64 -6.25
C THR D 263 26.18 -7.33 -5.78
N SER D 264 27.31 -6.90 -6.35
CA SER D 264 28.57 -7.58 -6.09
C SER D 264 29.20 -7.11 -4.78
N GLY D 265 29.11 -5.82 -4.47
CA GLY D 265 29.80 -5.25 -3.33
C GLY D 265 28.91 -5.14 -2.12
N SER D 266 29.23 -4.18 -1.26
CA SER D 266 28.49 -3.94 -0.03
C SER D 266 27.57 -2.73 -0.19
N GLU D 267 26.90 -2.37 0.90
CA GLU D 267 26.06 -1.18 0.89
C GLU D 267 26.91 0.08 0.98
N VAL D 268 27.93 0.07 1.83
CA VAL D 268 28.85 1.20 1.90
C VAL D 268 29.44 1.48 0.52
N GLY D 269 29.94 0.43 -0.13
CA GLY D 269 30.57 0.62 -1.44
C GLY D 269 29.60 1.13 -2.48
N ASN D 270 28.39 0.59 -2.52
CA ASN D 270 27.42 1.00 -3.53
C ASN D 270 26.97 2.45 -3.31
N VAL D 271 26.66 2.81 -2.08
CA VAL D 271 26.23 4.18 -1.81
C VAL D 271 27.38 5.15 -2.08
N TYR D 272 28.61 4.76 -1.74
CA TYR D 272 29.73 5.64 -2.01
C TYR D 272 30.01 5.75 -3.50
N ASN D 273 29.72 4.71 -4.27
CA ASN D 273 29.89 4.79 -5.71
C ASN D 273 28.83 5.72 -6.32
N PHE D 274 27.61 5.67 -5.81
CA PHE D 274 26.60 6.65 -6.18
C PHE D 274 27.10 8.07 -5.91
N LEU D 275 27.58 8.30 -4.68
CA LEU D 275 28.12 9.61 -4.33
C LEU D 275 29.27 10.01 -5.25
N ILE D 276 30.11 9.05 -5.62
CA ILE D 276 31.25 9.34 -6.49
C ILE D 276 30.77 9.81 -7.85
N VAL D 277 29.83 9.07 -8.45
CA VAL D 277 29.37 9.44 -9.78
C VAL D 277 28.73 10.83 -9.75
N LEU D 278 27.98 11.13 -8.68
CA LEU D 278 27.33 12.44 -8.65
C LEU D 278 28.33 13.57 -8.40
N THR D 279 29.31 13.35 -7.52
CA THR D 279 30.31 14.38 -7.29
C THR D 279 31.17 14.59 -8.53
N ALA D 280 31.46 13.52 -9.27
CA ALA D 280 32.19 13.67 -10.53
C ALA D 280 31.38 14.44 -11.55
N LEU D 281 30.07 14.16 -11.61
CA LEU D 281 29.19 14.95 -12.47
C LEU D 281 29.29 16.43 -12.14
N GLN D 282 29.21 16.78 -10.86
CA GLN D 282 29.26 18.18 -10.46
C GLN D 282 30.61 18.80 -10.78
N ALA D 283 31.70 18.07 -10.50
CA ALA D 283 33.03 18.60 -10.75
C ALA D 283 33.24 18.85 -12.24
N LYS D 284 32.84 17.90 -13.08
CA LYS D 284 32.96 18.09 -14.52
C LYS D 284 32.06 19.22 -15.00
N ALA D 285 30.92 19.43 -14.33
CA ALA D 285 30.05 20.55 -14.69
C ALA D 285 30.74 21.88 -14.44
N PHE D 286 31.36 22.02 -13.26
CA PHE D 286 32.10 23.25 -12.98
C PHE D 286 33.28 23.41 -13.93
N LEU D 287 33.92 22.30 -14.29
CA LEU D 287 35.05 22.36 -15.21
C LEU D 287 34.59 22.88 -16.58
N THR D 288 33.49 22.34 -17.10
CA THR D 288 33.00 22.80 -18.39
C THR D 288 32.49 24.23 -18.31
N LEU D 289 31.98 24.65 -17.15
CA LEU D 289 31.59 26.04 -16.98
C LEU D 289 32.80 26.97 -17.10
N THR D 290 33.89 26.64 -16.43
CA THR D 290 35.11 27.44 -16.56
C THR D 290 35.64 27.40 -17.99
N THR D 291 35.57 26.23 -18.63
CA THR D 291 36.02 26.12 -20.01
C THR D 291 35.20 27.01 -20.93
N CYS D 292 33.89 27.07 -20.73
CA CYS D 292 33.05 27.94 -21.53
C CYS D 292 33.39 29.40 -21.29
N ARG D 293 33.56 29.79 -20.02
CA ARG D 293 33.94 31.18 -19.73
C ARG D 293 35.24 31.54 -20.44
N LYS D 294 36.22 30.64 -20.42
CA LYS D 294 37.48 30.91 -21.10
C LYS D 294 37.27 31.00 -22.61
N LEU D 295 36.50 30.08 -23.18
CA LEU D 295 36.29 30.05 -24.62
C LEU D 295 35.61 31.33 -25.10
N LEU D 296 34.71 31.88 -24.30
CA LEU D 296 34.03 33.12 -24.70
C LEU D 296 34.93 34.34 -24.51
N GLY D 297 35.87 34.28 -23.59
CA GLY D 297 36.74 35.40 -23.30
C GLY D 297 36.35 36.22 -22.09
N LEU D 298 35.46 35.70 -21.24
CA LEU D 298 34.98 36.44 -20.09
C LEU D 298 36.00 36.35 -18.95
N ALA D 299 35.66 36.96 -17.82
CA ALA D 299 36.56 37.02 -16.68
C ALA D 299 36.42 35.74 -15.86
N ASP D 300 37.55 35.31 -15.29
CA ASP D 300 37.54 34.11 -14.46
C ASP D 300 36.79 34.38 -13.16
N ILE D 301 35.91 33.46 -12.79
CA ILE D 301 35.20 33.53 -11.52
C ILE D 301 35.74 32.52 -10.49
N ASP D 302 36.66 31.65 -10.88
CA ASP D 302 37.28 30.70 -9.96
C ASP D 302 36.22 29.90 -9.20
N TYR D 303 35.61 28.95 -9.91
CA TYR D 303 34.59 28.09 -9.34
C TYR D 303 35.16 26.98 -8.47
N THR D 304 36.45 27.01 -8.16
CA THR D 304 37.03 25.96 -7.33
C THR D 304 36.55 26.06 -5.89
N SER D 305 36.36 27.27 -5.38
CA SER D 305 35.87 27.43 -4.02
C SER D 305 34.45 26.88 -3.88
N ILE D 306 33.57 27.24 -4.81
CA ILE D 306 32.19 26.78 -4.75
C ILE D 306 32.12 25.28 -4.95
N MET D 307 32.89 24.75 -5.91
CA MET D 307 32.91 23.31 -6.14
C MET D 307 33.38 22.57 -4.89
N ASN D 308 34.44 23.07 -4.25
CA ASN D 308 34.93 22.43 -3.05
C ASN D 308 33.91 22.48 -1.93
N GLU D 309 33.25 23.63 -1.75
CA GLU D 309 32.22 23.73 -0.73
C GLU D 309 31.12 22.70 -0.97
N HIS D 310 30.63 22.62 -2.22
CA HIS D 310 29.56 21.68 -2.53
C HIS D 310 29.99 20.25 -2.26
N LEU D 311 31.13 19.84 -2.81
CA LEU D 311 31.57 18.45 -2.66
C LEU D 311 31.84 18.12 -1.21
N ASN D 312 32.44 19.04 -0.45
CA ASN D 312 32.73 18.77 0.95
C ASN D 312 31.46 18.66 1.77
N LYS D 313 30.47 19.53 1.51
CA LYS D 313 29.21 19.43 2.25
C LYS D 313 28.48 18.14 1.90
N GLU D 314 28.57 17.70 0.65
CA GLU D 314 27.91 16.45 0.28
C GLU D 314 28.59 15.25 0.94
N LYS D 315 29.93 15.22 0.92
CA LYS D 315 30.64 14.15 1.59
C LYS D 315 30.41 14.18 3.09
N GLU D 316 30.21 15.36 3.68
CA GLU D 316 29.89 15.45 5.09
C GLU D 316 28.50 14.91 5.38
N GLU D 317 27.52 15.26 4.54
CA GLU D 317 26.20 14.66 4.65
C GLU D 317 26.30 13.15 4.63
N PHE D 318 27.06 12.61 3.67
CA PHE D 318 27.22 11.16 3.58
C PHE D 318 27.85 10.60 4.86
N ARG D 319 28.93 11.21 5.32
CA ARG D 319 29.66 10.68 6.47
C ARG D 319 28.79 10.69 7.73
N VAL D 320 28.02 11.76 7.92
CA VAL D 320 27.29 11.92 9.17
C VAL D 320 25.97 11.14 9.15
N ASN D 321 25.15 11.35 8.12
CA ASN D 321 23.78 10.86 8.13
C ASN D 321 23.57 9.58 7.34
N ILE D 322 24.54 9.16 6.52
CA ILE D 322 24.37 8.01 5.62
C ILE D 322 25.27 6.85 6.04
N LEU D 323 26.58 7.09 6.13
CA LEU D 323 27.52 5.99 6.33
C LEU D 323 27.27 5.20 7.61
N PRO D 324 26.96 5.81 8.75
CA PRO D 324 26.84 5.02 9.99
C PRO D 324 25.82 3.90 9.92
N THR D 325 24.81 4.00 9.06
CA THR D 325 23.72 3.02 9.01
C THR D 325 23.85 2.06 7.84
N LEU D 326 25.05 1.88 7.29
CA LEU D 326 25.28 1.00 6.15
C LEU D 326 26.10 -0.20 6.58
N SER D 327 25.79 -1.36 6.00
CA SER D 327 26.51 -2.58 6.30
C SER D 327 27.73 -2.72 5.40
N ASN D 328 28.78 -3.34 5.93
CA ASN D 328 30.04 -3.52 5.22
C ASN D 328 30.27 -4.97 4.81
N THR D 329 29.22 -5.79 4.82
CA THR D 329 29.32 -7.18 4.42
C THR D 329 28.87 -7.34 2.98
N PHE D 330 29.64 -8.07 2.19
CA PHE D 330 29.32 -8.34 0.80
C PHE D 330 29.38 -9.84 0.54
N SER D 331 28.40 -10.34 -0.21
CA SER D 331 28.30 -11.76 -0.54
C SER D 331 28.37 -11.92 -2.05
N ASN D 332 28.12 -13.15 -2.51
CA ASN D 332 28.12 -13.43 -3.93
C ASN D 332 26.75 -13.08 -4.52
N PRO D 333 26.72 -12.47 -5.71
CA PRO D 333 25.43 -12.06 -6.29
C PRO D 333 24.59 -13.22 -6.82
N ASN D 334 25.16 -14.05 -7.69
CA ASN D 334 24.41 -15.05 -8.43
C ASN D 334 24.72 -16.46 -7.91
N TYR D 335 23.95 -17.42 -8.44
CA TYR D 335 24.12 -18.82 -8.11
C TYR D 335 24.08 -19.65 -9.39
N ALA D 336 24.57 -20.89 -9.29
CA ALA D 336 24.56 -21.79 -10.43
C ALA D 336 24.37 -23.23 -9.98
N LYS D 337 23.56 -23.99 -10.72
CA LYS D 337 23.43 -25.41 -10.46
C LYS D 337 24.73 -26.13 -10.84
N VAL D 338 25.24 -26.97 -9.93
CA VAL D 338 26.50 -27.65 -10.15
C VAL D 338 26.53 -28.93 -9.30
N LYS D 339 27.37 -29.87 -9.73
CA LYS D 339 27.60 -31.12 -9.02
C LYS D 339 29.10 -31.41 -9.04
N GLY D 340 29.65 -31.81 -7.89
CA GLY D 340 31.07 -32.05 -7.77
C GLY D 340 31.35 -33.40 -7.11
N SER D 341 32.62 -33.76 -7.11
CA SER D 341 33.05 -35.04 -6.56
C SER D 341 33.33 -34.90 -5.06
N ASP D 342 32.88 -35.88 -4.28
CA ASP D 342 33.19 -35.95 -2.86
C ASP D 342 34.39 -36.88 -2.64
N GLU D 343 35.53 -36.45 -3.18
CA GLU D 343 36.74 -37.24 -3.24
C GLU D 343 37.80 -36.75 -2.25
N ASP D 344 37.36 -36.31 -1.06
CA ASP D 344 38.27 -35.85 -0.02
C ASP D 344 39.11 -34.68 -0.52
N ALA D 345 38.43 -33.58 -0.84
CA ALA D 345 39.06 -32.42 -1.43
C ALA D 345 39.64 -31.50 -0.35
N LYS D 346 40.50 -30.59 -0.78
CA LYS D 346 41.13 -29.63 0.11
C LYS D 346 41.63 -28.45 -0.71
N MET D 347 41.57 -27.26 -0.10
CA MET D 347 42.00 -26.04 -0.75
C MET D 347 42.61 -25.11 0.28
N ILE D 348 43.62 -24.35 -0.15
CA ILE D 348 44.31 -23.38 0.70
C ILE D 348 44.47 -22.11 -0.13
N VAL D 349 43.53 -21.19 -0.01
CA VAL D 349 43.65 -19.87 -0.64
C VAL D 349 44.54 -19.03 0.27
N GLU D 350 45.81 -18.88 -0.10
CA GLU D 350 46.79 -18.20 0.74
C GLU D 350 47.41 -17.05 -0.03
N ALA D 351 47.70 -15.97 0.69
CA ALA D 351 48.39 -14.82 0.13
C ALA D 351 49.84 -14.80 0.59
N LYS D 352 50.69 -14.19 -0.24
CA LYS D 352 52.11 -14.06 0.06
C LYS D 352 52.29 -13.48 1.45
N PRO D 353 53.42 -13.73 2.12
CA PRO D 353 53.58 -13.24 3.51
C PRO D 353 53.28 -11.76 3.69
N GLY D 354 53.74 -10.92 2.77
CA GLY D 354 53.50 -9.49 2.87
C GLY D 354 52.32 -9.03 2.04
N HIS D 355 51.33 -9.90 1.85
CA HIS D 355 50.16 -9.60 1.04
C HIS D 355 48.90 -9.92 1.83
N ALA D 356 47.76 -9.52 1.26
CA ALA D 356 46.46 -9.75 1.88
C ALA D 356 45.46 -10.15 0.78
N LEU D 357 44.31 -10.64 1.22
CA LEU D 357 43.21 -10.98 0.32
C LEU D 357 42.25 -9.80 0.23
N ILE D 358 41.80 -9.50 -0.98
CA ILE D 358 41.02 -8.29 -1.20
C ILE D 358 39.74 -8.58 -1.99
N GLY D 359 39.73 -9.67 -2.74
CA GLY D 359 38.54 -10.00 -3.50
C GLY D 359 38.61 -11.40 -4.09
N PHE D 360 37.43 -11.93 -4.41
CA PHE D 360 37.29 -13.22 -5.07
C PHE D 360 36.35 -13.08 -6.26
N GLU D 361 36.46 -14.00 -7.19
CA GLU D 361 35.53 -14.07 -8.32
C GLU D 361 35.35 -15.53 -8.70
N ILE D 362 34.11 -16.02 -8.61
CA ILE D 362 33.80 -17.40 -8.94
C ILE D 362 33.01 -17.40 -10.25
N SER D 363 33.57 -18.04 -11.27
CA SER D 363 32.98 -18.02 -12.61
C SER D 363 32.82 -19.44 -13.12
N ASN D 364 31.67 -19.70 -13.76
CA ASN D 364 31.34 -21.03 -14.28
C ASN D 364 30.79 -20.87 -15.70
N ASP D 365 31.69 -20.90 -16.68
CA ASP D 365 31.30 -20.96 -18.09
C ASP D 365 31.07 -22.40 -18.51
N SER D 366 32.14 -23.19 -18.52
CA SER D 366 32.07 -24.64 -18.69
C SER D 366 32.66 -25.38 -17.52
N ILE D 367 33.75 -24.89 -16.94
CA ILE D 367 34.32 -25.40 -15.71
C ILE D 367 34.32 -24.27 -14.69
N THR D 368 34.14 -24.63 -13.41
CA THR D 368 34.12 -23.63 -12.35
C THR D 368 35.54 -23.25 -11.98
N VAL D 369 35.76 -21.95 -11.80
CA VAL D 369 37.08 -21.42 -11.48
C VAL D 369 36.94 -20.31 -10.45
N LEU D 370 37.81 -20.34 -9.45
CA LEU D 370 37.93 -19.28 -8.46
C LEU D 370 39.13 -18.43 -8.81
N LYS D 371 38.99 -17.11 -8.61
CA LYS D 371 39.97 -16.13 -9.03
C LYS D 371 40.15 -15.16 -7.87
N VAL D 372 41.24 -15.30 -7.13
CA VAL D 372 41.47 -14.55 -5.90
C VAL D 372 42.50 -13.46 -6.16
N TYR D 373 42.30 -12.30 -5.53
CA TYR D 373 43.20 -11.18 -5.68
C TYR D 373 44.08 -11.01 -4.45
N GLU D 374 45.25 -10.42 -4.65
CA GLU D 374 46.19 -10.17 -3.58
C GLU D 374 46.88 -8.84 -3.84
N ALA D 375 47.34 -8.20 -2.77
CA ALA D 375 48.01 -6.91 -2.91
C ALA D 375 48.59 -6.51 -1.56
N LYS D 376 49.48 -5.52 -1.60
CA LYS D 376 50.05 -4.93 -0.40
C LYS D 376 49.27 -3.68 -0.03
N LEU D 377 49.27 -3.35 1.25
CA LEU D 377 48.55 -2.21 1.77
C LEU D 377 49.49 -1.05 2.05
N LYS D 378 48.94 0.16 2.05
CA LYS D 378 49.74 1.37 2.25
C LYS D 378 49.33 2.09 3.52
N GLN D 379 48.26 2.89 3.46
CA GLN D 379 47.84 3.71 4.57
C GLN D 379 46.33 3.62 4.72
N ASN D 380 45.88 3.43 5.96
CA ASN D 380 44.44 3.39 6.26
C ASN D 380 43.72 2.36 5.39
N TYR D 381 44.33 1.18 5.26
CA TYR D 381 43.77 0.04 4.54
C TYR D 381 43.71 0.26 3.04
N GLN D 382 44.44 1.24 2.51
CA GLN D 382 44.51 1.42 1.08
C GLN D 382 45.17 0.21 0.43
N VAL D 383 45.14 0.18 -0.90
CA VAL D 383 45.70 -0.92 -1.67
C VAL D 383 46.79 -0.37 -2.59
N ASP D 384 47.83 -1.17 -2.77
CA ASP D 384 48.95 -0.81 -3.65
C ASP D 384 48.62 -1.26 -5.06
N LYS D 385 48.35 -0.30 -5.94
CA LYS D 385 48.02 -0.63 -7.32
C LYS D 385 49.19 -1.25 -8.07
N ASP D 386 50.41 -0.97 -7.65
CA ASP D 386 51.60 -1.56 -8.25
C ASP D 386 51.95 -2.91 -7.64
N SER D 387 51.00 -3.54 -6.95
CA SER D 387 51.25 -4.84 -6.33
C SER D 387 50.12 -5.84 -6.55
N LEU D 388 49.10 -5.50 -7.34
CA LEU D 388 48.00 -6.43 -7.57
C LEU D 388 48.53 -7.74 -8.16
N SER D 389 47.99 -8.85 -7.67
CA SER D 389 48.34 -10.18 -8.15
C SER D 389 47.08 -11.03 -8.14
N GLU D 390 47.05 -12.02 -9.03
CA GLU D 390 45.92 -12.93 -9.12
C GLU D 390 46.38 -14.36 -8.89
N VAL D 391 45.44 -15.18 -8.42
CA VAL D 391 45.65 -16.62 -8.30
C VAL D 391 44.39 -17.32 -8.76
N ILE D 392 44.55 -18.46 -9.43
CA ILE D 392 43.44 -19.21 -10.01
C ILE D 392 43.38 -20.58 -9.34
N TYR D 393 42.15 -21.03 -9.06
CA TYR D 393 41.92 -22.33 -8.46
C TYR D 393 40.81 -23.03 -9.23
N GLY D 394 40.97 -24.34 -9.43
CA GLY D 394 40.08 -25.08 -10.29
C GLY D 394 39.16 -26.05 -9.57
N ASP D 395 39.57 -26.52 -8.40
CA ASP D 395 38.79 -27.48 -7.63
C ASP D 395 37.76 -26.82 -6.73
N MET D 396 37.15 -25.72 -7.16
CA MET D 396 36.18 -25.04 -6.33
C MET D 396 34.80 -25.70 -6.41
N ASP D 397 34.49 -26.35 -7.53
CA ASP D 397 33.21 -27.04 -7.65
C ASP D 397 33.24 -28.39 -6.95
N LYS D 398 34.37 -29.09 -7.03
CA LYS D 398 34.50 -30.37 -6.34
C LYS D 398 34.40 -30.23 -4.83
N LEU D 399 34.53 -29.00 -4.32
CA LEU D 399 34.60 -28.76 -2.89
C LEU D 399 33.28 -28.28 -2.29
N LEU D 400 32.44 -27.62 -3.08
CA LEU D 400 31.16 -27.11 -2.60
C LEU D 400 29.97 -27.83 -3.23
N CYS D 401 30.08 -29.14 -3.48
CA CYS D 401 29.01 -29.88 -4.17
C CYS D 401 28.93 -31.34 -3.75
N PRO D 402 27.82 -31.79 -3.16
CA PRO D 402 27.71 -33.22 -2.82
C PRO D 402 27.60 -34.14 -4.03
N ASP D 403 26.82 -33.76 -5.04
CA ASP D 403 26.45 -34.65 -6.14
C ASP D 403 25.62 -35.78 -5.54
N GLN D 404 26.17 -36.98 -5.35
CA GLN D 404 25.34 -38.15 -5.03
C GLN D 404 24.95 -38.23 -3.56
N SER D 405 25.92 -38.03 -2.64
CA SER D 405 25.77 -38.50 -1.25
C SER D 405 25.96 -37.37 -0.23
N GLU D 406 24.95 -36.50 -0.11
CA GLU D 406 24.81 -35.60 1.03
C GLU D 406 26.01 -34.67 1.20
N GLN D 407 25.85 -33.65 2.05
CA GLN D 407 26.96 -32.77 2.39
C GLN D 407 26.68 -32.11 3.73
N ILE D 408 27.74 -31.77 4.45
CA ILE D 408 27.65 -31.08 5.73
C ILE D 408 28.52 -29.85 5.67
N TYR D 409 27.98 -28.71 6.13
CA TYR D 409 28.66 -27.43 6.09
C TYR D 409 28.75 -26.88 7.51
N TYR D 410 29.94 -26.47 7.91
CA TYR D 410 30.18 -25.88 9.22
C TYR D 410 30.14 -24.37 9.05
N THR D 411 28.94 -23.80 9.18
CA THR D 411 28.76 -22.38 8.96
C THR D 411 29.14 -21.59 10.21
N ASN D 412 29.86 -20.49 10.01
CA ASN D 412 30.26 -19.61 11.11
C ASN D 412 30.93 -18.37 10.55
N ASN D 413 30.51 -17.19 11.00
CA ASN D 413 31.04 -15.93 10.48
C ASN D 413 32.20 -15.49 11.34
N ILE D 414 33.42 -15.81 10.91
CA ILE D 414 34.62 -15.34 11.58
C ILE D 414 34.72 -13.83 11.39
N VAL D 415 35.01 -13.12 12.48
CA VAL D 415 35.17 -11.67 12.45
C VAL D 415 36.35 -11.32 13.36
N PHE D 416 37.37 -10.71 12.79
CA PHE D 416 38.55 -10.31 13.53
C PHE D 416 38.43 -8.85 13.96
N PRO D 417 39.14 -8.44 15.01
CA PRO D 417 39.15 -7.03 15.40
C PRO D 417 39.83 -6.18 14.34
N ASN D 418 39.71 -4.87 14.49
CA ASN D 418 40.32 -3.96 13.54
C ASN D 418 41.83 -4.11 13.56
N GLU D 419 42.48 -3.61 12.51
CA GLU D 419 43.91 -3.69 12.25
C GLU D 419 44.35 -5.10 11.89
N TYR D 420 43.44 -6.06 11.79
CA TYR D 420 43.73 -7.42 11.34
C TYR D 420 43.16 -7.61 9.94
N VAL D 421 43.91 -8.33 9.10
CA VAL D 421 43.57 -8.51 7.70
C VAL D 421 43.70 -9.98 7.36
N ILE D 422 42.65 -10.55 6.75
CA ILE D 422 42.69 -11.96 6.37
C ILE D 422 43.81 -12.19 5.37
N THR D 423 44.48 -13.33 5.50
CA THR D 423 45.55 -13.70 4.58
C THR D 423 45.52 -15.15 4.16
N LYS D 424 44.67 -15.99 4.74
CA LYS D 424 44.63 -17.40 4.38
C LYS D 424 43.25 -17.96 4.69
N ILE D 425 42.81 -18.90 3.86
CA ILE D 425 41.52 -19.58 4.04
C ILE D 425 41.73 -21.04 3.63
N ASP D 426 41.57 -21.95 4.59
CA ASP D 426 41.84 -23.37 4.37
C ASP D 426 40.53 -24.14 4.45
N PHE D 427 40.04 -24.59 3.30
CA PHE D 427 38.90 -25.49 3.23
C PHE D 427 39.40 -26.93 3.30
N THR D 428 38.85 -27.71 4.23
CA THR D 428 39.21 -29.11 4.39
C THR D 428 37.94 -29.95 4.32
N LYS D 429 37.79 -30.69 3.23
CA LYS D 429 36.65 -31.58 3.01
C LYS D 429 37.15 -33.00 3.22
N LYS D 430 36.80 -33.59 4.36
CA LYS D 430 37.31 -34.91 4.75
C LYS D 430 36.29 -36.01 4.49
N MET D 431 35.16 -35.99 5.18
CA MET D 431 34.17 -37.07 5.15
C MET D 431 32.79 -36.50 4.85
N LYS D 432 32.70 -35.71 3.78
CA LYS D 432 31.48 -35.05 3.35
C LYS D 432 31.13 -33.85 4.23
N THR D 433 32.10 -33.34 4.99
CA THR D 433 31.91 -32.18 5.85
C THR D 433 32.83 -31.07 5.33
N LEU D 434 32.24 -29.94 4.94
CA LEU D 434 33.02 -28.79 4.51
C LEU D 434 33.33 -27.94 5.73
N ARG D 435 34.62 -27.71 5.97
CA ARG D 435 35.08 -26.99 7.15
C ARG D 435 36.22 -26.08 6.74
N TYR D 436 36.05 -24.78 6.96
CA TYR D 436 37.02 -23.77 6.56
C TYR D 436 37.67 -23.13 7.78
N GLU D 437 38.98 -22.90 7.69
CA GLU D 437 39.74 -22.22 8.71
C GLU D 437 40.36 -20.96 8.11
N VAL D 438 40.26 -19.85 8.84
CA VAL D 438 40.71 -18.55 8.36
C VAL D 438 41.84 -18.06 9.25
N THR D 439 42.79 -17.36 8.65
CA THR D 439 43.92 -16.77 9.36
C THR D 439 44.01 -15.30 9.00
N ALA D 440 44.28 -14.47 10.00
CA ALA D 440 44.34 -13.02 9.82
C ALA D 440 45.62 -12.49 10.44
N ASN D 441 46.45 -11.86 9.62
CA ASN D 441 47.67 -11.25 10.14
C ASN D 441 47.37 -9.84 10.65
N PHE D 442 48.28 -9.34 11.49
CA PHE D 442 48.14 -8.01 12.05
C PHE D 442 48.63 -6.98 11.04
N TYR D 443 47.87 -5.90 10.87
CA TYR D 443 48.18 -4.83 9.94
C TYR D 443 48.18 -3.51 10.68
N ASP D 444 49.32 -2.80 10.63
CA ASP D 444 49.44 -1.51 11.28
C ASP D 444 48.79 -0.44 10.40
N SER D 445 47.72 0.18 10.89
CA SER D 445 46.99 1.15 10.09
C SER D 445 47.89 2.29 9.63
N SER D 446 48.81 2.74 10.50
CA SER D 446 49.66 3.86 10.15
C SER D 446 50.59 3.52 8.99
N THR D 447 51.28 2.39 9.07
CA THR D 447 52.19 1.96 8.02
C THR D 447 51.48 0.99 7.07
N GLY D 448 52.22 0.51 6.08
CA GLY D 448 51.66 -0.39 5.10
C GLY D 448 52.21 -1.81 5.17
N GLU D 449 52.74 -2.19 6.34
CA GLU D 449 53.34 -3.50 6.53
C GLU D 449 52.44 -4.39 7.36
N ILE D 450 52.42 -5.68 7.01
CA ILE D 450 51.63 -6.69 7.69
C ILE D 450 52.60 -7.60 8.42
N ASP D 451 52.59 -7.53 9.76
CA ASP D 451 53.50 -8.33 10.56
C ASP D 451 53.02 -9.78 10.62
N LEU D 452 53.91 -10.66 11.08
CA LEU D 452 53.60 -12.08 11.21
C LEU D 452 53.04 -12.38 12.60
N ASN D 453 52.00 -11.64 12.95
CA ASN D 453 51.22 -11.88 14.17
C ASN D 453 49.84 -12.34 13.72
N LYS D 454 49.57 -13.63 13.88
CA LYS D 454 48.43 -14.28 13.25
C LYS D 454 47.37 -14.63 14.28
N LYS D 455 46.11 -14.49 13.88
CA LYS D 455 44.98 -15.00 14.63
C LYS D 455 44.25 -16.00 13.75
N LYS D 456 44.03 -17.21 14.27
CA LYS D 456 43.41 -18.30 13.53
C LYS D 456 42.04 -18.57 14.12
N VAL D 457 41.02 -18.59 13.25
CA VAL D 457 39.67 -18.94 13.65
C VAL D 457 39.19 -20.05 12.73
N GLU D 458 38.21 -20.80 13.21
CA GLU D 458 37.66 -21.93 12.48
C GLU D 458 36.14 -21.83 12.47
N SER D 459 35.49 -22.79 11.84
CA SER D 459 34.04 -22.87 11.84
C SER D 459 33.59 -23.59 13.11
N SER D 460 32.85 -22.88 13.96
CA SER D 460 32.39 -23.47 15.21
C SER D 460 31.57 -24.73 14.94
N GLU D 461 31.68 -25.68 15.87
CA GLU D 461 31.04 -26.98 15.67
C GLU D 461 29.53 -26.89 15.84
N ALA D 462 29.08 -26.31 16.95
CA ALA D 462 27.68 -26.42 17.36
C ALA D 462 26.70 -25.95 16.31
N GLU D 463 27.15 -25.28 15.26
CA GLU D 463 26.27 -24.76 14.22
C GLU D 463 26.73 -25.29 12.86
N TYR D 464 26.30 -26.50 12.53
CA TYR D 464 26.48 -27.07 11.20
C TYR D 464 25.11 -27.32 10.56
N ARG D 465 25.08 -27.27 9.23
CA ARG D 465 23.85 -27.48 8.47
C ARG D 465 24.12 -28.50 7.38
N THR D 466 23.19 -29.43 7.19
CA THR D 466 23.37 -30.54 6.28
C THR D 466 22.43 -30.42 5.09
N LEU D 467 22.96 -30.65 3.89
CA LEU D 467 22.19 -30.75 2.67
C LEU D 467 22.01 -32.22 2.34
N SER D 468 20.76 -32.67 2.31
CA SER D 468 20.46 -34.06 2.00
C SER D 468 20.79 -34.37 0.55
N ALA D 469 21.06 -35.65 0.28
CA ALA D 469 21.38 -36.08 -1.07
C ALA D 469 20.19 -35.83 -1.99
N ASN D 470 20.47 -35.28 -3.17
CA ASN D 470 19.44 -35.03 -4.16
C ASN D 470 20.04 -35.20 -5.55
N ASP D 471 19.22 -35.70 -6.48
CA ASP D 471 19.69 -35.95 -7.84
C ASP D 471 20.16 -34.65 -8.50
N ASP D 472 19.41 -33.57 -8.31
CA ASP D 472 19.80 -32.29 -8.88
C ASP D 472 21.04 -31.74 -8.17
N GLY D 473 21.73 -30.84 -8.86
CA GLY D 473 22.91 -30.22 -8.28
C GLY D 473 22.56 -29.13 -7.29
N VAL D 474 23.55 -28.75 -6.50
CA VAL D 474 23.39 -27.68 -5.51
C VAL D 474 23.63 -26.34 -6.18
N TYR D 475 23.24 -25.26 -5.51
CA TYR D 475 23.47 -23.91 -6.01
C TYR D 475 24.76 -23.38 -5.42
N MET D 476 25.76 -23.22 -6.25
CA MET D 476 27.07 -22.75 -5.90
C MET D 476 27.20 -21.26 -6.21
N PRO D 477 27.99 -20.51 -5.44
CA PRO D 477 28.13 -19.07 -5.68
C PRO D 477 28.61 -18.78 -7.10
N LEU D 478 28.34 -17.55 -7.53
CA LEU D 478 28.78 -17.08 -8.84
C LEU D 478 28.82 -15.56 -8.82
N GLY D 479 29.90 -14.99 -9.34
CA GLY D 479 30.03 -13.56 -9.48
C GLY D 479 31.27 -13.06 -8.79
N VAL D 480 31.30 -11.75 -8.57
CA VAL D 480 32.43 -11.07 -7.94
C VAL D 480 32.11 -10.88 -6.47
N ILE D 481 32.81 -11.63 -5.60
CA ILE D 481 32.67 -11.47 -4.16
C ILE D 481 33.77 -10.48 -3.76
N SER D 482 33.42 -9.20 -3.77
CA SER D 482 34.41 -8.16 -3.49
C SER D 482 33.69 -6.83 -3.34
N GLU D 483 34.18 -6.02 -2.41
CA GLU D 483 33.67 -4.66 -2.25
C GLU D 483 33.74 -3.94 -3.59
N THR D 484 32.89 -2.94 -3.80
CA THR D 484 32.93 -2.19 -5.05
C THR D 484 34.33 -1.66 -5.35
N PHE D 485 35.15 -1.49 -4.32
CA PHE D 485 36.55 -1.11 -4.49
C PHE D 485 37.40 -2.08 -3.66
N LEU D 486 38.41 -2.67 -4.31
CA LEU D 486 39.26 -3.65 -3.64
C LEU D 486 39.78 -3.10 -2.32
N THR D 487 39.50 -3.81 -1.24
CA THR D 487 39.95 -3.45 0.09
C THR D 487 40.22 -4.73 0.87
N PRO D 488 41.01 -4.66 1.94
CA PRO D 488 41.24 -5.85 2.77
C PRO D 488 39.93 -6.38 3.34
N ILE D 489 39.96 -7.66 3.71
CA ILE D 489 38.80 -8.33 4.27
C ILE D 489 38.98 -8.43 5.78
N ASN D 490 37.93 -8.08 6.52
CA ASN D 490 37.96 -8.14 7.98
C ASN D 490 37.27 -9.38 8.52
N GLY D 491 36.31 -9.95 7.79
CA GLY D 491 35.61 -11.14 8.25
C GLY D 491 35.23 -12.01 7.08
N PHE D 492 34.96 -13.28 7.39
CA PHE D 492 34.63 -14.26 6.35
C PHE D 492 33.67 -15.29 6.92
N GLY D 493 32.71 -15.71 6.10
CA GLY D 493 31.78 -16.74 6.51
C GLY D 493 31.12 -17.41 5.33
N LEU D 494 30.54 -18.57 5.60
CA LEU D 494 29.81 -19.34 4.60
C LEU D 494 28.47 -19.77 5.19
N GLN D 495 27.41 -19.62 4.41
CA GLN D 495 26.07 -19.99 4.84
C GLN D 495 25.47 -20.97 3.84
N ALA D 496 24.62 -21.85 4.36
CA ALA D 496 23.96 -22.85 3.54
C ALA D 496 22.48 -22.90 3.91
N ASP D 497 21.63 -23.11 2.90
CA ASP D 497 20.19 -23.16 3.08
C ASP D 497 19.67 -24.45 2.45
N GLU D 498 18.99 -25.27 3.24
CA GLU D 498 18.54 -26.57 2.77
C GLU D 498 17.23 -26.46 2.00
N ASN D 499 16.29 -25.62 2.48
CA ASN D 499 15.01 -25.49 1.80
C ASN D 499 15.19 -25.07 0.35
N SER D 500 16.29 -24.38 0.03
CA SER D 500 16.60 -23.97 -1.32
C SER D 500 17.93 -24.51 -1.83
N ARG D 501 18.73 -25.14 -0.97
CA ARG D 501 20.02 -25.72 -1.38
C ARG D 501 20.97 -24.63 -1.87
N LEU D 502 20.94 -23.47 -1.22
CA LEU D 502 21.79 -22.36 -1.60
C LEU D 502 23.05 -22.34 -0.74
N ILE D 503 24.15 -21.88 -1.35
CA ILE D 503 25.42 -21.69 -0.65
C ILE D 503 25.89 -20.27 -0.93
N THR D 504 26.28 -19.56 0.12
CA THR D 504 26.64 -18.15 -0.01
C THR D 504 27.92 -17.87 0.78
N LEU D 505 28.90 -17.28 0.11
CA LEU D 505 30.07 -16.72 0.78
C LEU D 505 29.79 -15.27 1.13
N THR D 506 30.15 -14.88 2.35
CA THR D 506 29.86 -13.53 2.85
C THR D 506 31.09 -13.03 3.60
N CYS D 507 31.76 -12.01 3.04
CA CYS D 507 32.92 -11.41 3.65
C CYS D 507 32.56 -10.03 4.18
N LYS D 508 33.51 -9.45 4.93
CA LYS D 508 33.31 -8.17 5.60
C LYS D 508 34.59 -7.36 5.45
N SER D 509 34.47 -6.17 4.88
CA SER D 509 35.61 -5.36 4.43
C SER D 509 35.87 -4.21 5.38
N TYR D 510 36.86 -3.38 5.00
CA TYR D 510 37.29 -2.23 5.77
C TYR D 510 36.99 -0.91 5.06
N LEU D 511 36.09 -0.92 4.07
CA LEU D 511 35.87 0.27 3.27
C LEU D 511 35.48 1.46 4.14
N ARG D 512 34.65 1.22 5.17
CA ARG D 512 34.24 2.33 6.04
C ARG D 512 35.46 3.00 6.66
N GLU D 513 36.44 2.21 7.08
CA GLU D 513 37.63 2.78 7.72
C GLU D 513 38.45 3.58 6.71
N LEU D 514 38.68 3.01 5.54
CA LEU D 514 39.41 3.73 4.49
C LEU D 514 38.76 5.06 4.18
N LEU D 515 37.43 5.06 4.04
CA LEU D 515 36.73 6.31 3.73
C LEU D 515 36.84 7.30 4.88
N LEU D 516 36.46 6.89 6.09
CA LEU D 516 36.51 7.79 7.23
C LEU D 516 37.91 8.33 7.47
N ALA D 517 38.95 7.62 7.05
CA ALA D 517 40.31 8.08 7.29
C ALA D 517 40.87 8.90 6.14
N THR D 518 40.37 8.71 4.92
CA THR D 518 40.96 9.38 3.76
C THR D 518 39.98 10.34 3.09
N ASP D 519 39.17 9.84 2.15
CA ASP D 519 38.41 10.73 1.29
C ASP D 519 37.41 11.57 2.09
N LEU D 520 36.76 10.98 3.08
CA LEU D 520 35.83 11.72 3.91
C LEU D 520 36.52 12.66 4.89
N SER D 521 37.85 12.72 4.87
CA SER D 521 38.62 13.71 5.62
C SER D 521 39.28 14.73 4.71
N ASN D 522 38.79 14.84 3.47
CA ASN D 522 39.33 15.75 2.46
C ASN D 522 40.74 15.37 2.03
N LYS D 523 41.13 14.11 2.22
CA LYS D 523 42.43 13.62 1.82
C LYS D 523 42.38 13.17 0.36
N GLU D 524 43.29 12.27 -0.04
CA GLU D 524 43.32 11.72 -1.38
C GLU D 524 43.14 10.22 -1.32
N THR D 525 42.54 9.67 -2.38
CA THR D 525 42.28 8.24 -2.45
C THR D 525 42.40 7.78 -3.90
N LYS D 526 42.89 6.55 -4.09
CA LYS D 526 42.91 5.89 -5.39
C LYS D 526 42.27 4.53 -5.19
N LEU D 527 40.95 4.47 -5.38
CA LEU D 527 40.19 3.25 -5.19
C LEU D 527 40.23 2.41 -6.46
N ILE D 528 40.62 1.14 -6.32
CA ILE D 528 40.75 0.23 -7.45
C ILE D 528 39.46 -0.54 -7.60
N VAL D 529 38.94 -0.60 -8.83
CA VAL D 529 37.71 -1.32 -9.12
C VAL D 529 38.07 -2.76 -9.49
N PRO D 530 37.28 -3.75 -9.09
CA PRO D 530 37.58 -5.14 -9.47
C PRO D 530 37.61 -5.28 -10.98
N PRO D 531 38.75 -5.67 -11.55
CA PRO D 531 38.82 -5.80 -13.01
C PRO D 531 37.99 -6.97 -13.51
N SER D 532 37.19 -6.71 -14.55
CA SER D 532 36.32 -7.74 -15.11
C SER D 532 37.08 -8.76 -15.95
N GLY D 533 38.40 -8.64 -16.08
CA GLY D 533 39.17 -9.57 -16.85
C GLY D 533 40.40 -10.03 -16.07
N PHE D 534 40.92 -11.17 -16.49
CA PHE D 534 42.09 -11.75 -15.83
C PHE D 534 43.30 -10.86 -16.01
N ILE D 535 43.99 -10.56 -14.91
CA ILE D 535 45.16 -9.69 -14.96
C ILE D 535 46.38 -10.47 -15.46
N SER D 536 46.58 -11.67 -14.93
CA SER D 536 47.79 -12.44 -15.20
C SER D 536 47.65 -13.38 -16.39
N ASN D 537 46.80 -13.03 -17.35
CA ASN D 537 46.68 -13.84 -18.57
C ASN D 537 48.01 -13.88 -19.30
N ILE D 538 48.60 -15.07 -19.41
CA ILE D 538 49.90 -15.19 -20.03
C ILE D 538 49.81 -14.93 -21.54
N VAL D 539 48.66 -15.26 -22.14
CA VAL D 539 48.45 -15.03 -23.57
C VAL D 539 48.24 -13.52 -23.76
N GLU D 540 49.28 -12.81 -24.15
CA GLU D 540 49.18 -11.37 -24.34
C GLU D 540 48.19 -11.05 -25.45
N ASN D 541 47.43 -9.97 -25.26
CA ASN D 541 46.46 -9.52 -26.24
C ASN D 541 45.51 -10.66 -26.63
N GLY D 542 45.15 -11.48 -25.65
CA GLY D 542 44.24 -12.59 -25.92
C GLY D 542 42.95 -12.13 -26.55
N SER D 543 42.36 -11.05 -26.02
CA SER D 543 41.14 -10.50 -26.60
C SER D 543 41.38 -9.95 -27.99
N ILE D 544 42.63 -9.71 -28.36
CA ILE D 544 42.98 -9.22 -29.69
C ILE D 544 42.21 -7.94 -29.95
N GLU D 545 42.36 -6.96 -29.06
CA GLU D 545 41.76 -5.65 -29.23
C GLU D 545 42.68 -4.67 -29.95
N GLU D 546 43.98 -4.78 -29.71
CA GLU D 546 44.94 -3.95 -30.44
C GLU D 546 45.09 -4.49 -31.86
N ASP D 547 44.79 -3.64 -32.85
CA ASP D 547 44.76 -4.08 -34.23
C ASP D 547 46.11 -4.60 -34.71
N ASN D 548 47.22 -4.12 -34.13
CA ASN D 548 48.55 -4.54 -34.55
C ASN D 548 48.94 -5.78 -33.76
N LEU D 549 49.07 -6.91 -34.45
CA LEU D 549 49.40 -8.19 -33.83
C LEU D 549 50.91 -8.28 -33.60
N GLU D 550 51.38 -7.44 -32.68
CA GLU D 550 52.80 -7.50 -32.30
C GLU D 550 53.08 -8.79 -31.55
N PRO D 551 52.21 -9.23 -30.62
CA PRO D 551 52.44 -10.51 -29.96
C PRO D 551 52.26 -11.68 -30.91
N TRP D 552 51.09 -11.75 -31.55
CA TRP D 552 50.83 -12.81 -32.52
C TRP D 552 51.60 -12.54 -33.81
N LYS D 553 51.39 -13.41 -34.79
CA LYS D 553 52.05 -13.27 -36.09
C LYS D 553 51.47 -14.32 -37.03
N ALA D 554 51.56 -14.02 -38.33
CA ALA D 554 51.08 -14.92 -39.38
C ALA D 554 52.27 -15.42 -40.19
N ASN D 555 52.32 -16.75 -40.39
CA ASN D 555 53.43 -17.33 -41.13
C ASN D 555 53.35 -17.03 -42.61
N ASN D 556 52.18 -17.23 -43.20
CA ASN D 556 51.97 -17.04 -44.64
C ASN D 556 51.03 -15.87 -44.88
N LYS D 557 51.05 -15.36 -46.11
CA LYS D 557 50.20 -14.24 -46.48
C LYS D 557 48.73 -14.64 -46.47
N ASN D 558 48.21 -14.94 -45.29
CA ASN D 558 46.80 -15.24 -45.09
C ASN D 558 46.56 -15.24 -43.59
N ALA D 559 45.34 -15.59 -43.19
CA ALA D 559 44.99 -15.59 -41.77
C ALA D 559 45.28 -14.22 -41.17
N TYR D 560 44.32 -13.31 -41.29
CA TYR D 560 44.49 -11.91 -40.92
C TYR D 560 43.47 -11.54 -39.84
N VAL D 561 43.45 -10.25 -39.50
CA VAL D 561 42.57 -9.75 -38.46
C VAL D 561 41.22 -9.39 -39.08
N ASP D 562 40.22 -10.22 -38.84
CA ASP D 562 38.86 -9.97 -39.32
C ASP D 562 38.17 -9.09 -38.28
N HIS D 563 38.03 -7.80 -38.59
CA HIS D 563 37.42 -6.87 -37.65
C HIS D 563 35.95 -7.20 -37.43
N THR D 564 35.25 -7.61 -38.49
CA THR D 564 33.84 -7.97 -38.33
C THR D 564 33.67 -9.16 -37.39
N GLY D 565 34.68 -10.03 -37.31
CA GLY D 565 34.61 -11.17 -36.41
C GLY D 565 35.03 -10.83 -35.00
N GLY D 566 34.81 -11.78 -34.10
CA GLY D 566 35.15 -11.63 -32.70
C GLY D 566 33.91 -11.49 -31.84
N VAL D 567 34.16 -11.35 -30.54
CA VAL D 567 33.09 -11.21 -29.56
C VAL D 567 32.43 -9.85 -29.76
N ASN D 568 31.50 -9.79 -30.72
CA ASN D 568 30.78 -8.56 -31.00
C ASN D 568 31.72 -7.44 -31.42
N GLY D 569 32.12 -6.59 -30.48
CA GLY D 569 32.95 -5.44 -30.79
C GLY D 569 34.42 -5.66 -30.50
N THR D 570 35.05 -6.55 -31.27
CA THR D 570 36.48 -6.81 -31.13
C THR D 570 37.06 -7.10 -32.51
N LYS D 571 38.32 -7.55 -32.53
CA LYS D 571 39.03 -7.87 -33.76
C LYS D 571 39.54 -9.30 -33.64
N ALA D 572 38.90 -10.22 -34.34
CA ALA D 572 39.23 -11.64 -34.20
C ALA D 572 40.40 -12.04 -35.09
N LEU D 573 41.04 -13.15 -34.73
CA LEU D 573 42.03 -13.79 -35.57
C LEU D 573 41.33 -14.75 -36.52
N TYR D 574 41.79 -14.79 -37.76
CA TYR D 574 41.13 -15.55 -38.82
C TYR D 574 42.14 -16.44 -39.52
N VAL D 575 41.65 -17.53 -40.11
CA VAL D 575 42.49 -18.46 -40.86
C VAL D 575 41.68 -19.00 -42.04
N HIS D 576 42.36 -19.18 -43.17
CA HIS D 576 41.71 -19.57 -44.42
C HIS D 576 42.35 -20.82 -45.01
N LYS D 577 43.56 -20.74 -45.55
CA LYS D 577 44.18 -21.88 -46.21
C LYS D 577 44.97 -22.75 -45.24
N ASP D 578 46.28 -22.51 -45.11
CA ASP D 578 47.14 -23.34 -44.28
C ASP D 578 48.07 -22.52 -43.40
N GLY D 579 47.97 -21.19 -43.42
CA GLY D 579 48.80 -20.36 -42.58
C GLY D 579 48.15 -20.07 -41.24
N GLY D 580 48.71 -20.60 -40.17
CA GLY D 580 48.15 -20.45 -38.84
C GLY D 580 48.83 -19.33 -38.07
N ILE D 581 48.03 -18.60 -37.30
CA ILE D 581 48.52 -17.49 -36.50
C ILE D 581 49.05 -18.04 -35.19
N SER D 582 50.28 -17.69 -34.85
CA SER D 582 50.97 -18.28 -33.71
C SER D 582 51.48 -17.18 -32.79
N GLN D 583 51.62 -17.53 -31.51
CA GLN D 583 52.15 -16.63 -30.50
C GLN D 583 53.07 -17.40 -29.56
N PHE D 584 54.26 -16.84 -29.32
CA PHE D 584 55.26 -17.47 -28.48
C PHE D 584 54.94 -17.23 -27.01
N ILE D 585 54.71 -18.31 -26.26
CA ILE D 585 54.41 -18.20 -24.84
C ILE D 585 55.06 -19.38 -24.11
N GLY D 586 56.24 -19.80 -24.58
CA GLY D 586 56.91 -20.93 -23.97
C GLY D 586 57.51 -20.61 -22.62
N ASP D 587 58.12 -19.43 -22.49
CA ASP D 587 58.80 -19.07 -21.24
C ASP D 587 57.82 -19.03 -20.07
N LYS D 588 56.82 -18.16 -20.16
CA LYS D 588 55.87 -17.95 -19.07
C LYS D 588 54.99 -19.18 -18.87
N LEU D 589 55.60 -20.29 -18.44
CA LEU D 589 54.87 -21.51 -18.14
C LEU D 589 55.65 -22.28 -17.07
N LYS D 590 55.20 -23.49 -16.75
CA LYS D 590 55.88 -24.34 -15.79
C LYS D 590 55.70 -25.78 -16.23
N PRO D 591 56.57 -26.69 -15.76
CA PRO D 591 56.42 -28.10 -16.14
C PRO D 591 55.49 -28.87 -15.21
N LYS D 592 54.58 -29.65 -15.79
CA LYS D 592 53.67 -30.56 -15.09
C LYS D 592 52.63 -29.82 -14.25
N THR D 593 52.62 -28.49 -14.26
CA THR D 593 51.60 -27.74 -13.56
C THR D 593 50.36 -27.60 -14.43
N GLU D 594 49.19 -27.78 -13.82
CA GLU D 594 47.96 -27.77 -14.58
C GLU D 594 47.65 -26.35 -15.09
N TYR D 595 47.00 -26.29 -16.25
CA TYR D 595 46.64 -25.04 -16.89
C TYR D 595 45.23 -25.15 -17.45
N VAL D 596 44.57 -24.00 -17.59
CA VAL D 596 43.22 -23.91 -18.12
C VAL D 596 43.26 -23.05 -19.37
N ILE D 597 42.73 -23.58 -20.47
CA ILE D 597 42.65 -22.89 -21.75
C ILE D 597 41.21 -22.52 -22.01
N GLN D 598 41.00 -21.35 -22.62
CA GLN D 598 39.66 -20.87 -22.95
C GLN D 598 39.74 -20.00 -24.19
N TYR D 599 38.70 -20.07 -25.02
CA TYR D 599 38.66 -19.25 -26.22
C TYR D 599 37.32 -19.43 -26.93
N THR D 600 36.84 -18.35 -27.55
CA THR D 600 35.63 -18.40 -28.36
C THR D 600 36.04 -18.47 -29.83
N VAL D 601 35.30 -19.25 -30.61
CA VAL D 601 35.65 -19.43 -32.02
C VAL D 601 34.38 -19.66 -32.83
N LYS D 602 34.48 -19.37 -34.13
CA LYS D 602 33.41 -19.58 -35.10
C LYS D 602 34.01 -20.24 -36.34
N GLY D 603 33.25 -21.16 -36.92
CA GLY D 603 33.71 -21.90 -38.07
C GLY D 603 34.27 -23.26 -37.71
N LYS D 604 35.24 -23.73 -38.48
CA LYS D 604 35.91 -25.02 -38.24
C LYS D 604 37.37 -24.73 -37.92
N PRO D 605 37.68 -24.40 -36.66
CA PRO D 605 39.06 -24.04 -36.30
C PRO D 605 39.93 -25.23 -35.93
N SER D 606 41.17 -24.95 -35.53
CA SER D 606 42.06 -25.99 -35.01
C SER D 606 43.11 -25.31 -34.15
N ILE D 607 43.05 -25.52 -32.84
CA ILE D 607 43.95 -24.87 -31.89
C ILE D 607 44.96 -25.89 -31.41
N HIS D 608 46.22 -25.46 -31.26
CA HIS D 608 47.28 -26.37 -30.83
C HIS D 608 48.32 -25.60 -30.02
N LEU D 609 48.62 -26.09 -28.82
CA LEU D 609 49.72 -25.58 -28.03
C LEU D 609 50.91 -26.50 -28.29
N LYS D 610 51.74 -26.14 -29.26
CA LYS D 610 52.74 -27.04 -29.80
C LYS D 610 54.14 -26.54 -29.48
N ASP D 611 55.07 -27.50 -29.33
CA ASP D 611 56.47 -27.21 -29.08
C ASP D 611 57.25 -27.46 -30.37
N GLU D 612 58.02 -26.45 -30.80
CA GLU D 612 58.83 -26.61 -31.99
C GLU D 612 59.80 -27.77 -31.84
N ASN D 613 60.47 -27.86 -30.69
CA ASN D 613 61.32 -29.00 -30.38
C ASN D 613 60.48 -30.11 -29.77
N THR D 614 60.68 -31.34 -30.24
CA THR D 614 59.91 -32.49 -29.76
C THR D 614 58.47 -32.41 -30.25
N GLY D 615 57.89 -33.56 -30.57
CA GLY D 615 56.54 -33.59 -31.10
C GLY D 615 55.46 -33.63 -30.04
N TYR D 616 55.79 -33.16 -28.84
CA TYR D 616 54.80 -33.14 -27.76
C TYR D 616 53.66 -32.18 -28.10
N ILE D 617 52.44 -32.61 -27.86
CA ILE D 617 51.24 -31.83 -28.14
C ILE D 617 50.48 -31.70 -26.84
N HIS D 618 50.68 -30.59 -26.13
CA HIS D 618 50.02 -30.36 -24.85
C HIS D 618 48.52 -30.33 -25.02
N TYR D 619 48.01 -29.26 -25.63
CA TYR D 619 46.58 -29.12 -25.89
C TYR D 619 46.33 -29.12 -27.40
N GLU D 620 45.32 -29.86 -27.82
CA GLU D 620 44.94 -29.93 -29.23
C GLU D 620 43.42 -29.96 -29.31
N ASP D 621 42.85 -29.12 -30.17
CA ASP D 621 41.41 -29.07 -30.38
C ASP D 621 41.17 -28.99 -31.88
N THR D 622 40.53 -30.03 -32.43
CA THR D 622 40.27 -30.12 -33.85
C THR D 622 38.85 -30.60 -34.08
N ASN D 623 38.41 -30.50 -35.33
CA ASN D 623 37.09 -30.98 -35.73
C ASN D 623 35.99 -30.40 -34.85
N ASN D 624 35.57 -29.18 -35.15
CA ASN D 624 34.47 -28.54 -34.43
C ASN D 624 33.71 -27.65 -35.42
N ASN D 625 32.65 -28.21 -35.99
CA ASN D 625 31.83 -27.47 -36.96
C ASN D 625 30.99 -26.41 -36.23
N LEU D 626 31.66 -25.43 -35.64
CA LEU D 626 30.99 -24.37 -34.89
C LEU D 626 30.49 -23.32 -35.87
N GLU D 627 29.29 -23.55 -36.41
CA GLU D 627 28.70 -22.58 -37.34
C GLU D 627 28.55 -21.22 -36.65
N ASP D 628 28.18 -21.22 -35.38
CA ASP D 628 28.06 -20.00 -34.58
C ASP D 628 29.18 -19.96 -33.56
N TYR D 629 29.34 -18.79 -32.94
CA TYR D 629 30.39 -18.62 -31.95
C TYR D 629 30.15 -19.52 -30.74
N GLN D 630 31.17 -20.31 -30.40
CA GLN D 630 31.13 -21.22 -29.26
C GLN D 630 32.37 -20.99 -28.41
N THR D 631 32.19 -21.04 -27.09
CA THR D 631 33.26 -20.79 -26.12
C THR D 631 33.72 -22.13 -25.56
N ILE D 632 34.95 -22.53 -25.90
CA ILE D 632 35.53 -23.78 -25.43
C ILE D 632 36.44 -23.48 -24.26
N ASN D 633 36.33 -24.28 -23.21
CA ASN D 633 37.23 -24.21 -22.05
C ASN D 633 37.65 -25.62 -21.68
N LYS D 634 38.95 -25.83 -21.54
CA LYS D 634 39.50 -27.14 -21.23
C LYS D 634 40.62 -26.99 -20.21
N ARG D 635 41.05 -28.13 -19.67
CA ARG D 635 42.18 -28.20 -18.75
C ARG D 635 43.24 -29.14 -19.33
N PHE D 636 44.49 -28.93 -18.95
CA PHE D 636 45.58 -29.76 -19.45
C PHE D 636 46.79 -29.58 -18.54
N THR D 637 47.88 -30.26 -18.89
CA THR D 637 49.16 -30.16 -18.19
C THR D 637 50.27 -30.03 -19.23
N THR D 638 51.47 -29.72 -18.74
CA THR D 638 52.62 -29.47 -19.60
C THR D 638 53.79 -30.35 -19.17
N GLY D 639 54.55 -30.83 -20.15
CA GLY D 639 55.72 -31.65 -19.87
C GLY D 639 56.65 -31.80 -21.04
N THR D 640 57.57 -30.85 -21.22
CA THR D 640 58.55 -30.87 -22.30
C THR D 640 59.55 -29.74 -22.03
N ASP D 641 60.31 -29.36 -23.06
CA ASP D 641 61.29 -28.29 -22.90
C ASP D 641 60.63 -27.01 -22.42
N LEU D 642 59.41 -26.76 -22.88
CA LEU D 642 58.60 -25.63 -22.40
C LEU D 642 59.05 -24.32 -23.00
N LYS D 643 60.35 -24.05 -22.98
CA LYS D 643 60.88 -22.79 -23.50
C LYS D 643 60.67 -22.64 -25.00
N GLY D 644 60.32 -23.71 -25.70
CA GLY D 644 60.06 -23.64 -27.13
C GLY D 644 58.62 -23.95 -27.48
N VAL D 645 57.71 -23.71 -26.55
CA VAL D 645 56.29 -23.97 -26.75
C VAL D 645 55.60 -22.68 -27.16
N TYR D 646 54.56 -22.81 -27.98
CA TYR D 646 53.82 -21.65 -28.45
C TYR D 646 52.46 -22.08 -28.94
N LEU D 647 51.53 -21.14 -28.93
CA LEU D 647 50.15 -21.37 -29.33
C LEU D 647 50.01 -21.14 -30.83
N ILE D 648 49.13 -21.93 -31.46
CA ILE D 648 48.92 -21.88 -32.90
C ILE D 648 47.42 -22.05 -33.17
N LEU D 649 46.92 -21.27 -34.12
CA LEU D 649 45.54 -21.37 -34.60
C LEU D 649 45.56 -21.56 -36.10
N LYS D 650 45.10 -22.71 -36.56
CA LYS D 650 44.98 -23.03 -37.98
C LYS D 650 43.53 -23.37 -38.29
N SER D 651 43.27 -23.71 -39.54
CA SER D 651 41.95 -24.17 -39.98
C SER D 651 42.00 -25.65 -40.26
N GLN D 652 40.97 -26.37 -39.82
CA GLN D 652 40.90 -27.81 -40.03
C GLN D 652 40.96 -28.11 -41.52
N ASN D 653 41.95 -28.91 -41.92
CA ASN D 653 42.16 -29.26 -43.32
C ASN D 653 42.38 -27.99 -44.14
N GLY D 654 41.33 -27.47 -44.77
CA GLY D 654 41.45 -26.31 -45.64
C GLY D 654 40.36 -25.28 -45.46
N ASP D 655 39.40 -25.55 -44.58
CA ASP D 655 38.28 -24.64 -44.37
C ASP D 655 38.80 -23.34 -43.76
N GLU D 656 37.89 -22.46 -43.37
CA GLU D 656 38.23 -21.18 -42.75
C GLU D 656 37.49 -21.04 -41.43
N ALA D 657 38.09 -20.29 -40.51
CA ALA D 657 37.50 -20.12 -39.19
C ALA D 657 38.22 -18.98 -38.47
N TRP D 658 37.53 -18.36 -37.52
CA TRP D 658 38.11 -17.25 -36.79
C TRP D 658 37.67 -17.28 -35.33
N GLY D 659 38.62 -16.95 -34.44
CA GLY D 659 38.38 -16.97 -33.02
C GLY D 659 38.90 -15.72 -32.33
N ASP D 660 38.74 -15.71 -31.01
CA ASP D 660 39.09 -14.57 -30.17
C ASP D 660 38.98 -15.01 -28.71
N ASN D 661 39.32 -14.09 -27.81
CA ASN D 661 39.19 -14.30 -26.37
C ASN D 661 40.07 -15.47 -25.91
N PHE D 662 41.32 -15.45 -26.33
CA PHE D 662 42.26 -16.50 -25.96
C PHE D 662 42.78 -16.25 -24.56
N ILE D 663 42.66 -17.27 -23.70
CA ILE D 663 43.03 -17.17 -22.29
C ILE D 663 43.71 -18.45 -21.87
N ILE D 664 44.84 -18.33 -21.17
CA ILE D 664 45.55 -19.47 -20.61
C ILE D 664 45.91 -19.10 -19.17
N LEU D 665 45.33 -19.79 -18.21
CA LEU D 665 45.50 -19.49 -16.80
C LEU D 665 46.27 -20.60 -16.11
N GLU D 666 47.12 -20.22 -15.15
CA GLU D 666 47.88 -21.15 -14.34
C GLU D 666 47.14 -21.36 -13.02
N ILE D 667 46.42 -22.47 -12.92
CA ILE D 667 45.66 -22.77 -11.71
C ILE D 667 46.60 -23.32 -10.65
N SER D 668 46.41 -22.88 -9.42
CA SER D 668 47.30 -23.32 -8.34
C SER D 668 47.11 -24.81 -8.06
N PRO D 669 48.18 -25.55 -7.81
CA PRO D 669 48.02 -26.98 -7.53
C PRO D 669 47.17 -27.23 -6.30
N SER D 670 46.37 -28.29 -6.35
CA SER D 670 45.55 -28.69 -5.23
C SER D 670 46.26 -29.78 -4.42
N GLU D 671 46.27 -29.61 -3.11
CA GLU D 671 46.94 -30.56 -2.22
C GLU D 671 45.97 -31.66 -1.81
N LYS D 672 46.46 -32.89 -1.78
CA LYS D 672 45.65 -34.02 -1.37
C LYS D 672 45.55 -34.05 0.16
N LEU D 673 44.32 -34.12 0.66
CA LEU D 673 44.08 -34.14 2.10
C LEU D 673 44.58 -35.46 2.69
N LEU D 674 45.57 -35.37 3.57
CA LEU D 674 46.16 -36.54 4.21
C LEU D 674 45.44 -36.85 5.52
N SER D 675 45.18 -38.14 5.76
CA SER D 675 44.51 -38.60 6.98
C SER D 675 45.45 -39.49 7.77
N PRO D 676 45.94 -39.06 8.95
CA PRO D 676 46.81 -39.92 9.74
C PRO D 676 46.10 -41.17 10.23
N GLU D 677 46.86 -42.26 10.38
CA GLU D 677 46.30 -43.50 10.88
C GLU D 677 45.80 -43.35 12.30
N LEU D 678 46.53 -42.60 13.13
CA LEU D 678 46.10 -42.21 14.47
C LEU D 678 46.24 -43.34 15.49
N ILE D 679 45.72 -44.53 15.19
CA ILE D 679 45.84 -45.68 16.08
C ILE D 679 46.89 -46.64 15.52
N ASN D 680 47.77 -47.12 16.40
CA ASN D 680 48.68 -48.21 16.12
C ASN D 680 48.49 -49.32 17.16
N THR D 681 48.73 -50.56 16.73
CA THR D 681 48.54 -51.72 17.62
C THR D 681 49.38 -51.62 18.89
N ASN D 682 50.40 -50.78 18.89
CA ASN D 682 51.38 -50.77 19.98
C ASN D 682 50.97 -49.91 21.17
N ASN D 683 49.74 -49.38 21.19
CA ASN D 683 49.33 -48.43 22.22
C ASN D 683 47.93 -48.80 22.74
N TRP D 684 47.76 -50.07 23.09
CA TRP D 684 46.49 -50.60 23.56
C TRP D 684 46.62 -50.89 25.05
N THR D 685 46.17 -49.94 25.87
CA THR D 685 46.21 -50.12 27.32
C THR D 685 45.06 -51.04 27.71
N SER D 686 45.39 -52.29 28.02
CA SER D 686 44.39 -53.30 28.33
C SER D 686 44.33 -53.57 29.83
N THR D 687 43.14 -53.89 30.31
CA THR D 687 42.94 -54.27 31.70
C THR D 687 42.05 -55.51 31.74
N GLY D 688 42.25 -56.33 32.77
CA GLY D 688 41.49 -57.56 32.90
C GLY D 688 41.85 -58.57 31.83
N SER D 689 41.06 -59.64 31.80
CA SER D 689 41.28 -60.73 30.86
C SER D 689 40.99 -60.28 29.43
N THR D 690 42.02 -59.80 28.74
CA THR D 690 41.89 -59.34 27.36
C THR D 690 43.21 -59.58 26.65
N ASN D 691 43.14 -59.94 25.38
CA ASN D 691 44.32 -60.31 24.60
C ASN D 691 44.32 -59.62 23.25
N ILE D 692 45.47 -59.07 22.86
CA ILE D 692 45.66 -58.46 21.56
C ILE D 692 46.64 -59.32 20.78
N SER D 693 46.18 -59.91 19.69
CA SER D 693 46.99 -60.78 18.84
C SER D 693 47.13 -60.13 17.47
N GLY D 694 48.30 -59.58 17.19
CA GLY D 694 48.56 -58.96 15.90
C GLY D 694 47.63 -57.80 15.61
N ASN D 695 46.60 -58.06 14.82
CA ASN D 695 45.62 -57.04 14.43
C ASN D 695 44.22 -57.38 14.94
N THR D 696 44.12 -58.23 15.96
CA THR D 696 42.84 -58.64 16.51
C THR D 696 42.82 -58.37 18.01
N LEU D 697 41.66 -57.96 18.52
CA LEU D 697 41.46 -57.74 19.94
C LEU D 697 40.40 -58.70 20.45
N THR D 698 40.57 -59.20 21.67
CA THR D 698 39.66 -60.20 22.23
C THR D 698 39.41 -59.88 23.68
N LEU D 699 38.14 -59.68 24.04
CA LEU D 699 37.71 -59.52 25.42
C LEU D 699 37.02 -60.80 25.85
N TYR D 700 37.50 -61.38 26.95
CA TYR D 700 36.96 -62.63 27.46
C TYR D 700 35.77 -62.35 28.37
N GLN D 701 34.70 -63.11 28.20
CA GLN D 701 33.53 -62.95 29.05
C GLN D 701 33.83 -63.49 30.45
N GLY D 702 33.28 -62.80 31.45
CA GLY D 702 33.49 -63.15 32.85
C GLY D 702 34.56 -62.34 33.53
N GLY D 703 35.37 -61.60 32.79
CA GLY D 703 36.40 -60.74 33.36
C GLY D 703 36.03 -59.28 33.21
N ARG D 704 36.39 -58.47 34.20
CA ARG D 704 36.10 -57.04 34.20
C ARG D 704 37.12 -56.25 33.37
N GLY D 705 37.56 -56.80 32.24
CA GLY D 705 38.58 -56.15 31.44
C GLY D 705 38.02 -55.24 30.36
N ILE D 706 38.85 -54.28 29.94
CA ILE D 706 38.49 -53.33 28.90
C ILE D 706 39.76 -52.89 28.20
N LEU D 707 39.62 -52.43 26.96
CA LEU D 707 40.74 -51.96 26.15
C LEU D 707 40.58 -50.45 25.98
N LYS D 708 41.37 -49.68 26.74
CA LYS D 708 41.38 -48.23 26.63
C LYS D 708 42.63 -47.80 25.88
N GLN D 709 42.47 -46.84 24.98
CA GLN D 709 43.60 -46.33 24.18
C GLN D 709 43.50 -44.82 24.04
N ASN D 710 44.61 -44.14 24.31
CA ASN D 710 44.69 -42.69 24.16
C ASN D 710 44.86 -42.32 22.69
N LEU D 711 44.33 -41.15 22.33
CA LEU D 711 44.40 -40.63 20.97
C LEU D 711 44.78 -39.15 21.01
N GLN D 712 45.10 -38.63 19.84
CA GLN D 712 45.40 -37.20 19.64
C GLN D 712 44.54 -36.69 18.50
N LEU D 713 43.52 -35.92 18.82
CA LEU D 713 42.57 -35.41 17.84
C LEU D 713 42.70 -33.89 17.73
N ASP D 714 42.49 -33.37 16.53
CA ASP D 714 42.53 -31.94 16.31
C ASP D 714 41.35 -31.27 17.00
N SER D 715 41.22 -29.96 16.79
CA SER D 715 40.18 -29.19 17.48
C SER D 715 38.80 -29.49 16.90
N PHE D 716 38.45 -28.88 15.78
CA PHE D 716 37.11 -28.99 15.21
C PHE D 716 37.06 -29.94 14.02
N SER D 717 37.98 -30.90 13.96
CA SER D 717 38.04 -31.81 12.83
C SER D 717 37.02 -32.93 12.98
N THR D 718 36.83 -33.70 11.91
CA THR D 718 35.97 -34.86 11.90
C THR D 718 36.80 -36.10 11.61
N TYR D 719 36.33 -37.25 12.10
CA TYR D 719 37.03 -38.51 11.91
C TYR D 719 36.03 -39.62 11.68
N ARG D 720 36.51 -40.72 11.11
CA ARG D 720 35.70 -41.89 10.82
C ARG D 720 36.35 -43.12 11.45
N VAL D 721 35.56 -43.90 12.18
CA VAL D 721 36.03 -45.08 12.88
C VAL D 721 35.47 -46.31 12.20
N TYR D 722 36.35 -47.25 11.86
CA TYR D 722 35.98 -48.50 11.21
C TYR D 722 36.16 -49.65 12.19
N PHE D 723 35.16 -50.53 12.27
CA PHE D 723 35.22 -51.71 13.12
C PHE D 723 34.70 -52.91 12.35
N SER D 724 35.23 -54.09 12.68
CA SER D 724 34.66 -55.37 12.27
C SER D 724 34.58 -56.22 13.53
N VAL D 725 33.39 -56.33 14.12
CA VAL D 725 33.24 -56.93 15.43
C VAL D 725 32.42 -58.21 15.34
N SER D 726 32.74 -59.16 16.21
CA SER D 726 31.99 -60.39 16.36
C SER D 726 31.63 -60.57 17.82
N GLY D 727 30.35 -60.79 18.09
CA GLY D 727 29.84 -60.92 19.43
C GLY D 727 29.19 -59.64 19.93
N ASP D 728 28.93 -59.63 21.23
CA ASP D 728 28.35 -58.47 21.90
C ASP D 728 29.46 -57.54 22.34
N ALA D 729 29.43 -56.30 21.85
CA ALA D 729 30.50 -55.35 22.11
C ALA D 729 29.93 -53.96 22.35
N ASN D 730 30.70 -53.15 23.09
CA ASN D 730 30.39 -51.75 23.31
C ASN D 730 31.66 -50.94 23.08
N VAL D 731 31.52 -49.80 22.40
CA VAL D 731 32.66 -48.96 22.06
C VAL D 731 32.29 -47.51 22.36
N ARG D 732 33.21 -46.81 23.02
CA ARG D 732 32.97 -45.42 23.42
C ARG D 732 34.24 -44.60 23.19
N ILE D 733 34.17 -43.65 22.26
CA ILE D 733 35.24 -42.67 22.05
C ILE D 733 34.83 -41.42 22.81
N ARG D 734 35.54 -41.09 23.88
CA ARG D 734 35.11 -40.00 24.74
C ARG D 734 36.30 -39.36 25.44
N ASN D 735 36.02 -38.23 26.08
CA ASN D 735 36.94 -37.52 26.95
C ASN D 735 36.54 -37.81 28.41
N SER D 736 37.24 -37.20 29.35
CA SER D 736 36.88 -37.37 30.76
C SER D 736 35.52 -36.76 31.07
N ARG D 737 35.14 -35.68 30.37
CA ARG D 737 33.92 -34.96 30.63
C ARG D 737 33.02 -34.81 29.41
N GLU D 738 33.42 -35.32 28.26
CA GLU D 738 32.59 -35.26 27.06
C GLU D 738 32.75 -36.55 26.27
N VAL D 739 31.71 -36.90 25.52
CA VAL D 739 31.67 -38.13 24.74
C VAL D 739 31.43 -37.76 23.28
N LEU D 740 32.35 -38.18 22.41
CA LEU D 740 32.18 -37.94 20.98
C LEU D 740 31.34 -39.02 20.33
N PHE D 741 31.50 -40.27 20.76
CA PHE D 741 30.76 -41.37 20.16
C PHE D 741 30.62 -42.48 21.20
N GLU D 742 29.51 -43.20 21.15
CA GLU D 742 29.29 -44.32 22.04
C GLU D 742 28.17 -45.20 21.51
N LYS D 743 28.38 -46.53 21.51
CA LYS D 743 27.37 -47.42 20.97
C LYS D 743 27.65 -48.84 21.41
N ARG D 744 26.59 -49.56 21.77
CA ARG D 744 26.63 -50.99 22.04
C ARG D 744 25.91 -51.68 20.88
N TYR D 745 26.70 -52.17 19.93
CA TYR D 745 26.12 -52.80 18.74
C TYR D 745 25.38 -54.10 19.06
N MET D 746 25.53 -54.62 20.26
CA MET D 746 24.75 -55.80 20.71
C MET D 746 25.16 -56.98 19.83
N SER D 747 24.21 -57.83 19.42
CA SER D 747 24.54 -59.05 18.70
C SER D 747 25.26 -58.74 17.39
N GLY D 748 24.64 -57.91 16.54
CA GLY D 748 25.17 -57.68 15.21
C GLY D 748 26.13 -56.52 15.13
N ALA D 749 27.38 -56.81 14.78
CA ALA D 749 28.42 -55.80 14.61
C ALA D 749 29.45 -56.26 13.60
N LYS D 750 28.99 -56.86 12.50
CA LYS D 750 29.89 -57.49 11.55
C LYS D 750 30.89 -56.48 10.98
N ASP D 751 30.40 -55.33 10.54
CA ASP D 751 31.24 -54.26 10.02
C ASP D 751 30.49 -52.95 10.18
N VAL D 752 31.19 -51.90 10.60
CA VAL D 752 30.54 -50.64 10.89
C VAL D 752 31.52 -49.48 10.78
N SER D 753 31.15 -48.45 10.01
CA SER D 753 31.90 -47.21 9.91
C SER D 753 31.04 -46.08 10.47
N GLU D 754 31.62 -45.30 11.37
CA GLU D 754 30.87 -44.26 12.08
C GLU D 754 31.67 -42.97 12.10
N MET D 755 31.00 -41.86 11.78
CA MET D 755 31.62 -40.55 11.82
C MET D 755 31.45 -39.91 13.19
N PHE D 756 32.48 -39.21 13.65
CA PHE D 756 32.41 -38.49 14.91
C PHE D 756 33.27 -37.23 14.84
N THR D 757 32.80 -36.17 15.49
CA THR D 757 33.49 -34.90 15.52
C THR D 757 34.22 -34.72 16.85
N THR D 758 34.95 -33.62 16.96
CA THR D 758 35.77 -33.34 18.13
C THR D 758 35.30 -32.15 18.95
N LYS D 759 34.71 -31.14 18.31
CA LYS D 759 34.26 -29.94 19.02
C LYS D 759 35.45 -29.21 19.62
N PHE D 760 35.20 -28.25 20.51
CA PHE D 760 36.26 -27.45 21.12
C PHE D 760 36.79 -28.21 22.34
N GLU D 761 37.62 -29.21 22.06
CA GLU D 761 38.20 -30.03 23.13
C GLU D 761 39.68 -30.30 22.86
N LYS D 762 39.97 -31.35 22.11
CA LYS D 762 41.35 -31.68 21.72
C LYS D 762 42.23 -31.91 22.95
N ASP D 763 41.81 -32.87 23.78
CA ASP D 763 42.55 -33.18 25.00
C ASP D 763 42.01 -34.43 25.69
N ASN D 764 42.90 -35.38 26.00
CA ASN D 764 42.56 -36.56 26.80
C ASN D 764 41.37 -37.31 26.21
N PHE D 765 41.44 -37.58 24.91
CA PHE D 765 40.44 -38.38 24.23
C PHE D 765 40.91 -39.82 24.11
N TYR D 766 40.02 -40.75 24.42
CA TYR D 766 40.38 -42.17 24.43
C TYR D 766 39.21 -43.00 23.93
N ILE D 767 39.56 -44.15 23.36
CA ILE D 767 38.59 -45.15 22.90
C ILE D 767 38.58 -46.29 23.90
N GLU D 768 37.38 -46.70 24.30
CA GLU D 768 37.18 -47.83 25.19
C GLU D 768 36.40 -48.91 24.45
N LEU D 769 37.00 -50.09 24.35
CA LEU D 769 36.31 -51.29 23.89
C LEU D 769 36.00 -52.13 25.12
N SER D 770 34.72 -52.28 25.43
CA SER D 770 34.32 -52.89 26.68
C SER D 770 32.99 -53.60 26.52
N GLN D 771 32.70 -54.50 27.47
CA GLN D 771 31.41 -55.17 27.57
C GLN D 771 31.22 -55.57 29.01
N GLY D 772 30.21 -55.01 29.67
CA GLY D 772 30.00 -55.25 31.08
C GLY D 772 28.86 -56.22 31.38
N ASN D 773 29.19 -57.37 31.94
CA ASN D 773 28.20 -58.35 32.35
C ASN D 773 28.69 -59.07 33.59
N ASN D 774 27.83 -59.90 34.15
CA ASN D 774 28.13 -60.60 35.41
C ASN D 774 28.53 -62.04 35.17
N LEU D 775 27.55 -62.95 35.15
CA LEU D 775 27.81 -64.38 35.11
C LEU D 775 28.04 -64.91 33.70
N TYR D 776 28.50 -64.07 32.77
CA TYR D 776 28.80 -64.50 31.41
C TYR D 776 30.26 -64.94 31.38
N GLY D 777 30.48 -66.25 31.38
CA GLY D 777 31.83 -66.79 31.37
C GLY D 777 31.99 -67.86 30.32
N GLY D 778 33.13 -67.82 29.63
CA GLY D 778 33.44 -68.77 28.60
C GLY D 778 33.58 -68.12 27.23
N PRO D 779 32.47 -67.62 26.68
CA PRO D 779 32.53 -66.97 25.36
C PRO D 779 33.47 -65.78 25.35
N ILE D 780 33.64 -65.17 24.18
CA ILE D 780 34.54 -64.02 24.00
C ILE D 780 33.95 -63.13 22.91
N VAL D 781 34.44 -61.89 22.85
CA VAL D 781 34.06 -60.94 21.82
C VAL D 781 35.32 -60.42 21.14
N HIS D 782 35.26 -60.27 19.82
CA HIS D 782 36.44 -59.96 19.03
C HIS D 782 36.25 -58.70 18.19
N PHE D 783 37.31 -57.89 18.12
CA PHE D 783 37.37 -56.70 17.29
C PHE D 783 38.47 -56.86 16.26
N TYR D 784 38.22 -56.36 15.04
CA TYR D 784 39.18 -56.41 13.95
C TYR D 784 39.18 -55.09 13.21
N ASP D 785 40.36 -54.69 12.74
CA ASP D 785 40.53 -53.52 11.87
C ASP D 785 39.98 -52.25 12.51
N VAL D 786 40.03 -52.17 13.84
CA VAL D 786 39.64 -50.94 14.51
C VAL D 786 40.59 -49.83 14.08
N SER D 787 40.04 -48.80 13.44
CA SER D 787 40.86 -47.72 12.90
C SER D 787 40.09 -46.42 12.93
N ILE D 788 40.80 -45.33 13.22
CA ILE D 788 40.27 -43.98 13.15
C ILE D 788 41.01 -43.25 12.04
N LYS D 789 40.26 -42.70 11.09
CA LYS D 789 40.87 -42.06 9.93
C LYS D 789 40.27 -40.68 9.67
MG MG E . 4.12 9.08 -6.55
#